data_1QZF
#
_entry.id   1QZF
#
_cell.length_a   214.900
_cell.length_b   116.300
_cell.length_c   219.700
_cell.angle_alpha   90.00
_cell.angle_beta   95.23
_cell.angle_gamma   90.00
#
_symmetry.space_group_name_H-M   'C 1 2 1'
#
loop_
_entity.id
_entity.type
_entity.pdbx_description
1 polymer 'bifunctional dihydrofolate reductase-thymidylate synthase'
2 non-polymer "2'-DEOXYURIDINE 5'-MONOPHOSPHATE"
3 non-polymer '10-PROPARGYL-5,8-DIDEAZAFOLIC ACID'
4 non-polymer 'FOLIC ACID'
5 non-polymer 'NADPH DIHYDRO-NICOTINAMIDE-ADENINE-DINUCLEOTIDE PHOSPHATE'
6 water water
#
_entity_poly.entity_id   1
_entity_poly.type   'polypeptide(L)'
_entity_poly.pdbx_seq_one_letter_code
;MSEKNVSIVVAASVLSSGIGINGQLPWSISEDLKFFSKITNNKCDSNKKNALIMGRKTWDSIGRRPLKNRIIVVISSSLP
QDEADPNVVVFRNLEDSIENLMNDDSIENIFVCGGESIYRDALKDNFVDRIYLTRVALEDIEFDTYFPEIPETFLPVYMS
QTFCTKNISYDFMIFEKQEKKTLQNCDPARGQLKSIDDTVDLLGEIFGIRKMGNRHKFPKEEIYNTPSIRFGREHYEFQY
LDLLSRVLENGAYRENRTGISTYSIFGQMMRFDMRESFPLLTTKKVAIRSIFEELIWFIKGDTNGNHLIEKKVYIWSGNG
SKEYLERIGLGHREENDLGPIYGFQWRHYNGEYKTMHDDYTGVGVDQLAKLIETLKNNPKDRRHILTAWNPSALSQMALP
PCHVLSQYYVTNDNCLSCNLYQRSCDLGLGSPFNIASYAILTMMLAQVCGYEPGELAIFIGDAHIYENHLTQLKEQLSRT
PRPFPQLKFKRKVENIEDFKWEDIELIGYYPYPTIKMDMAV
;
_entity_poly.pdbx_strand_id   A,B,C,D,E
#
loop_
_chem_comp.id
_chem_comp.type
_chem_comp.name
_chem_comp.formula
CB3 non-polymer '10-PROPARGYL-5,8-DIDEAZAFOLIC ACID' 'C24 H23 N5 O6'
FOL non-polymer 'FOLIC ACID' 'C19 H19 N7 O6'
NDP non-polymer 'NADPH DIHYDRO-NICOTINAMIDE-ADENINE-DINUCLEOTIDE PHOSPHATE' 'C21 H30 N7 O17 P3'
UMP non-polymer '2'-DEOXYURIDINE 5'-MONOPHOSPHATE' 'C9 H13 N2 O8 P'
#
# COMPACT_ATOMS: atom_id res chain seq x y z
N GLU A 3 5.04 -28.27 -22.75
CA GLU A 3 5.44 -26.91 -23.23
C GLU A 3 6.81 -26.50 -22.62
N LYS A 4 7.05 -25.18 -22.52
CA LYS A 4 8.28 -24.60 -21.95
C LYS A 4 8.30 -23.14 -22.41
N ASN A 5 8.48 -22.23 -21.45
CA ASN A 5 8.45 -20.79 -21.73
C ASN A 5 9.67 -20.13 -22.39
N VAL A 6 9.40 -19.13 -23.22
CA VAL A 6 10.44 -18.39 -23.91
C VAL A 6 10.25 -16.89 -23.73
N SER A 7 11.05 -16.27 -22.88
CA SER A 7 10.93 -14.85 -22.63
C SER A 7 12.11 -14.04 -23.16
N ILE A 8 11.79 -12.84 -23.64
CA ILE A 8 12.81 -11.95 -24.13
C ILE A 8 13.18 -11.02 -22.98
N VAL A 9 14.46 -10.68 -22.86
CA VAL A 9 14.89 -9.77 -21.84
C VAL A 9 15.69 -8.74 -22.59
N VAL A 10 15.27 -7.48 -22.52
CA VAL A 10 15.99 -6.45 -23.23
C VAL A 10 15.82 -5.10 -22.56
N ALA A 11 16.76 -4.22 -22.86
CA ALA A 11 16.76 -2.87 -22.34
C ALA A 11 16.96 -1.96 -23.55
N ALA A 12 15.96 -1.13 -23.85
CA ALA A 12 16.04 -0.23 -24.99
C ALA A 12 15.65 1.19 -24.61
N SER A 13 16.14 2.16 -25.35
CA SER A 13 15.81 3.55 -25.06
C SER A 13 14.28 3.71 -25.20
N VAL A 14 13.73 4.64 -24.42
CA VAL A 14 12.29 4.88 -24.41
C VAL A 14 11.66 5.26 -25.75
N LEU A 15 12.33 6.11 -26.51
CA LEU A 15 11.77 6.55 -27.79
C LEU A 15 12.11 5.72 -29.01
N SER A 16 13.39 5.45 -29.25
CA SER A 16 13.72 4.69 -30.45
C SER A 16 14.10 3.24 -30.28
N SER A 17 13.97 2.72 -29.06
CA SER A 17 14.30 1.34 -28.75
C SER A 17 15.76 1.03 -29.06
N GLY A 18 16.65 1.98 -28.75
CA GLY A 18 18.05 1.77 -28.99
C GLY A 18 18.60 0.85 -27.92
N ILE A 19 19.34 -0.17 -28.33
CA ILE A 19 19.90 -1.13 -27.38
C ILE A 19 21.41 -1.32 -27.47
N GLY A 20 22.02 -0.87 -28.55
CA GLY A 20 23.45 -1.05 -28.68
C GLY A 20 24.19 0.00 -29.50
N ILE A 21 25.49 0.07 -29.25
CA ILE A 21 26.37 1.01 -29.95
C ILE A 21 27.77 0.42 -29.91
N ASN A 22 28.32 0.14 -31.10
CA ASN A 22 29.65 -0.43 -31.23
C ASN A 22 29.85 -1.60 -30.27
N GLY A 23 28.95 -2.57 -30.31
CA GLY A 23 29.06 -3.73 -29.44
C GLY A 23 28.97 -3.48 -27.95
N GLN A 24 28.45 -2.33 -27.56
CA GLN A 24 28.32 -2.03 -26.15
C GLN A 24 26.92 -1.56 -25.80
N LEU A 25 26.57 -1.64 -24.53
CA LEU A 25 25.28 -1.15 -24.10
C LEU A 25 25.49 0.35 -24.12
N PRO A 26 24.52 1.12 -24.61
CA PRO A 26 24.69 2.57 -24.65
C PRO A 26 24.56 3.30 -23.33
N TRP A 27 24.70 2.57 -22.24
CA TRP A 27 24.58 3.17 -20.91
C TRP A 27 25.00 2.11 -19.91
N SER A 28 25.21 2.49 -18.66
CA SER A 28 25.58 1.50 -17.64
C SER A 28 24.75 1.67 -16.37
N ILE A 29 23.75 0.80 -16.23
CA ILE A 29 22.89 0.82 -15.07
C ILE A 29 23.03 -0.55 -14.41
N SER A 30 23.73 -0.62 -13.29
CA SER A 30 23.94 -1.90 -12.64
C SER A 30 22.64 -2.57 -12.19
N GLU A 31 21.69 -1.78 -11.73
CA GLU A 31 20.42 -2.35 -11.29
C GLU A 31 19.77 -3.16 -12.39
N ASP A 32 19.88 -2.69 -13.62
CA ASP A 32 19.26 -3.39 -14.75
C ASP A 32 20.03 -4.68 -15.06
N LEU A 33 21.34 -4.66 -14.86
CA LEU A 33 22.11 -5.86 -15.10
C LEU A 33 21.73 -6.83 -14.00
N LYS A 34 21.57 -6.30 -12.80
CA LYS A 34 21.20 -7.10 -11.66
C LYS A 34 19.82 -7.71 -11.95
N PHE A 35 18.96 -6.94 -12.62
CA PHE A 35 17.63 -7.42 -12.97
C PHE A 35 17.76 -8.57 -13.93
N PHE A 36 18.46 -8.31 -15.03
CA PHE A 36 18.67 -9.33 -16.04
C PHE A 36 19.13 -10.61 -15.36
N SER A 37 20.06 -10.47 -14.42
CA SER A 37 20.60 -11.62 -13.72
C SER A 37 19.55 -12.34 -12.88
N LYS A 38 18.78 -11.56 -12.12
CA LYS A 38 17.74 -12.10 -11.27
C LYS A 38 16.68 -12.85 -12.08
N ILE A 39 16.18 -12.17 -13.09
CA ILE A 39 15.14 -12.74 -13.92
C ILE A 39 15.57 -13.99 -14.69
N THR A 40 16.77 -13.97 -15.27
CA THR A 40 17.23 -15.10 -16.06
C THR A 40 17.73 -16.27 -15.23
N ASN A 41 17.85 -16.07 -13.92
CA ASN A 41 18.31 -17.14 -13.05
C ASN A 41 17.11 -17.75 -12.34
N ASN A 42 16.10 -16.92 -12.15
CA ASN A 42 14.84 -17.28 -11.51
C ASN A 42 14.24 -18.56 -12.08
N LYS A 43 14.27 -19.64 -11.30
CA LYS A 43 13.72 -20.92 -11.75
C LYS A 43 13.09 -21.71 -10.57
N CYS A 44 12.13 -22.58 -10.87
CA CYS A 44 11.48 -23.37 -9.82
C CYS A 44 12.26 -24.64 -9.44
N ASP A 45 12.78 -25.36 -10.43
CA ASP A 45 13.49 -26.61 -10.18
C ASP A 45 14.99 -26.48 -9.90
N SER A 46 15.38 -26.67 -8.65
CA SER A 46 16.79 -26.56 -8.26
C SER A 46 17.69 -27.42 -9.15
N ASN A 47 17.16 -28.54 -9.61
CA ASN A 47 17.93 -29.45 -10.44
C ASN A 47 17.97 -29.12 -11.91
N LYS A 48 17.37 -27.99 -12.29
CA LYS A 48 17.39 -27.58 -13.69
C LYS A 48 18.13 -26.25 -13.83
N LYS A 49 18.36 -25.83 -15.07
CA LYS A 49 19.02 -24.56 -15.35
C LYS A 49 18.19 -23.85 -16.40
N ASN A 50 18.42 -22.55 -16.55
CA ASN A 50 17.70 -21.80 -17.58
C ASN A 50 18.68 -21.64 -18.73
N ALA A 51 18.16 -21.50 -19.95
CA ALA A 51 19.02 -21.33 -21.12
C ALA A 51 18.87 -19.94 -21.71
N LEU A 52 20.01 -19.28 -21.92
CA LEU A 52 19.98 -17.93 -22.48
C LEU A 52 20.53 -17.97 -23.90
N ILE A 53 19.65 -17.70 -24.86
CA ILE A 53 20.01 -17.67 -26.28
C ILE A 53 20.51 -16.29 -26.65
N MET A 54 21.57 -16.23 -27.45
CA MET A 54 22.12 -14.93 -27.88
C MET A 54 22.91 -15.02 -29.18
N GLY A 55 22.91 -13.92 -29.93
CA GLY A 55 23.64 -13.87 -31.17
C GLY A 55 25.12 -13.92 -30.86
N ARG A 56 25.95 -14.25 -31.84
CA ARG A 56 27.38 -14.32 -31.63
C ARG A 56 27.96 -12.99 -31.17
N LYS A 57 27.55 -11.91 -31.82
CA LYS A 57 28.04 -10.59 -31.45
C LYS A 57 27.82 -10.30 -29.96
N THR A 58 26.64 -10.65 -29.42
CA THR A 58 26.37 -10.41 -28.01
C THR A 58 27.30 -11.29 -27.18
N TRP A 59 27.53 -12.50 -27.68
CA TRP A 59 28.42 -13.45 -27.03
C TRP A 59 29.79 -12.79 -26.90
N ASP A 60 30.21 -12.03 -27.92
CA ASP A 60 31.50 -11.35 -27.87
C ASP A 60 31.44 -10.25 -26.81
N SER A 61 30.30 -9.59 -26.72
CA SER A 61 30.07 -8.51 -25.76
C SER A 61 30.16 -9.00 -24.32
N ILE A 62 29.68 -10.21 -24.07
CA ILE A 62 29.74 -10.82 -22.74
C ILE A 62 31.19 -11.18 -22.39
N GLY A 63 32.04 -11.21 -23.41
CA GLY A 63 33.43 -11.55 -23.20
C GLY A 63 33.64 -13.04 -23.34
N ARG A 64 32.73 -13.69 -24.05
CA ARG A 64 32.78 -15.13 -24.27
C ARG A 64 33.12 -15.93 -23.03
N ARG A 65 32.48 -15.56 -21.92
CA ARG A 65 32.66 -16.28 -20.65
C ARG A 65 31.25 -16.54 -20.12
N PRO A 66 30.96 -17.79 -19.72
CA PRO A 66 29.67 -18.23 -19.20
C PRO A 66 29.05 -17.40 -18.08
N LEU A 67 27.73 -17.46 -17.97
CA LEU A 67 26.99 -16.76 -16.93
C LEU A 67 26.65 -17.83 -15.89
N LYS A 68 27.05 -17.58 -14.66
CA LYS A 68 26.83 -18.53 -13.57
C LYS A 68 25.43 -19.16 -13.48
N ASN A 69 25.38 -20.44 -13.12
CA ASN A 69 24.14 -21.20 -12.94
C ASN A 69 23.28 -21.35 -14.18
N ARG A 70 23.68 -20.70 -15.27
CA ARG A 70 22.90 -20.79 -16.48
C ARG A 70 23.64 -21.45 -17.64
N ILE A 71 22.98 -21.54 -18.78
CA ILE A 71 23.58 -22.13 -19.96
C ILE A 71 23.40 -21.16 -21.12
N ILE A 72 24.52 -20.72 -21.69
CA ILE A 72 24.47 -19.79 -22.81
C ILE A 72 24.42 -20.54 -24.13
N VAL A 73 23.43 -20.19 -24.94
CA VAL A 73 23.24 -20.81 -26.25
C VAL A 73 23.59 -19.77 -27.31
N VAL A 74 24.71 -19.98 -27.99
CA VAL A 74 25.13 -19.04 -29.02
C VAL A 74 24.69 -19.48 -30.40
N ILE A 75 24.08 -18.54 -31.12
CA ILE A 75 23.64 -18.79 -32.48
C ILE A 75 24.70 -18.20 -33.37
N SER A 76 25.35 -19.03 -34.17
CA SER A 76 26.38 -18.57 -35.09
C SER A 76 26.62 -19.58 -36.17
N SER A 77 26.92 -19.09 -37.37
CA SER A 77 27.19 -19.94 -38.52
C SER A 77 28.61 -20.49 -38.46
N SER A 78 29.54 -19.66 -37.98
CA SER A 78 30.94 -20.03 -37.90
C SER A 78 31.42 -20.72 -36.61
N LEU A 79 31.23 -20.06 -35.48
CA LEU A 79 31.65 -20.58 -34.18
C LEU A 79 31.54 -22.10 -34.02
N PRO A 80 32.65 -22.76 -33.64
CA PRO A 80 32.76 -24.20 -33.44
C PRO A 80 31.85 -24.77 -32.36
N GLN A 81 31.30 -25.95 -32.61
CA GLN A 81 30.43 -26.61 -31.63
C GLN A 81 31.33 -27.18 -30.51
N ASP A 82 32.03 -26.28 -29.80
CA ASP A 82 32.96 -26.66 -28.73
C ASP A 82 32.38 -27.61 -27.67
N GLU A 83 32.80 -28.86 -27.70
CA GLU A 83 32.32 -29.81 -26.72
C GLU A 83 32.89 -29.48 -25.33
N ALA A 84 33.87 -28.57 -25.33
CA ALA A 84 34.56 -28.13 -24.13
C ALA A 84 33.64 -27.61 -23.00
N ASP A 85 33.35 -26.31 -22.99
CA ASP A 85 32.49 -25.76 -21.94
C ASP A 85 31.08 -26.32 -22.05
N PRO A 86 30.60 -26.94 -20.98
CA PRO A 86 29.25 -27.54 -20.91
C PRO A 86 28.17 -26.49 -20.75
N ASN A 87 28.50 -25.37 -20.11
CA ASN A 87 27.55 -24.28 -19.88
C ASN A 87 27.35 -23.41 -21.11
N VAL A 88 28.04 -23.74 -22.20
CA VAL A 88 27.93 -22.99 -23.43
C VAL A 88 27.85 -23.96 -24.60
N VAL A 89 26.90 -23.73 -25.49
CA VAL A 89 26.72 -24.59 -26.65
C VAL A 89 26.37 -23.72 -27.86
N VAL A 90 26.79 -24.17 -29.04
CA VAL A 90 26.52 -23.42 -30.26
C VAL A 90 25.48 -24.07 -31.17
N PHE A 91 24.73 -23.23 -31.89
CA PHE A 91 23.71 -23.70 -32.83
C PHE A 91 23.79 -22.90 -34.11
N ARG A 92 23.50 -23.54 -35.24
CA ARG A 92 23.58 -22.87 -36.53
C ARG A 92 22.46 -21.91 -36.89
N ASN A 93 21.27 -22.13 -36.34
CA ASN A 93 20.14 -21.24 -36.61
C ASN A 93 19.29 -21.14 -35.36
N LEU A 94 18.53 -20.05 -35.24
CA LEU A 94 17.69 -19.86 -34.07
C LEU A 94 16.71 -20.99 -33.85
N GLU A 95 15.93 -21.33 -34.87
CA GLU A 95 14.93 -22.40 -34.72
C GLU A 95 15.48 -23.69 -34.12
N ASP A 96 16.57 -24.18 -34.68
CA ASP A 96 17.15 -25.40 -34.17
C ASP A 96 17.44 -25.35 -32.68
N SER A 97 18.07 -24.26 -32.22
CA SER A 97 18.38 -24.12 -30.79
C SER A 97 17.11 -24.34 -30.01
N ILE A 98 16.02 -23.70 -30.42
CA ILE A 98 14.76 -23.89 -29.73
C ILE A 98 14.29 -25.33 -29.99
N GLU A 99 14.54 -26.14 -28.99
CA GLU A 99 14.25 -27.56 -28.95
C GLU A 99 14.68 -27.83 -27.53
N ASN A 100 15.18 -26.76 -26.90
CA ASN A 100 15.58 -26.80 -25.50
C ASN A 100 14.30 -27.32 -24.88
N LEU A 101 13.18 -26.98 -25.52
CA LEU A 101 11.86 -27.42 -25.12
C LEU A 101 11.89 -28.93 -25.33
N MET A 102 12.06 -29.28 -26.62
CA MET A 102 12.09 -30.66 -27.11
C MET A 102 12.96 -31.67 -26.39
N ASN A 103 13.41 -31.31 -25.18
CA ASN A 103 14.23 -32.21 -24.40
C ASN A 103 14.89 -31.41 -23.29
N ASP A 104 16.16 -31.76 -23.06
CA ASP A 104 16.97 -31.10 -22.06
C ASP A 104 15.96 -30.64 -21.04
N ASP A 105 15.24 -31.61 -20.48
CA ASP A 105 14.23 -31.32 -19.48
C ASP A 105 15.00 -30.73 -18.32
N SER A 106 16.32 -30.70 -18.48
CA SER A 106 17.22 -30.12 -17.50
C SER A 106 17.07 -28.60 -17.60
N ILE A 107 16.64 -28.16 -18.79
CA ILE A 107 16.42 -26.75 -19.09
C ILE A 107 14.97 -26.40 -18.75
N GLU A 108 14.78 -25.67 -17.66
CA GLU A 108 13.45 -25.28 -17.23
C GLU A 108 12.79 -24.18 -18.04
N ASN A 109 13.52 -23.10 -18.29
CA ASN A 109 12.98 -21.96 -19.05
C ASN A 109 13.96 -21.44 -20.09
N ILE A 110 13.44 -20.72 -21.08
CA ILE A 110 14.27 -20.18 -22.14
C ILE A 110 14.16 -18.68 -22.24
N PHE A 111 15.30 -18.02 -22.41
CA PHE A 111 15.38 -16.57 -22.51
C PHE A 111 16.12 -16.13 -23.76
N VAL A 112 15.47 -15.30 -24.56
CA VAL A 112 16.11 -14.77 -25.75
C VAL A 112 16.83 -13.53 -25.26
N CYS A 113 18.13 -13.68 -25.03
CA CYS A 113 18.93 -12.61 -24.48
C CYS A 113 19.62 -11.60 -25.37
N GLY A 114 19.15 -11.40 -26.59
CA GLY A 114 19.83 -10.37 -27.33
C GLY A 114 20.45 -10.56 -28.68
N GLY A 115 20.53 -9.41 -29.33
CA GLY A 115 21.06 -9.29 -30.66
C GLY A 115 19.87 -8.80 -31.45
N GLU A 116 19.93 -7.57 -31.95
CA GLU A 116 18.83 -7.04 -32.73
C GLU A 116 18.38 -8.14 -33.68
N SER A 117 19.33 -8.81 -34.31
CA SER A 117 19.01 -9.87 -35.25
C SER A 117 18.30 -11.03 -34.58
N ILE A 118 18.82 -11.48 -33.46
CA ILE A 118 18.21 -12.59 -32.76
C ILE A 118 16.85 -12.21 -32.21
N TYR A 119 16.71 -10.97 -31.76
CA TYR A 119 15.42 -10.53 -31.24
C TYR A 119 14.42 -10.57 -32.38
N ARG A 120 14.75 -9.85 -33.44
CA ARG A 120 13.90 -9.75 -34.63
C ARG A 120 13.44 -11.11 -35.13
N ASP A 121 14.36 -12.08 -35.19
CA ASP A 121 14.01 -13.41 -35.66
C ASP A 121 13.12 -14.15 -34.69
N ALA A 122 13.40 -14.00 -33.40
CA ALA A 122 12.59 -14.66 -32.37
C ALA A 122 11.13 -14.22 -32.53
N LEU A 123 10.91 -12.92 -32.68
CA LEU A 123 9.57 -12.40 -32.86
C LEU A 123 8.95 -12.85 -34.18
N LYS A 124 9.67 -12.63 -35.28
CA LYS A 124 9.19 -12.99 -36.61
C LYS A 124 8.70 -14.44 -36.72
N ASP A 125 9.39 -15.37 -36.08
CA ASP A 125 9.00 -16.76 -36.13
C ASP A 125 8.07 -17.15 -34.98
N ASN A 126 7.57 -16.12 -34.29
CA ASN A 126 6.65 -16.31 -33.17
C ASN A 126 7.13 -17.32 -32.12
N PHE A 127 8.42 -17.29 -31.80
CA PHE A 127 9.00 -18.19 -30.83
C PHE A 127 8.85 -17.70 -29.39
N VAL A 128 8.59 -16.41 -29.22
CA VAL A 128 8.52 -15.86 -27.87
C VAL A 128 7.14 -15.65 -27.25
N ASP A 129 7.07 -16.00 -25.97
CA ASP A 129 5.87 -15.89 -25.15
C ASP A 129 5.80 -14.58 -24.38
N ARG A 130 6.94 -14.15 -23.84
CA ARG A 130 7.00 -12.94 -23.03
C ARG A 130 8.17 -12.00 -23.39
N ILE A 131 8.01 -10.75 -23.00
CA ILE A 131 9.03 -9.73 -23.23
C ILE A 131 9.24 -8.93 -21.96
N TYR A 132 10.46 -8.98 -21.41
CA TYR A 132 10.83 -8.21 -20.23
C TYR A 132 11.57 -7.01 -20.80
N LEU A 133 10.93 -5.86 -20.81
CA LEU A 133 11.53 -4.67 -21.39
C LEU A 133 11.91 -3.59 -20.40
N THR A 134 13.21 -3.28 -20.34
CA THR A 134 13.64 -2.20 -19.46
C THR A 134 13.72 -0.98 -20.35
N ARG A 135 12.92 0.03 -20.03
CA ARG A 135 12.90 1.25 -20.81
C ARG A 135 13.87 2.23 -20.21
N VAL A 136 14.89 2.62 -20.98
CA VAL A 136 15.89 3.56 -20.50
C VAL A 136 15.61 4.93 -21.08
N ALA A 137 15.61 5.94 -20.21
CA ALA A 137 15.29 7.29 -20.61
C ALA A 137 16.41 8.21 -21.08
N LEU A 138 17.13 7.82 -22.14
CA LEU A 138 18.16 8.69 -22.70
C LEU A 138 18.11 8.43 -24.19
N GLU A 139 17.66 9.44 -24.91
CA GLU A 139 17.43 9.32 -26.34
C GLU A 139 18.27 10.16 -27.29
N ASP A 140 19.21 10.95 -26.81
CA ASP A 140 20.00 11.71 -27.75
C ASP A 140 21.46 11.33 -27.72
N ILE A 141 21.68 10.05 -28.00
CA ILE A 141 23.01 9.46 -28.02
C ILE A 141 23.01 8.53 -29.22
N GLU A 142 24.19 8.16 -29.69
CA GLU A 142 24.27 7.29 -30.86
C GLU A 142 23.82 5.87 -30.56
N PHE A 143 23.16 5.27 -31.54
CA PHE A 143 22.69 3.89 -31.44
C PHE A 143 22.95 3.24 -32.78
N ASP A 144 23.30 1.96 -32.79
CA ASP A 144 23.50 1.27 -34.05
C ASP A 144 22.74 -0.05 -34.03
N THR A 145 22.19 -0.40 -32.88
CA THR A 145 21.41 -1.61 -32.73
C THR A 145 20.07 -1.28 -32.08
N TYR A 146 19.00 -1.90 -32.56
CA TYR A 146 17.68 -1.60 -32.04
C TYR A 146 16.86 -2.82 -31.66
N PHE A 147 15.83 -2.59 -30.86
CA PHE A 147 14.90 -3.65 -30.48
C PHE A 147 13.71 -3.45 -31.42
N PRO A 148 13.32 -4.49 -32.16
CA PRO A 148 12.18 -4.34 -33.08
C PRO A 148 10.91 -3.92 -32.39
N GLU A 149 9.94 -3.41 -33.15
CA GLU A 149 8.66 -3.00 -32.57
C GLU A 149 7.94 -4.25 -32.09
N ILE A 150 7.33 -4.15 -30.91
CA ILE A 150 6.63 -5.30 -30.36
C ILE A 150 5.36 -5.59 -31.15
N PRO A 151 5.27 -6.79 -31.73
CA PRO A 151 4.11 -7.18 -32.53
C PRO A 151 2.82 -7.04 -31.73
N GLU A 152 1.72 -6.77 -32.43
CA GLU A 152 0.43 -6.59 -31.80
C GLU A 152 -0.11 -7.75 -30.98
N THR A 153 0.43 -8.95 -31.20
CA THR A 153 -0.04 -10.11 -30.44
C THR A 153 0.40 -10.00 -28.98
N PHE A 154 1.26 -9.02 -28.71
CA PHE A 154 1.77 -8.78 -27.38
C PHE A 154 1.09 -7.59 -26.72
N LEU A 155 0.83 -7.71 -25.43
CA LEU A 155 0.20 -6.65 -24.70
C LEU A 155 0.88 -6.50 -23.35
N PRO A 156 1.02 -5.26 -22.88
CA PRO A 156 1.65 -4.94 -21.60
C PRO A 156 0.76 -5.32 -20.42
N VAL A 157 1.33 -6.03 -19.45
CA VAL A 157 0.56 -6.45 -18.30
C VAL A 157 1.13 -5.85 -17.02
N TYR A 158 2.30 -5.23 -17.13
CA TYR A 158 2.94 -4.63 -15.96
C TYR A 158 3.89 -3.52 -16.35
N MET A 159 3.90 -2.45 -15.56
CA MET A 159 4.77 -1.30 -15.79
C MET A 159 5.20 -0.76 -14.43
N SER A 160 6.46 -0.99 -14.07
CA SER A 160 6.99 -0.56 -12.79
C SER A 160 7.04 0.94 -12.62
N GLN A 161 7.36 1.37 -11.40
CA GLN A 161 7.52 2.78 -11.08
C GLN A 161 8.82 3.17 -11.78
N THR A 162 9.16 4.43 -11.76
CA THR A 162 10.40 4.86 -12.39
C THR A 162 11.55 4.83 -11.39
N PHE A 163 12.72 4.40 -11.84
CA PHE A 163 13.89 4.35 -10.97
C PHE A 163 14.99 5.22 -11.57
N CYS A 164 15.91 5.69 -10.72
CA CYS A 164 17.05 6.53 -11.12
C CYS A 164 18.40 5.84 -10.88
N THR A 165 19.35 6.16 -11.74
CA THR A 165 20.69 5.63 -11.64
C THR A 165 21.53 6.61 -12.43
N LYS A 166 22.34 7.39 -11.73
CA LYS A 166 23.17 8.39 -12.37
C LYS A 166 22.28 9.38 -13.10
N ASN A 167 21.11 9.64 -12.53
CA ASN A 167 20.14 10.57 -13.07
C ASN A 167 19.43 10.09 -14.33
N ILE A 168 19.64 8.82 -14.67
CA ILE A 168 18.98 8.24 -15.82
C ILE A 168 17.72 7.56 -15.31
N SER A 169 16.58 7.88 -15.92
CA SER A 169 15.32 7.30 -15.49
C SER A 169 15.05 6.03 -16.30
N TYR A 170 14.35 5.09 -15.70
CA TYR A 170 14.01 3.85 -16.40
C TYR A 170 12.88 3.07 -15.79
N ASP A 171 12.23 2.26 -16.63
CA ASP A 171 11.10 1.43 -16.26
C ASP A 171 11.44 -0.03 -16.42
N PHE A 172 10.48 -0.84 -16.03
CA PHE A 172 10.54 -2.29 -16.14
C PHE A 172 9.10 -2.66 -16.46
N MET A 173 8.85 -3.16 -17.65
CA MET A 173 7.50 -3.57 -17.96
C MET A 173 7.54 -4.87 -18.74
N ILE A 174 6.55 -5.73 -18.49
CA ILE A 174 6.53 -7.01 -19.19
C ILE A 174 5.32 -7.19 -20.07
N PHE A 175 5.58 -7.62 -21.30
CA PHE A 175 4.52 -7.84 -22.27
C PHE A 175 4.27 -9.32 -22.40
N GLU A 176 3.00 -9.69 -22.41
CA GLU A 176 2.66 -11.09 -22.57
C GLU A 176 1.89 -11.24 -23.87
N LYS A 177 2.13 -12.34 -24.56
CA LYS A 177 1.49 -12.59 -25.83
C LYS A 177 0.12 -13.20 -25.63
N GLN A 178 -0.78 -12.42 -25.07
CA GLN A 178 -2.11 -12.93 -24.86
C GLN A 178 -2.94 -12.60 -26.10
N GLU A 179 -3.87 -13.50 -26.41
CA GLU A 179 -4.72 -13.38 -27.60
C GLU A 179 -6.13 -13.92 -27.30
N LYS A 180 -6.17 -15.06 -26.60
CA LYS A 180 -7.44 -15.74 -26.23
C LYS A 180 -8.34 -14.90 -25.29
N LYS A 181 -9.58 -15.37 -25.10
CA LYS A 181 -10.55 -14.71 -24.23
C LYS A 181 -11.10 -13.38 -24.82
N THR A 182 -12.40 -13.17 -24.58
CA THR A 182 -13.13 -11.99 -25.06
C THR A 182 -12.86 -10.64 -24.34
N LEU A 183 -13.95 -10.00 -23.86
CA LEU A 183 -13.93 -8.70 -23.16
C LEU A 183 -13.08 -8.62 -21.87
N GLN A 184 -13.55 -9.27 -20.82
CA GLN A 184 -12.86 -9.27 -19.51
C GLN A 184 -13.15 -7.94 -18.78
N ASN A 185 -13.26 -8.01 -17.46
CA ASN A 185 -13.55 -6.83 -16.65
C ASN A 185 -12.24 -6.17 -16.23
N CYS A 186 -12.16 -4.85 -16.40
CA CYS A 186 -10.94 -4.13 -16.05
C CYS A 186 -10.70 -4.11 -14.53
N ASP A 187 -11.78 -4.10 -13.75
CA ASP A 187 -11.62 -4.09 -12.29
C ASP A 187 -10.84 -5.32 -11.83
N PRO A 188 -9.71 -5.10 -11.14
CA PRO A 188 -8.87 -6.19 -10.63
C PRO A 188 -9.42 -6.87 -9.39
N ALA A 189 -10.57 -6.40 -8.89
CA ALA A 189 -11.17 -6.99 -7.71
C ALA A 189 -12.07 -8.16 -8.12
N ARG A 190 -12.61 -8.08 -9.33
CA ARG A 190 -13.50 -9.12 -9.80
C ARG A 190 -12.70 -10.27 -10.36
N GLY A 191 -13.39 -11.38 -10.62
CA GLY A 191 -12.73 -12.53 -11.17
C GLY A 191 -12.00 -13.37 -10.14
N GLN A 192 -12.00 -12.96 -8.88
CA GLN A 192 -11.30 -13.73 -7.86
C GLN A 192 -12.07 -14.97 -7.47
N LEU A 193 -13.39 -14.86 -7.42
CA LEU A 193 -14.26 -16.00 -7.16
C LEU A 193 -15.69 -15.56 -7.45
N LYS A 194 -16.34 -16.30 -8.35
CA LYS A 194 -17.69 -15.99 -8.76
C LYS A 194 -18.67 -15.70 -7.65
N SER A 195 -18.61 -16.48 -6.57
CA SER A 195 -19.53 -16.26 -5.47
C SER A 195 -19.58 -14.78 -5.09
N ILE A 196 -18.42 -14.16 -4.92
CA ILE A 196 -18.41 -12.76 -4.56
C ILE A 196 -18.96 -11.90 -5.68
N ASP A 197 -18.35 -12.00 -6.85
CA ASP A 197 -18.80 -11.23 -7.99
C ASP A 197 -20.31 -11.30 -8.17
N ASP A 198 -20.86 -12.51 -8.20
CA ASP A 198 -22.30 -12.69 -8.38
C ASP A 198 -23.09 -11.96 -7.32
N THR A 199 -22.74 -12.21 -6.07
CA THR A 199 -23.43 -11.58 -4.95
C THR A 199 -23.44 -10.07 -5.04
N VAL A 200 -22.27 -9.48 -5.27
CA VAL A 200 -22.16 -8.02 -5.35
C VAL A 200 -23.00 -7.49 -6.50
N ASP A 201 -23.03 -8.21 -7.61
CA ASP A 201 -23.82 -7.79 -8.76
C ASP A 201 -25.29 -7.80 -8.39
N LEU A 202 -25.75 -8.92 -7.85
CA LEU A 202 -27.13 -9.06 -7.44
C LEU A 202 -27.49 -7.99 -6.42
N LEU A 203 -26.65 -7.87 -5.41
CA LEU A 203 -26.85 -6.91 -4.35
C LEU A 203 -26.92 -5.52 -4.96
N GLY A 204 -26.23 -5.36 -6.08
CA GLY A 204 -26.19 -4.09 -6.77
C GLY A 204 -27.46 -3.79 -7.54
N GLU A 205 -28.24 -4.82 -7.82
CA GLU A 205 -29.50 -4.66 -8.55
C GLU A 205 -30.56 -4.29 -7.54
N ILE A 206 -30.60 -5.03 -6.44
CA ILE A 206 -31.57 -4.79 -5.40
C ILE A 206 -31.46 -3.35 -4.95
N PHE A 207 -30.31 -3.00 -4.37
CA PHE A 207 -30.07 -1.62 -3.93
C PHE A 207 -29.55 -1.00 -5.19
N GLY A 208 -29.51 0.31 -5.30
CA GLY A 208 -29.02 0.85 -6.54
C GLY A 208 -27.87 1.76 -6.25
N ILE A 209 -28.20 3.03 -6.18
CA ILE A 209 -27.25 4.08 -5.88
C ILE A 209 -27.07 3.98 -4.36
N ARG A 210 -27.90 3.13 -3.74
CA ARG A 210 -27.85 2.94 -2.30
C ARG A 210 -26.60 2.18 -1.90
N LYS A 211 -26.15 1.28 -2.77
CA LYS A 211 -24.93 0.53 -2.49
C LYS A 211 -23.82 1.46 -2.93
N MET A 212 -23.02 1.94 -1.99
CA MET A 212 -21.94 2.87 -2.30
C MET A 212 -21.10 2.44 -3.48
N GLY A 213 -20.83 1.15 -3.59
CA GLY A 213 -20.05 0.67 -4.71
C GLY A 213 -20.59 1.15 -6.04
N ASN A 214 -21.91 1.17 -6.19
CA ASN A 214 -22.50 1.61 -7.45
C ASN A 214 -22.29 3.10 -7.67
N ARG A 215 -21.84 3.80 -6.64
CA ARG A 215 -21.55 5.23 -6.75
C ARG A 215 -20.09 5.44 -7.15
N HIS A 216 -19.31 4.36 -7.10
CA HIS A 216 -17.90 4.38 -7.45
C HIS A 216 -17.63 3.27 -8.44
N LYS A 217 -18.29 3.32 -9.59
CA LYS A 217 -18.11 2.29 -10.60
C LYS A 217 -16.72 2.29 -11.20
N PHE A 218 -16.17 1.10 -11.40
CA PHE A 218 -14.85 0.98 -11.96
C PHE A 218 -14.90 1.43 -13.41
N PRO A 219 -13.87 2.17 -13.86
CA PRO A 219 -13.81 2.67 -15.23
C PRO A 219 -14.01 1.62 -16.32
N LYS A 220 -14.70 2.03 -17.39
CA LYS A 220 -14.95 1.16 -18.55
C LYS A 220 -13.67 1.12 -19.37
N GLU A 221 -13.40 -0.04 -19.97
CA GLU A 221 -12.21 -0.22 -20.79
C GLU A 221 -11.92 0.93 -21.76
N GLU A 222 -12.93 1.37 -22.49
CA GLU A 222 -12.75 2.44 -23.45
C GLU A 222 -12.22 3.75 -22.87
N ILE A 223 -12.29 3.92 -21.57
CA ILE A 223 -11.78 5.15 -20.95
C ILE A 223 -10.68 4.84 -19.93
N TYR A 224 -10.18 3.62 -19.98
CA TYR A 224 -9.12 3.18 -19.08
C TYR A 224 -7.80 3.18 -19.86
N ASN A 225 -6.80 3.87 -19.34
CA ASN A 225 -5.51 3.93 -20.01
C ASN A 225 -4.82 2.57 -20.02
N THR A 226 -4.14 2.24 -21.12
CA THR A 226 -3.44 0.96 -21.26
C THR A 226 -4.15 -0.13 -20.46
N PRO A 227 -5.38 -0.49 -20.86
CA PRO A 227 -6.25 -1.49 -20.25
C PRO A 227 -5.64 -2.86 -19.95
N SER A 228 -4.71 -3.31 -20.79
CA SER A 228 -4.08 -4.62 -20.59
C SER A 228 -3.32 -4.75 -19.28
N ILE A 229 -2.80 -3.64 -18.76
CA ILE A 229 -2.10 -3.70 -17.49
C ILE A 229 -3.21 -3.58 -16.48
N ARG A 230 -3.64 -4.73 -16.01
CA ARG A 230 -4.74 -4.83 -15.06
C ARG A 230 -4.26 -4.96 -13.63
N PHE A 231 -3.23 -5.77 -13.40
CA PHE A 231 -2.73 -5.97 -12.05
C PHE A 231 -1.32 -5.44 -11.88
N GLY A 232 -0.83 -4.68 -12.85
CA GLY A 232 0.52 -4.16 -12.74
C GLY A 232 0.66 -2.67 -12.99
N ARG A 233 -0.37 -1.89 -12.66
CA ARG A 233 -0.32 -0.45 -12.87
C ARG A 233 0.50 0.22 -11.77
N GLU A 234 1.79 -0.11 -11.74
CA GLU A 234 2.71 0.40 -10.75
C GLU A 234 3.23 1.80 -10.98
N HIS A 235 3.43 2.15 -12.24
CA HIS A 235 3.92 3.48 -12.59
C HIS A 235 2.99 4.48 -11.93
N TYR A 236 3.53 5.46 -11.22
CA TYR A 236 2.64 6.38 -10.56
C TYR A 236 1.90 7.38 -11.44
N GLU A 237 2.12 7.36 -12.76
CA GLU A 237 1.37 8.30 -13.57
C GLU A 237 -0.08 7.81 -13.71
N PHE A 238 -0.31 6.54 -13.36
CA PHE A 238 -1.64 5.94 -13.42
C PHE A 238 -2.48 6.51 -12.27
N GLN A 239 -1.81 7.09 -11.28
CA GLN A 239 -2.51 7.69 -10.16
C GLN A 239 -3.34 8.81 -10.75
N TYR A 240 -2.77 9.50 -11.74
CA TYR A 240 -3.45 10.61 -12.39
C TYR A 240 -4.35 10.12 -13.51
N LEU A 241 -3.80 9.31 -14.41
CA LEU A 241 -4.59 8.78 -15.50
C LEU A 241 -5.88 8.09 -15.03
N ASP A 242 -5.79 7.34 -13.94
CA ASP A 242 -6.97 6.66 -13.44
C ASP A 242 -7.99 7.60 -12.81
N LEU A 243 -7.51 8.59 -12.07
CA LEU A 243 -8.40 9.56 -11.44
C LEU A 243 -9.14 10.21 -12.60
N LEU A 244 -8.46 10.32 -13.72
CA LEU A 244 -9.03 10.91 -14.91
C LEU A 244 -10.20 10.08 -15.37
N SER A 245 -9.94 8.81 -15.63
CA SER A 245 -10.99 7.92 -16.11
C SER A 245 -12.02 7.60 -15.04
N ARG A 246 -11.66 7.81 -13.79
CA ARG A 246 -12.59 7.53 -12.71
C ARG A 246 -13.69 8.59 -12.65
N VAL A 247 -13.37 9.85 -12.97
CA VAL A 247 -14.41 10.86 -12.94
C VAL A 247 -15.15 10.75 -14.26
N LEU A 248 -14.41 10.38 -15.30
CA LEU A 248 -15.00 10.21 -16.61
C LEU A 248 -16.06 9.14 -16.53
N GLU A 249 -15.94 8.27 -15.54
CA GLU A 249 -16.90 7.19 -15.36
C GLU A 249 -18.05 7.55 -14.42
N ASN A 250 -17.76 8.26 -13.33
CA ASN A 250 -18.81 8.60 -12.37
C ASN A 250 -19.12 10.09 -12.22
N GLY A 251 -18.26 10.93 -12.78
CA GLY A 251 -18.47 12.37 -12.68
C GLY A 251 -19.87 12.84 -12.97
N ALA A 252 -20.46 13.53 -12.01
CA ALA A 252 -21.82 14.07 -12.17
C ALA A 252 -21.77 15.38 -12.94
N TYR A 253 -22.59 15.51 -13.97
CA TYR A 253 -22.61 16.72 -14.77
C TYR A 253 -23.15 17.87 -13.94
N ARG A 254 -22.33 18.90 -13.75
CA ARG A 254 -22.77 20.03 -12.96
C ARG A 254 -22.16 21.38 -13.32
N GLU A 255 -23.00 22.40 -13.19
CA GLU A 255 -22.65 23.80 -13.48
C GLU A 255 -21.80 24.41 -12.35
N ASN A 256 -21.09 25.49 -12.66
CA ASN A 256 -20.25 26.18 -11.68
C ASN A 256 -20.13 27.65 -12.05
N ARG A 257 -19.39 28.42 -11.26
CA ARG A 257 -19.22 29.85 -11.53
C ARG A 257 -18.76 30.28 -12.94
N THR A 258 -18.02 29.42 -13.65
CA THR A 258 -17.61 29.77 -15.02
C THR A 258 -18.76 29.29 -15.88
N GLY A 259 -18.72 29.56 -17.17
CA GLY A 259 -19.83 29.11 -18.00
C GLY A 259 -19.72 27.67 -18.46
N ILE A 260 -18.54 27.08 -18.28
CA ILE A 260 -18.28 25.71 -18.71
C ILE A 260 -18.59 24.73 -17.59
N SER A 261 -19.51 23.81 -17.86
CA SER A 261 -19.87 22.81 -16.87
C SER A 261 -18.77 21.78 -16.74
N THR A 262 -18.84 20.96 -15.69
CA THR A 262 -17.84 19.92 -15.46
C THR A 262 -18.49 18.61 -15.05
N TYR A 263 -17.69 17.56 -14.96
CA TYR A 263 -18.16 16.27 -14.52
C TYR A 263 -17.31 16.06 -13.28
N SER A 264 -17.93 15.94 -12.12
CA SER A 264 -17.15 15.79 -10.91
C SER A 264 -17.54 14.73 -9.91
N ILE A 265 -16.56 14.36 -9.10
CA ILE A 265 -16.72 13.39 -8.04
C ILE A 265 -16.04 14.06 -6.86
N PHE A 266 -16.41 13.69 -5.63
CA PHE A 266 -15.84 14.33 -4.44
C PHE A 266 -14.97 13.43 -3.53
N GLY A 267 -13.81 13.95 -3.14
CA GLY A 267 -12.92 13.20 -2.28
C GLY A 267 -12.10 12.14 -2.99
N GLN A 268 -10.96 12.51 -3.54
CA GLN A 268 -10.07 11.58 -4.24
C GLN A 268 -8.63 11.80 -3.79
N MET A 269 -7.73 10.91 -4.17
CA MET A 269 -6.33 11.06 -3.79
C MET A 269 -5.40 10.45 -4.81
N MET A 270 -4.16 10.93 -4.84
CA MET A 270 -3.13 10.44 -5.75
C MET A 270 -1.82 10.40 -4.97
N ARG A 271 -0.97 9.44 -5.29
CA ARG A 271 0.32 9.30 -4.62
C ARG A 271 1.43 9.39 -5.63
N PHE A 272 2.56 9.95 -5.23
CA PHE A 272 3.70 10.06 -6.13
C PHE A 272 5.01 9.90 -5.41
N ASP A 273 5.86 9.04 -5.95
CA ASP A 273 7.17 8.86 -5.36
C ASP A 273 8.01 10.01 -5.86
N MET A 274 8.98 10.44 -5.06
CA MET A 274 9.85 11.53 -5.46
C MET A 274 11.29 11.13 -5.20
N ARG A 275 11.49 9.95 -4.62
CA ARG A 275 12.83 9.48 -4.33
C ARG A 275 13.56 9.07 -5.61
N GLU A 276 12.90 8.27 -6.44
CA GLU A 276 13.52 7.81 -7.67
C GLU A 276 13.16 8.56 -8.96
N SER A 277 12.26 9.54 -8.90
CA SER A 277 11.90 10.30 -10.10
C SER A 277 11.06 11.52 -9.79
N PHE A 278 10.80 12.34 -10.81
CA PHE A 278 9.99 13.54 -10.65
C PHE A 278 8.66 13.36 -11.35
N PRO A 279 7.55 13.53 -10.62
CA PRO A 279 6.20 13.36 -11.17
C PRO A 279 5.74 14.37 -12.22
N LEU A 280 6.42 14.42 -13.36
CA LEU A 280 6.01 15.32 -14.43
C LEU A 280 5.38 14.48 -15.53
N LEU A 281 4.06 14.42 -15.54
CA LEU A 281 3.27 13.64 -16.51
C LEU A 281 3.96 13.48 -17.86
N THR A 282 3.97 12.27 -18.40
CA THR A 282 4.61 12.04 -19.69
C THR A 282 3.62 11.97 -20.84
N THR A 283 2.37 11.61 -20.52
CA THR A 283 1.35 11.48 -21.54
C THR A 283 0.91 12.79 -22.20
N LYS A 284 1.64 13.86 -21.90
CA LYS A 284 1.35 15.19 -22.43
C LYS A 284 2.51 16.06 -22.00
N LYS A 285 3.08 16.84 -22.93
CA LYS A 285 4.19 17.70 -22.56
C LYS A 285 3.65 18.73 -21.56
N VAL A 286 4.32 18.88 -20.42
CA VAL A 286 3.87 19.82 -19.40
C VAL A 286 4.77 21.05 -19.32
N ALA A 287 4.15 22.22 -19.26
CA ALA A 287 4.88 23.49 -19.19
C ALA A 287 5.52 23.70 -17.82
N ILE A 288 6.59 22.97 -17.58
CA ILE A 288 7.33 23.04 -16.33
C ILE A 288 7.89 24.42 -15.95
N ARG A 289 8.39 25.19 -16.93
CA ARG A 289 8.93 26.52 -16.62
C ARG A 289 7.90 27.44 -15.99
N SER A 290 6.74 27.54 -16.62
CA SER A 290 5.66 28.39 -16.10
C SER A 290 5.38 27.98 -14.64
N ILE A 291 5.28 26.66 -14.43
CA ILE A 291 5.04 26.09 -13.10
C ILE A 291 6.05 26.66 -12.12
N PHE A 292 7.33 26.45 -12.43
CA PHE A 292 8.41 26.93 -11.59
C PHE A 292 8.29 28.40 -11.26
N GLU A 293 8.22 29.22 -12.30
CA GLU A 293 8.12 30.66 -12.11
C GLU A 293 6.94 31.07 -11.23
N GLU A 294 5.88 30.27 -11.21
CA GLU A 294 4.71 30.58 -10.36
C GLU A 294 5.04 30.22 -8.91
N LEU A 295 5.84 29.16 -8.73
CA LEU A 295 6.21 28.71 -7.40
C LEU A 295 7.11 29.69 -6.63
N ILE A 296 8.23 30.12 -7.20
CA ILE A 296 9.09 31.07 -6.48
C ILE A 296 8.29 32.34 -6.27
N TRP A 297 7.43 32.64 -7.22
CA TRP A 297 6.57 33.80 -7.12
C TRP A 297 5.82 33.70 -5.78
N PHE A 298 5.23 32.53 -5.53
CA PHE A 298 4.51 32.29 -4.28
C PHE A 298 5.50 32.43 -3.13
N ILE A 299 6.58 31.65 -3.20
CA ILE A 299 7.61 31.65 -2.17
C ILE A 299 8.03 33.05 -1.76
N LYS A 300 8.22 33.91 -2.75
CA LYS A 300 8.62 35.29 -2.52
C LYS A 300 7.55 36.06 -1.73
N GLY A 301 6.29 35.68 -1.89
CA GLY A 301 5.21 36.35 -1.20
C GLY A 301 4.60 37.36 -2.16
N ASP A 302 4.99 37.26 -3.43
CA ASP A 302 4.53 38.14 -4.48
C ASP A 302 3.08 37.90 -4.88
N THR A 303 2.39 38.97 -5.22
CA THR A 303 1.00 38.89 -5.62
C THR A 303 0.75 39.74 -6.85
N ASN A 304 1.82 40.36 -7.37
CA ASN A 304 1.70 41.20 -8.55
C ASN A 304 1.79 40.34 -9.80
N GLY A 305 0.62 40.08 -10.40
CA GLY A 305 0.52 39.24 -11.58
C GLY A 305 1.28 39.67 -12.82
N ASN A 306 1.86 40.86 -12.80
CA ASN A 306 2.62 41.39 -13.92
C ASN A 306 3.95 40.66 -14.02
N HIS A 307 4.61 40.49 -12.87
CA HIS A 307 5.89 39.81 -12.80
C HIS A 307 5.85 38.47 -13.54
N LEU A 308 4.73 37.76 -13.44
CA LEU A 308 4.60 36.49 -14.14
C LEU A 308 4.52 36.76 -15.63
N ILE A 309 3.64 37.71 -15.99
CA ILE A 309 3.44 38.10 -17.38
C ILE A 309 4.79 38.56 -17.96
N GLU A 310 5.55 39.31 -17.15
CA GLU A 310 6.85 39.80 -17.57
C GLU A 310 7.80 38.66 -17.93
N LYS A 311 7.68 37.54 -17.23
CA LYS A 311 8.52 36.38 -17.49
C LYS A 311 7.75 35.46 -18.43
N LYS A 312 6.80 36.04 -19.17
CA LYS A 312 5.99 35.28 -20.11
C LYS A 312 5.28 34.07 -19.51
N VAL A 313 4.66 34.28 -18.35
CA VAL A 313 3.88 33.24 -17.65
C VAL A 313 2.50 33.88 -17.49
N TYR A 314 1.53 33.35 -18.23
CA TYR A 314 0.19 33.93 -18.23
C TYR A 314 -0.93 33.20 -17.52
N ILE A 315 -0.61 32.14 -16.77
CA ILE A 315 -1.67 31.39 -16.11
C ILE A 315 -2.58 32.26 -15.24
N TRP A 316 -2.06 33.35 -14.67
CA TRP A 316 -2.89 34.23 -13.83
C TRP A 316 -3.44 35.48 -14.53
N SER A 317 -3.35 35.51 -15.86
CA SER A 317 -3.86 36.64 -16.63
C SER A 317 -5.38 36.67 -16.52
N GLY A 318 -5.99 35.56 -16.91
CA GLY A 318 -7.44 35.44 -16.87
C GLY A 318 -8.03 35.97 -15.58
N ASN A 319 -7.74 35.27 -14.48
CA ASN A 319 -8.27 35.66 -13.18
C ASN A 319 -7.66 36.98 -12.67
N GLY A 320 -6.90 37.65 -13.53
CA GLY A 320 -6.28 38.90 -13.13
C GLY A 320 -6.69 40.13 -13.92
N SER A 321 -7.37 39.93 -15.05
CA SER A 321 -7.80 41.05 -15.91
C SER A 321 -8.71 42.09 -15.23
N LYS A 322 -8.81 43.26 -15.85
CA LYS A 322 -9.62 44.37 -15.35
C LYS A 322 -11.11 44.00 -15.30
N GLU A 323 -11.59 43.35 -16.35
CA GLU A 323 -12.99 42.93 -16.46
C GLU A 323 -13.34 41.86 -15.44
N TYR A 324 -12.38 40.98 -15.15
CA TYR A 324 -12.64 39.90 -14.20
C TYR A 324 -12.73 40.50 -12.80
N LEU A 325 -11.79 41.38 -12.48
CA LEU A 325 -11.80 42.04 -11.18
C LEU A 325 -13.09 42.83 -10.98
N GLU A 326 -13.47 43.58 -12.03
CA GLU A 326 -14.71 44.39 -12.02
C GLU A 326 -15.87 43.45 -11.71
N ARG A 327 -15.94 42.40 -12.51
CA ARG A 327 -16.97 41.36 -12.38
C ARG A 327 -17.08 40.80 -10.95
N ILE A 328 -15.97 40.64 -10.25
CA ILE A 328 -16.04 40.10 -8.89
C ILE A 328 -15.93 41.15 -7.78
N GLY A 329 -16.38 42.38 -8.09
CA GLY A 329 -16.35 43.45 -7.11
C GLY A 329 -14.98 43.93 -6.64
N LEU A 330 -13.99 43.78 -7.50
CA LEU A 330 -12.64 44.22 -7.19
C LEU A 330 -12.18 45.17 -8.29
N GLY A 331 -13.17 45.84 -8.92
CA GLY A 331 -12.91 46.78 -9.98
C GLY A 331 -12.01 47.96 -9.56
N HIS A 332 -11.80 48.11 -8.26
CA HIS A 332 -10.97 49.19 -7.71
C HIS A 332 -9.50 48.79 -7.74
N ARG A 333 -9.29 47.49 -7.92
CA ARG A 333 -7.96 46.90 -7.95
C ARG A 333 -7.23 47.19 -9.29
N GLU A 334 -5.89 47.36 -9.22
CA GLU A 334 -5.11 47.61 -10.44
C GLU A 334 -5.09 46.37 -11.34
N GLU A 335 -4.90 46.60 -12.64
CA GLU A 335 -4.89 45.54 -13.67
C GLU A 335 -4.48 44.12 -13.27
N ASN A 336 -3.43 43.98 -12.45
CA ASN A 336 -3.05 42.63 -12.07
C ASN A 336 -2.73 42.38 -10.59
N ASP A 337 -3.29 43.21 -9.72
CA ASP A 337 -3.12 43.07 -8.28
C ASP A 337 -4.10 41.99 -7.80
N LEU A 338 -3.67 40.74 -7.85
CA LEU A 338 -4.50 39.61 -7.48
C LEU A 338 -4.99 39.54 -6.03
N GLY A 339 -4.40 40.35 -5.15
CA GLY A 339 -4.84 40.34 -3.75
C GLY A 339 -4.06 39.42 -2.84
N PRO A 340 -4.48 39.25 -1.59
CA PRO A 340 -3.82 38.40 -0.58
C PRO A 340 -3.93 36.91 -0.93
N ILE A 341 -3.55 36.54 -2.15
CA ILE A 341 -3.62 35.15 -2.57
C ILE A 341 -2.46 34.32 -2.03
N TYR A 342 -2.26 33.12 -2.57
CA TYR A 342 -1.17 32.25 -2.13
C TYR A 342 0.11 33.09 -2.09
N GLY A 343 1.00 32.78 -1.18
CA GLY A 343 2.23 33.56 -1.16
C GLY A 343 2.06 34.68 -0.19
N PHE A 344 1.04 35.52 -0.40
CA PHE A 344 0.83 36.58 0.56
C PHE A 344 0.44 35.88 1.84
N GLN A 345 -0.38 34.84 1.72
CA GLN A 345 -0.80 34.11 2.90
C GLN A 345 0.35 33.25 3.41
N TRP A 346 1.25 32.86 2.50
CA TRP A 346 2.40 32.05 2.85
C TRP A 346 3.44 32.83 3.67
N ARG A 347 3.74 34.06 3.25
CA ARG A 347 4.74 34.87 3.93
C ARG A 347 4.15 35.95 4.83
N HIS A 348 2.87 36.26 4.66
CA HIS A 348 2.22 37.28 5.47
C HIS A 348 0.81 36.88 5.87
N TYR A 349 0.67 35.72 6.51
CA TYR A 349 -0.66 35.27 6.89
C TYR A 349 -1.34 36.30 7.77
N ASN A 350 -2.61 36.58 7.49
CA ASN A 350 -3.41 37.56 8.24
C ASN A 350 -2.94 38.99 8.11
N GLY A 351 -2.01 39.25 7.20
CA GLY A 351 -1.52 40.60 7.03
C GLY A 351 -2.60 41.47 6.41
N GLU A 352 -2.62 42.75 6.77
CA GLU A 352 -3.61 43.66 6.21
C GLU A 352 -3.14 44.07 4.83
N TYR A 353 -3.82 43.57 3.82
CA TYR A 353 -3.47 43.85 2.44
C TYR A 353 -3.95 45.21 1.95
N LYS A 354 -3.11 45.88 1.18
CA LYS A 354 -3.43 47.16 0.60
C LYS A 354 -3.38 46.92 -0.90
N THR A 355 -2.19 47.05 -1.48
CA THR A 355 -2.02 46.80 -2.92
C THR A 355 -0.74 45.99 -3.15
N MET A 356 -0.58 45.50 -4.38
CA MET A 356 0.59 44.70 -4.70
C MET A 356 1.89 45.52 -4.65
N HIS A 357 1.78 46.81 -4.43
CA HIS A 357 2.97 47.66 -4.41
C HIS A 357 3.51 47.95 -3.01
N ASP A 358 2.66 47.88 -1.99
CA ASP A 358 3.13 48.17 -0.64
C ASP A 358 4.20 47.17 -0.22
N ASP A 359 5.01 47.57 0.74
CA ASP A 359 6.09 46.73 1.24
C ASP A 359 5.65 46.06 2.54
N TYR A 360 5.15 44.83 2.40
CA TYR A 360 4.64 44.04 3.53
C TYR A 360 5.69 43.40 4.41
N THR A 361 6.94 43.76 4.20
CA THR A 361 8.00 43.19 5.03
C THR A 361 7.67 43.36 6.52
N GLY A 362 7.69 42.26 7.26
CA GLY A 362 7.41 42.33 8.68
C GLY A 362 5.97 42.10 9.08
N VAL A 363 5.03 42.26 8.15
CA VAL A 363 3.61 42.06 8.49
C VAL A 363 3.09 40.64 8.28
N GLY A 364 2.13 40.24 9.12
CA GLY A 364 1.56 38.92 9.01
C GLY A 364 2.39 37.84 9.66
N VAL A 365 2.06 36.59 9.40
CA VAL A 365 2.81 35.47 9.96
C VAL A 365 3.56 34.79 8.83
N ASP A 366 4.88 34.70 8.95
CA ASP A 366 5.66 34.07 7.90
C ASP A 366 5.67 32.55 8.14
N GLN A 367 4.66 31.87 7.58
CA GLN A 367 4.55 30.44 7.72
C GLN A 367 5.72 29.72 7.08
N LEU A 368 6.04 30.11 5.85
CA LEU A 368 7.13 29.48 5.12
C LEU A 368 8.39 29.49 5.95
N ALA A 369 8.68 30.64 6.54
CA ALA A 369 9.86 30.77 7.36
C ALA A 369 9.79 29.77 8.52
N LYS A 370 8.72 29.83 9.29
CA LYS A 370 8.55 28.93 10.42
C LYS A 370 8.58 27.48 9.99
N LEU A 371 7.94 27.18 8.86
CA LEU A 371 7.90 25.83 8.33
C LEU A 371 9.33 25.31 8.21
N ILE A 372 10.17 26.04 7.48
CA ILE A 372 11.55 25.68 7.26
C ILE A 372 12.29 25.54 8.57
N GLU A 373 12.03 26.43 9.51
CA GLU A 373 12.70 26.38 10.80
C GLU A 373 12.28 25.16 11.59
N THR A 374 10.97 24.93 11.63
CA THR A 374 10.43 23.79 12.36
C THR A 374 10.90 22.51 11.71
N LEU A 375 10.88 22.48 10.38
CA LEU A 375 11.30 21.30 9.64
C LEU A 375 12.69 20.83 10.03
N LYS A 376 13.63 21.74 10.21
CA LYS A 376 14.99 21.32 10.56
C LYS A 376 15.31 21.27 12.04
N ASN A 377 14.57 22.01 12.87
CA ASN A 377 14.86 21.98 14.29
C ASN A 377 14.04 20.97 15.08
N ASN A 378 12.91 20.55 14.53
CA ASN A 378 12.04 19.59 15.20
C ASN A 378 11.34 18.78 14.10
N PRO A 379 12.12 18.00 13.34
CA PRO A 379 11.59 17.18 12.26
C PRO A 379 10.44 16.23 12.58
N LYS A 380 10.53 15.50 13.69
CA LYS A 380 9.47 14.56 14.05
C LYS A 380 8.18 15.29 14.46
N ASP A 381 8.24 16.61 14.51
CA ASP A 381 7.11 17.45 14.88
C ASP A 381 5.93 17.06 14.00
N ARG A 382 4.72 17.13 14.55
CA ARG A 382 3.52 16.78 13.82
C ARG A 382 2.68 17.98 13.41
N ARG A 383 3.29 19.16 13.38
CA ARG A 383 2.56 20.36 13.02
C ARG A 383 3.15 21.11 11.83
N HIS A 384 4.00 20.46 11.04
CA HIS A 384 4.60 21.11 9.88
C HIS A 384 3.52 21.45 8.86
N ILE A 385 2.75 22.51 9.13
CA ILE A 385 1.67 22.88 8.25
C ILE A 385 1.78 24.25 7.60
N LEU A 386 1.22 24.35 6.40
CA LEU A 386 1.22 25.56 5.63
C LEU A 386 -0.20 25.75 5.09
N THR A 387 -0.82 26.89 5.37
CA THR A 387 -2.19 27.10 4.89
C THR A 387 -2.38 28.38 4.11
N ALA A 388 -3.39 28.38 3.25
CA ALA A 388 -3.70 29.53 2.43
C ALA A 388 -5.17 29.87 2.57
N TRP A 389 -5.87 29.13 3.42
CA TRP A 389 -7.28 29.38 3.61
C TRP A 389 -7.53 30.31 4.79
N ASN A 390 -7.71 31.59 4.47
CA ASN A 390 -7.95 32.62 5.46
C ASN A 390 -9.36 33.16 5.30
N PRO A 391 -10.29 32.73 6.16
CA PRO A 391 -11.67 33.20 6.06
C PRO A 391 -11.78 34.72 5.98
N SER A 392 -10.83 35.43 6.57
CA SER A 392 -10.87 36.88 6.56
C SER A 392 -10.38 37.55 5.29
N ALA A 393 -9.52 36.88 4.54
CA ALA A 393 -8.99 37.45 3.31
C ALA A 393 -9.75 37.07 2.03
N LEU A 394 -10.40 35.91 2.04
CA LEU A 394 -11.13 35.43 0.87
C LEU A 394 -11.69 36.48 -0.06
N SER A 395 -12.54 37.36 0.46
CA SER A 395 -13.18 38.39 -0.35
C SER A 395 -12.25 39.33 -1.14
N GLN A 396 -10.99 39.44 -0.72
CA GLN A 396 -10.03 40.29 -1.42
C GLN A 396 -9.23 39.55 -2.48
N MET A 397 -9.37 38.22 -2.51
CA MET A 397 -8.64 37.41 -3.46
C MET A 397 -9.36 37.32 -4.82
N ALA A 398 -8.57 37.34 -5.88
CA ALA A 398 -9.11 37.24 -7.22
C ALA A 398 -9.69 35.84 -7.37
N LEU A 399 -9.10 34.93 -6.62
CA LEU A 399 -9.52 33.54 -6.67
C LEU A 399 -9.22 32.86 -5.33
N PRO A 400 -10.23 32.18 -4.76
CA PRO A 400 -10.02 31.51 -3.47
C PRO A 400 -8.95 30.42 -3.65
N PRO A 401 -8.15 30.17 -2.61
CA PRO A 401 -7.10 29.15 -2.70
C PRO A 401 -7.61 27.78 -3.13
N CYS A 402 -7.05 27.23 -4.19
CA CYS A 402 -7.43 25.91 -4.64
C CYS A 402 -6.59 24.89 -3.86
N HIS A 403 -5.28 25.08 -3.84
CA HIS A 403 -4.42 24.19 -3.05
C HIS A 403 -4.41 24.86 -1.69
N VAL A 404 -5.44 24.49 -0.94
CA VAL A 404 -5.75 24.99 0.39
C VAL A 404 -4.76 24.81 1.54
N LEU A 405 -4.37 23.59 1.82
CA LEU A 405 -3.45 23.37 2.92
C LEU A 405 -2.53 22.18 2.69
N SER A 406 -1.30 22.32 3.14
CA SER A 406 -0.33 21.25 2.97
C SER A 406 0.42 20.99 4.27
N GLN A 407 0.77 19.72 4.49
CA GLN A 407 1.51 19.33 5.69
C GLN A 407 2.75 18.62 5.24
N TYR A 408 3.80 18.72 6.05
CA TYR A 408 5.08 18.11 5.73
C TYR A 408 5.55 17.14 6.80
N TYR A 409 6.21 16.09 6.36
CA TYR A 409 6.67 15.03 7.24
C TYR A 409 8.12 14.68 6.94
N VAL A 410 8.91 14.45 7.98
CA VAL A 410 10.32 14.08 7.80
C VAL A 410 10.46 12.62 8.25
N THR A 411 10.73 11.73 7.30
CA THR A 411 10.86 10.32 7.61
C THR A 411 12.03 10.04 8.52
N ASN A 412 12.03 8.86 9.13
CA ASN A 412 13.12 8.47 10.00
C ASN A 412 14.44 8.40 9.25
N ASP A 413 14.36 8.16 7.96
CA ASP A 413 15.56 8.09 7.13
C ASP A 413 15.83 9.42 6.41
N ASN A 414 15.42 10.50 7.05
CA ASN A 414 15.60 11.86 6.56
C ASN A 414 15.11 12.23 5.19
N CYS A 415 13.93 11.73 4.82
CA CYS A 415 13.32 12.07 3.55
C CYS A 415 12.18 13.02 3.90
N LEU A 416 11.84 13.93 2.99
CA LEU A 416 10.77 14.87 3.22
C LEU A 416 9.56 14.59 2.34
N SER A 417 8.46 14.19 2.95
CA SER A 417 7.24 13.91 2.22
C SER A 417 6.27 15.08 2.35
N CYS A 418 5.27 15.12 1.48
CA CYS A 418 4.30 16.20 1.48
C CYS A 418 2.87 15.73 1.28
N ASN A 419 1.95 16.39 1.97
CA ASN A 419 0.52 16.12 1.87
C ASN A 419 -0.15 17.42 1.51
N LEU A 420 -0.98 17.39 0.48
CA LEU A 420 -1.70 18.58 0.02
C LEU A 420 -3.19 18.35 -0.10
N TYR A 421 -3.99 19.19 0.52
CA TYR A 421 -5.43 19.04 0.35
C TYR A 421 -5.85 20.13 -0.61
N GLN A 422 -6.45 19.72 -1.70
CA GLN A 422 -6.92 20.65 -2.72
C GLN A 422 -8.44 20.61 -2.74
N ARG A 423 -9.09 21.76 -2.54
CA ARG A 423 -10.54 21.82 -2.50
C ARG A 423 -11.21 21.64 -3.85
N SER A 424 -10.61 22.20 -4.88
CA SER A 424 -11.13 22.11 -6.24
C SER A 424 -9.96 21.79 -7.16
N CYS A 425 -10.16 20.85 -8.09
CA CYS A 425 -9.09 20.47 -9.00
C CYS A 425 -9.53 20.24 -10.42
N ASP A 426 -9.01 21.05 -11.34
CA ASP A 426 -9.28 20.91 -12.75
C ASP A 426 -8.31 19.83 -13.26
N LEU A 427 -8.76 18.59 -13.33
CA LEU A 427 -7.88 17.51 -13.76
C LEU A 427 -7.22 17.75 -15.10
N GLY A 428 -7.85 18.54 -15.96
CA GLY A 428 -7.30 18.80 -17.29
C GLY A 428 -6.15 19.78 -17.35
N LEU A 429 -6.30 20.92 -16.68
CA LEU A 429 -5.27 21.94 -16.68
C LEU A 429 -4.55 22.03 -15.36
N GLY A 430 -5.31 22.20 -14.27
CA GLY A 430 -4.70 22.32 -12.97
C GLY A 430 -3.78 21.19 -12.52
N SER A 431 -4.37 20.05 -12.21
CA SER A 431 -3.63 18.90 -11.72
C SER A 431 -2.20 18.75 -12.22
N PRO A 432 -2.00 18.59 -13.54
CA PRO A 432 -0.63 18.44 -14.03
C PRO A 432 0.30 19.46 -13.40
N PHE A 433 -0.10 20.72 -13.43
CA PHE A 433 0.71 21.80 -12.85
C PHE A 433 0.84 21.57 -11.37
N ASN A 434 -0.31 21.41 -10.73
CA ASN A 434 -0.38 21.20 -9.30
C ASN A 434 0.59 20.12 -8.80
N ILE A 435 0.59 18.96 -9.44
CA ILE A 435 1.47 17.87 -9.05
C ILE A 435 2.93 18.28 -9.09
N ALA A 436 3.36 18.75 -10.25
CA ALA A 436 4.74 19.20 -10.42
C ALA A 436 5.11 20.28 -9.40
N SER A 437 4.27 21.30 -9.32
CA SER A 437 4.49 22.42 -8.42
C SER A 437 4.82 21.99 -7.00
N TYR A 438 3.93 21.25 -6.36
CA TYR A 438 4.16 20.81 -4.99
C TYR A 438 5.30 19.80 -4.86
N ALA A 439 5.63 19.13 -5.96
CA ALA A 439 6.73 18.19 -5.94
C ALA A 439 8.00 19.03 -5.82
N ILE A 440 8.09 20.08 -6.64
CA ILE A 440 9.25 20.96 -6.62
C ILE A 440 9.39 21.62 -5.26
N LEU A 441 8.30 22.24 -4.79
CA LEU A 441 8.32 22.90 -3.50
C LEU A 441 8.87 21.99 -2.42
N THR A 442 8.52 20.70 -2.50
CA THR A 442 9.01 19.78 -1.50
C THR A 442 10.51 19.62 -1.65
N MET A 443 10.97 19.47 -2.88
CA MET A 443 12.38 19.31 -3.15
C MET A 443 13.17 20.51 -2.65
N MET A 444 12.62 21.70 -2.87
CA MET A 444 13.27 22.92 -2.42
C MET A 444 13.36 22.89 -0.90
N LEU A 445 12.21 22.74 -0.27
CA LEU A 445 12.16 22.69 1.19
C LEU A 445 13.17 21.68 1.70
N ALA A 446 13.35 20.60 0.95
CA ALA A 446 14.28 19.53 1.34
C ALA A 446 15.75 19.92 1.24
N GLN A 447 16.14 20.53 0.12
CA GLN A 447 17.52 20.94 -0.03
C GLN A 447 17.89 21.93 1.07
N VAL A 448 17.02 22.91 1.26
CA VAL A 448 17.20 23.96 2.25
C VAL A 448 17.22 23.46 3.70
N CYS A 449 16.52 22.36 3.97
CA CYS A 449 16.45 21.81 5.33
C CYS A 449 17.37 20.64 5.53
N GLY A 450 18.10 20.30 4.48
CA GLY A 450 19.06 19.19 4.54
C GLY A 450 18.47 17.80 4.43
N TYR A 451 17.42 17.66 3.64
CA TYR A 451 16.78 16.36 3.48
C TYR A 451 16.67 16.07 2.00
N GLU A 452 16.04 14.95 1.69
CA GLU A 452 15.83 14.60 0.30
C GLU A 452 14.35 14.30 0.14
N PRO A 453 13.83 14.53 -1.07
CA PRO A 453 12.42 14.29 -1.37
C PRO A 453 11.93 12.89 -1.00
N GLY A 454 10.74 12.83 -0.44
CA GLY A 454 10.16 11.56 -0.05
C GLY A 454 8.98 11.18 -0.93
N GLU A 455 7.78 11.44 -0.44
CA GLU A 455 6.58 11.11 -1.19
C GLU A 455 5.63 12.29 -1.20
N LEU A 456 4.83 12.37 -2.26
CA LEU A 456 3.84 13.42 -2.43
C LEU A 456 2.45 12.81 -2.55
N ALA A 457 1.56 13.16 -1.62
CA ALA A 457 0.20 12.66 -1.63
C ALA A 457 -0.74 13.84 -1.75
N ILE A 458 -1.66 13.77 -2.70
CA ILE A 458 -2.62 14.84 -2.91
C ILE A 458 -4.07 14.35 -2.67
N PHE A 459 -4.79 15.08 -1.82
CA PHE A 459 -6.16 14.74 -1.51
C PHE A 459 -7.07 15.78 -2.11
N ILE A 460 -7.87 15.34 -3.07
CA ILE A 460 -8.78 16.22 -3.79
C ILE A 460 -10.17 16.26 -3.22
N GLY A 461 -10.78 17.43 -3.31
CA GLY A 461 -12.14 17.61 -2.86
C GLY A 461 -12.97 17.46 -4.11
N ASP A 462 -13.28 18.56 -4.79
CA ASP A 462 -14.06 18.50 -6.01
C ASP A 462 -13.17 18.22 -7.21
N ALA A 463 -12.98 16.95 -7.53
CA ALA A 463 -12.18 16.56 -8.67
C ALA A 463 -13.11 16.53 -9.88
N HIS A 464 -12.87 17.44 -10.81
CA HIS A 464 -13.71 17.55 -11.99
C HIS A 464 -12.97 17.70 -13.31
N ILE A 465 -13.70 17.48 -14.39
CA ILE A 465 -13.19 17.61 -15.75
C ILE A 465 -14.13 18.57 -16.49
N TYR A 466 -13.60 19.68 -17.00
CA TYR A 466 -14.41 20.63 -17.74
C TYR A 466 -14.82 19.97 -19.04
N GLU A 467 -16.12 20.02 -19.35
CA GLU A 467 -16.67 19.38 -20.53
C GLU A 467 -15.96 19.69 -21.85
N ASN A 468 -15.26 20.81 -21.90
CA ASN A 468 -14.53 21.19 -23.12
C ASN A 468 -13.14 20.56 -23.19
N HIS A 469 -12.82 19.67 -22.23
CA HIS A 469 -11.53 19.00 -22.20
C HIS A 469 -11.72 17.53 -22.52
N LEU A 470 -12.96 17.14 -22.76
CA LEU A 470 -13.28 15.73 -23.03
C LEU A 470 -12.53 15.05 -24.17
N THR A 471 -12.55 15.63 -25.35
CA THR A 471 -11.84 15.00 -26.46
C THR A 471 -10.33 15.01 -26.21
N GLN A 472 -9.83 16.07 -25.57
CA GLN A 472 -8.42 16.21 -25.26
C GLN A 472 -7.95 15.14 -24.29
N LEU A 473 -8.66 15.00 -23.18
CA LEU A 473 -8.29 14.01 -22.18
C LEU A 473 -8.48 12.60 -22.70
N LYS A 474 -9.34 12.45 -23.69
CA LYS A 474 -9.57 11.12 -24.26
C LYS A 474 -8.32 10.80 -25.05
N GLU A 475 -7.84 11.79 -25.78
CA GLU A 475 -6.61 11.70 -26.57
C GLU A 475 -5.45 11.34 -25.65
N GLN A 476 -5.37 12.04 -24.53
CA GLN A 476 -4.32 11.82 -23.55
C GLN A 476 -4.41 10.40 -22.99
N LEU A 477 -5.61 9.95 -22.65
CA LEU A 477 -5.78 8.61 -22.10
C LEU A 477 -5.42 7.49 -23.06
N SER A 478 -5.18 7.84 -24.31
CA SER A 478 -4.83 6.85 -25.33
C SER A 478 -3.32 6.63 -25.39
N ARG A 479 -2.57 7.44 -24.66
CA ARG A 479 -1.13 7.34 -24.67
C ARG A 479 -0.59 6.50 -23.51
N THR A 480 0.28 5.55 -23.81
CA THR A 480 0.85 4.73 -22.75
C THR A 480 1.97 5.52 -22.10
N PRO A 481 1.97 5.58 -20.77
CA PRO A 481 2.97 6.31 -20.00
C PRO A 481 4.42 5.90 -20.28
N ARG A 482 5.32 6.86 -20.20
CA ARG A 482 6.75 6.64 -20.39
C ARG A 482 7.35 6.92 -19.04
N PRO A 483 8.55 6.42 -18.75
CA PRO A 483 9.11 6.71 -17.43
C PRO A 483 9.22 8.18 -17.07
N PHE A 484 8.95 8.50 -15.81
CA PHE A 484 9.06 9.86 -15.34
C PHE A 484 10.50 10.33 -15.51
N PRO A 485 10.70 11.65 -15.61
CA PRO A 485 12.08 12.12 -15.77
C PRO A 485 12.69 12.33 -14.38
N GLN A 486 13.80 13.07 -14.35
CA GLN A 486 14.47 13.38 -13.10
C GLN A 486 14.58 14.88 -13.10
N LEU A 487 14.50 15.49 -11.94
CA LEU A 487 14.64 16.94 -11.86
C LEU A 487 15.61 17.22 -10.73
N LYS A 488 16.70 17.91 -11.06
CA LYS A 488 17.74 18.23 -10.08
C LYS A 488 18.12 19.71 -10.04
N PHE A 489 18.58 20.14 -8.87
CA PHE A 489 19.02 21.51 -8.68
C PHE A 489 20.52 21.52 -8.99
N LYS A 490 20.96 22.52 -9.73
CA LYS A 490 22.36 22.60 -10.10
C LYS A 490 23.27 23.19 -9.03
N ARG A 491 22.69 23.76 -7.97
CA ARG A 491 23.50 24.34 -6.89
C ARG A 491 22.72 24.34 -5.59
N LYS A 492 23.43 24.43 -4.47
CA LYS A 492 22.73 24.48 -3.20
C LYS A 492 22.49 25.92 -2.81
N VAL A 493 21.24 26.36 -2.90
CA VAL A 493 20.90 27.73 -2.55
C VAL A 493 21.00 27.87 -1.05
N GLU A 494 21.26 29.08 -0.58
CA GLU A 494 21.37 29.30 0.85
C GLU A 494 19.98 29.58 1.39
N ASN A 495 19.25 30.45 0.69
CA ASN A 495 17.90 30.76 1.09
C ASN A 495 16.92 30.28 0.02
N ILE A 496 15.86 29.61 0.47
CA ILE A 496 14.84 29.08 -0.44
C ILE A 496 14.38 30.01 -1.55
N GLU A 497 14.35 31.32 -1.32
CA GLU A 497 13.90 32.24 -2.36
C GLU A 497 14.93 32.62 -3.42
N ASP A 498 16.12 32.05 -3.31
CA ASP A 498 17.18 32.33 -4.28
C ASP A 498 17.15 31.40 -5.50
N PHE A 499 16.25 30.43 -5.50
CA PHE A 499 16.16 29.52 -6.63
C PHE A 499 15.81 30.27 -7.90
N LYS A 500 16.43 29.86 -9.00
CA LYS A 500 16.18 30.50 -10.29
C LYS A 500 15.99 29.38 -11.30
N TRP A 501 15.24 29.66 -12.37
CA TRP A 501 14.98 28.68 -13.41
C TRP A 501 16.23 27.93 -13.84
N GLU A 502 17.34 28.66 -13.99
CA GLU A 502 18.62 28.11 -14.42
C GLU A 502 19.18 27.05 -13.47
N ASP A 503 18.74 27.10 -12.21
CA ASP A 503 19.20 26.16 -11.20
C ASP A 503 18.58 24.76 -11.37
N ILE A 504 17.62 24.64 -12.28
CA ILE A 504 16.93 23.36 -12.50
C ILE A 504 17.36 22.56 -13.72
N GLU A 505 17.42 21.25 -13.55
CA GLU A 505 17.80 20.33 -14.62
C GLU A 505 16.72 19.28 -14.81
N LEU A 506 16.10 19.24 -15.97
CA LEU A 506 15.09 18.23 -16.24
C LEU A 506 15.73 17.16 -17.09
N ILE A 507 16.27 16.13 -16.44
CA ILE A 507 16.95 15.05 -17.15
C ILE A 507 16.07 13.92 -17.62
N GLY A 508 16.12 13.64 -18.92
CA GLY A 508 15.37 12.54 -19.50
C GLY A 508 13.86 12.65 -19.63
N TYR A 509 13.37 13.84 -19.96
CA TYR A 509 11.93 14.03 -20.13
C TYR A 509 11.58 13.87 -21.60
N TYR A 510 10.87 12.79 -21.91
CA TYR A 510 10.48 12.51 -23.29
C TYR A 510 8.96 12.31 -23.37
N PRO A 511 8.20 13.40 -23.19
CA PRO A 511 6.74 13.33 -23.24
C PRO A 511 6.14 13.24 -24.63
N TYR A 512 4.83 12.98 -24.66
CA TYR A 512 4.09 12.92 -25.91
C TYR A 512 3.82 14.38 -26.22
N PRO A 513 3.46 14.68 -27.48
CA PRO A 513 3.18 16.06 -27.87
C PRO A 513 2.19 16.75 -26.95
N THR A 514 2.39 18.04 -26.77
CA THR A 514 1.52 18.81 -25.89
C THR A 514 0.06 18.75 -26.38
N ILE A 515 -0.88 18.88 -25.46
CA ILE A 515 -2.31 18.85 -25.79
C ILE A 515 -2.98 20.14 -25.37
N LYS A 516 -3.42 20.93 -26.34
CA LYS A 516 -4.07 22.21 -26.07
C LYS A 516 -5.42 22.09 -25.36
N MET A 517 -5.58 22.86 -24.28
CA MET A 517 -6.83 22.88 -23.51
C MET A 517 -7.07 24.28 -23.00
N ASP A 518 -8.32 24.75 -23.08
CA ASP A 518 -8.63 26.10 -22.64
C ASP A 518 -9.18 26.25 -21.23
N MET A 519 -8.60 27.20 -20.48
CA MET A 519 -9.00 27.49 -19.11
C MET A 519 -10.36 28.18 -19.02
N ALA A 520 -11.09 27.86 -17.96
CA ALA A 520 -12.40 28.48 -17.72
C ALA A 520 -12.13 29.58 -16.68
N VAL A 521 -12.49 30.83 -17.03
CA VAL A 521 -12.26 31.99 -16.14
C VAL A 521 -13.19 32.02 -14.89
N GLU B 3 -19.83 -33.16 -9.84
CA GLU B 3 -20.22 -32.51 -8.55
C GLU B 3 -21.57 -31.75 -8.69
N LYS B 4 -21.79 -30.74 -7.84
CA LYS B 4 -23.00 -29.91 -7.82
C LYS B 4 -22.99 -29.18 -6.48
N ASN B 5 -23.11 -27.86 -6.52
CA ASN B 5 -23.06 -27.03 -5.32
C ASN B 5 -24.25 -27.00 -4.37
N VAL B 6 -23.96 -26.84 -3.08
CA VAL B 6 -24.99 -26.78 -2.05
C VAL B 6 -24.76 -25.59 -1.13
N SER B 7 -25.55 -24.53 -1.31
CA SER B 7 -25.38 -23.33 -0.49
C SER B 7 -26.54 -23.09 0.46
N ILE B 8 -26.21 -22.57 1.62
CA ILE B 8 -27.21 -22.25 2.61
C ILE B 8 -27.54 -20.78 2.43
N VAL B 9 -28.80 -20.42 2.60
CA VAL B 9 -29.20 -19.03 2.51
C VAL B 9 -29.99 -18.80 3.77
N VAL B 10 -29.53 -17.87 4.60
CA VAL B 10 -30.22 -17.62 5.85
C VAL B 10 -30.01 -16.19 6.33
N ALA B 11 -30.94 -15.74 7.16
CA ALA B 11 -30.89 -14.42 7.73
C ALA B 11 -31.08 -14.59 9.23
N ALA B 12 -30.06 -14.24 10.01
CA ALA B 12 -30.13 -14.38 11.46
C ALA B 12 -29.69 -13.12 12.17
N SER B 13 -30.17 -12.91 13.38
CA SER B 13 -29.79 -11.73 14.15
C SER B 13 -28.28 -11.74 14.34
N VAL B 14 -27.69 -10.55 14.42
CA VAL B 14 -26.25 -10.40 14.57
C VAL B 14 -25.60 -11.08 15.77
N LEU B 15 -26.24 -11.00 16.92
CA LEU B 15 -25.68 -11.58 18.13
C LEU B 15 -26.05 -13.03 18.44
N SER B 16 -27.34 -13.37 18.44
CA SER B 16 -27.71 -14.74 18.77
C SER B 16 -28.12 -15.65 17.62
N SER B 17 -28.01 -15.15 16.39
CA SER B 17 -28.37 -15.92 15.21
C SER B 17 -29.83 -16.31 15.22
N GLY B 18 -30.68 -15.40 15.67
CA GLY B 18 -32.11 -15.68 15.72
C GLY B 18 -32.68 -15.57 14.33
N ILE B 19 -33.45 -16.57 13.91
CA ILE B 19 -34.03 -16.58 12.57
C ILE B 19 -35.54 -16.74 12.53
N GLY B 20 -36.15 -17.15 13.63
CA GLY B 20 -37.59 -17.33 13.62
C GLY B 20 -38.31 -17.16 14.94
N ILE B 21 -39.60 -16.88 14.83
CA ILE B 21 -40.47 -16.68 15.98
C ILE B 21 -41.89 -17.05 15.57
N ASN B 22 -42.45 -18.06 16.23
CA ASN B 22 -43.80 -18.54 15.94
C ASN B 22 -44.02 -18.69 14.46
N GLY B 23 -43.14 -19.44 13.80
CA GLY B 23 -43.27 -19.68 12.38
C GLY B 23 -43.16 -18.46 11.47
N GLN B 24 -42.62 -17.37 11.99
CA GLN B 24 -42.46 -16.17 11.20
C GLN B 24 -41.05 -15.63 11.26
N LEU B 25 -40.69 -14.81 10.28
CA LEU B 25 -39.38 -14.19 10.29
C LEU B 25 -39.56 -13.13 11.36
N PRO B 26 -38.57 -12.94 12.22
CA PRO B 26 -38.70 -11.93 13.28
C PRO B 26 -38.56 -10.48 12.83
N TRP B 27 -38.68 -10.24 11.53
CA TRP B 27 -38.54 -8.90 11.00
C TRP B 27 -38.96 -8.93 9.55
N SER B 28 -39.16 -7.78 8.92
CA SER B 28 -39.55 -7.77 7.52
C SER B 28 -38.71 -6.79 6.70
N ILE B 29 -37.74 -7.33 5.97
CA ILE B 29 -36.86 -6.54 5.14
C ILE B 29 -37.04 -7.06 3.74
N SER B 30 -37.74 -6.30 2.90
CA SER B 30 -37.97 -6.75 1.54
C SER B 30 -36.69 -6.96 0.74
N GLU B 31 -35.70 -6.10 0.95
CA GLU B 31 -34.45 -6.24 0.21
C GLU B 31 -33.82 -7.61 0.42
N ASP B 32 -33.92 -8.13 1.64
CA ASP B 32 -33.34 -9.43 1.94
C ASP B 32 -34.14 -10.54 1.29
N LEU B 33 -35.45 -10.36 1.18
CA LEU B 33 -36.26 -11.36 0.51
C LEU B 33 -35.90 -11.30 -0.95
N LYS B 34 -35.71 -10.10 -1.44
CA LYS B 34 -35.33 -9.89 -2.84
C LYS B 34 -33.98 -10.54 -3.06
N PHE B 35 -33.11 -10.49 -2.07
CA PHE B 35 -31.79 -11.10 -2.17
C PHE B 35 -31.96 -12.59 -2.27
N PHE B 36 -32.66 -13.17 -1.29
CA PHE B 36 -32.91 -14.59 -1.29
C PHE B 36 -33.40 -15.02 -2.64
N SER B 37 -34.31 -14.25 -3.21
CA SER B 37 -34.89 -14.57 -4.51
C SER B 37 -33.85 -14.51 -5.61
N LYS B 38 -33.07 -13.44 -5.63
CA LYS B 38 -32.02 -13.26 -6.64
C LYS B 38 -31.00 -14.39 -6.60
N ILE B 39 -30.47 -14.64 -5.41
CA ILE B 39 -29.45 -15.65 -5.23
C ILE B 39 -29.92 -17.08 -5.53
N THR B 40 -31.13 -17.44 -5.08
CA THR B 40 -31.64 -18.79 -5.31
C THR B 40 -32.16 -19.05 -6.71
N ASN B 41 -32.26 -17.99 -7.51
CA ASN B 41 -32.74 -18.12 -8.88
C ASN B 41 -31.54 -18.09 -9.82
N ASN B 42 -30.52 -17.37 -9.39
CA ASN B 42 -29.27 -17.21 -10.11
C ASN B 42 -28.72 -18.55 -10.61
N LYS B 43 -28.74 -18.77 -11.92
CA LYS B 43 -28.24 -20.02 -12.50
C LYS B 43 -27.64 -19.78 -13.90
N CYS B 44 -26.70 -20.62 -14.30
CA CYS B 44 -26.06 -20.49 -15.61
C CYS B 44 -26.88 -21.10 -16.77
N ASP B 45 -27.41 -22.30 -16.56
CA ASP B 45 -28.17 -23.00 -17.60
C ASP B 45 -29.67 -22.67 -17.68
N SER B 46 -30.06 -21.90 -18.70
CA SER B 46 -31.45 -21.52 -18.87
C SER B 46 -32.38 -22.74 -18.83
N ASN B 47 -31.88 -23.88 -19.30
CA ASN B 47 -32.67 -25.09 -19.34
C ASN B 47 -32.70 -25.90 -18.05
N LYS B 48 -32.11 -25.36 -16.99
CA LYS B 48 -32.11 -26.05 -15.72
C LYS B 48 -32.81 -25.18 -14.67
N LYS B 49 -33.06 -25.75 -13.50
CA LYS B 49 -33.69 -25.02 -12.40
C LYS B 49 -32.84 -25.26 -11.15
N ASN B 50 -33.02 -24.43 -10.13
CA ASN B 50 -32.31 -24.62 -8.88
C ASN B 50 -33.30 -25.28 -7.93
N ALA B 51 -32.80 -26.04 -6.98
CA ALA B 51 -33.65 -26.74 -6.00
C ALA B 51 -33.47 -26.17 -4.60
N LEU B 52 -34.57 -25.78 -3.98
CA LEU B 52 -34.52 -25.22 -2.65
C LEU B 52 -35.08 -26.21 -1.65
N ILE B 53 -34.20 -26.70 -0.78
CA ILE B 53 -34.56 -27.68 0.26
C ILE B 53 -35.03 -26.94 1.50
N MET B 54 -36.09 -27.42 2.14
CA MET B 54 -36.60 -26.78 3.34
C MET B 54 -37.40 -27.72 4.23
N GLY B 55 -37.40 -27.44 5.52
CA GLY B 55 -38.14 -28.26 6.46
C GLY B 55 -39.61 -28.04 6.23
N ARG B 56 -40.45 -28.95 6.72
CA ARG B 56 -41.90 -28.82 6.53
C ARG B 56 -42.43 -27.52 7.13
N LYS B 57 -42.00 -27.21 8.35
CA LYS B 57 -42.45 -26.00 9.00
C LYS B 57 -42.21 -24.76 8.13
N THR B 58 -41.04 -24.64 7.51
CA THR B 58 -40.75 -23.50 6.65
C THR B 58 -41.70 -23.53 5.47
N TRP B 59 -41.96 -24.74 4.97
CA TRP B 59 -42.88 -24.94 3.85
C TRP B 59 -44.23 -24.35 4.25
N ASP B 60 -44.63 -24.52 5.50
CA ASP B 60 -45.89 -23.96 5.97
C ASP B 60 -45.80 -22.45 5.97
N SER B 61 -44.62 -21.94 6.34
CA SER B 61 -44.36 -20.52 6.40
C SER B 61 -44.47 -19.85 5.03
N ILE B 62 -44.00 -20.54 4.00
CA ILE B 62 -44.07 -20.05 2.63
C ILE B 62 -45.53 -20.02 2.16
N GLY B 63 -46.39 -20.73 2.87
CA GLY B 63 -47.79 -20.80 2.50
C GLY B 63 -48.04 -21.96 1.56
N ARG B 64 -47.15 -22.95 1.61
CA ARG B 64 -47.24 -24.13 0.77
C ARG B 64 -47.57 -23.84 -0.69
N ARG B 65 -46.93 -22.82 -1.24
CA ARG B 65 -47.13 -22.44 -2.64
C ARG B 65 -45.72 -22.30 -3.23
N PRO B 66 -45.47 -22.91 -4.40
CA PRO B 66 -44.18 -22.90 -5.09
C PRO B 66 -43.54 -21.52 -5.33
N LEU B 67 -42.22 -21.54 -5.45
CA LEU B 67 -41.43 -20.34 -5.72
C LEU B 67 -41.11 -20.37 -7.21
N LYS B 68 -41.50 -19.33 -7.93
CA LYS B 68 -41.30 -19.24 -9.36
C LYS B 68 -39.92 -19.67 -9.87
N ASN B 69 -39.90 -20.32 -11.03
CA ASN B 69 -38.68 -20.79 -11.70
C ASN B 69 -37.83 -21.79 -10.94
N ARG B 70 -38.22 -22.07 -9.70
CA ARG B 70 -37.44 -23.00 -8.91
C ARG B 70 -38.21 -24.25 -8.52
N ILE B 71 -37.58 -25.13 -7.77
CA ILE B 71 -38.21 -26.35 -7.33
C ILE B 71 -38.02 -26.49 -5.83
N ILE B 72 -39.13 -26.53 -5.09
CA ILE B 72 -39.06 -26.65 -3.66
C ILE B 72 -39.04 -28.11 -3.23
N VAL B 73 -38.05 -28.46 -2.42
CA VAL B 73 -37.89 -29.80 -1.91
C VAL B 73 -38.22 -29.81 -0.42
N VAL B 74 -39.35 -30.39 -0.07
CA VAL B 74 -39.75 -30.43 1.33
C VAL B 74 -39.32 -31.72 2.03
N ILE B 75 -38.69 -31.56 3.18
CA ILE B 75 -38.27 -32.70 3.96
C ILE B 75 -39.34 -32.86 5.04
N SER B 76 -40.01 -34.01 5.04
CA SER B 76 -41.04 -34.29 6.04
C SER B 76 -41.31 -35.77 6.11
N SER B 77 -41.60 -36.23 7.32
CA SER B 77 -41.91 -37.64 7.54
C SER B 77 -43.34 -37.96 7.12
N SER B 78 -44.24 -37.01 7.35
CA SER B 78 -45.66 -37.17 7.05
C SER B 78 -46.13 -36.76 5.66
N LEU B 79 -45.92 -35.51 5.31
CA LEU B 79 -46.36 -34.97 4.03
C LEU B 79 -46.28 -35.96 2.85
N PRO B 80 -47.40 -36.14 2.13
CA PRO B 80 -47.54 -37.03 0.98
C PRO B 80 -46.64 -36.69 -0.19
N GLN B 81 -46.13 -37.73 -0.85
CA GLN B 81 -45.28 -37.54 -2.02
C GLN B 81 -46.19 -37.15 -3.22
N ASP B 82 -46.88 -36.02 -3.09
CA ASP B 82 -47.81 -35.50 -4.11
C ASP B 82 -47.23 -35.45 -5.54
N GLU B 83 -47.69 -36.35 -6.39
CA GLU B 83 -47.21 -36.35 -7.76
C GLU B 83 -47.76 -35.13 -8.50
N ALA B 84 -48.71 -34.45 -7.85
CA ALA B 84 -49.37 -33.27 -8.40
C ALA B 84 -48.43 -32.15 -8.86
N ASP B 85 -48.10 -31.22 -7.95
CA ASP B 85 -47.24 -30.12 -8.33
C ASP B 85 -45.84 -30.64 -8.67
N PRO B 86 -45.37 -30.34 -9.89
CA PRO B 86 -44.06 -30.76 -10.37
C PRO B 86 -42.92 -29.91 -9.78
N ASN B 87 -43.23 -28.67 -9.43
CA ASN B 87 -42.24 -27.76 -8.86
C ASN B 87 -42.03 -28.00 -7.36
N VAL B 88 -42.73 -28.99 -6.82
CA VAL B 88 -42.59 -29.31 -5.40
C VAL B 88 -42.55 -30.82 -5.24
N VAL B 89 -41.60 -31.29 -4.45
CA VAL B 89 -41.46 -32.71 -4.22
C VAL B 89 -41.07 -32.95 -2.76
N VAL B 90 -41.53 -34.07 -2.21
CA VAL B 90 -41.25 -34.40 -0.81
C VAL B 90 -40.26 -35.53 -0.62
N PHE B 91 -39.47 -35.44 0.45
CA PHE B 91 -38.47 -36.46 0.79
C PHE B 91 -38.53 -36.77 2.28
N ARG B 92 -38.29 -38.04 2.63
CA ARG B 92 -38.37 -38.46 4.02
C ARG B 92 -37.22 -38.05 4.94
N ASN B 93 -36.04 -37.86 4.38
CA ASN B 93 -34.88 -37.43 5.17
C ASN B 93 -34.01 -36.51 4.33
N LEU B 94 -33.22 -35.68 5.00
CA LEU B 94 -32.37 -34.74 4.28
C LEU B 94 -31.41 -35.41 3.31
N GLU B 95 -30.65 -36.39 3.78
CA GLU B 95 -29.67 -37.07 2.93
C GLU B 95 -30.26 -37.56 1.61
N ASP B 96 -31.36 -38.29 1.68
CA ASP B 96 -31.98 -38.79 0.47
C ASP B 96 -32.25 -37.70 -0.55
N SER B 97 -32.86 -36.59 -0.11
CA SER B 97 -33.16 -35.49 -1.02
C SER B 97 -31.88 -35.13 -1.75
N ILE B 98 -30.78 -35.02 -1.02
CA ILE B 98 -29.53 -34.71 -1.68
C ILE B 98 -29.09 -35.93 -2.49
N GLU B 99 -29.33 -35.79 -3.77
CA GLU B 99 -29.08 -36.78 -4.80
C GLU B 99 -29.51 -35.96 -6.01
N ASN B 100 -29.99 -34.74 -5.71
CA ASN B 100 -30.37 -33.78 -6.72
C ASN B 100 -29.12 -33.75 -7.57
N LEU B 101 -27.99 -33.99 -6.89
CA LEU B 101 -26.67 -34.04 -7.50
C LEU B 101 -26.73 -35.27 -8.39
N MET B 102 -26.93 -36.42 -7.72
CA MET B 102 -27.00 -37.77 -8.33
C MET B 102 -27.90 -37.93 -9.55
N ASN B 103 -28.31 -36.83 -10.14
CA ASN B 103 -29.16 -36.90 -11.32
C ASN B 103 -29.79 -35.54 -11.53
N ASP B 104 -31.07 -35.59 -11.93
CA ASP B 104 -31.85 -34.42 -12.18
C ASP B 104 -30.82 -33.39 -12.61
N ASP B 105 -30.12 -33.74 -13.68
CA ASP B 105 -29.11 -32.85 -14.21
C ASP B 105 -29.83 -31.59 -14.62
N SER B 106 -31.15 -31.64 -14.47
CA SER B 106 -32.03 -30.52 -14.76
C SER B 106 -31.83 -29.53 -13.62
N ILE B 107 -31.43 -30.05 -12.48
CA ILE B 107 -31.16 -29.25 -11.29
C ILE B 107 -29.70 -28.80 -11.31
N GLU B 108 -29.49 -27.51 -11.56
CA GLU B 108 -28.13 -26.97 -11.62
C GLU B 108 -27.44 -26.76 -10.29
N ASN B 109 -28.15 -26.14 -9.34
CA ASN B 109 -27.59 -25.88 -8.01
C ASN B 109 -28.57 -26.20 -6.88
N ILE B 110 -28.05 -26.39 -5.67
CA ILE B 110 -28.87 -26.73 -4.53
C ILE B 110 -28.72 -25.70 -3.41
N PHE B 111 -29.84 -25.33 -2.81
CA PHE B 111 -29.88 -24.36 -1.74
C PHE B 111 -30.62 -24.89 -0.53
N VAL B 112 -29.96 -24.87 0.63
CA VAL B 112 -30.59 -25.34 1.85
C VAL B 112 -31.28 -24.08 2.38
N CYS B 113 -32.58 -24.00 2.15
CA CYS B 113 -33.34 -22.82 2.51
C CYS B 113 -34.00 -22.70 3.85
N GLY B 114 -33.57 -23.43 4.85
CA GLY B 114 -34.22 -23.17 6.09
C GLY B 114 -34.85 -24.24 6.94
N GLY B 115 -34.90 -23.87 8.21
CA GLY B 115 -35.43 -24.70 9.25
C GLY B 115 -34.22 -24.91 10.14
N GLU B 116 -34.28 -24.41 11.37
CA GLU B 116 -33.17 -24.59 12.28
C GLU B 116 -32.74 -26.05 12.19
N SER B 117 -33.71 -26.94 12.17
CA SER B 117 -33.44 -28.36 12.11
C SER B 117 -32.74 -28.75 10.81
N ILE B 118 -33.26 -28.28 9.70
CA ILE B 118 -32.68 -28.61 8.41
C ILE B 118 -31.31 -27.98 8.26
N TYR B 119 -31.14 -26.77 8.81
CA TYR B 119 -29.84 -26.12 8.73
C TYR B 119 -28.83 -26.95 9.49
N ARG B 120 -29.16 -27.20 10.76
CA ARG B 120 -28.32 -27.97 11.67
C ARG B 120 -27.90 -29.33 11.09
N ASP B 121 -28.85 -30.03 10.48
CA ASP B 121 -28.54 -31.33 9.88
C ASP B 121 -27.66 -31.19 8.66
N ALA B 122 -27.91 -30.17 7.85
CA ALA B 122 -27.11 -29.96 6.64
C ALA B 122 -25.65 -29.78 7.03
N LEU B 123 -25.40 -28.97 8.06
CA LEU B 123 -24.04 -28.75 8.52
C LEU B 123 -23.44 -30.00 9.16
N LYS B 124 -24.17 -30.60 10.10
CA LYS B 124 -23.71 -31.81 10.79
C LYS B 124 -23.24 -32.93 9.85
N ASP B 125 -23.95 -33.13 8.75
CA ASP B 125 -23.60 -34.19 7.81
C ASP B 125 -22.67 -33.67 6.72
N ASN B 126 -22.15 -32.47 6.92
CA ASN B 126 -21.23 -31.84 5.97
C ASN B 126 -21.73 -31.81 4.53
N PHE B 127 -23.02 -31.52 4.35
CA PHE B 127 -23.63 -31.47 3.03
C PHE B 127 -23.46 -30.12 2.34
N VAL B 128 -23.16 -29.09 3.11
CA VAL B 128 -23.06 -27.76 2.52
C VAL B 128 -21.67 -27.21 2.21
N ASP B 129 -21.60 -26.58 1.04
CA ASP B 129 -20.39 -25.97 0.51
C ASP B 129 -20.27 -24.49 0.88
N ARG B 130 -21.39 -23.77 0.80
CA ARG B 130 -21.41 -22.34 1.07
C ARG B 130 -22.54 -21.88 1.98
N ILE B 131 -22.36 -20.72 2.58
CA ILE B 131 -23.35 -20.14 3.46
C ILE B 131 -23.53 -18.67 3.11
N TYR B 132 -24.76 -18.29 2.71
CA TYR B 132 -25.09 -16.91 2.41
C TYR B 132 -25.81 -16.44 3.66
N LEU B 133 -25.14 -15.62 4.45
CA LEU B 133 -25.71 -15.16 5.70
C LEU B 133 -26.05 -13.69 5.76
N THR B 134 -27.33 -13.39 5.94
CA THR B 134 -27.74 -12.01 6.08
C THR B 134 -27.79 -11.74 7.58
N ARG B 135 -26.96 -10.82 8.04
CA ARG B 135 -26.92 -10.49 9.45
C ARG B 135 -27.86 -9.34 9.70
N VAL B 136 -28.86 -9.57 10.55
CA VAL B 136 -29.84 -8.54 10.87
C VAL B 136 -29.50 -7.96 12.23
N ALA B 137 -29.51 -6.64 12.31
CA ALA B 137 -29.16 -5.95 13.53
C ALA B 137 -30.27 -5.60 14.52
N LEU B 138 -30.98 -6.59 15.04
CA LEU B 138 -31.98 -6.33 16.06
C LEU B 138 -31.95 -7.57 16.94
N GLU B 139 -31.48 -7.36 18.18
CA GLU B 139 -31.27 -8.44 19.10
C GLU B 139 -32.10 -8.49 20.38
N ASP B 140 -33.01 -7.56 20.60
CA ASP B 140 -33.80 -7.67 21.81
C ASP B 140 -35.25 -7.88 21.54
N ILE B 141 -35.51 -8.99 20.85
CA ILE B 141 -36.85 -9.39 20.47
C ILE B 141 -36.91 -10.89 20.69
N GLU B 142 -38.10 -11.46 20.76
CA GLU B 142 -38.21 -12.88 21.00
C GLU B 142 -37.79 -13.71 19.79
N PHE B 143 -37.16 -14.84 20.05
CA PHE B 143 -36.72 -15.77 19.03
C PHE B 143 -37.02 -17.17 19.54
N ASP B 144 -37.40 -18.07 18.65
CA ASP B 144 -37.62 -19.44 19.08
C ASP B 144 -36.89 -20.40 18.15
N THR B 145 -36.35 -19.84 17.07
CA THR B 145 -35.60 -20.64 16.11
C THR B 145 -34.25 -19.97 15.87
N TYR B 146 -33.19 -20.77 15.75
CA TYR B 146 -31.86 -20.23 15.56
C TYR B 146 -31.06 -20.87 14.43
N PHE B 147 -30.02 -20.17 14.01
CA PHE B 147 -29.11 -20.70 12.98
C PHE B 147 -27.93 -21.24 13.79
N PRO B 148 -27.58 -22.52 13.60
CA PRO B 148 -26.46 -23.07 14.34
C PRO B 148 -25.17 -22.31 14.12
N GLU B 149 -24.19 -22.50 15.01
CA GLU B 149 -22.90 -21.83 14.85
C GLU B 149 -22.19 -22.41 13.63
N ILE B 150 -21.59 -21.53 12.82
CA ILE B 150 -20.89 -21.99 11.63
C ILE B 150 -19.65 -22.78 11.98
N PRO B 151 -19.59 -24.05 11.56
CA PRO B 151 -18.45 -24.91 11.84
C PRO B 151 -17.15 -24.29 11.36
N GLU B 152 -16.05 -24.61 12.04
CA GLU B 152 -14.74 -24.06 11.69
C GLU B 152 -14.23 -24.37 10.28
N THR B 153 -14.81 -25.35 9.62
CA THR B 153 -14.37 -25.67 8.27
C THR B 153 -14.79 -24.55 7.31
N PHE B 154 -15.62 -23.65 7.82
CA PHE B 154 -16.12 -22.52 7.04
C PHE B 154 -15.40 -21.23 7.38
N LEU B 155 -15.12 -20.43 6.36
CA LEU B 155 -14.47 -19.17 6.56
C LEU B 155 -15.13 -18.11 5.71
N PRO B 156 -15.23 -16.89 6.23
CA PRO B 156 -15.84 -15.75 5.56
C PRO B 156 -14.95 -15.22 4.43
N VAL B 157 -15.53 -15.03 3.26
CA VAL B 157 -14.76 -14.54 2.13
C VAL B 157 -15.30 -13.20 1.64
N TYR B 158 -16.44 -12.79 2.14
CA TYR B 158 -17.06 -11.54 1.73
C TYR B 158 -17.99 -11.00 2.80
N MET B 159 -17.96 -9.68 2.99
CA MET B 159 -18.81 -9.00 3.96
C MET B 159 -19.22 -7.66 3.36
N SER B 160 -20.48 -7.54 2.98
CA SER B 160 -20.99 -6.33 2.36
C SER B 160 -20.99 -5.12 3.30
N GLN B 161 -21.29 -3.98 2.73
CA GLN B 161 -21.40 -2.74 3.49
C GLN B 161 -22.70 -2.92 4.26
N THR B 162 -23.01 -1.99 5.14
CA THR B 162 -24.24 -2.08 5.89
C THR B 162 -25.39 -1.38 5.16
N PHE B 163 -26.57 -1.97 5.20
CA PHE B 163 -27.74 -1.38 4.56
C PHE B 163 -28.82 -1.13 5.60
N CYS B 164 -29.73 -0.20 5.32
CA CYS B 164 -30.83 0.15 6.23
C CYS B 164 -32.20 -0.13 5.60
N THR B 165 -33.15 -0.48 6.44
CA THR B 165 -34.51 -0.76 6.04
C THR B 165 -35.33 -0.58 7.30
N LYS B 166 -36.11 0.49 7.36
CA LYS B 166 -36.92 0.78 8.52
C LYS B 166 -36.02 0.97 9.73
N ASN B 167 -34.84 1.49 9.48
CA ASN B 167 -33.84 1.76 10.51
C ASN B 167 -33.16 0.52 11.06
N ILE B 168 -33.40 -0.62 10.42
CA ILE B 168 -32.77 -1.86 10.83
C ILE B 168 -31.52 -2.02 9.97
N SER B 169 -30.38 -2.24 10.61
CA SER B 169 -29.14 -2.40 9.88
C SER B 169 -28.92 -3.87 9.57
N TYR B 170 -28.23 -4.16 8.47
CA TYR B 170 -27.93 -5.53 8.13
C TYR B 170 -26.81 -5.70 7.11
N ASP B 171 -26.18 -6.87 7.16
CA ASP B 171 -25.07 -7.24 6.29
C ASP B 171 -25.46 -8.39 5.40
N PHE B 172 -24.51 -8.73 4.54
CA PHE B 172 -24.62 -9.83 3.62
C PHE B 172 -23.20 -10.35 3.55
N MET B 173 -22.96 -11.55 4.05
CA MET B 173 -21.63 -12.09 3.96
C MET B 173 -21.70 -13.56 3.61
N ILE B 174 -20.75 -14.04 2.83
CA ILE B 174 -20.76 -15.44 2.45
C ILE B 174 -19.56 -16.20 2.94
N PHE B 175 -19.83 -17.36 3.51
CA PHE B 175 -18.79 -18.23 4.04
C PHE B 175 -18.58 -19.38 3.10
N GLU B 176 -17.32 -19.70 2.83
CA GLU B 176 -17.02 -20.81 1.97
C GLU B 176 -16.28 -21.84 2.80
N LYS B 177 -16.55 -23.11 2.51
CA LYS B 177 -15.92 -24.18 3.25
C LYS B 177 -14.57 -24.52 2.66
N GLN B 178 -13.64 -23.59 2.78
CA GLN B 178 -12.31 -23.83 2.26
C GLN B 178 -11.50 -24.50 3.37
N GLU B 179 -10.59 -25.38 2.97
CA GLU B 179 -9.74 -26.14 3.88
C GLU B 179 -8.34 -26.37 3.26
N LYS B 180 -8.32 -26.73 1.98
CA LYS B 180 -7.08 -26.97 1.22
C LYS B 180 -6.16 -25.72 1.12
N LYS B 181 -4.92 -25.95 0.64
CA LYS B 181 -3.92 -24.88 0.47
C LYS B 181 -3.34 -24.35 1.80
N THR B 182 -2.04 -24.06 1.76
CA THR B 182 -1.28 -23.58 2.91
C THR B 182 -1.51 -22.11 3.32
N LEU B 183 -0.40 -21.34 3.41
CA LEU B 183 -0.38 -19.93 3.82
C LEU B 183 -1.24 -18.96 2.99
N GLN B 184 -0.76 -18.68 1.77
CA GLN B 184 -1.43 -17.75 0.85
C GLN B 184 -1.10 -16.30 1.25
N ASN B 185 -0.97 -15.43 0.25
CA ASN B 185 -0.64 -14.03 0.50
C ASN B 185 -1.93 -13.22 0.67
N CYS B 186 -1.97 -12.41 1.72
CA CYS B 186 -3.16 -11.61 1.97
C CYS B 186 -3.39 -10.52 0.92
N ASP B 187 -2.31 -10.01 0.34
CA ASP B 187 -2.46 -8.98 -0.68
C ASP B 187 -3.27 -9.51 -1.87
N PRO B 188 -4.39 -8.84 -2.19
CA PRO B 188 -5.26 -9.23 -3.31
C PRO B 188 -4.70 -8.88 -4.69
N ALA B 189 -3.56 -8.21 -4.72
CA ALA B 189 -2.95 -7.85 -5.99
C ALA B 189 -2.09 -8.97 -6.52
N ARG B 190 -1.57 -9.78 -5.62
CA ARG B 190 -0.72 -10.88 -6.02
C ARG B 190 -1.55 -12.08 -6.39
N GLY B 191 -0.89 -13.06 -7.00
CA GLY B 191 -1.57 -14.27 -7.41
C GLY B 191 -2.33 -14.14 -8.72
N GLN B 192 -2.30 -12.95 -9.33
CA GLN B 192 -3.02 -12.76 -10.59
C GLN B 192 -2.27 -13.40 -11.75
N LEU B 193 -0.95 -13.33 -11.72
CA LEU B 193 -0.10 -13.97 -12.71
C LEU B 193 1.34 -13.91 -12.22
N LYS B 194 1.95 -15.08 -12.09
CA LYS B 194 3.31 -15.19 -11.59
C LYS B 194 4.31 -14.23 -12.19
N SER B 195 4.26 -14.04 -13.50
CA SER B 195 5.19 -13.13 -14.16
C SER B 195 5.27 -11.80 -13.40
N ILE B 196 4.12 -11.20 -13.09
CA ILE B 196 4.14 -9.94 -12.38
C ILE B 196 4.70 -10.12 -10.97
N ASP B 197 4.10 -11.02 -10.20
CA ASP B 197 4.55 -11.27 -8.84
C ASP B 197 6.07 -11.50 -8.77
N ASP B 198 6.57 -12.40 -9.60
CA ASP B 198 8.00 -12.68 -9.61
C ASP B 198 8.82 -11.43 -9.88
N THR B 199 8.47 -10.71 -10.94
CA THR B 199 9.19 -9.50 -11.32
C THR B 199 9.23 -8.48 -10.20
N VAL B 200 8.09 -8.18 -9.61
CA VAL B 200 8.03 -7.20 -8.54
C VAL B 200 8.88 -7.65 -7.35
N ASP B 201 8.87 -8.94 -7.06
CA ASP B 201 9.64 -9.46 -5.95
C ASP B 201 11.12 -9.25 -6.24
N LEU B 202 11.55 -9.67 -7.42
CA LEU B 202 12.93 -9.52 -7.83
C LEU B 202 13.33 -8.06 -7.82
N LEU B 203 12.50 -7.24 -8.45
CA LEU B 203 12.74 -5.81 -8.54
C LEU B 203 12.83 -5.25 -7.14
N GLY B 204 12.14 -5.89 -6.21
CA GLY B 204 12.15 -5.45 -4.83
C GLY B 204 13.42 -5.82 -4.08
N GLU B 205 14.17 -6.79 -4.61
CA GLU B 205 15.43 -7.21 -3.98
C GLU B 205 16.51 -6.29 -4.46
N ILE B 206 16.54 -6.05 -5.76
CA ILE B 206 17.52 -5.17 -6.35
C ILE B 206 17.45 -3.81 -5.66
N PHE B 207 16.32 -3.13 -5.83
CA PHE B 207 16.12 -1.83 -5.18
C PHE B 207 15.60 -2.25 -3.84
N GLY B 208 15.61 -1.38 -2.86
CA GLY B 208 15.10 -1.85 -1.59
C GLY B 208 13.98 -0.97 -1.15
N ILE B 209 14.35 -0.01 -0.31
CA ILE B 209 13.45 0.96 0.22
C ILE B 209 13.29 1.96 -0.92
N ARG B 210 14.07 1.75 -1.97
CA ARG B 210 14.03 2.62 -3.13
C ARG B 210 12.76 2.40 -3.93
N LYS B 211 12.28 1.16 -3.93
CA LYS B 211 11.05 0.85 -4.64
C LYS B 211 9.95 1.22 -3.66
N MET B 212 9.17 2.24 -3.99
CA MET B 212 8.12 2.72 -3.10
C MET B 212 7.25 1.61 -2.54
N GLY B 213 6.96 0.63 -3.37
CA GLY B 213 6.15 -0.49 -2.91
C GLY B 213 6.68 -1.10 -1.63
N ASN B 214 8.00 -1.22 -1.52
CA ASN B 214 8.59 -1.79 -0.31
C ASN B 214 8.41 -0.87 0.89
N ARG B 215 7.98 0.35 0.64
CA ARG B 215 7.74 1.31 1.71
C ARG B 215 6.28 1.22 2.16
N HIS B 216 5.47 0.51 1.38
CA HIS B 216 4.06 0.31 1.66
C HIS B 216 3.76 -1.17 1.58
N LYS B 217 4.41 -1.96 2.44
CA LYS B 217 4.21 -3.40 2.45
C LYS B 217 2.81 -3.77 2.90
N PHE B 218 2.21 -4.74 2.22
CA PHE B 218 0.88 -5.18 2.57
C PHE B 218 0.93 -5.89 3.91
N PRO B 219 -0.07 -5.66 4.77
CA PRO B 219 -0.13 -6.26 6.10
C PRO B 219 0.02 -7.78 6.14
N LYS B 220 0.71 -8.25 7.19
CA LYS B 220 0.93 -9.67 7.41
C LYS B 220 -0.34 -10.26 8.01
N GLU B 221 -0.66 -11.48 7.62
CA GLU B 221 -1.86 -12.16 8.09
C GLU B 221 -2.11 -11.99 9.59
N GLU B 222 -1.09 -12.22 10.41
CA GLU B 222 -1.26 -12.12 11.85
C GLU B 222 -1.74 -10.77 12.36
N ILE B 223 -1.65 -9.73 11.53
CA ILE B 223 -2.13 -8.40 11.96
C ILE B 223 -3.23 -7.88 11.04
N TYR B 224 -3.77 -8.77 10.22
CA TYR B 224 -4.84 -8.44 9.28
C TYR B 224 -6.16 -8.96 9.85
N ASN B 225 -7.13 -8.07 10.00
CA ASN B 225 -8.44 -8.47 10.53
C ASN B 225 -9.16 -9.44 9.59
N THR B 226 -9.87 -10.41 10.15
CA THR B 226 -10.60 -11.42 9.36
C THR B 226 -9.92 -11.67 8.02
N PRO B 227 -8.69 -12.23 8.04
CA PRO B 227 -7.84 -12.56 6.90
C PRO B 227 -8.49 -13.30 5.74
N SER B 228 -9.44 -14.19 6.03
CA SER B 228 -10.10 -14.97 4.98
C SER B 228 -10.84 -14.12 3.97
N ILE B 229 -11.32 -12.96 4.38
CA ILE B 229 -12.01 -12.08 3.44
C ILE B 229 -10.89 -11.31 2.77
N ARG B 230 -10.50 -11.83 1.62
CA ARG B 230 -9.40 -11.26 0.87
C ARG B 230 -9.86 -10.36 -0.24
N PHE B 231 -10.90 -10.76 -0.95
CA PHE B 231 -11.39 -9.93 -2.04
C PHE B 231 -12.79 -9.38 -1.80
N GLY B 232 -13.27 -9.48 -0.56
CA GLY B 232 -14.60 -8.99 -0.30
C GLY B 232 -14.70 -8.13 0.93
N ARG B 233 -13.66 -7.36 1.23
CA ARG B 233 -13.68 -6.51 2.40
C ARG B 233 -14.46 -5.24 2.09
N GLU B 234 -15.76 -5.41 1.86
CA GLU B 234 -16.67 -4.34 1.51
C GLU B 234 -17.15 -3.48 2.67
N HIS B 235 -17.35 -4.12 3.83
CA HIS B 235 -17.80 -3.38 5.01
C HIS B 235 -16.83 -2.23 5.22
N TYR B 236 -17.34 -1.02 5.37
CA TYR B 236 -16.42 0.09 5.55
C TYR B 236 -15.68 0.16 6.87
N GLU B 237 -15.89 -0.79 7.79
CA GLU B 237 -15.13 -0.70 9.03
C GLU B 237 -13.71 -1.20 8.75
N PHE B 238 -13.53 -1.84 7.61
CA PHE B 238 -12.21 -2.33 7.23
C PHE B 238 -11.35 -1.16 6.80
N GLN B 239 -11.98 -0.02 6.54
CA GLN B 239 -11.25 1.16 6.15
C GLN B 239 -10.40 1.56 7.34
N TYR B 240 -10.94 1.36 8.52
CA TYR B 240 -10.24 1.68 9.75
C TYR B 240 -9.37 0.51 10.18
N LEU B 241 -9.95 -0.68 10.27
CA LEU B 241 -9.18 -1.84 10.68
C LEU B 241 -7.91 -2.04 9.84
N ASP B 242 -8.01 -1.79 8.55
CA ASP B 242 -6.85 -1.96 7.69
C ASP B 242 -5.81 -0.87 7.87
N LEU B 243 -6.26 0.37 8.05
CA LEU B 243 -5.34 1.48 8.27
C LEU B 243 -4.57 1.12 9.55
N LEU B 244 -5.26 0.43 10.43
CA LEU B 244 -4.69 0.01 11.69
C LEU B 244 -3.55 -0.96 11.43
N SER B 245 -3.84 -2.03 10.72
CA SER B 245 -2.81 -3.02 10.44
C SER B 245 -1.78 -2.52 9.45
N ARG B 246 -2.14 -1.50 8.69
CA ARG B 246 -1.22 -0.96 7.71
C ARG B 246 -0.09 -0.19 8.39
N VAL B 247 -0.36 0.48 9.50
CA VAL B 247 0.71 1.20 10.18
C VAL B 247 1.43 0.18 11.03
N LEU B 248 0.68 -0.79 11.53
CA LEU B 248 1.25 -1.84 12.34
C LEU B 248 2.29 -2.58 11.52
N GLU B 249 2.15 -2.50 10.20
CA GLU B 249 3.09 -3.17 9.32
C GLU B 249 4.26 -2.29 8.89
N ASN B 250 3.99 -1.02 8.58
CA ASN B 250 5.05 -0.12 8.13
C ASN B 250 5.40 1.04 9.06
N GLY B 251 4.56 1.28 10.05
CA GLY B 251 4.81 2.36 10.98
C GLY B 251 6.22 2.46 11.51
N ALA B 252 6.85 3.62 11.31
CA ALA B 252 8.21 3.85 11.78
C ALA B 252 8.17 4.25 13.24
N TYR B 253 9.00 3.61 14.05
CA TYR B 253 9.05 3.92 15.49
C TYR B 253 9.63 5.29 15.67
N ARG B 254 8.85 6.20 16.25
CA ARG B 254 9.32 7.55 16.45
C ARG B 254 8.75 8.29 17.66
N GLU B 255 9.61 9.08 18.28
CA GLU B 255 9.30 9.88 19.46
C GLU B 255 8.47 11.13 19.11
N ASN B 256 7.79 11.70 20.10
CA ASN B 256 6.97 12.90 19.90
C ASN B 256 6.89 13.69 21.19
N ARG B 257 6.17 14.82 21.17
CA ARG B 257 6.01 15.68 22.35
C ARG B 257 5.55 14.99 23.66
N THR B 258 4.80 13.89 23.58
CA THR B 258 4.40 13.21 24.81
C THR B 258 5.53 12.24 25.07
N GLY B 259 5.49 11.53 26.20
CA GLY B 259 6.58 10.59 26.46
C GLY B 259 6.42 9.25 25.78
N ILE B 260 5.22 8.99 25.27
CA ILE B 260 4.92 7.73 24.61
C ILE B 260 5.22 7.78 23.13
N SER B 261 6.11 6.92 22.67
CA SER B 261 6.45 6.91 21.26
C SER B 261 5.31 6.27 20.46
N THR B 262 5.37 6.40 19.15
CA THR B 262 4.36 5.84 18.27
C THR B 262 4.98 5.17 17.04
N TYR B 263 4.14 4.51 16.27
CA TYR B 263 4.59 3.88 15.04
C TYR B 263 3.74 4.61 14.03
N SER B 264 4.38 5.31 13.08
CA SER B 264 3.59 6.07 12.12
C SER B 264 3.96 6.00 10.66
N ILE B 265 2.98 6.31 9.84
CA ILE B 265 3.12 6.36 8.40
C ILE B 265 2.47 7.69 8.04
N PHE B 266 2.84 8.26 6.90
CA PHE B 266 2.31 9.56 6.50
C PHE B 266 1.43 9.57 5.24
N GLY B 267 0.28 10.24 5.32
CA GLY B 267 -0.62 10.32 4.19
C GLY B 267 -1.47 9.09 3.96
N GLN B 268 -2.61 9.02 4.63
CA GLN B 268 -3.54 7.88 4.51
C GLN B 268 -4.96 8.40 4.34
N MET B 269 -5.90 7.51 4.02
CA MET B 269 -7.29 7.93 3.86
C MET B 269 -8.25 6.80 4.18
N MET B 270 -9.47 7.17 4.57
CA MET B 270 -10.52 6.21 4.89
C MET B 270 -11.83 6.77 4.31
N ARG B 271 -12.70 5.87 3.87
CA ARG B 271 -13.99 6.27 3.31
C ARG B 271 -15.10 5.64 4.11
N PHE B 272 -16.22 6.36 4.23
CA PHE B 272 -17.34 5.84 4.97
C PHE B 272 -18.66 6.26 4.34
N ASP B 273 -19.55 5.30 4.15
CA ASP B 273 -20.85 5.62 3.62
C ASP B 273 -21.66 6.12 4.81
N MET B 274 -22.62 7.00 4.54
CA MET B 274 -23.47 7.51 5.59
C MET B 274 -24.93 7.45 5.15
N ARG B 275 -25.15 7.01 3.92
CA ARG B 275 -26.50 6.91 3.40
C ARG B 275 -27.25 5.74 4.04
N GLU B 276 -26.61 4.58 4.08
CA GLU B 276 -27.23 3.39 4.64
C GLU B 276 -26.85 3.02 6.07
N SER B 277 -25.93 3.76 6.70
CA SER B 277 -25.55 3.46 8.07
C SER B 277 -24.67 4.52 8.68
N PHE B 278 -24.42 4.40 9.98
CA PHE B 278 -23.58 5.34 10.71
C PHE B 278 -22.27 4.67 11.06
N PRO B 279 -21.15 5.27 10.66
CA PRO B 279 -19.82 4.72 10.92
C PRO B 279 -19.34 4.70 12.37
N LEU B 280 -20.03 3.96 13.23
CA LEU B 280 -19.61 3.86 14.62
C LEU B 280 -19.00 2.47 14.78
N LEU B 281 -17.67 2.40 14.76
CA LEU B 281 -16.93 1.13 14.90
C LEU B 281 -17.63 0.10 15.77
N THR B 282 -17.66 -1.15 15.31
CA THR B 282 -18.32 -2.19 16.08
C THR B 282 -17.34 -3.05 16.84
N THR B 283 -16.11 -3.14 16.33
CA THR B 283 -15.09 -3.97 16.96
C THR B 283 -14.62 -3.49 18.33
N LYS B 284 -15.32 -2.49 18.88
CA LYS B 284 -14.99 -1.91 20.16
C LYS B 284 -16.13 -0.98 20.51
N LYS B 285 -16.68 -1.07 21.72
CA LYS B 285 -17.77 -0.16 22.07
C LYS B 285 -17.19 1.26 22.07
N VAL B 286 -17.84 2.18 21.36
CA VAL B 286 -17.36 3.55 21.29
C VAL B 286 -18.24 4.51 22.11
N ALA B 287 -17.59 5.40 22.87
CA ALA B 287 -18.28 6.37 23.71
C ALA B 287 -18.92 7.49 22.89
N ILE B 288 -20.01 7.15 22.21
CA ILE B 288 -20.74 8.09 21.38
C ILE B 288 -21.26 9.35 22.10
N ARG B 289 -21.75 9.23 23.32
CA ARG B 289 -22.25 10.40 24.02
C ARG B 289 -21.18 11.47 24.19
N SER B 290 -20.02 11.07 24.69
CA SER B 290 -18.91 12.00 24.89
C SER B 290 -18.64 12.70 23.55
N ILE B 291 -18.59 11.91 22.49
CA ILE B 291 -18.35 12.44 21.15
C ILE B 291 -19.32 13.57 20.87
N PHE B 292 -20.60 13.25 20.96
CA PHE B 292 -21.66 14.21 20.71
C PHE B 292 -21.49 15.48 21.51
N GLU B 293 -21.42 15.35 22.82
CA GLU B 293 -21.28 16.50 23.68
C GLU B 293 -20.08 17.38 23.32
N GLU B 294 -19.04 16.79 22.72
CA GLU B 294 -17.87 17.56 22.31
C GLU B 294 -18.19 18.33 21.05
N LEU B 295 -19.03 17.73 20.21
CA LEU B 295 -19.41 18.33 18.94
C LEU B 295 -20.25 19.59 19.09
N ILE B 296 -21.37 19.53 19.82
CA ILE B 296 -22.18 20.74 19.97
C ILE B 296 -21.35 21.77 20.67
N TRP B 297 -20.47 21.31 21.55
CA TRP B 297 -19.58 22.19 22.28
C TRP B 297 -18.81 23.02 21.24
N PHE B 298 -18.28 22.33 20.24
CA PHE B 298 -17.56 23.02 19.18
C PHE B 298 -18.54 23.94 18.48
N ILE B 299 -19.63 23.37 17.98
CA ILE B 299 -20.65 24.12 17.27
C ILE B 299 -21.03 25.42 17.97
N LYS B 300 -21.20 25.35 19.28
CA LYS B 300 -21.57 26.52 20.08
C LYS B 300 -20.47 27.58 20.05
N GLY B 301 -19.23 27.15 19.86
CA GLY B 301 -18.10 28.08 19.83
C GLY B 301 -17.49 28.12 21.21
N ASP B 302 -17.88 27.17 22.03
CA ASP B 302 -17.41 27.07 23.41
C ASP B 302 -15.98 26.57 23.51
N THR B 303 -15.26 27.10 24.49
CA THR B 303 -13.87 26.72 24.70
C THR B 303 -13.62 26.46 26.17
N ASN B 304 -14.67 26.58 26.98
CA ASN B 304 -14.56 26.35 28.42
C ASN B 304 -14.66 24.87 28.73
N GLY B 305 -13.51 24.23 28.94
CA GLY B 305 -13.45 22.80 29.22
C GLY B 305 -14.23 22.26 30.40
N ASN B 306 -14.74 23.16 31.24
CA ASN B 306 -15.50 22.76 32.41
C ASN B 306 -16.86 22.23 31.98
N HIS B 307 -17.49 22.92 31.05
CA HIS B 307 -18.78 22.51 30.55
C HIS B 307 -18.81 21.05 30.12
N LEU B 308 -17.70 20.57 29.55
CA LEU B 308 -17.62 19.17 29.16
C LEU B 308 -17.54 18.34 30.43
N ILE B 309 -16.64 18.73 31.32
CA ILE B 309 -16.44 18.01 32.59
C ILE B 309 -17.77 17.97 33.35
N GLU B 310 -18.51 19.07 33.30
CA GLU B 310 -19.79 19.18 33.97
C GLU B 310 -20.77 18.13 33.45
N LYS B 311 -20.71 17.84 32.16
CA LYS B 311 -21.58 16.84 31.57
C LYS B 311 -20.84 15.50 31.57
N LYS B 312 -19.88 15.37 32.49
CA LYS B 312 -19.10 14.15 32.61
C LYS B 312 -18.40 13.68 31.33
N VAL B 313 -17.75 14.62 30.63
CA VAL B 313 -17.00 14.34 29.41
C VAL B 313 -15.62 14.87 29.73
N TYR B 314 -14.67 13.95 29.85
CA TYR B 314 -13.32 14.33 30.25
C TYR B 314 -12.20 14.28 29.20
N ILE B 315 -12.55 14.07 27.95
CA ILE B 315 -11.52 13.99 26.93
C ILE B 315 -10.55 15.18 26.91
N TRP B 316 -11.03 16.37 27.27
CA TRP B 316 -10.17 17.55 27.26
C TRP B 316 -9.59 17.92 28.62
N SER B 317 -9.70 17.02 29.58
CA SER B 317 -9.17 17.28 30.92
C SER B 317 -7.65 17.35 30.85
N GLY B 318 -7.07 16.27 30.35
CA GLY B 318 -5.63 16.21 30.25
C GLY B 318 -5.01 17.47 29.68
N ASN B 319 -5.32 17.75 28.41
CA ASN B 319 -4.77 18.91 27.74
C ASN B 319 -5.33 20.22 28.30
N GLY B 320 -6.09 20.14 29.38
CA GLY B 320 -6.66 21.33 29.99
C GLY B 320 -6.23 21.62 31.42
N SER B 321 -5.54 20.68 32.07
CA SER B 321 -5.10 20.87 33.46
C SER B 321 -4.16 22.04 33.69
N LYS B 322 -4.02 22.44 34.95
CA LYS B 322 -3.18 23.57 35.35
C LYS B 322 -1.71 23.30 35.03
N GLU B 323 -1.27 22.08 35.31
CA GLU B 323 0.11 21.68 35.09
C GLU B 323 0.45 21.61 33.62
N TYR B 324 -0.52 21.20 32.81
CA TYR B 324 -0.27 21.11 31.37
C TYR B 324 -0.14 22.52 30.78
N LEU B 325 -1.06 23.41 31.19
CA LEU B 325 -1.05 24.77 30.71
C LEU B 325 0.26 25.45 31.11
N GLU B 326 0.66 25.25 32.38
CA GLU B 326 1.91 25.80 32.92
C GLU B 326 3.05 25.33 32.03
N ARG B 327 3.08 24.01 31.84
CA ARG B 327 4.08 23.34 31.02
C ARG B 327 4.20 23.92 29.61
N ILE B 328 3.09 24.33 29.02
CA ILE B 328 3.19 24.88 27.67
C ILE B 328 3.11 26.40 27.60
N GLY B 329 3.54 27.06 28.68
CA GLY B 329 3.57 28.51 28.71
C GLY B 329 2.22 29.20 28.75
N LEU B 330 1.22 28.52 29.28
CA LEU B 330 -0.11 29.08 29.37
C LEU B 330 -0.54 29.01 30.84
N GLY B 331 0.44 29.06 31.74
CA GLY B 331 0.17 28.99 33.15
C GLY B 331 -0.68 30.13 33.69
N HIS B 332 -0.86 31.17 32.86
CA HIS B 332 -1.65 32.35 33.23
C HIS B 332 -3.13 32.05 33.03
N ARG B 333 -3.39 31.02 32.24
CA ARG B 333 -4.73 30.59 31.87
C ARG B 333 -5.46 29.90 33.03
N GLU B 334 -6.77 30.08 33.12
CA GLU B 334 -7.55 29.44 34.18
C GLU B 334 -7.62 27.94 33.95
N GLU B 335 -7.82 27.20 35.04
CA GLU B 335 -7.86 25.73 35.03
C GLU B 335 -8.32 25.00 33.76
N ASN B 336 -9.35 25.49 33.07
CA ASN B 336 -9.76 24.78 31.86
C ASN B 336 -10.05 25.64 30.63
N ASP B 337 -9.46 26.83 30.58
CA ASP B 337 -9.64 27.74 29.45
C ASP B 337 -8.69 27.29 28.35
N LEU B 338 -9.15 26.36 27.54
CA LEU B 338 -8.34 25.79 26.46
C LEU B 338 -7.86 26.75 25.37
N GLY B 339 -8.43 27.95 25.30
CA GLY B 339 -7.98 28.90 24.30
C GLY B 339 -8.79 28.91 23.02
N PRO B 340 -8.32 29.64 21.98
CA PRO B 340 -9.00 29.75 20.69
C PRO B 340 -8.94 28.44 19.91
N ILE B 341 -9.37 27.35 20.52
CA ILE B 341 -9.35 26.06 19.86
C ILE B 341 -10.53 25.87 18.93
N TYR B 342 -10.76 24.63 18.47
CA TYR B 342 -11.88 24.35 17.56
C TYR B 342 -13.14 25.01 18.12
N GLY B 343 -14.03 25.44 17.26
CA GLY B 343 -15.23 26.05 17.80
C GLY B 343 -15.00 27.53 17.86
N PHE B 344 -13.99 27.96 18.60
CA PHE B 344 -13.72 29.38 18.66
C PHE B 344 -13.35 29.77 17.25
N GLN B 345 -12.54 28.93 16.60
CA GLN B 345 -12.14 29.22 15.25
C GLN B 345 -13.30 28.99 14.31
N TRP B 346 -14.23 28.12 14.71
CA TRP B 346 -15.41 27.81 13.90
C TRP B 346 -16.44 28.94 13.87
N ARG B 347 -16.68 29.53 15.04
CA ARG B 347 -17.66 30.61 15.12
C ARG B 347 -17.03 32.00 15.20
N HIS B 348 -15.74 32.06 15.55
CA HIS B 348 -15.04 33.34 15.68
C HIS B 348 -13.65 33.29 15.08
N TYR B 349 -13.54 32.91 13.81
CA TYR B 349 -12.21 32.84 13.19
C TYR B 349 -11.50 34.18 13.28
N ASN B 350 -10.23 34.14 13.68
CA ASN B 350 -9.39 35.33 13.81
C ASN B 350 -9.80 36.26 14.91
N GLY B 351 -10.74 35.83 15.74
CA GLY B 351 -11.18 36.70 16.83
C GLY B 351 -10.07 36.87 17.84
N GLU B 352 -10.02 38.02 18.49
CA GLU B 352 -9.00 38.27 19.50
C GLU B 352 -9.48 37.63 20.79
N TYR B 353 -8.83 36.54 21.17
CA TYR B 353 -9.20 35.79 22.36
C TYR B 353 -8.68 36.38 23.66
N LYS B 354 -9.51 36.35 24.69
CA LYS B 354 -9.14 36.86 26.01
C LYS B 354 -9.22 35.65 26.91
N THR B 355 -10.40 35.36 27.43
CA THR B 355 -10.60 34.19 28.28
C THR B 355 -11.89 33.47 27.88
N MET B 356 -12.11 32.29 28.44
CA MET B 356 -13.30 31.52 28.12
C MET B 356 -14.57 32.14 28.68
N HIS B 357 -14.43 33.25 29.40
CA HIS B 357 -15.58 33.92 30.00
C HIS B 357 -16.11 35.09 29.21
N ASP B 358 -15.27 35.73 28.42
CA ASP B 358 -15.72 36.89 27.66
C ASP B 358 -16.82 36.49 26.66
N ASP B 359 -17.64 37.47 26.27
CA ASP B 359 -18.73 37.24 25.33
C ASP B 359 -18.28 37.64 23.93
N TYR B 360 -17.82 36.66 23.17
CA TYR B 360 -17.32 36.87 21.82
C TYR B 360 -18.36 37.06 20.74
N THR B 361 -19.61 37.20 21.15
CA THR B 361 -20.67 37.39 20.19
C THR B 361 -20.34 38.54 19.23
N GLY B 362 -20.36 38.25 17.93
CA GLY B 362 -20.06 39.28 16.95
C GLY B 362 -18.62 39.37 16.49
N VAL B 363 -17.69 38.83 17.27
CA VAL B 363 -16.28 38.90 16.87
C VAL B 363 -15.82 37.72 16.02
N GLY B 364 -14.85 37.98 15.14
CA GLY B 364 -14.30 36.95 14.28
C GLY B 364 -15.17 36.66 13.07
N VAL B 365 -14.86 35.59 12.35
CA VAL B 365 -15.64 35.22 11.20
C VAL B 365 -16.43 33.96 11.54
N ASP B 366 -17.75 34.02 11.39
CA ASP B 366 -18.55 32.84 11.72
C ASP B 366 -18.60 31.92 10.50
N GLN B 367 -17.62 31.03 10.41
CA GLN B 367 -17.54 30.10 9.30
C GLN B 367 -18.75 29.17 9.27
N LEU B 368 -19.05 28.59 10.43
CA LEU B 368 -20.17 27.65 10.53
C LEU B 368 -21.42 28.28 9.97
N ALA B 369 -21.69 29.52 10.36
CA ALA B 369 -22.87 30.21 9.86
C ALA B 369 -22.80 30.32 8.33
N LYS B 370 -21.71 30.85 7.81
CA LYS B 370 -21.55 31.01 6.37
C LYS B 370 -21.64 29.68 5.65
N LEU B 371 -21.01 28.66 6.23
CA LEU B 371 -21.02 27.30 5.68
C LEU B 371 -22.47 26.87 5.43
N ILE B 372 -23.29 26.93 6.47
CA ILE B 372 -24.68 26.55 6.38
C ILE B 372 -25.43 27.39 5.34
N GLU B 373 -25.13 28.68 5.30
CA GLU B 373 -25.77 29.58 4.36
C GLU B 373 -25.38 29.24 2.94
N THR B 374 -24.08 29.07 2.72
CA THR B 374 -23.55 28.74 1.40
C THR B 374 -24.07 27.38 0.97
N LEU B 375 -24.05 26.43 1.90
CA LEU B 375 -24.52 25.08 1.62
C LEU B 375 -25.92 25.04 1.04
N LYS B 376 -26.83 25.85 1.57
CA LYS B 376 -28.18 25.83 1.05
C LYS B 376 -28.49 26.84 -0.04
N ASN B 377 -27.73 27.92 -0.12
CA ASN B 377 -27.98 28.91 -1.16
C ASN B 377 -27.19 28.71 -2.44
N ASN B 378 -26.08 27.99 -2.36
CA ASN B 378 -25.25 27.74 -3.52
C ASN B 378 -24.59 26.39 -3.32
N PRO B 379 -25.39 25.32 -3.31
CA PRO B 379 -24.91 23.95 -3.11
C PRO B 379 -23.78 23.46 -4.02
N LYS B 380 -23.86 23.73 -5.32
CA LYS B 380 -22.83 23.26 -6.25
C LYS B 380 -21.52 24.05 -6.05
N ASP B 381 -21.56 25.03 -5.17
CA ASP B 381 -20.40 25.87 -4.86
C ASP B 381 -19.23 24.95 -4.52
N ARG B 382 -18.02 25.35 -4.89
CA ARG B 382 -16.84 24.55 -4.61
C ARG B 382 -15.97 25.11 -3.50
N ARG B 383 -16.55 25.94 -2.63
CA ARG B 383 -15.79 26.53 -1.55
C ARG B 383 -16.36 26.26 -0.17
N HIS B 384 -17.22 25.26 -0.05
CA HIS B 384 -17.83 24.93 1.24
C HIS B 384 -16.76 24.44 2.19
N ILE B 385 -15.95 25.36 2.71
CA ILE B 385 -14.86 25.00 3.60
C ILE B 385 -14.95 25.52 5.02
N LEU B 386 -14.38 24.74 5.94
CA LEU B 386 -14.35 25.07 7.37
C LEU B 386 -12.93 24.78 7.86
N THR B 387 -12.27 25.77 8.45
CA THR B 387 -10.92 25.56 8.92
C THR B 387 -10.70 25.92 10.36
N ALA B 388 -9.70 25.29 10.97
CA ALA B 388 -9.36 25.55 12.36
C ALA B 388 -7.88 25.86 12.45
N TRP B 389 -7.20 25.90 11.32
CA TRP B 389 -5.78 26.18 11.36
C TRP B 389 -5.50 27.66 11.17
N ASN B 390 -5.29 28.35 12.28
CA ASN B 390 -5.02 29.77 12.28
C ASN B 390 -3.59 30.01 12.77
N PRO B 391 -2.67 30.26 11.83
CA PRO B 391 -1.28 30.49 12.21
C PRO B 391 -1.12 31.51 13.33
N SER B 392 -2.05 32.46 13.41
CA SER B 392 -1.98 33.50 14.43
C SER B 392 -2.45 33.08 15.82
N ALA B 393 -3.35 32.11 15.90
CA ALA B 393 -3.87 31.68 17.18
C ALA B 393 -3.14 30.48 17.82
N LEU B 394 -2.51 29.64 17.00
CA LEU B 394 -1.82 28.46 17.49
C LEU B 394 -1.23 28.55 18.89
N SER B 395 -0.32 29.51 19.11
CA SER B 395 0.33 29.67 20.41
C SER B 395 -0.58 29.80 21.63
N GLN B 396 -1.83 30.23 21.42
CA GLN B 396 -2.77 30.39 22.53
C GLN B 396 -3.61 29.14 22.78
N MET B 397 -3.53 28.17 21.87
CA MET B 397 -4.29 26.95 22.00
C MET B 397 -3.61 25.94 22.89
N ALA B 398 -4.41 25.21 23.67
CA ALA B 398 -3.88 24.20 24.55
C ALA B 398 -3.34 23.08 23.69
N LEU B 399 -3.94 22.94 22.51
CA LEU B 399 -3.54 21.91 21.58
C LEU B 399 -3.83 22.37 20.17
N PRO B 400 -2.84 22.25 19.26
CA PRO B 400 -3.06 22.67 17.87
C PRO B 400 -4.15 21.80 17.23
N PRO B 401 -4.95 22.37 16.35
CA PRO B 401 -6.02 21.61 15.70
C PRO B 401 -5.56 20.31 15.02
N CYS B 402 -6.15 19.19 15.41
CA CYS B 402 -5.81 17.91 14.81
C CYS B 402 -6.66 17.76 13.55
N HIS B 403 -7.98 17.93 13.69
CA HIS B 403 -8.86 17.88 12.52
C HIS B 403 -8.83 19.32 12.00
N VAL B 404 -7.80 19.55 11.20
CA VAL B 404 -7.46 20.83 10.61
C VAL B 404 -8.43 21.54 9.67
N LEU B 405 -8.87 20.86 8.61
CA LEU B 405 -9.76 21.49 7.67
C LEU B 405 -10.72 20.52 7.03
N SER B 406 -11.96 20.94 6.85
CA SER B 406 -12.97 20.10 6.23
C SER B 406 -13.72 20.83 5.12
N GLN B 407 -14.10 20.10 4.08
CA GLN B 407 -14.82 20.67 2.96
C GLN B 407 -16.10 19.88 2.79
N TYR B 408 -17.14 20.55 2.31
CA TYR B 408 -18.43 19.92 2.11
C TYR B 408 -18.91 19.98 0.68
N TYR B 409 -19.60 18.94 0.27
CA TYR B 409 -20.09 18.81 -1.10
C TYR B 409 -21.54 18.38 -1.11
N VAL B 410 -22.33 18.97 -2.00
CA VAL B 410 -23.74 18.62 -2.12
C VAL B 410 -23.93 17.89 -3.45
N THR B 411 -24.23 16.60 -3.39
CA THR B 411 -24.38 15.80 -4.59
C THR B 411 -25.56 16.25 -5.43
N ASN B 412 -25.58 15.84 -6.69
CA ASN B 412 -26.68 16.20 -7.57
C ASN B 412 -28.00 15.67 -7.07
N ASP B 413 -27.95 14.57 -6.31
CA ASP B 413 -29.16 13.98 -5.76
C ASP B 413 -29.41 14.42 -4.32
N ASN B 414 -28.96 15.63 -4.01
CA ASN B 414 -29.12 16.27 -2.71
C ASN B 414 -28.63 15.55 -1.47
N CYS B 415 -27.46 14.92 -1.58
CA CYS B 415 -26.84 14.25 -0.44
C CYS B 415 -25.68 15.16 -0.04
N LEU B 416 -25.32 15.17 1.24
CA LEU B 416 -24.21 16.00 1.72
C LEU B 416 -23.03 15.15 2.13
N SER B 417 -21.93 15.26 1.40
CA SER B 417 -20.73 14.49 1.71
C SER B 417 -19.73 15.40 2.43
N CYS B 418 -18.73 14.79 3.05
CA CYS B 418 -17.73 15.53 3.80
C CYS B 418 -16.31 15.03 3.59
N ASN B 419 -15.37 15.97 3.55
CA ASN B 419 -13.95 15.68 3.41
C ASN B 419 -13.24 16.36 4.57
N LEU B 420 -12.43 15.59 5.29
CA LEU B 420 -11.68 16.10 6.44
C LEU B 420 -10.20 15.80 6.33
N TYR B 421 -9.35 16.80 6.49
CA TYR B 421 -7.93 16.54 6.47
C TYR B 421 -7.50 16.67 7.90
N GLN B 422 -6.91 15.59 8.41
CA GLN B 422 -6.43 15.53 9.79
C GLN B 422 -4.91 15.44 9.74
N ARG B 423 -4.23 16.38 10.41
CA ARG B 423 -2.78 16.42 10.40
C ARG B 423 -2.12 15.33 11.23
N SER B 424 -2.73 15.03 12.37
CA SER B 424 -2.22 14.00 13.27
C SER B 424 -3.39 13.14 13.73
N CYS B 425 -3.24 11.83 13.72
CA CYS B 425 -4.34 10.95 14.13
C CYS B 425 -3.90 9.78 14.98
N ASP B 426 -4.43 9.74 16.21
CA ASP B 426 -4.16 8.65 17.12
C ASP B 426 -5.17 7.57 16.75
N LEU B 427 -4.75 6.61 15.92
CA LEU B 427 -5.65 5.55 15.48
C LEU B 427 -6.34 4.80 16.61
N GLY B 428 -5.70 4.75 17.77
CA GLY B 428 -6.27 4.04 18.90
C GLY B 428 -7.38 4.73 19.65
N LEU B 429 -7.16 6.00 19.97
CA LEU B 429 -8.16 6.76 20.70
C LEU B 429 -8.87 7.77 19.82
N GLY B 430 -8.09 8.61 19.16
CA GLY B 430 -8.66 9.64 18.31
C GLY B 430 -9.62 9.17 17.23
N SER B 431 -9.07 8.56 16.19
CA SER B 431 -9.85 8.09 15.05
C SER B 431 -11.28 7.65 15.32
N PRO B 432 -11.50 6.62 16.15
CA PRO B 432 -12.89 6.20 16.40
C PRO B 432 -13.80 7.39 16.68
N PHE B 433 -13.37 8.26 17.58
CA PHE B 433 -14.12 9.47 17.93
C PHE B 433 -14.23 10.35 16.71
N ASN B 434 -13.08 10.64 16.13
CA ASN B 434 -13.01 11.48 14.96
C ASN B 434 -13.99 11.10 13.85
N ILE B 435 -14.03 9.83 13.50
CA ILE B 435 -14.93 9.35 12.46
C ILE B 435 -16.38 9.66 12.81
N ALA B 436 -16.82 9.17 13.96
CA ALA B 436 -18.20 9.41 14.41
C ALA B 436 -18.53 10.90 14.43
N SER B 437 -17.67 11.67 15.09
CA SER B 437 -17.85 13.11 15.22
C SER B 437 -18.16 13.81 13.92
N TYR B 438 -17.28 13.68 12.93
CA TYR B 438 -17.53 14.34 11.65
C TYR B 438 -18.70 13.73 10.87
N ALA B 439 -19.06 12.50 11.21
CA ALA B 439 -20.19 11.86 10.54
C ALA B 439 -21.43 12.57 11.04
N ILE B 440 -21.50 12.75 12.36
CA ILE B 440 -22.63 13.43 12.99
C ILE B 440 -22.72 14.85 12.48
N LEU B 441 -21.62 15.58 12.55
CA LEU B 441 -21.61 16.97 12.09
C LEU B 441 -22.18 17.08 10.70
N THR B 442 -21.87 16.12 9.86
CA THR B 442 -22.35 16.16 8.50
C THR B 442 -23.87 15.99 8.52
N MET B 443 -24.35 15.01 9.29
CA MET B 443 -25.78 14.76 9.39
C MET B 443 -26.54 15.98 9.89
N MET B 444 -25.96 16.67 10.87
CA MET B 444 -26.58 17.87 11.41
C MET B 444 -26.63 18.91 10.30
N LEU B 445 -25.49 19.20 9.72
CA LEU B 445 -25.43 20.18 8.65
C LEU B 445 -26.46 19.85 7.58
N ALA B 446 -26.67 18.57 7.36
CA ALA B 446 -27.62 18.10 6.36
C ALA B 446 -29.08 18.37 6.73
N GLN B 447 -29.46 18.00 7.95
CA GLN B 447 -30.83 18.22 8.37
C GLN B 447 -31.16 19.70 8.26
N VAL B 448 -30.27 20.52 8.81
CA VAL B 448 -30.41 21.96 8.82
C VAL B 448 -30.42 22.63 7.44
N CYS B 449 -29.76 22.01 6.48
CA CYS B 449 -29.71 22.58 5.13
C CYS B 449 -30.66 21.89 4.18
N GLY B 450 -31.42 20.93 4.70
CA GLY B 450 -32.39 20.23 3.89
C GLY B 450 -31.83 19.14 2.98
N TYR B 451 -30.79 18.45 3.44
CA TYR B 451 -30.19 17.38 2.66
C TYR B 451 -30.10 16.13 3.51
N GLU B 452 -29.49 15.10 2.94
CA GLU B 452 -29.31 13.88 3.68
C GLU B 452 -27.84 13.51 3.57
N PRO B 453 -27.33 12.80 4.58
CA PRO B 453 -25.93 12.38 4.62
C PRO B 453 -25.47 11.63 3.37
N GLY B 454 -24.28 11.96 2.89
CA GLY B 454 -23.74 11.32 1.72
C GLY B 454 -22.59 10.41 2.08
N GLU B 455 -21.37 10.89 1.90
CA GLU B 455 -20.18 10.10 2.19
C GLU B 455 -19.17 10.90 3.01
N LEU B 456 -18.40 10.19 3.81
CA LEU B 456 -17.38 10.81 4.65
C LEU B 456 -16.00 10.28 4.29
N ALA B 457 -15.11 11.16 3.85
CA ALA B 457 -13.76 10.76 3.50
C ALA B 457 -12.77 11.50 4.39
N ILE B 458 -11.87 10.76 5.03
CA ILE B 458 -10.88 11.35 5.91
C ILE B 458 -9.47 11.12 5.38
N PHE B 459 -8.71 12.20 5.26
CA PHE B 459 -7.34 12.14 4.78
C PHE B 459 -6.40 12.46 5.93
N ILE B 460 -5.63 11.45 6.32
CA ILE B 460 -4.71 11.57 7.43
C ILE B 460 -3.30 11.97 7.03
N GLY B 461 -2.66 12.72 7.91
CA GLY B 461 -1.28 13.13 7.69
C GLY B 461 -0.47 12.11 8.48
N ASP B 462 -0.15 12.41 9.73
CA ASP B 462 0.62 11.49 10.55
C ASP B 462 -0.29 10.49 11.23
N ALA B 463 -0.52 9.36 10.58
CA ALA B 463 -1.35 8.31 11.12
C ALA B 463 -0.43 7.43 11.94
N HIS B 464 -0.65 7.42 13.25
CA HIS B 464 0.20 6.66 14.17
C HIS B 464 -0.55 5.85 15.23
N ILE B 465 0.18 4.93 15.84
CA ILE B 465 -0.36 4.10 16.91
C ILE B 465 0.60 4.24 18.10
N TYR B 466 0.08 4.70 19.25
CA TYR B 466 0.92 4.84 20.44
C TYR B 466 1.31 3.44 20.91
N GLU B 467 2.61 3.23 21.14
CA GLU B 467 3.13 1.93 21.54
C GLU B 467 2.42 1.26 22.70
N ASN B 468 1.74 2.04 23.53
CA ASN B 468 1.03 1.47 24.66
C ASN B 468 -0.39 1.02 24.29
N HIS B 469 -0.71 1.07 23.00
CA HIS B 469 -2.02 0.64 22.53
C HIS B 469 -1.87 -0.64 21.73
N LEU B 470 -0.64 -1.14 21.61
CA LEU B 470 -0.37 -2.33 20.81
C LEU B 470 -1.13 -3.60 21.16
N THR B 471 -1.12 -4.02 22.43
CA THR B 471 -1.86 -5.21 22.78
C THR B 471 -3.37 -4.98 22.61
N GLN B 472 -3.83 -3.78 22.91
CA GLN B 472 -5.24 -3.41 22.80
C GLN B 472 -5.74 -3.49 21.36
N LEU B 473 -5.02 -2.84 20.46
CA LEU B 473 -5.41 -2.83 19.07
C LEU B 473 -5.25 -4.20 18.43
N LYS B 474 -4.40 -5.04 19.03
CA LYS B 474 -4.21 -6.39 18.52
C LYS B 474 -5.48 -7.16 18.86
N GLU B 475 -5.95 -6.94 20.09
CA GLU B 475 -7.18 -7.53 20.61
C GLU B 475 -8.34 -7.10 19.72
N GLN B 476 -8.39 -5.81 19.42
CA GLN B 476 -9.44 -5.27 18.57
C GLN B 476 -9.38 -5.89 17.17
N LEU B 477 -8.19 -6.00 16.60
CA LEU B 477 -8.06 -6.57 15.27
C LEU B 477 -8.46 -8.03 15.18
N SER B 478 -8.69 -8.67 16.33
CA SER B 478 -9.08 -10.07 16.36
C SER B 478 -10.58 -10.24 16.27
N ARG B 479 -11.31 -9.13 16.33
CA ARG B 479 -12.76 -9.18 16.29
C ARG B 479 -13.32 -8.94 14.88
N THR B 480 -14.20 -9.83 14.42
CA THR B 480 -14.78 -9.65 13.10
C THR B 480 -15.88 -8.60 13.21
N PRO B 481 -15.88 -7.62 12.32
CA PRO B 481 -16.85 -6.53 12.27
C PRO B 481 -18.29 -6.98 12.20
N ARG B 482 -19.17 -6.22 12.84
CA ARG B 482 -20.60 -6.47 12.84
C ARG B 482 -21.17 -5.31 12.06
N PRO B 483 -22.39 -5.45 11.53
CA PRO B 483 -22.94 -4.32 10.77
C PRO B 483 -23.01 -3.00 11.55
N PHE B 484 -22.73 -1.91 10.87
CA PHE B 484 -22.79 -0.59 11.49
C PHE B 484 -24.21 -0.35 11.95
N PRO B 485 -24.39 0.53 12.94
CA PRO B 485 -25.75 0.80 13.41
C PRO B 485 -26.35 1.92 12.57
N GLN B 486 -27.44 2.51 13.06
CA GLN B 486 -28.10 3.62 12.40
C GLN B 486 -28.17 4.69 13.45
N LEU B 487 -28.07 5.94 13.04
CA LEU B 487 -28.17 7.03 14.00
C LEU B 487 -29.14 8.02 13.40
N LYS B 488 -30.19 8.34 14.14
CA LYS B 488 -31.20 9.27 13.66
C LYS B 488 -31.55 10.36 14.66
N PHE B 489 -32.00 11.50 14.14
CA PHE B 489 -32.41 12.63 14.96
C PHE B 489 -33.89 12.46 15.19
N LYS B 490 -34.32 12.65 16.43
CA LYS B 490 -35.73 12.48 16.79
C LYS B 490 -36.60 13.69 16.44
N ARG B 491 -36.00 14.82 16.07
CA ARG B 491 -36.78 16.00 15.74
C ARG B 491 -35.99 16.90 14.81
N LYS B 492 -36.68 17.76 14.07
CA LYS B 492 -35.97 18.66 13.18
C LYS B 492 -35.68 19.95 13.92
N VAL B 493 -34.41 20.18 14.25
CA VAL B 493 -34.05 21.39 14.95
C VAL B 493 -34.14 22.56 13.99
N GLU B 494 -34.36 23.75 14.51
CA GLU B 494 -34.45 24.91 13.63
C GLU B 494 -33.04 25.44 13.43
N ASN B 495 -32.30 25.55 14.52
CA ASN B 495 -30.94 26.03 14.45
C ASN B 495 -29.97 24.93 14.86
N ILE B 496 -28.93 24.74 14.06
CA ILE B 496 -27.95 23.69 14.32
C ILE B 496 -27.46 23.56 15.76
N GLU B 497 -27.40 24.65 16.51
CA GLU B 497 -26.93 24.58 17.88
C GLU B 497 -27.95 24.14 18.91
N ASP B 498 -29.16 23.83 18.45
CA ASP B 498 -30.22 23.40 19.35
C ASP B 498 -30.22 21.89 19.60
N PHE B 499 -29.37 21.17 18.89
CA PHE B 499 -29.28 19.72 19.08
C PHE B 499 -28.91 19.37 20.51
N LYS B 500 -29.55 18.32 21.03
CA LYS B 500 -29.31 17.85 22.39
C LYS B 500 -29.16 16.34 22.31
N TRP B 501 -28.42 15.78 23.27
CA TRP B 501 -28.19 14.34 23.31
C TRP B 501 -29.49 13.57 23.12
N GLU B 502 -30.56 14.02 23.78
CA GLU B 502 -31.87 13.36 23.71
C GLU B 502 -32.46 13.26 22.30
N ASP B 503 -31.99 14.14 21.42
CA ASP B 503 -32.45 14.19 20.04
C ASP B 503 -31.88 13.07 19.18
N ILE B 504 -30.93 12.32 19.72
CA ILE B 504 -30.28 11.23 18.97
C ILE B 504 -30.75 9.82 19.30
N GLU B 505 -30.84 9.00 18.26
CA GLU B 505 -31.25 7.60 18.40
C GLU B 505 -30.21 6.70 17.78
N LEU B 506 -29.60 5.83 18.58
CA LEU B 506 -28.61 4.91 18.06
C LEU B 506 -29.29 3.56 17.92
N ILE B 507 -29.85 3.29 16.74
CA ILE B 507 -30.56 2.05 16.51
C ILE B 507 -29.71 0.87 16.04
N GLY B 508 -29.78 -0.22 16.79
CA GLY B 508 -29.06 -1.43 16.44
C GLY B 508 -27.55 -1.48 16.60
N TYR B 509 -27.04 -0.86 17.65
CA TYR B 509 -25.61 -0.88 17.88
C TYR B 509 -25.27 -2.05 18.80
N TYR B 510 -24.59 -3.05 18.25
CA TYR B 510 -24.21 -4.22 19.03
C TYR B 510 -22.70 -4.45 18.96
N PRO B 511 -21.90 -3.57 19.56
CA PRO B 511 -20.45 -3.69 19.53
C PRO B 511 -19.86 -4.76 20.44
N TYR B 512 -18.56 -4.97 20.29
CA TYR B 512 -17.85 -5.91 21.13
C TYR B 512 -17.53 -5.09 22.37
N PRO B 513 -17.18 -5.76 23.47
CA PRO B 513 -16.87 -5.05 24.72
C PRO B 513 -15.85 -3.96 24.52
N THR B 514 -16.01 -2.89 25.29
CA THR B 514 -15.11 -1.76 25.19
C THR B 514 -13.66 -2.18 25.50
N ILE B 515 -12.70 -1.48 24.89
CA ILE B 515 -11.28 -1.77 25.10
C ILE B 515 -10.56 -0.56 25.70
N LYS B 516 -10.12 -0.68 26.95
CA LYS B 516 -9.43 0.41 27.64
C LYS B 516 -8.07 0.79 27.03
N MET B 517 -7.87 2.09 26.79
CA MET B 517 -6.63 2.61 26.22
C MET B 517 -6.36 3.97 26.84
N ASP B 518 -5.11 4.22 27.22
CA ASP B 518 -4.76 5.49 27.86
C ASP B 518 -4.20 6.56 26.92
N MET B 519 -4.73 7.78 27.07
CA MET B 519 -4.32 8.92 26.26
C MET B 519 -2.94 9.45 26.66
N ALA B 520 -2.21 9.94 25.67
CA ALA B 520 -0.89 10.52 25.90
C ALA B 520 -1.12 12.04 25.94
N VAL B 521 -0.73 12.67 27.06
CA VAL B 521 -0.92 14.12 27.23
C VAL B 521 0.02 14.98 26.36
N GLU C 3 34.08 59.56 88.30
CA GLU C 3 34.13 58.09 87.95
C GLU C 3 35.58 57.60 87.79
N LYS C 4 35.78 56.53 87.02
CA LYS C 4 37.09 55.93 86.74
C LYS C 4 36.80 54.53 86.17
N ASN C 5 37.37 54.24 85.02
CA ASN C 5 37.12 52.97 84.33
C ASN C 5 37.79 51.70 84.84
N VAL C 6 37.08 50.58 84.69
CA VAL C 6 37.58 49.27 85.12
C VAL C 6 37.43 48.24 84.01
N SER C 7 38.52 47.91 83.35
CA SER C 7 38.47 46.94 82.26
C SER C 7 39.18 45.64 82.57
N ILE C 8 38.60 44.56 82.06
CA ILE C 8 39.17 43.24 82.22
C ILE C 8 40.02 42.98 80.98
N VAL C 9 41.15 42.32 81.17
CA VAL C 9 42.00 41.98 80.04
C VAL C 9 42.24 40.51 80.24
N VAL C 10 41.84 39.69 79.28
CA VAL C 10 42.03 38.25 79.42
C VAL C 10 42.14 37.56 78.07
N ALA C 11 42.77 36.40 78.08
CA ALA C 11 42.94 35.60 76.89
C ALA C 11 42.45 34.20 77.24
N ALA C 12 41.39 33.75 76.58
CA ALA C 12 40.83 32.43 76.84
C ALA C 12 40.60 31.64 75.57
N SER C 13 40.60 30.33 75.68
CA SER C 13 40.37 29.49 74.51
C SER C 13 39.00 29.81 73.94
N VAL C 14 38.86 29.67 72.63
CA VAL C 14 37.61 29.99 71.93
C VAL C 14 36.36 29.26 72.40
N LEU C 15 36.48 27.95 72.66
CA LEU C 15 35.34 27.17 73.08
C LEU C 15 35.06 27.10 74.56
N SER C 16 36.03 26.71 75.38
CA SER C 16 35.77 26.60 76.81
C SER C 16 36.29 27.72 77.71
N SER C 17 36.82 28.78 77.12
CA SER C 17 37.34 29.91 77.87
C SER C 17 38.47 29.50 78.81
N GLY C 18 39.32 28.59 78.35
CA GLY C 18 40.44 28.14 79.16
C GLY C 18 41.51 29.22 79.18
N ILE C 19 42.00 29.56 80.37
CA ILE C 19 43.02 30.60 80.49
C ILE C 19 44.28 30.17 81.23
N GLY C 20 44.21 29.05 81.95
CA GLY C 20 45.38 28.63 82.68
C GLY C 20 45.55 27.14 82.90
N ILE C 21 46.81 26.75 83.14
CA ILE C 21 47.17 25.37 83.37
C ILE C 21 48.44 25.35 84.22
N ASN C 22 48.33 24.78 85.41
CA ASN C 22 49.45 24.71 86.35
C ASN C 22 50.18 26.05 86.47
N GLY C 23 49.42 27.10 86.77
CA GLY C 23 50.01 28.42 86.93
C GLY C 23 50.64 29.02 85.69
N GLN C 24 50.36 28.45 84.53
CA GLN C 24 50.93 28.97 83.29
C GLN C 24 49.87 29.27 82.23
N LEU C 25 50.22 30.12 81.28
CA LEU C 25 49.29 30.40 80.21
C LEU C 25 49.40 29.12 79.40
N PRO C 26 48.27 28.59 78.89
CA PRO C 26 48.30 27.36 78.11
C PRO C 26 48.83 27.50 76.67
N TRP C 27 49.53 28.59 76.39
CA TRP C 27 50.06 28.84 75.06
C TRP C 27 50.97 30.05 75.15
N SER C 28 51.78 30.29 74.13
CA SER C 28 52.65 31.45 74.16
C SER C 28 52.59 32.26 72.86
N ILE C 29 51.85 33.37 72.91
CA ILE C 29 51.69 34.25 71.77
C ILE C 29 52.22 35.61 72.20
N SER C 30 53.40 35.97 71.73
CA SER C 30 53.98 37.24 72.12
C SER C 30 53.13 38.45 71.75
N GLU C 31 52.46 38.40 70.60
CA GLU C 31 51.63 39.51 70.17
C GLU C 31 50.56 39.82 71.19
N ASP C 32 50.00 38.78 71.81
CA ASP C 32 48.96 38.98 72.80
C ASP C 32 49.52 39.58 74.08
N LEU C 33 50.75 39.21 74.42
CA LEU C 33 51.38 39.77 75.61
C LEU C 33 51.63 41.22 75.28
N LYS C 34 52.09 41.46 74.06
CA LYS C 34 52.39 42.81 73.62
C LYS C 34 51.09 43.63 73.68
N PHE C 35 49.97 42.97 73.35
CA PHE C 35 48.69 43.63 73.39
C PHE C 35 48.39 43.99 74.82
N PHE C 36 48.41 42.99 75.69
CA PHE C 36 48.14 43.23 77.10
C PHE C 36 48.96 44.40 77.58
N SER C 37 50.22 44.45 77.19
CA SER C 37 51.09 45.53 77.61
C SER C 37 50.65 46.89 77.06
N LYS C 38 50.35 46.92 75.76
CA LYS C 38 49.90 48.16 75.12
C LYS C 38 48.62 48.70 75.75
N ILE C 39 47.63 47.84 75.86
CA ILE C 39 46.36 48.23 76.41
C ILE C 39 46.42 48.68 77.87
N THR C 40 47.14 47.94 78.71
CA THR C 40 47.22 48.27 80.14
C THR C 40 48.13 49.46 80.44
N ASN C 41 48.89 49.90 79.45
CA ASN C 41 49.78 51.03 79.66
C ASN C 41 49.14 52.29 79.09
N ASN C 42 48.31 52.07 78.08
CA ASN C 42 47.58 53.12 77.39
C ASN C 42 46.84 54.05 78.36
N LYS C 43 47.31 55.30 78.47
CA LYS C 43 46.69 56.27 79.38
C LYS C 43 46.80 57.70 78.81
N CYS C 44 45.87 58.58 79.17
CA CYS C 44 45.88 59.95 78.69
C CYS C 44 46.82 60.89 79.47
N ASP C 45 46.82 60.76 80.80
CA ASP C 45 47.64 61.63 81.65
C ASP C 45 49.07 61.14 81.92
N SER C 46 50.04 61.77 81.29
CA SER C 46 51.44 61.39 81.47
C SER C 46 51.82 61.32 82.96
N ASN C 47 51.20 62.17 83.76
CA ASN C 47 51.49 62.21 85.18
C ASN C 47 50.75 61.20 86.04
N LYS C 48 50.00 60.32 85.40
CA LYS C 48 49.28 59.30 86.14
C LYS C 48 49.75 57.92 85.69
N LYS C 49 49.32 56.87 86.40
CA LYS C 49 49.67 55.49 86.06
C LYS C 49 48.40 54.68 86.05
N ASN C 50 48.44 53.50 85.44
CA ASN C 50 47.26 52.63 85.44
C ASN C 50 47.51 51.58 86.50
N ALA C 51 46.44 51.04 87.08
CA ALA C 51 46.58 50.02 88.12
C ALA C 51 46.06 48.67 87.63
N LEU C 52 46.89 47.65 87.79
CA LEU C 52 46.51 46.31 87.35
C LEU C 52 46.25 45.43 88.57
N ILE C 53 45.00 45.05 88.75
CA ILE C 53 44.59 44.19 89.86
C ILE C 53 44.76 42.72 89.47
N MET C 54 45.25 41.89 90.40
CA MET C 54 45.44 40.47 90.10
C MET C 54 45.47 39.59 91.36
N GLY C 55 45.04 38.34 91.18
CA GLY C 55 45.04 37.42 92.30
C GLY C 55 46.48 37.12 92.65
N ARG C 56 46.71 36.58 93.85
CA ARG C 56 48.07 36.26 94.27
C ARG C 56 48.72 35.25 93.34
N LYS C 57 47.99 34.20 93.00
CA LYS C 57 48.53 33.19 92.12
C LYS C 57 49.07 33.80 90.82
N THR C 58 48.33 34.71 90.21
CA THR C 58 48.80 35.34 88.98
C THR C 58 50.08 36.13 89.29
N TRP C 59 50.09 36.76 90.47
CA TRP C 59 51.23 37.53 90.93
C TRP C 59 52.45 36.60 90.96
N ASP C 60 52.25 35.34 91.35
CA ASP C 60 53.36 34.37 91.37
C ASP C 60 53.78 34.07 89.93
N SER C 61 52.78 33.99 89.04
CA SER C 61 53.00 33.70 87.64
C SER C 61 53.85 34.78 86.96
N ILE C 62 53.62 36.04 87.34
CA ILE C 62 54.38 37.16 86.80
C ILE C 62 55.82 37.11 87.32
N GLY C 63 56.04 36.32 88.36
CA GLY C 63 57.38 36.21 88.93
C GLY C 63 57.57 37.27 90.00
N ARG C 64 56.46 37.73 90.57
CA ARG C 64 56.46 38.75 91.61
C ARG C 64 57.41 39.90 91.37
N ARG C 65 57.42 40.39 90.14
CA ARG C 65 58.26 41.53 89.77
C ARG C 65 57.31 42.49 89.05
N PRO C 66 57.36 43.78 89.41
CA PRO C 66 56.52 44.84 88.83
C PRO C 66 56.51 44.98 87.30
N LEU C 67 55.42 45.52 86.79
CA LEU C 67 55.27 45.77 85.35
C LEU C 67 55.57 47.24 85.16
N LYS C 68 56.52 47.53 84.28
CA LYS C 68 56.95 48.90 84.01
C LYS C 68 55.82 49.92 83.81
N ASN C 69 56.04 51.14 84.32
CA ASN C 69 55.10 52.26 84.20
C ASN C 69 53.74 52.06 84.86
N ARG C 70 53.49 50.87 85.37
CA ARG C 70 52.20 50.60 85.99
C ARG C 70 52.31 50.27 87.46
N ILE C 71 51.17 49.98 88.07
CA ILE C 71 51.15 49.64 89.48
C ILE C 71 50.36 48.36 89.66
N ILE C 72 51.01 47.33 90.19
CA ILE C 72 50.34 46.06 90.40
C ILE C 72 49.66 46.01 91.75
N VAL C 73 48.38 45.66 91.75
CA VAL C 73 47.59 45.55 92.97
C VAL C 73 47.29 44.09 93.22
N VAL C 74 47.94 43.50 94.22
CA VAL C 74 47.72 42.10 94.52
C VAL C 74 46.65 41.88 95.58
N ILE C 75 45.72 40.99 95.28
CA ILE C 75 44.67 40.66 96.23
C ILE C 75 45.11 39.37 96.87
N SER C 76 45.30 39.40 98.19
CA SER C 76 45.69 38.20 98.93
C SER C 76 45.41 38.38 100.41
N SER C 77 45.06 37.27 101.05
CA SER C 77 44.75 37.28 102.47
C SER C 77 46.04 37.27 103.29
N SER C 78 47.03 36.52 102.80
CA SER C 78 48.32 36.37 103.48
C SER C 78 49.39 37.40 103.17
N LEU C 79 49.77 37.52 101.91
CA LEU C 79 50.82 38.44 101.48
C LEU C 79 50.88 39.76 102.25
N PRO C 80 52.06 40.09 102.80
CA PRO C 80 52.36 41.29 103.59
C PRO C 80 52.13 42.58 102.83
N GLN C 81 51.60 43.59 103.54
CA GLN C 81 51.40 44.90 102.93
C GLN C 81 52.78 45.61 102.82
N ASP C 82 53.70 45.00 102.06
CA ASP C 82 55.07 45.54 101.88
C ASP C 82 55.14 47.02 101.49
N GLU C 83 55.59 47.84 102.43
CA GLU C 83 55.72 49.26 102.15
C GLU C 83 56.88 49.49 101.19
N ALA C 84 57.65 48.43 100.97
CA ALA C 84 58.83 48.45 100.11
C ALA C 84 58.59 48.92 98.68
N ASP C 85 58.24 48.00 97.78
CA ASP C 85 58.00 48.40 96.40
C ASP C 85 56.77 49.28 96.29
N PRO C 86 56.95 50.49 95.74
CA PRO C 86 55.86 51.46 95.56
C PRO C 86 54.93 51.09 94.41
N ASN C 87 55.49 50.42 93.40
CA ASN C 87 54.72 50.01 92.23
C ASN C 87 53.88 48.76 92.49
N VAL C 88 53.93 48.26 93.71
CA VAL C 88 53.16 47.08 94.06
C VAL C 88 52.57 47.29 95.44
N VAL C 89 51.29 46.98 95.57
CA VAL C 89 50.60 47.13 96.84
C VAL C 89 49.62 45.96 97.02
N VAL C 90 49.41 45.56 98.27
CA VAL C 90 48.53 44.44 98.56
C VAL C 90 47.22 44.85 99.22
N PHE C 91 46.16 44.09 98.93
CA PHE C 91 44.84 44.35 99.50
C PHE C 91 44.20 43.03 99.93
N ARG C 92 43.42 43.07 101.01
CA ARG C 92 42.82 41.85 101.54
C ARG C 92 41.61 41.31 100.78
N ASN C 93 40.87 42.17 100.10
CA ASN C 93 39.71 41.73 99.33
C ASN C 93 39.59 42.59 98.08
N LEU C 94 38.95 42.04 97.05
CA LEU C 94 38.80 42.77 95.81
C LEU C 94 38.15 44.13 96.00
N GLU C 95 36.97 44.14 96.62
CA GLU C 95 36.25 45.40 96.81
C GLU C 95 37.10 46.53 97.36
N ASP C 96 37.79 46.26 98.45
CA ASP C 96 38.63 47.29 99.06
C ASP C 96 39.61 47.90 98.08
N SER C 97 40.33 47.04 97.35
CA SER C 97 41.30 47.54 96.37
C SER C 97 40.62 48.57 95.50
N ILE C 98 39.43 48.23 95.01
CA ILE C 98 38.70 49.17 94.18
C ILE C 98 38.24 50.34 95.08
N GLU C 99 39.01 51.41 94.94
CA GLU C 99 38.85 52.65 95.66
C GLU C 99 39.95 53.43 94.98
N ASN C 100 40.65 52.73 94.08
CA ASN C 100 41.70 53.32 93.27
C ASN C 100 40.96 54.52 92.66
N LEU C 101 39.66 54.32 92.50
CA LEU C 101 38.73 55.33 91.99
C LEU C 101 38.72 56.40 93.08
N MET C 102 38.27 55.95 94.26
CA MET C 102 38.12 56.77 95.47
C MET C 102 39.30 57.64 95.89
N ASN C 103 40.26 57.82 95.00
CA ASN C 103 41.43 58.64 95.30
C ASN C 103 42.49 58.32 94.29
N ASP C 104 43.72 58.26 94.80
CA ASP C 104 44.88 57.96 93.99
C ASP C 104 44.52 58.48 92.62
N ASP C 105 44.21 59.77 92.56
CA ASP C 105 43.84 60.40 91.31
C ASP C 105 45.05 60.26 90.41
N SER C 106 46.12 59.72 90.99
CA SER C 106 47.37 59.44 90.28
C SER C 106 47.08 58.25 89.37
N ILE C 107 46.11 57.43 89.79
CA ILE C 107 45.67 56.25 89.06
C ILE C 107 44.58 56.64 88.06
N GLU C 108 44.92 56.68 86.78
CA GLU C 108 43.95 57.06 85.75
C GLU C 108 42.90 56.01 85.41
N ASN C 109 43.34 54.76 85.19
CA ASN C 109 42.44 53.67 84.84
C ASN C 109 42.73 52.39 85.61
N ILE C 110 41.76 51.50 85.66
CA ILE C 110 41.91 50.25 86.38
C ILE C 110 41.67 49.04 85.48
N PHE C 111 42.53 48.04 85.62
CA PHE C 111 42.45 46.82 84.83
C PHE C 111 42.44 45.59 85.70
N VAL C 112 41.42 44.75 85.53
CA VAL C 112 41.35 43.51 86.29
C VAL C 112 42.15 42.54 85.46
N CYS C 113 43.39 42.31 85.86
CA CYS C 113 44.30 41.45 85.12
C CYS C 113 44.38 39.97 85.37
N GLY C 114 43.37 39.36 85.95
CA GLY C 114 43.52 37.93 86.07
C GLY C 114 43.38 37.20 87.36
N GLY C 115 43.03 35.93 87.15
CA GLY C 115 42.80 35.00 88.21
C GLY C 115 41.36 34.62 88.03
N GLU C 116 41.11 33.36 87.66
CA GLU C 116 39.72 32.93 87.47
C GLU C 116 38.89 33.48 88.62
N SER C 117 39.44 33.35 89.84
CA SER C 117 38.76 33.82 91.03
C SER C 117 38.55 35.34 91.01
N ILE C 118 39.60 36.07 90.68
CA ILE C 118 39.49 37.53 90.65
C ILE C 118 38.56 37.98 89.53
N TYR C 119 38.61 37.28 88.40
CA TYR C 119 37.74 37.63 87.27
C TYR C 119 36.31 37.44 87.73
N ARG C 120 36.01 36.21 88.16
CA ARG C 120 34.69 35.84 88.61
C ARG C 120 34.12 36.83 89.62
N ASP C 121 34.92 37.22 90.60
CA ASP C 121 34.47 38.17 91.63
C ASP C 121 34.24 39.56 91.07
N ALA C 122 35.10 39.99 90.16
CA ALA C 122 34.95 41.31 89.56
C ALA C 122 33.61 41.40 88.86
N LEU C 123 33.27 40.35 88.12
CA LEU C 123 32.01 40.34 87.40
C LEU C 123 30.83 40.24 88.38
N LYS C 124 30.88 39.26 89.28
CA LYS C 124 29.81 39.04 90.26
C LYS C 124 29.42 40.31 91.04
N ASP C 125 30.39 41.12 91.39
CA ASP C 125 30.10 42.34 92.15
C ASP C 125 29.91 43.54 91.23
N ASN C 126 29.78 43.26 89.93
CA ASN C 126 29.56 44.28 88.92
C ASN C 126 30.56 45.43 88.98
N PHE C 127 31.83 45.10 89.21
CA PHE C 127 32.89 46.10 89.29
C PHE C 127 33.47 46.49 87.94
N VAL C 128 33.25 45.65 86.93
CA VAL C 128 33.82 45.94 85.63
C VAL C 128 32.93 46.57 84.56
N ASP C 129 33.53 47.52 83.84
CA ASP C 129 32.90 48.26 82.77
C ASP C 129 33.14 47.63 81.41
N ARG C 130 34.37 47.19 81.18
CA ARG C 130 34.76 46.62 79.90
C ARG C 130 35.52 45.29 80.00
N ILE C 131 35.53 44.55 78.90
CA ILE C 131 36.23 43.28 78.83
C ILE C 131 37.02 43.20 77.52
N TYR C 132 38.34 43.11 77.64
CA TYR C 132 39.21 42.97 76.47
C TYR C 132 39.50 41.47 76.43
N LEU C 133 38.87 40.77 75.48
CA LEU C 133 39.03 39.34 75.38
C LEU C 133 39.80 38.84 74.18
N THR C 134 40.91 38.17 74.42
CA THR C 134 41.67 37.63 73.31
C THR C 134 41.22 36.18 73.19
N ARG C 135 40.62 35.84 72.06
CA ARG C 135 40.15 34.48 71.85
C ARG C 135 41.25 33.66 71.20
N VAL C 136 41.69 32.61 71.87
CA VAL C 136 42.75 31.79 71.33
C VAL C 136 42.14 30.52 70.77
N ALA C 137 42.55 30.16 69.56
CA ALA C 137 42.00 28.99 68.89
C ALA C 137 42.67 27.63 69.08
N LEU C 138 42.75 27.15 70.31
CA LEU C 138 43.29 25.81 70.57
C LEU C 138 42.51 25.29 71.77
N GLU C 139 41.70 24.27 71.49
CA GLU C 139 40.80 23.73 72.49
C GLU C 139 41.00 22.30 72.98
N ASP C 140 42.00 21.60 72.47
CA ASP C 140 42.18 20.23 72.95
C ASP C 140 43.48 20.06 73.69
N ILE C 141 43.59 20.85 74.75
CA ILE C 141 44.74 20.85 75.62
C ILE C 141 44.19 20.97 77.03
N GLU C 142 44.99 20.60 78.03
CA GLU C 142 44.51 20.66 79.40
C GLU C 142 44.36 22.08 79.91
N PHE C 143 43.33 22.30 80.71
CA PHE C 143 43.05 23.59 81.31
C PHE C 143 42.65 23.33 82.75
N ASP C 144 43.01 24.23 83.65
CA ASP C 144 42.59 24.06 85.04
C ASP C 144 42.01 25.38 85.55
N THR C 145 42.15 26.43 84.74
CA THR C 145 41.62 27.74 85.10
C THR C 145 40.78 28.26 83.94
N TYR C 146 39.65 28.88 84.26
CA TYR C 146 38.75 29.39 83.22
C TYR C 146 38.30 30.82 83.40
N PHE C 147 37.82 31.41 82.32
CA PHE C 147 37.27 32.76 82.38
C PHE C 147 35.76 32.53 82.48
N PRO C 148 35.11 33.13 83.46
CA PRO C 148 33.67 32.93 83.61
C PRO C 148 32.88 33.41 82.39
N GLU C 149 31.64 32.94 82.25
CA GLU C 149 30.80 33.37 81.13
C GLU C 149 30.49 34.85 81.28
N ILE C 150 30.59 35.60 80.18
CA ILE C 150 30.32 37.03 80.23
C ILE C 150 28.84 37.28 80.50
N PRO C 151 28.54 37.97 81.60
CA PRO C 151 27.16 38.29 81.97
C PRO C 151 26.44 39.03 80.85
N GLU C 152 25.12 38.83 80.77
CA GLU C 152 24.31 39.47 79.72
C GLU C 152 24.33 41.00 79.69
N THR C 153 24.78 41.64 80.75
CA THR C 153 24.81 43.10 80.76
C THR C 153 25.91 43.60 79.84
N PHE C 154 26.72 42.66 79.38
CA PHE C 154 27.84 42.95 78.47
C PHE C 154 27.52 42.57 77.04
N LEU C 155 27.94 43.43 76.12
CA LEU C 155 27.72 43.16 74.72
C LEU C 155 28.97 43.50 73.94
N PRO C 156 29.25 42.70 72.90
CA PRO C 156 30.42 42.88 72.03
C PRO C 156 30.28 44.09 71.11
N VAL C 157 31.29 44.95 71.09
CA VAL C 157 31.24 46.12 70.25
C VAL C 157 32.33 46.12 69.19
N TYR C 158 33.27 45.17 69.31
CA TYR C 158 34.37 45.06 68.37
C TYR C 158 34.93 43.64 68.31
N MET C 159 35.25 43.20 67.09
CA MET C 159 35.83 41.86 66.87
C MET C 159 36.87 41.97 65.75
N SER C 160 38.14 41.90 66.12
CA SER C 160 39.22 42.04 65.15
C SER C 160 39.26 40.92 64.14
N GLN C 161 40.14 41.08 63.15
CA GLN C 161 40.34 40.06 62.13
C GLN C 161 41.09 38.97 62.87
N THR C 162 41.32 37.85 62.20
CA THR C 162 42.04 36.77 62.83
C THR C 162 43.53 36.91 62.57
N PHE C 163 44.34 36.59 63.57
CA PHE C 163 45.79 36.66 63.43
C PHE C 163 46.39 35.28 63.71
N CYS C 164 47.60 35.03 63.17
CA CYS C 164 48.31 33.76 63.37
C CYS C 164 49.63 33.95 64.10
N THR C 165 50.00 32.94 64.88
CA THR C 165 51.24 32.93 65.62
C THR C 165 51.53 31.46 65.89
N LYS C 166 52.53 30.92 65.21
CA LYS C 166 52.87 29.51 65.36
C LYS C 166 51.68 28.67 64.93
N ASN C 167 50.93 29.17 63.96
CA ASN C 167 49.76 28.50 63.42
C ASN C 167 48.55 28.50 64.33
N ILE C 168 48.63 29.28 65.41
CA ILE C 168 47.51 29.38 66.35
C ILE C 168 46.73 30.61 65.93
N SER C 169 45.43 30.44 65.73
CA SER C 169 44.59 31.55 65.34
C SER C 169 44.03 32.24 66.58
N TYR C 170 43.77 33.53 66.48
CA TYR C 170 43.19 34.26 67.60
C TYR C 170 42.57 35.60 67.23
N ASP C 171 41.62 36.02 68.06
CA ASP C 171 40.88 37.27 67.90
C ASP C 171 41.17 38.21 69.02
N PHE C 172 40.58 39.39 68.90
CA PHE C 172 40.67 40.44 69.87
C PHE C 172 39.30 41.07 69.79
N MET C 173 38.51 40.97 70.85
CA MET C 173 37.22 41.61 70.82
C MET C 173 36.92 42.23 72.18
N ILE C 174 36.27 43.39 72.18
CA ILE C 174 35.96 44.04 73.43
C ILE C 174 34.48 44.15 73.71
N PHE C 175 34.11 43.77 74.92
CA PHE C 175 32.72 43.83 75.34
C PHE C 175 32.52 45.02 76.24
N GLU C 176 31.45 45.76 76.00
CA GLU C 176 31.16 46.90 76.85
C GLU C 176 29.86 46.60 77.59
N LYS C 177 29.78 47.07 78.82
CA LYS C 177 28.60 46.83 79.62
C LYS C 177 27.56 47.90 79.34
N GLN C 178 27.02 47.89 78.14
CA GLN C 178 26.00 48.85 77.81
C GLN C 178 24.64 48.27 78.19
N GLU C 179 23.73 49.13 78.61
CA GLU C 179 22.39 48.76 79.05
C GLU C 179 21.35 49.82 78.65
N LYS C 180 21.72 51.08 78.87
CA LYS C 180 20.86 52.24 78.55
C LYS C 180 20.53 52.37 77.04
N LYS C 181 19.57 53.26 76.73
CA LYS C 181 19.13 53.51 75.35
C LYS C 181 18.27 52.37 74.77
N THR C 182 17.28 52.78 73.96
CA THR C 182 16.33 51.87 73.32
C THR C 182 16.87 51.07 72.08
N LEU C 183 16.14 51.19 70.96
CA LEU C 183 16.44 50.50 69.69
C LEU C 183 17.81 50.77 69.05
N GLN C 184 17.98 52.00 68.53
CA GLN C 184 19.21 52.41 67.85
C GLN C 184 19.26 51.82 66.43
N ASN C 185 19.82 52.60 65.50
CA ASN C 185 19.93 52.17 64.10
C ASN C 185 21.23 51.40 63.89
N CYS C 186 21.12 50.25 63.24
CA CYS C 186 22.31 49.44 62.99
C CYS C 186 23.28 50.09 62.00
N ASP C 187 22.76 50.87 61.05
CA ASP C 187 23.63 51.53 60.10
C ASP C 187 24.61 52.48 60.80
N PRO C 188 25.92 52.27 60.60
CA PRO C 188 26.97 53.09 61.21
C PRO C 188 27.15 54.44 60.55
N ALA C 189 26.40 54.70 59.49
CA ALA C 189 26.50 55.99 58.82
C ALA C 189 25.59 57.02 59.47
N ARG C 190 24.51 56.54 60.08
CA ARG C 190 23.56 57.45 60.71
C ARG C 190 24.02 57.79 62.12
N GLY C 191 23.36 58.77 62.71
CA GLY C 191 23.70 59.20 64.05
C GLY C 191 24.91 60.10 64.12
N GLN C 192 25.52 60.41 62.97
CA GLN C 192 26.70 61.28 62.99
C GLN C 192 26.30 62.72 63.20
N LEU C 193 25.17 63.13 62.60
CA LEU C 193 24.62 64.47 62.79
C LEU C 193 23.22 64.50 62.19
N LYS C 194 22.25 64.83 63.04
CA LYS C 194 20.85 64.84 62.64
C LYS C 194 20.57 65.50 61.32
N SER C 195 21.19 66.65 61.07
CA SER C 195 20.95 67.36 59.83
C SER C 195 21.01 66.41 58.63
N ILE C 196 22.08 65.61 58.55
CA ILE C 196 22.19 64.68 57.44
C ILE C 196 21.10 63.62 57.51
N ASP C 197 21.04 62.90 58.63
CA ASP C 197 20.03 61.85 58.81
C ASP C 197 18.63 62.34 58.41
N ASP C 198 18.22 63.48 58.98
CA ASP C 198 16.89 64.03 58.67
C ASP C 198 16.70 64.28 57.18
N THR C 199 17.64 64.98 56.59
CA THR C 199 17.58 65.29 55.16
C THR C 199 17.45 64.05 54.28
N VAL C 200 18.32 63.06 54.51
CA VAL C 200 18.27 61.83 53.73
C VAL C 200 16.93 61.12 53.90
N ASP C 201 16.40 61.14 55.12
CA ASP C 201 15.12 60.49 55.37
C ASP C 201 14.02 61.20 54.58
N LEU C 202 13.98 62.52 54.71
CA LEU C 202 13.00 63.34 54.00
C LEU C 202 13.14 63.14 52.51
N LEU C 203 14.37 63.27 52.02
CA LEU C 203 14.68 63.11 50.61
C LEU C 203 14.25 61.72 50.17
N GLY C 204 14.27 60.78 51.10
CA GLY C 204 13.88 59.42 50.81
C GLY C 204 12.38 59.23 50.72
N GLU C 205 11.61 60.18 51.25
CA GLU C 205 10.14 60.11 51.21
C GLU C 205 9.70 60.71 49.89
N ILE C 206 10.27 61.86 49.56
CA ILE C 206 9.94 62.54 48.33
C ILE C 206 10.19 61.58 47.17
N PHE C 207 11.46 61.21 46.95
CA PHE C 207 11.81 60.25 45.90
C PHE C 207 11.60 58.93 46.60
N GLY C 208 11.48 57.84 45.88
CA GLY C 208 11.25 56.61 46.61
C GLY C 208 12.34 55.65 46.27
N ILE C 209 12.02 54.80 45.33
CA ILE C 209 12.92 53.79 44.83
C ILE C 209 13.83 54.57 43.90
N ARG C 210 13.49 55.84 43.68
CA ARG C 210 14.27 56.70 42.81
C ARG C 210 15.59 57.06 43.45
N LYS C 211 15.60 57.19 44.77
CA LYS C 211 16.84 57.49 45.48
C LYS C 211 17.52 56.14 45.65
N MET C 212 18.66 55.95 44.97
CA MET C 212 19.38 54.68 45.03
C MET C 212 19.52 54.13 46.44
N GLY C 213 19.77 55.02 47.39
CA GLY C 213 19.91 54.59 48.76
C GLY C 213 18.76 53.71 49.21
N ASN C 214 17.54 54.06 48.82
CA ASN C 214 16.37 53.28 49.20
C ASN C 214 16.36 51.91 48.53
N ARG C 215 17.24 51.72 47.55
CA ARG C 215 17.34 50.45 46.86
C ARG C 215 18.40 49.59 47.54
N HIS C 216 19.15 50.19 48.46
CA HIS C 216 20.20 49.51 49.22
C HIS C 216 19.99 49.80 50.70
N LYS C 217 18.83 49.42 51.21
CA LYS C 217 18.52 49.66 52.61
C LYS C 217 19.43 48.85 53.53
N PHE C 218 19.89 49.48 54.61
CA PHE C 218 20.75 48.81 55.56
C PHE C 218 19.93 47.76 56.29
N PRO C 219 20.54 46.60 56.54
CA PRO C 219 19.88 45.49 57.23
C PRO C 219 19.23 45.82 58.55
N LYS C 220 18.07 45.20 58.79
CA LYS C 220 17.31 45.40 60.03
C LYS C 220 18.00 44.56 61.11
N GLU C 221 17.99 45.09 62.34
CA GLU C 221 18.61 44.40 63.47
C GLU C 221 18.31 42.91 63.55
N GLU C 222 17.05 42.55 63.42
CA GLU C 222 16.65 41.15 63.51
C GLU C 222 17.30 40.22 62.50
N ILE C 223 17.90 40.77 61.45
CA ILE C 223 18.58 39.93 60.46
C ILE C 223 20.06 40.29 60.34
N TYR C 224 20.55 41.08 61.29
CA TYR C 224 21.95 41.50 61.34
C TYR C 224 22.68 40.65 62.36
N ASN C 225 23.77 40.00 61.96
CA ASN C 225 24.53 39.17 62.86
C ASN C 225 25.21 40.00 63.96
N THR C 226 25.26 39.48 65.18
CA THR C 226 25.87 40.18 66.32
C THR C 226 25.73 41.70 66.17
N PRO C 227 24.48 42.21 66.21
CA PRO C 227 24.09 43.61 66.08
C PRO C 227 24.86 44.62 66.92
N SER C 228 25.25 44.23 68.13
CA SER C 228 25.96 45.15 69.02
C SER C 228 27.29 45.64 68.46
N ILE C 229 27.93 44.84 67.61
CA ILE C 229 29.18 45.29 67.01
C ILE C 229 28.74 46.11 65.83
N ARG C 230 28.67 47.41 66.06
CA ARG C 230 28.20 48.33 65.06
C ARG C 230 29.34 48.99 64.30
N PHE C 231 30.38 49.39 65.01
CA PHE C 231 31.51 50.04 64.37
C PHE C 231 32.81 49.23 64.42
N GLY C 232 32.70 47.96 64.82
CA GLY C 232 33.91 47.17 64.91
C GLY C 232 33.79 45.82 64.24
N ARG C 233 33.03 45.73 63.15
CA ARG C 233 32.87 44.45 62.46
C ARG C 233 34.08 44.19 61.58
N GLU C 234 35.22 44.02 62.23
CA GLU C 234 36.50 43.80 61.57
C GLU C 234 36.74 42.38 61.07
N HIS C 235 36.27 41.39 61.81
CA HIS C 235 36.43 40.00 61.42
C HIS C 235 35.89 39.88 60.01
N TYR C 236 36.67 39.29 59.11
CA TYR C 236 36.19 39.18 57.74
C TYR C 236 35.05 38.19 57.48
N GLU C 237 34.56 37.48 58.49
CA GLU C 237 33.45 36.58 58.22
C GLU C 237 32.17 37.42 58.09
N PHE C 238 32.23 38.67 58.53
CA PHE C 238 31.09 39.58 58.43
C PHE C 238 30.91 40.00 56.99
N GLN C 239 31.94 39.79 56.19
CA GLN C 239 31.87 40.13 54.77
C GLN C 239 30.81 39.24 54.18
N TYR C 240 30.74 38.02 54.68
CA TYR C 240 29.77 37.05 54.21
C TYR C 240 28.46 37.20 54.97
N LEU C 241 28.52 37.18 56.29
CA LEU C 241 27.32 37.31 57.08
C LEU C 241 26.49 38.54 56.70
N ASP C 242 27.16 39.65 56.41
CA ASP C 242 26.44 40.86 56.04
C ASP C 242 25.86 40.79 54.65
N LEU C 243 26.59 40.21 53.72
CA LEU C 243 26.06 40.08 52.36
C LEU C 243 24.79 39.24 52.49
N LEU C 244 24.80 38.34 53.46
CA LEU C 244 23.68 37.46 53.72
C LEU C 244 22.49 38.29 54.14
N SER C 245 22.66 39.08 55.19
CA SER C 245 21.57 39.91 55.66
C SER C 245 21.24 41.06 54.73
N ARG C 246 22.18 41.40 53.86
CA ARG C 246 21.94 42.49 52.93
C ARG C 246 20.96 42.08 51.83
N VAL C 247 20.99 40.82 51.42
CA VAL C 247 20.05 40.39 50.39
C VAL C 247 18.75 40.06 51.11
N LEU C 248 18.88 39.58 52.33
CA LEU C 248 17.73 39.24 53.14
C LEU C 248 16.91 40.51 53.34
N GLU C 249 17.56 41.65 53.21
CA GLU C 249 16.89 42.92 53.40
C GLU C 249 16.35 43.50 52.09
N ASN C 250 17.12 43.42 51.01
CA ASN C 250 16.68 43.99 49.74
C ASN C 250 16.39 42.99 48.63
N GLY C 251 16.81 41.75 48.81
CA GLY C 251 16.59 40.74 47.78
C GLY C 251 15.21 40.70 47.18
N ALA C 252 15.15 40.84 45.86
CA ALA C 252 13.88 40.82 45.15
C ALA C 252 13.47 39.37 44.92
N TYR C 253 12.21 39.04 45.24
CA TYR C 253 11.71 37.68 45.06
C TYR C 253 11.59 37.39 43.57
N ARG C 254 12.36 36.41 43.10
CA ARG C 254 12.31 36.08 41.68
C ARG C 254 12.57 34.63 41.34
N GLU C 255 11.86 34.17 40.31
CA GLU C 255 11.94 32.81 39.81
C GLU C 255 13.21 32.57 38.97
N ASN C 256 13.58 31.31 38.79
CA ASN C 256 14.77 30.95 38.00
C ASN C 256 14.60 29.56 37.41
N ARG C 257 15.58 29.09 36.64
CA ARG C 257 15.49 27.77 36.02
C ARG C 257 15.18 26.57 36.91
N THR C 258 15.50 26.63 38.20
CA THR C 258 15.15 25.51 39.09
C THR C 258 13.74 25.86 39.56
N GLY C 259 13.10 24.98 40.31
CA GLY C 259 11.76 25.32 40.77
C GLY C 259 11.73 26.17 42.03
N ILE C 260 12.87 26.31 42.69
CA ILE C 260 12.95 27.10 43.92
C ILE C 260 13.31 28.55 43.63
N SER C 261 12.44 29.46 44.04
CA SER C 261 12.68 30.88 43.81
C SER C 261 13.75 31.37 44.76
N THR C 262 14.26 32.57 44.50
CA THR C 262 15.30 33.15 45.35
C THR C 262 15.00 34.62 45.62
N TYR C 263 15.80 35.21 46.50
CA TYR C 263 15.71 36.62 46.82
C TYR C 263 17.08 37.11 46.39
N SER C 264 17.14 38.02 45.42
CA SER C 264 18.44 38.47 44.96
C SER C 264 18.66 39.95 44.77
N ILE C 265 19.93 40.32 44.78
CA ILE C 265 20.38 41.68 44.56
C ILE C 265 21.52 41.50 43.58
N PHE C 266 21.84 42.53 42.82
CA PHE C 266 22.89 42.42 41.80
C PHE C 266 24.14 43.29 42.04
N GLY C 267 25.31 42.69 41.88
CA GLY C 267 26.57 43.40 42.05
C GLY C 267 26.99 43.61 43.49
N GLN C 268 27.66 42.63 44.07
CA GLN C 268 28.13 42.70 45.46
C GLN C 268 29.59 42.28 45.53
N MET C 269 30.21 42.47 46.69
CA MET C 269 31.61 42.05 46.86
C MET C 269 31.93 41.67 48.29
N MET C 270 32.95 40.84 48.46
CA MET C 270 33.41 40.40 49.78
C MET C 270 34.94 40.37 49.74
N ARG C 271 35.57 40.68 50.87
CA ARG C 271 37.02 40.67 50.95
C ARG C 271 37.46 39.71 52.02
N PHE C 272 38.60 39.06 51.81
CA PHE C 272 39.12 38.12 52.78
C PHE C 272 40.63 38.18 52.86
N ASP C 273 41.15 38.28 54.08
CA ASP C 273 42.59 38.27 54.26
C ASP C 273 42.98 36.81 54.22
N MET C 274 44.19 36.53 53.76
CA MET C 274 44.69 35.17 53.71
C MET C 274 46.09 35.10 54.30
N ARG C 275 46.63 36.25 54.67
CA ARG C 275 47.95 36.31 55.26
C ARG C 275 47.94 35.74 56.67
N GLU C 276 47.00 36.19 57.48
CA GLU C 276 46.91 35.73 58.87
C GLU C 276 45.90 34.62 59.18
N SER C 277 45.12 34.19 58.19
CA SER C 277 44.16 33.11 58.43
C SER C 277 43.53 32.61 57.16
N PHE C 278 42.75 31.54 57.27
CA PHE C 278 42.07 30.93 56.13
C PHE C 278 40.57 31.19 56.26
N PRO C 279 39.97 31.81 55.26
CA PRO C 279 38.54 32.13 55.26
C PRO C 279 37.55 30.96 55.23
N LEU C 280 37.58 30.10 56.24
CA LEU C 280 36.64 28.99 56.27
C LEU C 280 35.59 29.32 57.31
N LEU C 281 34.43 29.79 56.85
CA LEU C 281 33.32 30.19 57.72
C LEU C 281 33.23 29.40 59.02
N THR C 282 33.03 30.08 60.14
CA THR C 282 32.95 29.40 61.41
C THR C 282 31.52 29.24 61.88
N THR C 283 30.65 30.12 61.43
CA THR C 283 29.25 30.07 61.84
C THR C 283 28.47 28.86 61.32
N LYS C 284 29.19 27.92 60.75
CA LYS C 284 28.59 26.70 60.19
C LYS C 284 29.76 25.80 59.80
N LYS C 285 29.71 24.54 60.19
CA LYS C 285 30.80 23.65 59.81
C LYS C 285 30.79 23.52 58.29
N VAL C 286 31.93 23.77 57.64
CA VAL C 286 32.00 23.69 56.19
C VAL C 286 32.75 22.43 55.72
N ALA C 287 32.19 21.74 54.72
CA ALA C 287 32.78 20.53 54.16
C ALA C 287 34.02 20.81 53.33
N ILE C 288 35.11 21.16 54.00
CA ILE C 288 36.36 21.48 53.36
C ILE C 288 36.96 20.38 52.48
N ARG C 289 36.82 19.12 52.86
CA ARG C 289 37.40 18.04 52.04
C ARG C 289 36.77 17.99 50.66
N SER C 290 35.44 18.01 50.60
CA SER C 290 34.73 17.99 49.33
C SER C 290 35.25 19.15 48.48
N ILE C 291 35.36 20.33 49.10
CA ILE C 291 35.85 21.52 48.42
C ILE C 291 37.19 21.21 47.75
N PHE C 292 38.14 20.76 48.56
CA PHE C 292 39.46 20.44 48.07
C PHE C 292 39.43 19.49 46.88
N GLU C 293 38.81 18.32 47.08
CA GLU C 293 38.73 17.32 46.03
C GLU C 293 38.12 17.85 44.71
N GLU C 294 37.27 18.87 44.80
CA GLU C 294 36.68 19.47 43.60
C GLU C 294 37.71 20.38 42.95
N LEU C 295 38.55 21.01 43.76
CA LEU C 295 39.57 21.90 43.25
C LEU C 295 40.67 21.21 42.43
N ILE C 296 41.32 20.18 42.97
CA ILE C 296 42.37 19.50 42.19
C ILE C 296 41.71 18.90 40.98
N TRP C 297 40.46 18.48 41.15
CA TRP C 297 39.70 17.91 40.05
C TRP C 297 39.73 18.93 38.91
N PHE C 298 39.44 20.18 39.24
CA PHE C 298 39.47 21.24 38.24
C PHE C 298 40.88 21.36 37.73
N ILE C 299 41.83 21.58 38.64
CA ILE C 299 43.23 21.72 38.30
C ILE C 299 43.72 20.69 37.30
N LYS C 300 43.34 19.43 37.55
CA LYS C 300 43.72 18.32 36.69
C LYS C 300 43.14 18.49 35.28
N GLY C 301 41.99 19.17 35.17
CA GLY C 301 41.35 19.35 33.88
C GLY C 301 40.30 18.29 33.70
N ASP C 302 40.00 17.61 34.80
CA ASP C 302 39.03 16.51 34.82
C ASP C 302 37.59 17.01 34.72
N THR C 303 36.77 16.24 34.02
CA THR C 303 35.38 16.59 33.86
C THR C 303 34.50 15.37 34.11
N ASN C 304 35.13 14.25 34.48
CA ASN C 304 34.39 13.03 34.75
C ASN C 304 33.87 13.05 36.18
N GLY C 305 32.59 13.38 36.33
CA GLY C 305 31.96 13.45 37.65
C GLY C 305 31.97 12.22 38.54
N ASN C 306 32.40 11.10 37.98
CA ASN C 306 32.45 9.85 38.72
C ASN C 306 33.59 9.90 39.71
N HIS C 307 34.73 10.42 39.26
CA HIS C 307 35.90 10.54 40.10
C HIS C 307 35.59 11.24 41.43
N LEU C 308 34.71 12.23 41.37
CA LEU C 308 34.33 12.92 42.60
C LEU C 308 33.49 11.97 43.43
N ILE C 309 32.49 11.36 42.79
CA ILE C 309 31.61 10.42 43.47
C ILE C 309 32.43 9.29 44.08
N GLU C 310 33.46 8.86 43.35
CA GLU C 310 34.34 7.80 43.82
C GLU C 310 35.04 8.18 45.12
N LYS C 311 35.37 9.46 45.27
CA LYS C 311 36.02 9.95 46.48
C LYS C 311 34.94 10.49 47.41
N LYS C 312 33.73 9.97 47.24
CA LYS C 312 32.58 10.38 48.06
C LYS C 312 32.34 11.89 48.10
N VAL C 313 32.38 12.54 46.93
CA VAL C 313 32.12 13.97 46.81
C VAL C 313 30.97 14.03 45.82
N TYR C 314 29.80 14.42 46.30
CA TYR C 314 28.61 14.43 45.45
C TYR C 314 28.05 15.76 44.97
N ILE C 315 28.77 16.84 45.19
CA ILE C 315 28.26 18.14 44.78
C ILE C 315 27.85 18.22 43.31
N TRP C 316 28.51 17.45 42.44
CA TRP C 316 28.16 17.48 41.03
C TRP C 316 27.27 16.34 40.55
N SER C 317 26.67 15.61 41.48
CA SER C 317 25.77 14.50 41.14
C SER C 317 24.53 15.07 40.48
N GLY C 318 23.88 15.97 41.19
CA GLY C 318 22.66 16.58 40.70
C GLY C 318 22.76 17.01 39.25
N ASN C 319 23.61 18.02 39.02
CA ASN C 319 23.79 18.54 37.68
C ASN C 319 24.48 17.56 36.74
N GLY C 320 24.66 16.33 37.21
CA GLY C 320 25.32 15.33 36.39
C GLY C 320 24.48 14.10 36.06
N SER C 321 23.34 13.92 36.71
CA SER C 321 22.47 12.75 36.48
C SER C 321 21.98 12.59 35.05
N LYS C 322 21.49 11.38 34.75
CA LYS C 322 20.99 11.04 33.42
C LYS C 322 19.79 11.89 33.06
N GLU C 323 18.87 12.04 34.03
CA GLU C 323 17.65 12.81 33.83
C GLU C 323 17.91 14.28 33.65
N TYR C 324 18.92 14.81 34.34
CA TYR C 324 19.25 16.22 34.21
C TYR C 324 19.83 16.49 32.82
N LEU C 325 20.76 15.63 32.40
CA LEU C 325 21.38 15.77 31.09
C LEU C 325 20.31 15.68 30.00
N GLU C 326 19.42 14.69 30.13
CA GLU C 326 18.32 14.47 29.17
C GLU C 326 17.53 15.78 29.09
N ARG C 327 17.14 16.26 30.26
CA ARG C 327 16.38 17.49 30.43
C ARG C 327 17.02 18.70 29.74
N ILE C 328 18.34 18.78 29.74
CA ILE C 328 18.97 19.94 29.10
C ILE C 328 19.56 19.62 27.73
N GLY C 329 18.97 18.64 27.05
CA GLY C 329 19.43 18.28 25.72
C GLY C 329 20.81 17.66 25.60
N LEU C 330 21.24 17.00 26.65
CA LEU C 330 22.53 16.34 26.66
C LEU C 330 22.31 14.87 27.00
N GLY C 331 21.13 14.36 26.65
CA GLY C 331 20.79 12.98 26.95
C GLY C 331 21.67 11.96 26.26
N HIS C 332 22.50 12.43 25.34
CA HIS C 332 23.41 11.56 24.60
C HIS C 332 24.66 11.33 25.42
N ARG C 333 24.86 12.21 26.40
CA ARG C 333 26.01 12.19 27.29
C ARG C 333 25.94 11.03 28.29
N GLU C 334 27.10 10.49 28.68
CA GLU C 334 27.15 9.39 29.64
C GLU C 334 26.79 9.91 31.03
N GLU C 335 26.27 9.02 31.88
CA GLU C 335 25.85 9.35 33.24
C GLU C 335 26.50 10.51 33.97
N ASN C 336 27.81 10.69 33.88
CA ASN C 336 28.39 11.83 34.58
C ASN C 336 29.40 12.67 33.83
N ASP C 337 29.31 12.63 32.49
CA ASP C 337 30.21 13.40 31.65
C ASP C 337 29.67 14.84 31.59
N LEU C 338 30.08 15.64 32.57
CA LEU C 338 29.65 17.02 32.68
C LEU C 338 29.98 17.97 31.53
N GLY C 339 30.87 17.57 30.64
CA GLY C 339 31.19 18.42 29.51
C GLY C 339 32.38 19.34 29.73
N PRO C 340 32.66 20.25 28.79
CA PRO C 340 33.78 21.20 28.85
C PRO C 340 33.61 22.22 29.95
N ILE C 341 33.34 21.76 31.17
CA ILE C 341 33.15 22.67 32.30
C ILE C 341 34.47 23.17 32.87
N TYR C 342 34.43 23.80 34.04
CA TYR C 342 35.66 24.31 34.67
C TYR C 342 36.74 23.23 34.60
N GLY C 343 37.99 23.65 34.49
CA GLY C 343 39.02 22.63 34.43
C GLY C 343 39.29 22.31 33.00
N PHE C 344 38.27 21.87 32.27
CA PHE C 344 38.50 21.59 30.87
C PHE C 344 38.85 22.92 30.26
N GLN C 345 38.14 23.97 30.67
CA GLN C 345 38.41 25.28 30.14
C GLN C 345 39.71 25.82 30.72
N TRP C 346 40.05 25.35 31.91
CA TRP C 346 41.27 25.77 32.59
C TRP C 346 42.53 25.19 31.93
N ARG C 347 42.49 23.91 31.60
CA ARG C 347 43.64 23.25 31.00
C ARG C 347 43.54 23.07 29.48
N HIS C 348 42.33 23.19 28.95
CA HIS C 348 42.11 23.02 27.51
C HIS C 348 41.14 24.04 26.97
N TYR C 349 41.40 25.32 27.18
CA TYR C 349 40.48 26.34 26.69
C TYR C 349 40.29 26.19 25.19
N ASN C 350 39.03 26.27 24.75
CA ASN C 350 38.66 26.16 23.34
C ASN C 350 38.90 24.81 22.73
N GLY C 351 39.20 23.81 23.56
CA GLY C 351 39.44 22.48 23.04
C GLY C 351 38.16 21.88 22.51
N GLU C 352 38.26 21.05 21.47
CA GLU C 352 37.07 20.42 20.93
C GLU C 352 36.78 19.20 21.80
N TYR C 353 35.71 19.33 22.59
CA TYR C 353 35.31 18.28 23.52
C TYR C 353 34.55 17.14 22.88
N LYS C 354 34.85 15.91 23.29
CA LYS C 354 34.17 14.72 22.79
C LYS C 354 33.48 14.14 24.03
N THR C 355 34.20 13.32 24.79
CA THR C 355 33.64 12.73 26.00
C THR C 355 34.69 12.82 27.13
N MET C 356 34.26 12.53 28.35
CA MET C 356 35.17 12.59 29.51
C MET C 356 36.24 11.50 29.47
N HIS C 357 36.19 10.64 28.45
CA HIS C 357 37.17 9.57 28.35
C HIS C 357 38.32 9.84 27.42
N ASP C 358 38.12 10.72 26.44
CA ASP C 358 39.20 11.02 25.49
C ASP C 358 40.38 11.67 26.19
N ASP C 359 41.56 11.53 25.59
CA ASP C 359 42.79 12.09 26.15
C ASP C 359 43.09 13.42 25.50
N TYR C 360 42.66 14.50 26.16
CA TYR C 360 42.84 15.85 25.67
C TYR C 360 44.23 16.45 25.82
N THR C 361 45.18 15.63 26.20
CA THR C 361 46.54 16.12 26.37
C THR C 361 46.99 16.85 25.11
N GLY C 362 47.43 18.09 25.28
CA GLY C 362 47.90 18.86 24.14
C GLY C 362 46.87 19.74 23.45
N VAL C 363 45.58 19.47 23.64
CA VAL C 363 44.56 20.28 23.00
C VAL C 363 44.10 21.48 23.83
N GLY C 364 43.71 22.55 23.14
CA GLY C 364 43.24 23.75 23.81
C GLY C 364 44.36 24.63 24.31
N VAL C 365 44.01 25.62 25.11
CA VAL C 365 45.01 26.51 25.68
C VAL C 365 45.11 26.20 27.16
N ASP C 366 46.30 25.88 27.63
CA ASP C 366 46.48 25.58 29.04
C ASP C 366 46.70 26.89 29.81
N GLN C 367 45.60 27.50 30.23
CA GLN C 367 45.66 28.75 30.96
C GLN C 367 46.39 28.58 32.29
N LEU C 368 46.01 27.54 33.03
CA LEU C 368 46.61 27.29 34.33
C LEU C 368 48.12 27.25 34.20
N ALA C 369 48.60 26.53 33.19
CA ALA C 369 50.04 26.45 32.98
C ALA C 369 50.61 27.84 32.76
N LYS C 370 50.06 28.55 31.78
CA LYS C 370 50.55 29.89 31.47
C LYS C 370 50.45 30.82 32.68
N LEU C 371 49.36 30.70 33.41
CA LEU C 371 49.13 31.52 34.59
C LEU C 371 50.33 31.38 35.53
N ILE C 372 50.65 30.15 35.87
CA ILE C 372 51.76 29.85 36.77
C ILE C 372 53.07 30.38 36.20
N GLU C 373 53.26 30.20 34.90
CA GLU C 373 54.48 30.66 34.26
C GLU C 373 54.58 32.17 34.31
N THR C 374 53.49 32.84 33.95
CA THR C 374 53.44 34.29 33.94
C THR C 374 53.61 34.82 35.34
N LEU C 375 52.91 34.19 36.29
CA LEU C 375 52.98 34.60 37.67
C LEU C 375 54.40 34.69 38.19
N LYS C 376 55.24 33.70 37.89
CA LYS C 376 56.61 33.73 38.39
C LYS C 376 57.64 34.41 37.50
N ASN C 377 57.37 34.50 36.20
CA ASN C 377 58.33 35.15 35.31
C ASN C 377 58.07 36.62 35.08
N ASN C 378 56.85 37.07 35.30
CA ASN C 378 56.50 38.48 35.11
C ASN C 378 55.40 38.79 36.11
N PRO C 379 55.74 38.77 37.41
CA PRO C 379 54.79 39.05 38.49
C PRO C 379 54.01 40.37 38.43
N LYS C 380 54.68 41.47 38.11
CA LYS C 380 54.01 42.77 38.05
C LYS C 380 53.07 42.85 36.84
N ASP C 381 53.08 41.81 36.01
CA ASP C 381 52.24 41.72 34.82
C ASP C 381 50.80 41.98 35.23
N ARG C 382 50.03 42.65 34.37
CA ARG C 382 48.65 42.96 34.68
C ARG C 382 47.64 42.10 33.91
N ARG C 383 48.07 40.95 33.43
CA ARG C 383 47.19 40.07 32.69
C ARG C 383 47.06 38.67 33.27
N HIS C 384 47.44 38.49 34.53
CA HIS C 384 47.34 37.19 35.17
C HIS C 384 45.88 36.78 35.28
N ILE C 385 45.30 36.36 34.16
CA ILE C 385 43.89 35.98 34.14
C ILE C 385 43.58 34.52 33.81
N LEU C 386 42.48 34.05 34.38
CA LEU C 386 42.01 32.69 34.18
C LEU C 386 40.49 32.77 33.92
N THR C 387 40.04 32.23 32.80
CA THR C 387 38.62 32.30 32.51
C THR C 387 37.98 30.96 32.22
N ALA C 388 36.68 30.87 32.46
CA ALA C 388 35.93 29.66 32.21
C ALA C 388 34.73 29.98 31.34
N TRP C 389 34.61 31.25 30.95
CA TRP C 389 33.47 31.63 30.12
C TRP C 389 33.79 31.57 28.63
N ASN C 390 33.39 30.46 28.02
CA ASN C 390 33.63 30.23 26.61
C ASN C 390 32.29 30.20 25.87
N PRO C 391 31.95 31.32 25.21
CA PRO C 391 30.69 31.38 24.47
C PRO C 391 30.47 30.17 23.56
N SER C 392 31.55 29.59 23.06
CA SER C 392 31.45 28.45 22.16
C SER C 392 31.15 27.12 22.82
N ALA C 393 31.56 26.96 24.07
CA ALA C 393 31.36 25.71 24.79
C ALA C 393 30.10 25.63 25.65
N LEU C 394 29.61 26.77 26.10
CA LEU C 394 28.42 26.81 26.95
C LEU C 394 27.41 25.70 26.74
N SER C 395 26.85 25.59 25.54
CA SER C 395 25.84 24.58 25.25
C SER C 395 26.20 23.12 25.58
N GLN C 396 27.49 22.81 25.67
CA GLN C 396 27.93 21.45 25.98
C GLN C 396 28.11 21.21 27.47
N MET C 397 28.09 22.28 28.24
CA MET C 397 28.28 22.19 29.68
C MET C 397 27.00 21.82 30.43
N ALA C 398 27.14 21.01 31.46
CA ALA C 398 26.00 20.60 32.25
C ALA C 398 25.51 21.82 33.00
N LEU C 399 26.44 22.73 33.24
CA LEU C 399 26.12 23.95 33.96
C LEU C 399 27.08 25.06 33.55
N PRO C 400 26.54 26.23 33.21
CA PRO C 400 27.41 27.34 32.79
C PRO C 400 28.30 27.74 33.96
N PRO C 401 29.54 28.18 33.68
CA PRO C 401 30.46 28.57 34.75
C PRO C 401 29.90 29.64 35.69
N CYS C 402 29.86 29.33 36.98
CA CYS C 402 29.39 30.29 37.97
C CYS C 402 30.56 31.18 38.35
N HIS C 403 31.69 30.58 38.72
CA HIS C 403 32.89 31.38 39.02
C HIS C 403 33.54 31.57 37.66
N VAL C 404 33.03 32.57 36.98
CA VAL C 404 33.41 32.95 35.62
C VAL C 404 34.84 33.31 35.28
N LEU C 405 35.40 34.29 35.98
CA LEU C 405 36.76 34.72 35.67
C LEU C 405 37.51 35.22 36.89
N SER C 406 38.78 34.86 36.98
CA SER C 406 39.60 35.30 38.10
C SER C 406 40.91 35.91 37.63
N GLN C 407 41.39 36.91 38.38
CA GLN C 407 42.64 37.58 38.06
C GLN C 407 43.56 37.48 39.27
N TYR C 408 44.86 37.43 39.00
CA TYR C 408 45.84 37.29 40.06
C TYR C 408 46.83 38.43 40.08
N TYR C 409 47.22 38.83 41.29
CA TYR C 409 48.13 39.94 41.50
C TYR C 409 49.24 39.56 42.46
N VAL C 410 50.47 39.98 42.15
CA VAL C 410 51.63 39.71 43.00
C VAL C 410 52.05 41.04 43.66
N THR C 411 51.86 41.16 44.96
CA THR C 411 52.21 42.39 45.66
C THR C 411 53.69 42.68 45.63
N ASN C 412 54.06 43.92 45.93
CA ASN C 412 55.46 44.27 45.95
C ASN C 412 56.23 43.47 46.97
N ASP C 413 55.53 43.05 48.02
CA ASP C 413 56.16 42.27 49.08
C ASP C 413 55.94 40.77 48.88
N ASN C 414 55.87 40.37 47.61
CA ASN C 414 55.69 38.98 47.21
C ASN C 414 54.54 38.18 47.79
N CYS C 415 53.37 38.81 47.90
CA CYS C 415 52.17 38.13 48.35
C CYS C 415 51.32 37.94 47.10
N LEU C 416 50.52 36.88 47.07
CA LEU C 416 49.65 36.62 45.90
C LEU C 416 48.19 36.83 46.24
N SER C 417 47.57 37.84 45.65
CA SER C 417 46.16 38.11 45.91
C SER C 417 45.33 37.60 44.74
N CYS C 418 44.03 37.49 44.96
CA CYS C 418 43.12 36.96 43.95
C CYS C 418 41.81 37.72 43.85
N ASN C 419 41.34 37.86 42.61
CA ASN C 419 40.08 38.52 42.32
C ASN C 419 39.25 37.54 41.52
N LEU C 420 38.01 37.32 41.95
CA LEU C 420 37.09 36.40 41.29
C LEU C 420 35.75 37.05 40.98
N TYR C 421 35.32 36.98 39.73
CA TYR C 421 34.01 37.52 39.39
C TYR C 421 33.11 36.32 39.24
N GLN C 422 32.06 36.29 40.05
CA GLN C 422 31.09 35.21 40.01
C GLN C 422 29.77 35.78 39.48
N ARG C 423 29.24 35.20 38.42
CA ARG C 423 28.01 35.68 37.81
C ARG C 423 26.76 35.37 38.64
N SER C 424 26.72 34.18 39.22
CA SER C 424 25.60 33.75 40.03
C SER C 424 26.16 33.11 41.31
N CYS C 425 25.59 33.44 42.47
CA CYS C 425 26.09 32.91 43.73
C CYS C 425 25.00 32.54 44.72
N ASP C 426 24.94 31.26 45.04
CA ASP C 426 23.99 30.75 46.01
C ASP C 426 24.64 31.00 47.37
N LEU C 427 24.29 32.12 48.01
CA LEU C 427 24.89 32.45 49.30
C LEU C 427 24.77 31.36 50.35
N GLY C 428 23.75 30.51 50.23
CA GLY C 428 23.55 29.45 51.21
C GLY C 428 24.45 28.24 51.07
N LEU C 429 24.57 27.73 49.85
CA LEU C 429 25.39 26.56 49.61
C LEU C 429 26.68 26.91 48.89
N GLY C 430 26.55 27.57 47.76
CA GLY C 430 27.73 27.94 46.98
C GLY C 430 28.81 28.73 47.69
N SER C 431 28.54 30.00 47.94
CA SER C 431 29.49 30.91 48.59
C SER C 431 30.47 30.27 49.56
N PRO C 432 29.99 29.67 50.67
CA PRO C 432 30.94 29.06 51.60
C PRO C 432 32.02 28.22 50.89
N PHE C 433 31.59 27.35 49.99
CA PHE C 433 32.50 26.51 49.22
C PHE C 433 33.37 27.41 48.38
N ASN C 434 32.70 28.26 47.60
CA ASN C 434 33.37 29.17 46.71
C ASN C 434 34.52 29.96 47.35
N ILE C 435 34.27 30.54 48.51
CA ILE C 435 35.28 31.31 49.22
C ILE C 435 36.50 30.43 49.53
N ALA C 436 36.27 29.34 50.25
CA ALA C 436 37.35 28.42 50.60
C ALA C 436 38.12 27.95 49.37
N SER C 437 37.38 27.45 48.38
CA SER C 437 37.96 26.95 47.15
C SER C 437 38.98 27.90 46.52
N TYR C 438 38.57 29.13 46.22
CA TYR C 438 39.49 30.07 45.60
C TYR C 438 40.60 30.52 46.54
N ALA C 439 40.37 30.39 47.84
CA ALA C 439 41.38 30.76 48.82
C ALA C 439 42.49 29.73 48.68
N ILE C 440 42.09 28.46 48.66
CA ILE C 440 43.04 27.37 48.53
C ILE C 440 43.81 27.48 47.22
N LEU C 441 43.07 27.63 46.12
CA LEU C 441 43.69 27.74 44.81
C LEU C 441 44.76 28.81 44.81
N THR C 442 44.51 29.90 45.52
CA THR C 442 45.47 30.97 45.57
C THR C 442 46.70 30.51 46.31
N MET C 443 46.49 29.84 47.45
CA MET C 443 47.60 29.33 48.26
C MET C 443 48.45 28.34 47.47
N MET C 444 47.79 27.48 46.70
CA MET C 444 48.52 26.52 45.90
C MET C 444 49.34 27.28 44.88
N LEU C 445 48.69 28.14 44.10
CA LEU C 445 49.37 28.92 43.09
C LEU C 445 50.56 29.64 43.71
N ALA C 446 50.40 30.05 44.96
CA ALA C 446 51.46 30.76 45.68
C ALA C 446 52.67 29.88 46.03
N GLN C 447 52.41 28.72 46.63
CA GLN C 447 53.49 27.82 47.00
C GLN C 447 54.30 27.46 45.75
N VAL C 448 53.60 27.10 44.69
CA VAL C 448 54.19 26.71 43.42
C VAL C 448 54.96 27.84 42.70
N CYS C 449 54.56 29.08 42.94
CA CYS C 449 55.22 30.22 42.29
C CYS C 449 56.20 30.92 43.21
N GLY C 450 56.31 30.40 44.43
CA GLY C 450 57.24 30.97 45.40
C GLY C 450 56.76 32.23 46.08
N TYR C 451 55.45 32.31 46.35
CA TYR C 451 54.88 33.46 47.03
C TYR C 451 54.07 32.98 48.22
N GLU C 452 53.42 33.93 48.89
CA GLU C 452 52.57 33.60 50.00
C GLU C 452 51.22 34.26 49.76
N PRO C 453 50.15 33.65 50.26
CA PRO C 453 48.79 34.17 50.10
C PRO C 453 48.65 35.64 50.53
N GLY C 454 47.92 36.39 49.73
CA GLY C 454 47.69 37.79 50.01
C GLY C 454 46.26 38.05 50.44
N GLU C 455 45.44 38.52 49.49
CA GLU C 455 44.05 38.82 49.75
C GLU C 455 43.14 38.22 48.69
N LEU C 456 41.91 37.90 49.10
CA LEU C 456 40.92 37.32 48.20
C LEU C 456 39.70 38.22 48.15
N ALA C 457 39.40 38.72 46.95
CA ALA C 457 38.24 39.58 46.76
C ALA C 457 37.29 38.94 45.76
N ILE C 458 36.02 38.80 46.14
CA ILE C 458 35.03 38.20 45.28
C ILE C 458 33.95 39.21 44.88
N PHE C 459 33.71 39.32 43.58
CA PHE C 459 32.69 40.24 43.05
C PHE C 459 31.54 39.43 42.51
N ILE C 460 30.39 39.57 43.17
CA ILE C 460 29.20 38.83 42.79
C ILE C 460 28.29 39.57 41.84
N GLY C 461 27.64 38.80 40.96
CA GLY C 461 26.68 39.36 40.03
C GLY C 461 25.35 39.13 40.71
N ASP C 462 24.68 38.03 40.40
CA ASP C 462 23.39 37.75 41.01
C ASP C 462 23.57 37.04 42.34
N ALA C 463 23.66 37.80 43.41
CA ALA C 463 23.81 37.26 44.75
C ALA C 463 22.40 37.01 45.27
N HIS C 464 22.06 35.73 45.45
CA HIS C 464 20.73 35.34 45.89
C HIS C 464 20.69 34.30 47.02
N ILE C 465 19.52 34.18 47.62
CA ILE C 465 19.29 33.21 48.69
C ILE C 465 18.05 32.40 48.27
N TYR C 466 18.19 31.08 48.16
CA TYR C 466 17.06 30.24 47.79
C TYR C 466 16.08 30.25 48.95
N GLU C 467 14.82 30.51 48.65
CA GLU C 467 13.78 30.61 49.66
C GLU C 467 13.70 29.45 50.65
N ASN C 468 14.22 28.29 50.27
CA ASN C 468 14.20 27.14 51.16
C ASN C 468 15.41 27.12 52.10
N HIS C 469 16.21 28.17 52.06
CA HIS C 469 17.38 28.28 52.93
C HIS C 469 17.14 29.34 53.99
N LEU C 470 15.97 29.97 53.96
CA LEU C 470 15.65 31.05 54.90
C LEU C 470 15.75 30.75 56.39
N THR C 471 15.11 29.68 56.85
CA THR C 471 15.21 29.38 58.27
C THR C 471 16.63 28.97 58.62
N GLN C 472 17.31 28.28 57.72
CA GLN C 472 18.69 27.84 57.95
C GLN C 472 19.64 29.02 58.11
N LEU C 473 19.62 29.93 57.14
CA LEU C 473 20.50 31.09 57.19
C LEU C 473 20.15 32.04 58.34
N LYS C 474 18.90 31.95 58.82
CA LYS C 474 18.50 32.79 59.94
C LYS C 474 19.19 32.21 61.15
N GLU C 475 19.19 30.88 61.22
CA GLU C 475 19.83 30.12 62.30
C GLU C 475 21.33 30.45 62.30
N GLN C 476 21.92 30.45 61.10
CA GLN C 476 23.32 30.75 60.96
C GLN C 476 23.61 32.20 61.40
N LEU C 477 22.77 33.14 60.99
CA LEU C 477 22.99 34.53 61.35
C LEU C 477 22.89 34.80 62.84
N SER C 478 22.44 33.80 63.59
CA SER C 478 22.29 33.95 65.03
C SER C 478 23.55 33.56 65.77
N ARG C 479 24.53 33.05 65.04
CA ARG C 479 25.78 32.61 65.64
C ARG C 479 26.88 33.67 65.54
N THR C 480 27.52 33.99 66.67
CA THR C 480 28.59 34.97 66.64
C THR C 480 29.84 34.27 66.12
N PRO C 481 30.51 34.88 65.13
CA PRO C 481 31.73 34.36 64.51
C PRO C 481 32.85 34.03 65.49
N ARG C 482 33.60 32.99 65.18
CA ARG C 482 34.74 32.57 65.98
C ARG C 482 35.93 32.84 65.08
N PRO C 483 37.13 32.93 65.64
CA PRO C 483 38.27 33.20 64.75
C PRO C 483 38.48 32.17 63.65
N PHE C 484 38.83 32.65 62.46
CA PHE C 484 39.08 31.77 61.33
C PHE C 484 40.22 30.83 61.71
N PRO C 485 40.28 29.67 61.06
CA PRO C 485 41.36 28.74 61.38
C PRO C 485 42.57 29.06 60.52
N GLN C 486 43.51 28.11 60.44
CA GLN C 486 44.70 28.25 59.62
C GLN C 486 44.72 27.02 58.75
N LEU C 487 45.22 27.16 57.54
CA LEU C 487 45.27 26.01 56.65
C LEU C 487 46.67 26.02 56.07
N LYS C 488 47.40 24.92 56.25
CA LYS C 488 48.76 24.81 55.75
C LYS C 488 49.02 23.53 54.97
N PHE C 489 49.99 23.62 54.05
CA PHE C 489 50.39 22.49 53.24
C PHE C 489 51.53 21.81 54.00
N LYS C 490 51.48 20.49 54.08
CA LYS C 490 52.48 19.74 54.82
C LYS C 490 53.78 19.48 54.04
N ARG C 491 53.79 19.79 52.74
CA ARG C 491 54.98 19.59 51.92
C ARG C 491 54.96 20.51 50.72
N LYS C 492 56.12 20.74 50.13
CA LYS C 492 56.17 21.60 48.96
C LYS C 492 56.07 20.73 47.71
N VAL C 493 54.92 20.80 47.05
CA VAL C 493 54.74 20.00 45.84
C VAL C 493 55.56 20.62 44.74
N GLU C 494 55.96 19.81 43.77
CA GLU C 494 56.76 20.32 42.67
C GLU C 494 55.82 20.86 41.61
N ASN C 495 54.79 20.08 41.31
CA ASN C 495 53.80 20.49 40.33
C ASN C 495 52.44 20.67 41.00
N ILE C 496 51.80 21.80 40.71
CA ILE C 496 50.50 22.12 41.30
C ILE C 496 49.48 20.98 41.36
N GLU C 497 49.49 20.07 40.39
CA GLU C 497 48.52 18.98 40.39
C GLU C 497 48.85 17.78 41.26
N ASP C 498 49.96 17.87 41.99
CA ASP C 498 50.39 16.79 42.86
C ASP C 498 49.79 16.90 44.26
N PHE C 499 49.09 18.00 44.54
CA PHE C 499 48.48 18.18 45.85
C PHE C 499 47.49 17.07 46.14
N LYS C 500 47.47 16.61 47.39
CA LYS C 500 46.57 15.55 47.82
C LYS C 500 45.96 16.00 49.14
N TRP C 501 44.79 15.48 49.45
CA TRP C 501 44.09 15.83 50.69
C TRP C 501 45.02 15.75 51.91
N GLU C 502 45.84 14.72 51.96
CA GLU C 502 46.78 14.49 53.07
C GLU C 502 47.79 15.60 53.27
N ASP C 503 48.05 16.36 52.21
CA ASP C 503 49.00 17.46 52.25
C ASP C 503 48.45 18.70 52.97
N ILE C 504 47.18 18.66 53.36
CA ILE C 504 46.55 19.81 54.02
C ILE C 504 46.34 19.68 55.53
N GLU C 505 46.57 20.78 56.23
CA GLU C 505 46.40 20.85 57.68
C GLU C 505 45.44 21.96 58.05
N LEU C 506 44.33 21.62 58.68
CA LEU C 506 43.37 22.62 59.09
C LEU C 506 43.55 22.82 60.57
N ILE C 507 44.40 23.79 60.94
CA ILE C 507 44.69 24.04 62.33
C ILE C 507 43.75 25.01 63.05
N GLY C 508 43.16 24.54 64.14
CA GLY C 508 42.28 25.37 64.95
C GLY C 508 40.92 25.73 64.41
N TYR C 509 40.26 24.80 63.73
CA TYR C 509 38.94 25.07 63.20
C TYR C 509 37.90 24.60 64.21
N TYR C 510 37.20 25.54 64.82
CA TYR C 510 36.18 25.20 65.80
C TYR C 510 34.84 25.84 65.41
N PRO C 511 34.21 25.33 64.35
CA PRO C 511 32.92 25.85 63.89
C PRO C 511 31.71 25.45 64.70
N TYR C 512 30.58 26.09 64.39
CA TYR C 512 29.33 25.75 65.04
C TYR C 512 28.86 24.55 64.27
N PRO C 513 27.90 23.80 64.84
CA PRO C 513 27.37 22.60 64.17
C PRO C 513 26.94 22.87 62.74
N THR C 514 27.15 21.88 61.88
CA THR C 514 26.79 22.02 60.47
C THR C 514 25.29 22.32 60.33
N ILE C 515 24.93 23.02 59.25
CA ILE C 515 23.53 23.37 58.98
C ILE C 515 23.07 22.80 57.65
N LYS C 516 22.15 21.84 57.69
CA LYS C 516 21.65 21.21 56.47
C LYS C 516 20.85 22.13 55.55
N MET C 517 21.22 22.13 54.26
CA MET C 517 20.54 22.94 53.24
C MET C 517 20.51 22.17 51.93
N ASP C 518 19.37 22.17 51.25
CA ASP C 518 19.25 21.43 50.00
C ASP C 518 19.49 22.22 48.72
N MET C 519 20.30 21.62 47.83
CA MET C 519 20.64 22.24 46.54
C MET C 519 19.49 22.21 45.55
N ALA C 520 19.40 23.26 44.74
CA ALA C 520 18.37 23.36 43.71
C ALA C 520 19.07 22.92 42.42
N VAL C 521 18.51 21.88 41.77
CA VAL C 521 19.10 21.35 40.53
C VAL C 521 18.93 22.27 39.31
N GLU D 3 19.31 78.60 72.95
CA GLU D 3 19.59 78.87 71.50
C GLU D 3 18.32 78.67 70.64
N LYS D 4 18.50 78.35 69.36
CA LYS D 4 17.42 78.13 68.38
C LYS D 4 18.06 78.23 67.00
N ASN D 5 17.86 77.21 66.17
CA ASN D 5 18.47 77.14 64.85
C ASN D 5 17.91 78.01 63.72
N VAL D 6 18.79 78.44 62.83
CA VAL D 6 18.41 79.27 61.68
C VAL D 6 19.01 78.71 60.41
N SER D 7 18.19 78.04 59.60
CA SER D 7 18.68 77.47 58.36
C SER D 7 18.14 78.15 57.12
N ILE D 8 18.99 78.21 56.10
CA ILE D 8 18.61 78.81 54.83
C ILE D 8 18.17 77.66 53.93
N VAL D 9 17.14 77.90 53.13
CA VAL D 9 16.66 76.90 52.20
C VAL D 9 16.63 77.63 50.89
N VAL D 10 17.36 77.14 49.91
CA VAL D 10 17.38 77.82 48.63
C VAL D 10 17.72 76.87 47.50
N ALA D 11 17.29 77.23 46.30
CA ALA D 11 17.56 76.46 45.11
C ALA D 11 18.18 77.42 44.10
N ALA D 12 19.42 77.17 43.72
CA ALA D 12 20.08 78.05 42.76
C ALA D 12 20.75 77.25 41.65
N SER D 13 20.95 77.88 40.50
CA SER D 13 21.59 77.20 39.38
C SER D 13 22.99 76.79 39.80
N VAL D 14 23.47 75.68 39.24
CA VAL D 14 24.78 75.14 39.57
C VAL D 14 25.97 76.07 39.39
N LEU D 15 26.00 76.80 38.26
CA LEU D 15 27.12 77.69 37.99
C LEU D 15 27.04 79.12 38.52
N SER D 16 25.95 79.84 38.25
CA SER D 16 25.88 81.22 38.72
C SER D 16 24.98 81.50 39.92
N SER D 17 24.46 80.44 40.55
CA SER D 17 23.57 80.58 41.72
C SER D 17 22.34 81.42 41.40
N GLY D 18 21.79 81.22 40.20
CA GLY D 18 20.59 81.95 39.81
C GLY D 18 19.40 81.35 40.53
N ILE D 19 18.58 82.20 41.14
CA ILE D 19 17.42 81.72 41.86
C ILE D 19 16.09 82.36 41.44
N GLY D 20 16.15 83.46 40.71
CA GLY D 20 14.91 84.10 40.31
C GLY D 20 14.92 84.86 38.99
N ILE D 21 13.74 85.01 38.42
CA ILE D 21 13.57 85.72 37.17
C ILE D 21 12.15 86.28 37.16
N ASN D 22 12.05 87.60 37.09
CA ASN D 22 10.77 88.30 37.08
C ASN D 22 9.84 87.75 38.15
N GLY D 23 10.31 87.71 39.39
CA GLY D 23 9.49 87.22 40.49
C GLY D 23 9.08 85.77 40.42
N GLN D 24 9.75 84.99 39.59
CA GLN D 24 9.41 83.58 39.47
C GLN D 24 10.63 82.68 39.61
N LEU D 25 10.42 81.43 39.95
CA LEU D 25 11.52 80.49 40.04
C LEU D 25 11.84 80.25 38.57
N PRO D 26 13.12 80.21 38.21
CA PRO D 26 13.47 80.00 36.81
C PRO D 26 13.31 78.56 36.29
N TRP D 27 12.53 77.76 37.00
CA TRP D 27 12.31 76.37 36.62
C TRP D 27 11.21 75.82 37.52
N SER D 28 10.65 74.66 37.18
CA SER D 28 9.61 74.08 38.02
C SER D 28 9.87 72.60 38.30
N ILE D 29 10.37 72.33 39.50
CA ILE D 29 10.68 70.97 39.93
C ILE D 29 9.86 70.72 41.18
N SER D 30 8.78 69.96 41.04
CA SER D 30 7.92 69.72 42.19
C SER D 30 8.64 69.03 43.34
N GLU D 31 9.55 68.11 43.03
CA GLU D 31 10.28 67.41 44.08
C GLU D 31 11.01 68.38 45.00
N ASP D 32 11.56 69.44 44.44
CA ASP D 32 12.28 70.43 45.22
C ASP D 32 11.32 71.25 46.07
N LEU D 33 10.12 71.49 45.55
CA LEU D 33 9.15 72.23 46.33
C LEU D 33 8.73 71.32 47.45
N LYS D 34 8.57 70.05 47.14
CA LYS D 34 8.18 69.06 48.11
C LYS D 34 9.27 68.99 49.18
N PHE D 35 10.52 69.16 48.75
CA PHE D 35 11.63 69.14 49.69
C PHE D 35 11.51 70.33 50.61
N PHE D 36 11.44 71.51 50.01
CA PHE D 36 11.30 72.74 50.78
C PHE D 36 10.22 72.57 51.82
N SER D 37 9.11 71.99 51.41
CA SER D 37 7.99 71.79 52.33
C SER D 37 8.31 70.81 53.46
N LYS D 38 8.94 69.68 53.10
CA LYS D 38 9.32 68.67 54.09
C LYS D 38 10.29 69.23 55.12
N ILE D 39 11.35 69.85 54.62
CA ILE D 39 12.37 70.40 55.49
C ILE D 39 11.88 71.53 56.39
N THR D 40 11.09 72.45 55.85
CA THR D 40 10.62 73.58 56.64
C THR D 40 9.47 73.24 57.58
N ASN D 41 8.93 72.04 57.46
CA ASN D 41 7.84 71.62 58.31
C ASN D 41 8.40 70.70 59.40
N ASN D 42 9.47 70.01 59.05
CA ASN D 42 10.18 69.09 59.93
C ASN D 42 10.49 69.69 61.31
N LYS D 43 9.80 69.22 62.35
CA LYS D 43 10.02 69.76 63.70
C LYS D 43 9.81 68.66 64.76
N CYS D 44 10.48 68.80 65.90
CA CYS D 44 10.37 67.81 66.97
C CYS D 44 9.11 67.98 67.85
N ASP D 45 8.83 69.22 68.24
CA ASP D 45 7.70 69.51 69.13
C ASP D 45 6.34 69.72 68.43
N SER D 46 5.46 68.74 68.56
CA SER D 46 4.13 68.82 67.92
C SER D 46 3.43 70.13 68.29
N ASN D 47 3.67 70.61 69.51
CA ASN D 47 3.03 71.84 69.96
C ASN D 47 3.69 73.13 69.52
N LYS D 48 4.73 73.04 68.69
CA LYS D 48 5.41 74.23 68.20
C LYS D 48 5.28 74.31 66.68
N LYS D 49 5.69 75.43 66.10
CA LYS D 49 5.64 75.61 64.65
C LYS D 49 7.01 76.15 64.23
N ASN D 50 7.30 76.07 62.94
CA ASN D 50 8.56 76.62 62.46
C ASN D 50 8.24 77.98 61.83
N ALA D 51 9.21 78.89 61.80
CA ALA D 51 8.96 80.20 61.23
C ALA D 51 9.80 80.38 59.98
N LEU D 52 9.13 80.81 58.90
CA LEU D 52 9.82 81.02 57.64
C LEU D 52 9.90 82.49 57.32
N ILE D 53 11.12 83.02 57.34
CA ILE D 53 11.37 84.43 57.07
C ILE D 53 11.54 84.63 55.57
N MET D 54 10.98 85.70 55.03
CA MET D 54 11.12 85.99 53.60
C MET D 54 10.90 87.45 53.26
N GLY D 55 11.56 87.88 52.19
CA GLY D 55 11.42 89.26 51.75
C GLY D 55 10.02 89.47 51.23
N ARG D 56 9.58 90.73 51.14
CA ARG D 56 8.24 91.01 50.66
C ARG D 56 8.00 90.48 49.26
N LYS D 57 8.95 90.72 48.37
CA LYS D 57 8.83 90.25 47.01
C LYS D 57 8.54 88.74 46.96
N THR D 58 9.23 87.95 47.77
CA THR D 58 9.00 86.50 47.78
C THR D 58 7.59 86.27 48.28
N TRP D 59 7.19 87.06 49.27
CA TRP D 59 5.85 86.97 49.84
C TRP D 59 4.84 87.16 48.71
N ASP D 60 5.13 88.06 47.77
CA ASP D 60 4.23 88.28 46.65
C ASP D 60 4.22 87.03 45.77
N SER D 61 5.41 86.43 45.61
CA SER D 61 5.59 85.24 44.79
C SER D 61 4.78 84.05 45.31
N ILE D 62 4.68 83.93 46.63
CA ILE D 62 3.92 82.87 47.26
C ILE D 62 2.43 83.13 47.04
N GLY D 63 2.09 84.34 46.64
CA GLY D 63 0.70 84.69 46.42
C GLY D 63 0.07 85.21 47.71
N ARG D 64 0.92 85.70 48.61
CA ARG D 64 0.47 86.25 49.88
C ARG D 64 -0.56 85.40 50.60
N ARG D 65 -0.34 84.09 50.60
CA ARG D 65 -1.22 83.15 51.30
C ARG D 65 -0.30 82.27 52.13
N PRO D 66 -0.62 82.08 53.41
CA PRO D 66 0.14 81.27 54.37
C PRO D 66 0.50 79.84 53.96
N LEU D 67 1.59 79.32 54.52
CA LEU D 67 2.05 77.96 54.26
C LEU D 67 1.58 77.14 55.46
N LYS D 68 0.82 76.08 55.19
CA LYS D 68 0.28 75.22 56.22
C LYS D 68 1.23 74.82 57.34
N ASN D 69 0.70 74.76 58.56
CA ASN D 69 1.44 74.35 59.76
C ASN D 69 2.62 75.25 60.13
N ARG D 70 2.90 76.23 59.30
CA ARG D 70 4.03 77.11 59.59
C ARG D 70 3.62 78.55 59.79
N ILE D 71 4.61 79.40 60.05
CA ILE D 71 4.35 80.81 60.25
C ILE D 71 5.27 81.61 59.36
N ILE D 72 4.67 82.40 58.46
CA ILE D 72 5.47 83.21 57.54
C ILE D 72 5.77 84.56 58.15
N VAL D 73 7.06 84.90 58.14
CA VAL D 73 7.53 86.17 58.67
C VAL D 73 7.98 87.04 57.52
N VAL D 74 7.22 88.09 57.22
CA VAL D 74 7.58 88.96 56.10
C VAL D 74 8.37 90.18 56.53
N ILE D 75 9.48 90.41 55.87
CA ILE D 75 10.30 91.56 56.16
C ILE D 75 9.94 92.61 55.12
N SER D 76 9.41 93.74 55.57
CA SER D 76 9.05 94.83 54.67
C SER D 76 8.92 96.14 55.43
N SER D 77 9.30 97.22 54.75
CA SER D 77 9.24 98.55 55.35
C SER D 77 7.81 99.08 55.29
N SER D 78 7.10 98.77 54.21
CA SER D 78 5.73 99.23 53.99
C SER D 78 4.60 98.35 54.54
N LEU D 79 4.54 97.10 54.11
CA LEU D 79 3.49 96.17 54.52
C LEU D 79 3.02 96.34 55.97
N PRO D 80 1.70 96.49 56.15
CA PRO D 80 1.06 96.67 57.46
C PRO D 80 1.23 95.50 58.42
N GLN D 81 1.39 95.81 59.70
CA GLN D 81 1.52 94.76 60.72
C GLN D 81 0.12 94.19 60.99
N ASP D 82 -0.48 93.59 59.95
CA ASP D 82 -1.83 93.00 60.01
C ASP D 82 -2.04 92.03 61.19
N GLU D 83 -2.81 92.46 62.17
CA GLU D 83 -3.09 91.60 63.31
C GLU D 83 -4.00 90.46 62.89
N ALA D 84 -4.53 90.58 61.67
CA ALA D 84 -5.44 89.59 61.10
C ALA D 84 -4.93 88.14 61.08
N ASP D 85 -4.21 87.76 60.01
CA ASP D 85 -3.72 86.39 59.92
C ASP D 85 -2.67 86.13 60.99
N PRO D 86 -2.89 85.12 61.82
CA PRO D 86 -1.96 84.76 62.89
C PRO D 86 -0.73 84.02 62.37
N ASN D 87 -0.89 83.31 61.26
CA ASN D 87 0.20 82.54 60.68
C ASN D 87 1.15 83.42 59.87
N VAL D 88 0.86 84.72 59.83
CA VAL D 88 1.70 85.63 59.09
C VAL D 88 1.91 86.88 59.92
N VAL D 89 3.14 87.35 59.98
CA VAL D 89 3.44 88.53 60.74
C VAL D 89 4.51 89.34 59.99
N VAL D 90 4.48 90.66 60.13
CA VAL D 90 5.43 91.52 59.45
C VAL D 90 6.45 92.16 60.39
N PHE D 91 7.65 92.40 59.87
CA PHE D 91 8.73 93.02 60.62
C PHE D 91 9.43 94.04 59.74
N ARG D 92 9.91 95.12 60.35
CA ARG D 92 10.56 96.17 59.59
C ARG D 92 11.98 95.93 59.13
N ASN D 93 12.72 95.08 59.84
CA ASN D 93 14.10 94.75 59.45
C ASN D 93 14.38 93.30 59.81
N LEU D 94 15.33 92.70 59.10
CA LEU D 94 15.67 91.31 59.34
C LEU D 94 16.05 91.03 60.79
N GLU D 95 17.01 91.78 61.31
CA GLU D 95 17.46 91.56 62.70
C GLU D 95 16.32 91.47 63.71
N ASP D 96 15.44 92.45 63.69
CA ASP D 96 14.32 92.46 64.62
C ASP D 96 13.52 91.17 64.59
N SER D 97 13.15 90.72 63.39
CA SER D 97 12.37 89.49 63.24
C SER D 97 13.08 88.40 64.02
N ILE D 98 14.39 88.29 63.83
CA ILE D 98 15.14 87.29 64.57
C ILE D 98 15.16 87.70 66.04
N GLU D 99 14.30 87.02 66.77
CA GLU D 99 14.06 87.20 68.19
C GLU D 99 13.04 86.08 68.38
N ASN D 100 12.72 85.43 67.26
CA ASN D 100 11.83 84.30 67.24
C ASN D 100 12.49 83.40 68.28
N LEU D 101 13.82 83.56 68.36
CA LEU D 101 14.65 82.84 69.31
C LEU D 101 14.22 83.39 70.66
N MET D 102 14.44 84.70 70.81
CA MET D 102 14.16 85.49 72.02
C MET D 102 12.80 85.32 72.67
N ASN D 103 12.07 84.29 72.27
CA ASN D 103 10.75 84.05 72.82
C ASN D 103 10.02 83.09 71.90
N ASP D 104 8.72 83.36 71.73
CA ASP D 104 7.86 82.56 70.90
C ASP D 104 8.47 81.19 70.95
N ASP D 105 8.57 80.66 72.18
CA ASP D 105 9.13 79.35 72.39
C ASP D 105 8.22 78.39 71.64
N SER D 106 7.14 78.96 71.09
CA SER D 106 6.17 78.21 70.30
C SER D 106 6.87 77.93 68.96
N ILE D 107 7.82 78.80 68.63
CA ILE D 107 8.62 78.69 67.40
C ILE D 107 9.85 77.82 67.67
N GLU D 108 9.83 76.59 67.17
CA GLU D 108 10.94 75.66 67.37
C GLU D 108 12.20 75.96 66.55
N ASN D 109 12.03 76.17 65.24
CA ASN D 109 13.16 76.44 64.36
C ASN D 109 12.90 77.60 63.40
N ILE D 110 13.97 78.15 62.87
CA ILE D 110 13.84 79.29 61.96
C ILE D 110 14.47 79.00 60.60
N PHE D 111 13.78 79.41 59.54
CA PHE D 111 14.25 79.20 58.18
C PHE D 111 14.24 80.49 57.38
N VAL D 112 15.38 80.83 56.80
CA VAL D 112 15.48 82.03 55.98
C VAL D 112 15.07 81.53 54.61
N CYS D 113 13.82 81.79 54.25
CA CYS D 113 13.28 81.30 52.99
C CYS D 113 13.38 82.13 51.73
N GLY D 114 14.32 83.05 51.65
CA GLY D 114 14.38 83.72 50.37
C GLY D 114 14.29 85.20 50.19
N GLY D 115 14.88 85.58 49.07
CA GLY D 115 14.97 86.96 48.65
C GLY D 115 16.46 87.17 48.58
N GLU D 116 17.00 87.39 47.39
CA GLU D 116 18.43 87.61 47.27
C GLU D 116 18.85 88.58 48.38
N SER D 117 18.05 89.62 48.56
CA SER D 117 18.34 90.61 49.59
C SER D 117 18.30 90.02 50.98
N ILE D 118 17.25 89.27 51.29
CA ILE D 118 17.14 88.67 52.61
C ILE D 118 18.23 87.62 52.83
N TYR D 119 18.57 86.88 51.78
CA TYR D 119 19.61 85.88 51.92
C TYR D 119 20.91 86.60 52.27
N ARG D 120 21.31 87.52 51.38
CA ARG D 120 22.51 88.31 51.52
C ARG D 120 22.65 88.92 52.93
N ASP D 121 21.57 89.50 53.43
CA ASP D 121 21.58 90.11 54.75
C ASP D 121 21.72 89.09 55.87
N ALA D 122 21.05 87.96 55.72
CA ALA D 122 21.12 86.92 56.73
C ALA D 122 22.57 86.48 56.90
N LEU D 123 23.25 86.26 55.78
CA LEU D 123 24.65 85.85 55.82
C LEU D 123 25.54 86.96 56.37
N LYS D 124 25.43 88.16 55.78
CA LYS D 124 26.23 89.31 56.20
C LYS D 124 26.22 89.56 57.70
N ASP D 125 25.06 89.39 58.33
CA ASP D 125 24.96 89.62 59.77
C ASP D 125 25.19 88.35 60.57
N ASN D 126 25.67 87.32 59.89
CA ASN D 126 25.96 86.03 60.50
C ASN D 126 24.82 85.45 61.32
N PHE D 127 23.59 85.58 60.81
CA PHE D 127 22.40 85.09 61.50
C PHE D 127 22.13 83.61 61.21
N VAL D 128 22.72 83.08 60.15
CA VAL D 128 22.46 81.70 59.79
C VAL D 128 23.47 80.63 60.18
N ASP D 129 22.91 79.50 60.64
CA ASP D 129 23.65 78.35 61.08
C ASP D 129 23.87 77.34 59.95
N ARG D 130 22.81 77.10 59.18
CA ARG D 130 22.85 76.11 58.11
C ARG D 130 22.30 76.61 56.77
N ILE D 131 22.71 75.94 55.70
CA ILE D 131 22.27 76.25 54.36
C ILE D 131 21.84 74.98 53.63
N TYR D 132 20.56 74.89 53.27
CA TYR D 132 20.05 73.75 52.50
C TYR D 132 20.02 74.27 51.07
N LEU D 133 20.96 73.80 50.26
CA LEU D 133 21.07 74.27 48.88
C LEU D 133 20.72 73.25 47.81
N THR D 134 19.68 73.54 47.03
CA THR D 134 19.33 72.64 45.95
C THR D 134 20.03 73.20 44.73
N ARG D 135 20.93 72.41 44.16
CA ARG D 135 21.64 72.84 42.98
C ARG D 135 20.89 72.39 41.74
N VAL D 136 20.47 73.36 40.92
CA VAL D 136 19.73 73.03 39.72
C VAL D 136 20.66 73.15 38.52
N ALA D 137 20.62 72.14 37.67
CA ALA D 137 21.50 72.10 36.52
C ALA D 137 21.04 72.71 35.21
N LEU D 138 20.72 73.99 35.20
CA LEU D 138 20.36 74.65 33.94
C LEU D 138 20.89 76.06 34.11
N GLU D 139 21.89 76.37 33.28
CA GLU D 139 22.61 77.63 33.38
C GLU D 139 22.53 78.59 32.20
N ASP D 140 21.80 78.26 31.13
CA ASP D 140 21.74 79.21 30.03
C ASP D 140 20.35 79.74 29.81
N ILE D 141 19.86 80.37 30.87
CA ILE D 141 18.54 80.97 30.91
C ILE D 141 18.70 82.30 31.65
N GLU D 142 17.74 83.20 31.50
CA GLU D 142 17.84 84.48 32.15
C GLU D 142 17.64 84.38 33.66
N PHE D 143 18.38 85.21 34.39
CA PHE D 143 18.29 85.26 35.85
C PHE D 143 18.37 86.72 36.23
N ASP D 144 17.65 87.13 37.27
CA ASP D 144 17.75 88.51 37.71
C ASP D 144 17.96 88.54 39.20
N THR D 145 17.85 87.38 39.85
CA THR D 145 18.06 87.25 41.29
C THR D 145 19.07 86.13 41.55
N TYR D 146 19.95 86.35 42.51
CA TYR D 146 20.98 85.36 42.80
C TYR D 146 21.14 85.03 44.27
N PHE D 147 21.78 83.90 44.52
CA PHE D 147 22.07 83.49 45.90
C PHE D 147 23.53 83.94 46.10
N PRO D 148 23.80 84.69 47.16
CA PRO D 148 25.19 85.13 47.39
C PRO D 148 26.16 83.97 47.57
N GLU D 149 27.46 84.25 47.42
CA GLU D 149 28.47 83.20 47.59
C GLU D 149 28.49 82.79 49.05
N ILE D 150 28.54 81.48 49.30
CA ILE D 150 28.56 81.00 50.67
C ILE D 150 29.87 81.38 51.37
N PRO D 151 29.76 82.15 52.46
CA PRO D 151 30.94 82.57 53.22
C PRO D 151 31.79 81.37 53.65
N GLU D 152 33.10 81.61 53.78
CA GLU D 152 34.02 80.56 54.16
C GLU D 152 33.78 79.91 55.51
N THR D 153 32.99 80.54 56.38
CA THR D 153 32.71 79.95 57.69
C THR D 153 31.80 78.73 57.54
N PHE D 154 31.30 78.55 56.32
CA PHE D 154 30.42 77.44 55.99
C PHE D 154 31.15 76.35 55.22
N LEU D 155 30.82 75.11 55.54
CA LEU D 155 31.43 73.99 54.87
C LEU D 155 30.37 72.96 54.59
N PRO D 156 30.47 72.29 53.44
CA PRO D 156 29.53 71.24 53.01
C PRO D 156 29.71 69.96 53.81
N VAL D 157 28.60 69.42 54.29
CA VAL D 157 28.68 68.20 55.07
C VAL D 157 27.89 67.07 54.41
N TYR D 158 27.15 67.40 53.38
CA TYR D 158 26.34 66.41 52.68
C TYR D 158 26.03 66.83 51.25
N MET D 159 26.11 65.88 50.32
CA MET D 159 25.81 66.14 48.92
C MET D 159 25.09 64.91 48.36
N SER D 160 23.80 65.05 48.11
CA SER D 160 22.98 63.95 47.60
C SER D 160 23.38 63.48 46.21
N GLN D 161 22.77 62.38 45.81
CA GLN D 161 22.99 61.83 44.49
C GLN D 161 22.28 62.82 43.57
N THR D 162 22.39 62.62 42.27
CA THR D 162 21.72 63.51 41.34
C THR D 162 20.32 62.97 41.01
N PHE D 163 19.35 63.87 40.90
CA PHE D 163 17.99 63.47 40.56
C PHE D 163 17.57 64.17 39.27
N CYS D 164 16.59 63.59 38.57
CA CYS D 164 16.05 64.15 37.32
C CYS D 164 14.58 64.51 37.42
N THR D 165 14.22 65.56 36.70
CA THR D 165 12.86 66.03 36.64
C THR D 165 12.78 66.82 35.34
N LYS D 166 12.04 66.27 34.38
CA LYS D 166 11.92 66.92 33.08
C LYS D 166 13.29 67.07 32.46
N ASN D 167 14.17 66.10 32.73
CA ASN D 167 15.53 66.08 32.22
C ASN D 167 16.46 67.12 32.84
N ILE D 168 15.98 67.76 33.90
CA ILE D 168 16.80 68.74 34.61
C ILE D 168 17.45 68.00 35.75
N SER D 169 18.78 68.10 35.85
CA SER D 169 19.49 67.44 36.91
C SER D 169 19.62 68.38 38.10
N TYR D 170 19.70 67.81 39.31
CA TYR D 170 19.84 68.61 40.51
C TYR D 170 20.32 67.83 41.72
N ASP D 171 20.94 68.57 42.64
CA ASP D 171 21.47 68.06 43.90
C ASP D 171 20.77 68.65 45.09
N PHE D 172 21.17 68.16 46.24
CA PHE D 172 20.68 68.59 47.53
C PHE D 172 21.91 68.48 48.41
N MET D 173 22.43 69.61 48.88
CA MET D 173 23.57 69.54 49.76
C MET D 173 23.41 70.56 50.87
N ILE D 174 23.85 70.20 52.07
CA ILE D 174 23.72 71.12 53.19
C ILE D 174 25.04 71.57 53.76
N PHE D 175 25.16 72.87 53.92
CA PHE D 175 26.37 73.45 54.47
C PHE D 175 26.16 73.82 55.92
N GLU D 176 27.11 73.47 56.76
CA GLU D 176 26.99 73.83 58.16
C GLU D 176 28.11 74.83 58.48
N LYS D 177 27.81 75.76 59.36
CA LYS D 177 28.78 76.78 59.73
C LYS D 177 29.66 76.27 60.85
N GLN D 178 30.48 75.28 60.55
CA GLN D 178 31.38 74.76 61.55
C GLN D 178 32.68 75.56 61.48
N GLU D 179 33.31 75.74 62.63
CA GLU D 179 34.55 76.52 62.76
C GLU D 179 35.47 75.90 63.83
N LYS D 180 34.84 75.51 64.96
CA LYS D 180 35.55 74.90 66.10
C LYS D 180 36.21 73.55 65.76
N LYS D 181 37.07 73.09 66.68
CA LYS D 181 37.78 71.81 66.54
C LYS D 181 38.94 71.87 65.51
N THR D 182 40.01 71.13 65.82
CA THR D 182 41.23 71.07 65.00
C THR D 182 41.16 70.21 63.70
N LEU D 183 42.12 69.27 63.59
CA LEU D 183 42.27 68.36 62.44
C LEU D 183 41.07 67.45 62.14
N GLN D 184 40.84 66.46 63.01
CA GLN D 184 39.74 65.50 62.85
C GLN D 184 40.13 64.43 61.80
N ASN D 185 39.69 63.19 62.03
CA ASN D 185 40.02 62.10 61.12
C ASN D 185 38.94 62.01 60.03
N CYS D 186 39.39 61.90 58.78
CA CYS D 186 38.46 61.81 57.67
C CYS D 186 37.67 60.49 57.69
N ASP D 187 38.29 59.42 58.15
CA ASP D 187 37.59 58.14 58.20
C ASP D 187 36.33 58.26 59.05
N PRO D 188 35.16 57.94 58.47
CA PRO D 188 33.88 58.00 59.18
C PRO D 188 33.65 56.83 60.13
N ALA D 189 34.59 55.89 60.17
CA ALA D 189 34.44 54.73 61.05
C ALA D 189 34.97 55.05 62.44
N ARG D 190 35.94 55.95 62.49
CA ARG D 190 36.54 56.33 63.76
C ARG D 190 35.71 57.39 64.45
N GLY D 191 36.01 57.64 65.71
CA GLY D 191 35.27 58.63 66.46
C GLY D 191 33.96 58.12 67.01
N GLN D 192 33.62 56.87 66.75
CA GLN D 192 32.36 56.30 67.26
C GLN D 192 32.45 55.96 68.72
N LEU D 193 33.61 55.48 69.14
CA LEU D 193 33.89 55.19 70.56
C LEU D 193 35.37 54.88 70.71
N LYS D 194 36.02 55.66 71.57
CA LYS D 194 37.45 55.53 71.78
C LYS D 194 37.93 54.12 71.98
N SER D 195 37.20 53.34 72.78
CA SER D 195 37.64 51.98 73.03
C SER D 195 38.03 51.26 71.71
N ILE D 196 37.17 51.35 70.71
CA ILE D 196 37.48 50.70 69.44
C ILE D 196 38.68 51.37 68.79
N ASP D 197 38.59 52.67 68.56
CA ASP D 197 39.68 53.40 67.92
C ASP D 197 41.04 53.08 68.58
N ASP D 198 41.10 53.20 69.90
CA ASP D 198 42.35 52.94 70.60
C ASP D 198 42.86 51.53 70.33
N THR D 199 41.99 50.55 70.52
CA THR D 199 42.36 49.15 70.31
C THR D 199 42.90 48.88 68.91
N VAL D 200 42.18 49.34 67.89
CA VAL D 200 42.61 49.14 66.52
C VAL D 200 43.97 49.80 66.27
N ASP D 201 44.17 50.98 66.85
CA ASP D 201 45.43 51.68 66.68
C ASP D 201 46.56 50.87 67.29
N LEU D 202 46.35 50.44 68.53
CA LEU D 202 47.35 49.64 69.25
C LEU D 202 47.61 48.35 68.50
N LEU D 203 46.54 47.67 68.13
CA LEU D 203 46.62 46.42 67.43
C LEU D 203 47.38 46.64 66.14
N GLY D 204 47.26 47.86 65.62
CA GLY D 204 47.92 48.23 64.39
C GLY D 204 49.40 48.45 64.55
N GLU D 205 49.86 48.69 65.77
CA GLU D 205 51.28 48.91 66.05
C GLU D 205 51.91 47.54 66.21
N ILE D 206 51.28 46.71 67.01
CA ILE D 206 51.77 45.36 67.26
C ILE D 206 51.98 44.67 65.92
N PHE D 207 50.90 44.41 65.20
CA PHE D 207 51.00 43.79 63.88
C PHE D 207 51.24 45.00 63.01
N GLY D 208 51.68 44.80 61.79
CA GLY D 208 51.92 45.99 60.99
C GLY D 208 51.11 45.89 59.72
N ILE D 209 51.80 45.43 58.70
CA ILE D 209 51.23 45.24 57.39
C ILE D 209 50.45 43.92 57.53
N ARG D 210 50.63 43.27 58.67
CA ARG D 210 49.95 42.01 58.94
C ARG D 210 48.47 42.23 59.18
N LYS D 211 48.12 43.36 59.78
CA LYS D 211 46.72 43.68 60.01
C LYS D 211 46.25 44.27 58.68
N MET D 212 45.35 43.56 58.00
CA MET D 212 44.87 44.01 56.70
C MET D 212 44.47 45.47 56.67
N GLY D 213 43.84 45.93 57.73
CA GLY D 213 43.45 47.32 57.79
C GLY D 213 44.58 48.27 57.44
N ASN D 214 45.78 47.97 57.94
CA ASN D 214 46.94 48.82 57.66
C ASN D 214 47.33 48.77 56.18
N ARG D 215 46.77 47.81 55.45
CA ARG D 215 47.06 47.68 54.02
C ARG D 215 46.02 48.48 53.22
N HIS D 216 44.97 48.93 53.91
CA HIS D 216 43.90 49.71 53.31
C HIS D 216 43.69 50.96 54.16
N LYS D 217 44.72 51.78 54.28
CA LYS D 217 44.62 52.99 55.08
C LYS D 217 43.65 54.00 54.47
N PHE D 218 42.87 54.64 55.32
CA PHE D 218 41.91 55.63 54.86
C PHE D 218 42.68 56.83 54.34
N PRO D 219 42.22 57.43 53.24
CA PRO D 219 42.87 58.60 52.65
C PRO D 219 43.11 59.76 53.59
N LYS D 220 44.24 60.43 53.40
CA LYS D 220 44.63 61.60 54.20
C LYS D 220 43.86 62.79 53.67
N GLU D 221 43.47 63.69 54.57
CA GLU D 221 42.71 64.87 54.20
C GLU D 221 43.23 65.60 52.97
N GLU D 222 44.53 65.82 52.90
CA GLU D 222 45.09 66.54 51.77
C GLU D 222 44.84 65.90 50.42
N ILE D 223 44.46 64.62 50.39
CA ILE D 223 44.18 63.94 49.11
C ILE D 223 42.75 63.45 49.03
N TYR D 224 41.92 63.92 49.97
CA TYR D 224 40.51 63.55 50.03
C TYR D 224 39.67 64.69 49.45
N ASN D 225 38.85 64.40 48.44
CA ASN D 225 38.04 65.44 47.82
C ASN D 225 36.99 65.99 48.80
N THR D 226 36.71 67.28 48.75
CA THR D 226 35.75 67.92 49.63
C THR D 226 35.68 67.21 50.99
N PRO D 227 36.77 67.26 51.76
CA PRO D 227 36.95 66.65 53.07
C PRO D 227 35.86 66.88 54.10
N SER D 228 35.23 68.04 54.09
CA SER D 228 34.17 68.35 55.05
C SER D 228 32.97 67.43 54.98
N ILE D 229 32.69 66.87 53.80
CA ILE D 229 31.58 65.95 53.68
C ILE D 229 32.18 64.63 54.10
N ARG D 230 31.97 64.32 55.37
CA ARG D 230 32.52 63.11 55.94
C ARG D 230 31.49 61.99 55.99
N PHE D 231 30.26 62.31 56.36
CA PHE D 231 29.24 61.27 56.45
C PHE D 231 28.12 61.46 55.42
N GLY D 232 28.34 62.33 54.45
CA GLY D 232 27.31 62.55 53.45
C GLY D 232 27.80 62.51 52.02
N ARG D 233 28.81 61.69 51.74
CA ARG D 233 29.34 61.61 50.39
C ARG D 233 28.42 60.71 49.55
N GLU D 234 27.20 61.17 49.35
CA GLU D 234 26.18 60.45 48.60
C GLU D 234 26.30 60.53 47.10
N HIS D 235 26.74 61.68 46.59
CA HIS D 235 26.90 61.85 45.14
C HIS D 235 27.78 60.72 44.65
N TYR D 236 27.37 60.03 43.59
CA TYR D 236 28.17 58.92 43.15
C TYR D 236 29.47 59.26 42.46
N GLU D 237 29.80 60.54 42.30
CA GLU D 237 31.06 60.85 41.67
C GLU D 237 32.20 60.60 42.66
N PHE D 238 31.84 60.47 43.94
CA PHE D 238 32.80 60.21 45.01
C PHE D 238 33.27 58.76 44.90
N GLN D 239 32.50 57.95 44.19
CA GLN D 239 32.86 56.56 44.00
C GLN D 239 34.18 56.56 43.24
N TYR D 240 34.31 57.51 42.32
CA TYR D 240 35.52 57.63 41.52
C TYR D 240 36.57 58.47 42.27
N LEU D 241 36.18 59.67 42.69
CA LEU D 241 37.10 60.54 43.40
C LEU D 241 37.78 59.84 44.57
N ASP D 242 37.04 59.00 45.29
CA ASP D 242 37.61 58.30 46.43
C ASP D 242 38.54 57.18 46.01
N LEU D 243 38.16 56.43 44.99
CA LEU D 243 39.02 55.36 44.52
C LEU D 243 40.34 56.02 44.13
N LEU D 244 40.23 57.26 43.67
CA LEU D 244 41.38 58.03 43.24
C LEU D 244 42.29 58.27 44.42
N SER D 245 41.75 58.87 45.46
CA SER D 245 42.55 59.16 46.63
C SER D 245 42.89 57.91 47.42
N ARG D 246 42.16 56.84 47.18
CA ARG D 246 42.44 55.60 47.90
C ARG D 246 43.72 54.93 47.36
N VAL D 247 43.99 55.05 46.07
CA VAL D 247 45.21 54.46 45.56
C VAL D 247 46.32 55.46 45.84
N LEU D 248 45.97 56.73 45.81
CA LEU D 248 46.92 57.78 46.08
C LEU D 248 47.46 57.60 47.48
N GLU D 249 46.69 56.91 48.31
CA GLU D 249 47.08 56.67 49.69
C GLU D 249 47.83 55.35 49.87
N ASN D 250 47.37 54.28 49.23
CA ASN D 250 48.02 52.98 49.41
C ASN D 250 48.72 52.43 48.17
N GLY D 251 48.47 53.04 47.02
CA GLY D 251 49.09 52.56 45.80
C GLY D 251 50.57 52.24 45.90
N ALA D 252 50.94 51.02 45.58
CA ALA D 252 52.33 50.59 45.60
C ALA D 252 53.03 51.03 44.32
N TYR D 253 54.19 51.66 44.44
CA TYR D 253 54.93 52.13 43.27
C TYR D 253 55.45 50.93 42.50
N ARG D 254 55.02 50.79 41.26
CA ARG D 254 55.45 49.67 40.46
C ARG D 254 55.52 49.90 38.96
N GLU D 255 56.53 49.27 38.35
CA GLU D 255 56.82 49.33 36.92
C GLU D 255 55.85 48.46 36.10
N ASN D 256 55.72 48.74 34.81
CA ASN D 256 54.85 47.97 33.93
C ASN D 256 55.38 48.03 32.49
N ARG D 257 54.69 47.37 31.56
CA ARG D 257 55.14 47.33 30.17
C ARG D 257 55.43 48.69 29.49
N THR D 258 54.79 49.77 29.92
CA THR D 258 55.09 51.08 29.32
C THR D 258 56.26 51.59 30.15
N GLY D 259 56.82 52.74 29.77
CA GLY D 259 57.94 53.24 30.55
C GLY D 259 57.54 54.02 31.79
N ILE D 260 56.27 54.40 31.88
CA ILE D 260 55.76 55.17 33.01
C ILE D 260 55.27 54.27 34.12
N SER D 261 55.83 54.42 35.30
CA SER D 261 55.42 53.61 36.44
C SER D 261 54.07 54.06 36.95
N THR D 262 53.46 53.27 37.82
CA THR D 262 52.16 53.61 38.40
C THR D 262 52.12 53.31 39.89
N TYR D 263 51.05 53.72 40.54
CA TYR D 263 50.85 53.45 41.95
C TYR D 263 49.56 52.66 41.90
N SER D 264 49.60 51.42 42.36
CA SER D 264 48.41 50.60 42.29
C SER D 264 48.00 49.78 43.50
N ILE D 265 46.72 49.46 43.53
CA ILE D 265 46.13 48.65 44.56
C ILE D 265 45.31 47.64 43.77
N PHE D 266 45.02 46.49 44.36
CA PHE D 266 44.29 45.44 43.65
C PHE D 266 42.89 45.11 44.19
N GLY D 267 41.92 45.01 43.29
CA GLY D 267 40.56 44.67 43.68
C GLY D 267 39.78 45.81 44.30
N GLN D 268 39.16 46.63 43.45
CA GLN D 268 38.35 47.77 43.89
C GLN D 268 37.00 47.77 43.17
N MET D 269 36.07 48.62 43.61
CA MET D 269 34.77 48.70 42.96
C MET D 269 34.16 50.10 43.06
N MET D 270 33.29 50.42 42.10
CA MET D 270 32.59 51.71 42.08
C MET D 270 31.16 51.44 41.66
N ARG D 271 30.23 52.22 42.19
CA ARG D 271 28.82 52.06 41.86
C ARG D 271 28.28 53.34 41.27
N PHE D 272 27.34 53.22 40.35
CA PHE D 272 26.76 54.38 39.73
C PHE D 272 25.29 54.18 39.42
N ASP D 273 24.48 55.14 39.81
CA ASP D 273 23.06 55.09 39.53
C ASP D 273 22.93 55.56 38.09
N MET D 274 21.94 55.06 37.38
CA MET D 274 21.70 55.49 36.01
C MET D 274 20.23 55.82 35.81
N ARG D 275 19.44 55.59 36.85
CA ARG D 275 18.02 55.89 36.80
C ARG D 275 17.76 57.39 36.79
N GLU D 276 18.41 58.10 37.71
CA GLU D 276 18.20 59.54 37.80
C GLU D 276 19.26 60.44 37.14
N SER D 277 20.33 59.86 36.60
CA SER D 277 21.35 60.67 35.95
C SER D 277 22.36 59.82 35.19
N PHE D 278 23.25 60.49 34.47
CA PHE D 278 24.29 59.81 33.70
C PHE D 278 25.64 60.07 34.32
N PRO D 279 26.36 59.00 34.67
CA PRO D 279 27.68 59.10 35.30
C PRO D 279 28.81 59.70 34.46
N LEU D 280 28.69 60.96 34.08
CA LEU D 280 29.75 61.59 33.31
C LEU D 280 30.44 62.57 34.25
N LEU D 281 31.59 62.16 34.80
CA LEU D 281 32.37 62.98 35.74
C LEU D 281 32.25 64.47 35.51
N THR D 282 32.05 65.23 36.58
CA THR D 282 31.93 66.67 36.45
C THR D 282 33.21 67.40 36.80
N THR D 283 34.03 66.80 37.64
CA THR D 283 35.27 67.42 38.09
C THR D 283 36.33 67.57 37.01
N LYS D 284 35.95 67.32 35.77
CA LYS D 284 36.85 67.39 34.64
C LYS D 284 35.98 67.23 33.40
N LYS D 285 36.13 68.08 32.40
CA LYS D 285 35.32 67.92 31.20
C LYS D 285 35.71 66.60 30.55
N VAL D 286 34.75 65.73 30.25
CA VAL D 286 35.06 64.44 29.65
C VAL D 286 34.65 64.39 28.18
N ALA D 287 35.55 63.87 27.34
CA ALA D 287 35.33 63.75 25.89
C ALA D 287 34.30 62.66 25.54
N ILE D 288 33.05 62.95 25.84
CA ILE D 288 31.95 62.03 25.58
C ILE D 288 31.79 61.56 24.12
N ARG D 289 32.02 62.45 23.15
CA ARG D 289 31.86 62.05 21.74
C ARG D 289 32.81 60.93 21.36
N SER D 290 34.08 61.09 21.68
CA SER D 290 35.09 60.07 21.38
C SER D 290 34.62 58.73 21.98
N ILE D 291 34.17 58.81 23.23
CA ILE D 291 33.67 57.64 23.96
C ILE D 291 32.62 56.96 23.11
N PHE D 292 31.58 57.72 22.77
CA PHE D 292 30.49 57.20 21.97
C PHE D 292 30.95 56.50 20.70
N GLU D 293 31.67 57.24 19.87
CA GLU D 293 32.16 56.71 18.61
C GLU D 293 32.98 55.42 18.78
N GLU D 294 33.61 55.24 19.94
CA GLU D 294 34.38 54.02 20.19
C GLU D 294 33.40 52.88 20.50
N LEU D 295 32.31 53.21 21.17
CA LEU D 295 31.31 52.23 21.55
C LEU D 295 30.58 51.59 20.35
N ILE D 296 29.98 52.38 19.47
CA ILE D 296 29.27 51.79 18.33
C ILE D 296 30.29 51.05 17.50
N TRP D 297 31.51 51.58 17.49
CA TRP D 297 32.60 50.94 16.77
C TRP D 297 32.69 49.50 17.27
N PHE D 298 32.71 49.33 18.59
CA PHE D 298 32.76 48.00 19.19
C PHE D 298 31.51 47.25 18.76
N ILE D 299 30.35 47.84 19.04
CA ILE D 299 29.07 47.24 18.72
C ILE D 299 29.02 46.67 17.31
N LYS D 300 29.50 47.46 16.36
CA LYS D 300 29.54 47.06 14.97
C LYS D 300 30.40 45.81 14.75
N GLY D 301 31.41 45.64 15.60
CA GLY D 301 32.32 44.50 15.47
C GLY D 301 33.55 44.94 14.70
N ASP D 302 33.68 46.26 14.54
CA ASP D 302 34.77 46.87 13.81
C ASP D 302 36.09 46.82 14.56
N THR D 303 37.17 46.66 13.81
CA THR D 303 38.49 46.59 14.42
C THR D 303 39.48 47.45 13.62
N ASN D 304 38.97 48.14 12.60
CA ASN D 304 39.80 48.99 11.77
C ASN D 304 39.93 50.37 12.44
N GLY D 305 41.07 50.59 13.08
CA GLY D 305 41.35 51.83 13.80
C GLY D 305 41.30 53.14 13.02
N ASN D 306 41.23 53.02 11.69
CA ASN D 306 41.18 54.19 10.82
C ASN D 306 39.83 54.87 10.96
N HIS D 307 38.77 54.07 10.94
CA HIS D 307 37.41 54.58 11.07
C HIS D 307 37.28 55.54 12.26
N LEU D 308 37.97 55.23 13.36
CA LEU D 308 37.92 56.12 14.51
C LEU D 308 38.68 57.39 14.16
N ILE D 309 39.89 57.23 13.61
CA ILE D 309 40.73 58.36 13.23
C ILE D 309 39.96 59.23 12.22
N GLU D 310 39.24 58.58 11.32
CA GLU D 310 38.44 59.28 10.33
C GLU D 310 37.40 60.19 10.98
N LYS D 311 36.84 59.74 12.09
CA LYS D 311 35.84 60.53 12.79
C LYS D 311 36.56 61.34 13.88
N LYS D 312 37.85 61.57 13.66
CA LYS D 312 38.67 62.33 14.58
C LYS D 312 38.64 61.82 16.03
N VAL D 313 38.79 60.51 16.17
CA VAL D 313 38.83 59.84 17.48
C VAL D 313 40.17 59.10 17.45
N TYR D 314 41.12 59.57 18.25
CA TYR D 314 42.46 59.01 18.25
C TYR D 314 42.89 58.13 19.43
N ILE D 315 41.97 57.80 20.31
CA ILE D 315 42.36 57.00 21.47
C ILE D 315 43.11 55.71 21.12
N TRP D 316 42.80 55.12 19.95
CA TRP D 316 43.47 53.89 19.55
C TRP D 316 44.63 54.06 18.58
N SER D 317 45.08 55.30 18.39
CA SER D 317 46.21 55.59 17.51
C SER D 317 47.47 54.98 18.09
N GLY D 318 47.80 55.40 19.31
CA GLY D 318 48.99 54.90 19.98
C GLY D 318 49.16 53.39 19.83
N ASN D 319 48.24 52.65 20.44
CA ASN D 319 48.30 51.19 20.40
C ASN D 319 48.02 50.62 19.00
N GLY D 320 47.93 51.50 18.01
CA GLY D 320 47.67 51.07 16.66
C GLY D 320 48.75 51.38 15.64
N SER D 321 49.71 52.24 15.99
CA SER D 321 50.80 52.64 15.08
C SER D 321 51.67 51.49 14.56
N LYS D 322 52.36 51.75 13.45
CA LYS D 322 53.22 50.77 12.81
C LYS D 322 54.37 50.31 13.74
N GLU D 323 54.96 51.28 14.43
CA GLU D 323 56.08 51.01 15.34
C GLU D 323 55.63 50.21 16.55
N TYR D 324 54.39 50.45 16.99
CA TYR D 324 53.87 49.72 18.16
C TYR D 324 53.60 48.28 17.75
N LEU D 325 52.97 48.10 16.59
CA LEU D 325 52.68 46.76 16.10
C LEU D 325 53.98 45.98 15.90
N GLU D 326 54.96 46.64 15.28
CA GLU D 326 56.28 46.04 15.03
C GLU D 326 56.84 45.57 16.37
N ARG D 327 56.87 46.52 17.32
CA ARG D 327 57.35 46.30 18.67
C ARG D 327 56.72 45.09 19.36
N ILE D 328 55.43 44.84 19.11
CA ILE D 328 54.79 43.69 19.76
C ILE D 328 54.61 42.49 18.82
N GLY D 329 55.52 42.34 17.87
CA GLY D 329 55.48 41.21 16.95
C GLY D 329 54.28 41.12 16.02
N LEU D 330 53.73 42.27 15.70
CA LEU D 330 52.59 42.33 14.80
C LEU D 330 52.96 43.27 13.65
N GLY D 331 54.26 43.35 13.37
CA GLY D 331 54.75 44.22 12.31
C GLY D 331 54.22 43.86 10.92
N HIS D 332 53.58 42.70 10.80
CA HIS D 332 53.02 42.23 9.53
C HIS D 332 51.64 42.83 9.32
N ARG D 333 51.09 43.38 10.41
CA ARG D 333 49.76 43.98 10.41
C ARG D 333 49.77 45.37 9.72
N GLU D 334 48.65 45.73 9.09
CA GLU D 334 48.54 47.05 8.44
C GLU D 334 48.46 48.16 9.49
N GLU D 335 48.89 49.37 9.11
CA GLU D 335 48.92 50.54 10.00
C GLU D 335 47.93 50.61 11.16
N ASN D 336 46.67 50.25 10.95
CA ASN D 336 45.73 50.33 12.07
C ASN D 336 44.81 49.13 12.31
N ASP D 337 45.23 47.97 11.81
CA ASP D 337 44.46 46.76 12.00
C ASP D 337 44.75 46.20 13.40
N LEU D 338 43.98 46.69 14.38
CA LEU D 338 44.18 46.32 15.78
C LEU D 338 44.02 44.84 16.13
N GLY D 339 43.41 44.06 15.24
CA GLY D 339 43.25 42.64 15.52
C GLY D 339 41.91 42.26 16.13
N PRO D 340 41.74 41.00 16.57
CA PRO D 340 40.50 40.50 17.19
C PRO D 340 40.23 41.11 18.55
N ILE D 341 40.26 42.43 18.63
CA ILE D 341 40.02 43.12 19.90
C ILE D 341 38.54 43.20 20.24
N TYR D 342 38.19 44.02 21.23
CA TYR D 342 36.79 44.17 21.63
C TYR D 342 35.95 44.37 20.36
N GLY D 343 34.72 43.89 20.38
CA GLY D 343 33.90 44.10 19.20
C GLY D 343 34.05 42.90 18.33
N PHE D 344 35.27 42.58 17.93
CA PHE D 344 35.44 41.39 17.11
C PHE D 344 35.04 40.24 18.01
N GLN D 345 35.46 40.31 19.27
CA GLN D 345 35.12 39.25 20.19
C GLN D 345 33.65 39.36 20.57
N TRP D 346 33.11 40.58 20.50
CA TRP D 346 31.70 40.82 20.81
C TRP D 346 30.73 40.25 19.76
N ARG D 347 31.06 40.45 18.49
CA ARG D 347 30.21 39.97 17.41
C ARG D 347 30.71 38.70 16.74
N HIS D 348 31.99 38.37 16.94
CA HIS D 348 32.57 37.18 16.32
C HIS D 348 33.48 36.44 17.28
N TYR D 349 32.98 36.07 18.45
CA TYR D 349 33.83 35.38 19.41
C TYR D 349 34.40 34.11 18.80
N ASN D 350 35.70 33.89 19.02
CA ASN D 350 36.41 32.72 18.50
C ASN D 350 36.55 32.67 16.99
N GLY D 351 36.19 33.75 16.32
CA GLY D 351 36.31 33.76 14.87
C GLY D 351 37.77 33.77 14.46
N GLU D 352 38.06 33.16 13.32
CA GLU D 352 39.43 33.14 12.84
C GLU D 352 39.71 34.47 12.16
N TYR D 353 40.52 35.29 12.81
CA TYR D 353 40.83 36.62 12.29
C TYR D 353 41.89 36.61 11.20
N LYS D 354 41.70 37.45 10.18
CA LYS D 354 42.63 37.59 9.09
C LYS D 354 43.09 39.03 9.16
N THR D 355 42.35 39.93 8.52
CA THR D 355 42.67 41.36 8.56
C THR D 355 41.40 42.17 8.78
N MET D 356 41.56 43.46 9.08
CA MET D 356 40.42 44.32 9.31
C MET D 356 39.56 44.52 8.07
N HIS D 357 40.00 43.98 6.94
CA HIS D 357 39.25 44.17 5.71
C HIS D 357 38.34 43.02 5.32
N ASP D 358 38.65 41.83 5.80
CA ASP D 358 37.81 40.67 5.47
C ASP D 358 36.40 40.85 6.02
N ASP D 359 35.45 40.16 5.40
CA ASP D 359 34.06 40.23 5.81
C ASP D 359 33.72 39.04 6.70
N TYR D 360 33.79 39.27 8.00
CA TYR D 360 33.53 38.24 9.02
C TYR D 360 32.07 37.90 9.26
N THR D 361 31.18 38.45 8.43
CA THR D 361 29.77 38.18 8.60
C THR D 361 29.53 36.68 8.69
N GLY D 362 28.84 36.24 9.75
CA GLY D 362 28.56 34.83 9.92
C GLY D 362 29.56 34.04 10.73
N VAL D 363 30.79 34.53 10.87
CA VAL D 363 31.80 33.80 11.64
C VAL D 363 31.85 34.14 13.13
N GLY D 364 32.21 33.14 13.93
CA GLY D 364 32.31 33.34 15.36
C GLY D 364 30.97 33.28 16.07
N VAL D 365 30.95 33.67 17.33
CA VAL D 365 29.72 33.66 18.10
C VAL D 365 29.29 35.10 18.34
N ASP D 366 28.08 35.44 17.91
CA ASP D 366 27.60 36.80 18.10
C ASP D 366 27.01 36.93 19.50
N GLN D 367 27.87 37.26 20.47
CA GLN D 367 27.43 37.41 21.85
C GLN D 367 26.43 38.55 21.99
N LEU D 368 26.77 39.70 21.42
CA LEU D 368 25.91 40.87 21.49
C LEU D 368 24.50 40.53 21.05
N ALA D 369 24.40 39.83 19.93
CA ALA D 369 23.10 39.44 19.43
C ALA D 369 22.38 38.57 20.46
N LYS D 370 23.03 37.49 20.90
CA LYS D 370 22.43 36.59 21.88
C LYS D 370 22.08 37.33 23.15
N LEU D 371 22.97 38.21 23.59
CA LEU D 371 22.76 39.00 24.79
C LEU D 371 21.40 39.69 24.71
N ILE D 372 21.22 40.47 23.64
CA ILE D 372 19.99 41.20 23.41
C ILE D 372 18.79 40.28 23.37
N GLU D 373 18.96 39.13 22.72
CA GLU D 373 17.88 38.18 22.61
C GLU D 373 17.52 37.59 23.97
N THR D 374 18.54 37.16 24.70
CA THR D 374 18.33 36.57 26.02
C THR D 374 17.76 37.61 26.96
N LEU D 375 18.29 38.82 26.87
CA LEU D 375 17.82 39.91 27.72
C LEU D 375 16.32 40.13 27.64
N LYS D 376 15.76 40.08 26.44
CA LYS D 376 14.33 40.30 26.32
C LYS D 376 13.45 39.05 26.35
N ASN D 377 14.01 37.89 26.05
CA ASN D 377 13.21 36.67 26.07
C ASN D 377 13.25 35.91 27.38
N ASN D 378 14.30 36.13 28.16
CA ASN D 378 14.47 35.45 29.45
C ASN D 378 15.21 36.41 30.38
N PRO D 379 14.57 37.54 30.73
CA PRO D 379 15.17 38.55 31.60
C PRO D 379 15.71 38.10 32.95
N LYS D 380 14.96 37.26 33.67
CA LYS D 380 15.43 36.79 34.98
C LYS D 380 16.60 35.82 34.85
N ASP D 381 16.98 35.50 33.62
CA ASP D 381 18.10 34.60 33.32
C ASP D 381 19.33 35.09 34.06
N ARG D 382 20.16 34.17 34.52
CA ARG D 382 21.36 34.55 35.26
C ARG D 382 22.65 34.37 34.46
N ARG D 383 22.53 34.34 33.14
CA ARG D 383 23.69 34.16 32.29
C ARG D 383 23.90 35.28 31.28
N HIS D 384 23.26 36.42 31.49
CA HIS D 384 23.42 37.55 30.56
C HIS D 384 24.86 38.05 30.58
N ILE D 385 25.76 37.30 29.95
CA ILE D 385 27.16 37.68 29.95
C ILE D 385 27.79 38.01 28.61
N LEU D 386 28.77 38.89 28.65
CA LEU D 386 29.48 39.33 27.47
C LEU D 386 30.98 39.31 27.80
N THR D 387 31.78 38.59 27.01
CA THR D 387 33.19 38.54 27.31
C THR D 387 34.09 38.92 26.17
N ALA D 388 35.28 39.38 26.50
CA ALA D 388 36.26 39.78 25.50
C ALA D 388 37.57 39.06 25.78
N TRP D 389 37.58 38.21 26.81
CA TRP D 389 38.81 37.50 27.14
C TRP D 389 38.90 36.12 26.46
N ASN D 390 39.60 36.09 25.34
CA ASN D 390 39.75 34.87 24.58
C ASN D 390 41.21 34.43 24.61
N PRO D 391 41.53 33.44 25.45
CA PRO D 391 42.91 32.95 25.57
C PRO D 391 43.53 32.63 24.22
N SER D 392 42.71 32.26 23.25
CA SER D 392 43.22 31.93 21.94
C SER D 392 43.55 33.12 21.03
N ALA D 393 42.87 34.25 21.25
CA ALA D 393 43.09 35.44 20.42
C ALA D 393 44.12 36.44 20.95
N LEU D 394 44.29 36.48 22.26
CA LEU D 394 45.22 37.42 22.89
C LEU D 394 46.41 37.85 22.06
N SER D 395 47.25 36.90 21.66
CA SER D 395 48.46 37.21 20.90
C SER D 395 48.26 38.02 19.61
N GLN D 396 47.06 38.01 19.04
CA GLN D 396 46.78 38.78 17.82
C GLN D 396 46.26 40.19 18.11
N MET D 397 45.93 40.46 19.36
CA MET D 397 45.41 41.76 19.74
C MET D 397 46.51 42.79 19.99
N ALA D 398 46.24 44.02 19.58
CA ALA D 398 47.22 45.09 19.77
C ALA D 398 47.31 45.34 21.26
N LEU D 399 46.20 45.05 21.94
CA LEU D 399 46.12 45.27 23.38
C LEU D 399 45.13 44.27 23.98
N PRO D 400 45.54 43.60 25.06
CA PRO D 400 44.63 42.64 25.70
C PRO D 400 43.43 43.39 26.26
N PRO D 401 42.26 42.75 26.24
CA PRO D 401 41.06 43.41 26.75
C PRO D 401 41.20 43.94 28.17
N CYS D 402 40.94 45.24 28.37
CA CYS D 402 41.00 45.81 29.70
C CYS D 402 39.65 45.59 30.36
N HIS D 403 38.57 45.98 29.68
CA HIS D 403 37.23 45.72 30.21
C HIS D 403 36.91 44.32 29.71
N VAL D 404 37.39 43.37 30.50
CA VAL D 404 37.30 41.94 30.27
C VAL D 404 35.95 41.25 30.13
N LEU D 405 35.09 41.40 31.12
CA LEU D 405 33.80 40.74 31.07
C LEU D 405 32.71 41.51 31.79
N SER D 406 31.52 41.52 31.20
CA SER D 406 30.39 42.21 31.79
C SER D 406 29.16 41.32 31.86
N GLN D 407 28.35 41.52 32.89
CA GLN D 407 27.12 40.76 33.07
C GLN D 407 25.97 41.74 33.18
N TYR D 408 24.79 41.32 32.74
CA TYR D 408 23.63 42.18 32.78
C TYR D 408 22.49 41.57 33.57
N TYR D 409 21.74 42.42 34.24
CA TYR D 409 20.65 41.99 35.09
C TYR D 409 19.40 42.83 34.81
N VAL D 410 18.25 42.19 34.81
CA VAL D 410 16.98 42.90 34.57
C VAL D 410 16.21 42.87 35.89
N THR D 411 16.04 44.03 36.50
CA THR D 411 15.34 44.10 37.77
C THR D 411 13.87 43.73 37.65
N ASN D 412 13.25 43.41 38.78
CA ASN D 412 11.84 43.05 38.78
C ASN D 412 10.99 44.18 38.25
N ASP D 413 11.48 45.41 38.40
CA ASP D 413 10.74 46.57 37.93
C ASP D 413 11.24 47.04 36.56
N ASN D 414 11.70 46.06 35.77
CA ASN D 414 12.18 46.28 34.41
C ASN D 414 13.28 47.30 34.16
N CYS D 415 14.26 47.34 35.04
CA CYS D 415 15.40 48.23 34.89
C CYS D 415 16.56 47.31 34.49
N LEU D 416 17.51 47.85 33.72
CA LEU D 416 18.65 47.06 33.30
C LEU D 416 19.94 47.53 33.95
N SER D 417 20.51 46.69 34.81
CA SER D 417 21.75 47.03 35.50
C SER D 417 22.92 46.34 34.81
N CYS D 418 24.13 46.81 35.10
CA CYS D 418 25.32 46.23 34.49
C CYS D 418 26.46 46.06 35.47
N ASN D 419 27.20 44.98 35.27
CA ASN D 419 28.38 44.66 36.07
C ASN D 419 29.54 44.47 35.11
N LEU D 420 30.64 45.15 35.37
CA LEU D 420 31.83 45.06 34.52
C LEU D 420 33.08 44.74 35.32
N TYR D 421 33.80 43.70 34.92
CA TYR D 421 35.04 43.41 35.61
C TYR D 421 36.15 43.91 34.70
N GLN D 422 36.96 44.81 35.23
CA GLN D 422 38.07 45.37 34.49
C GLN D 422 39.37 44.89 35.12
N ARG D 423 40.22 44.24 34.35
CA ARG D 423 41.48 43.71 34.86
C ARG D 423 42.51 44.78 35.19
N SER D 424 42.60 45.79 34.33
CA SER D 424 43.55 46.88 34.51
C SER D 424 42.79 48.20 34.27
N CYS D 425 43.00 49.19 35.13
CA CYS D 425 42.31 50.46 34.98
C CYS D 425 43.17 51.68 35.25
N ASP D 426 43.35 52.50 34.22
CA ASP D 426 44.10 53.74 34.34
C ASP D 426 43.09 54.76 34.90
N LEU D 427 43.12 54.96 36.21
CA LEU D 427 42.17 55.89 36.83
C LEU D 427 42.20 57.30 36.24
N GLY D 428 43.33 57.69 35.69
CA GLY D 428 43.47 59.02 35.13
C GLY D 428 42.83 59.24 33.78
N LEU D 429 43.08 58.32 32.85
CA LEU D 429 42.53 58.43 31.52
C LEU D 429 41.43 57.43 31.26
N GLY D 430 41.71 56.17 31.50
CA GLY D 430 40.74 55.13 31.25
C GLY D 430 39.41 55.28 31.95
N SER D 431 39.40 55.03 33.26
CA SER D 431 38.19 55.09 34.05
C SER D 431 37.09 56.07 33.59
N PRO D 432 37.40 57.38 33.54
CA PRO D 432 36.36 58.33 33.10
C PRO D 432 35.63 57.84 31.85
N PHE D 433 36.41 57.44 30.84
CA PHE D 433 35.86 56.93 29.58
C PHE D 433 35.09 55.67 29.87
N ASN D 434 35.78 54.74 30.51
CA ASN D 434 35.22 53.45 30.85
C ASN D 434 33.82 53.54 31.50
N ILE D 435 33.68 54.40 32.52
CA ILE D 435 32.41 54.57 33.22
C ILE D 435 31.31 54.99 32.23
N ALA D 436 31.53 56.10 31.55
CA ALA D 436 30.56 56.61 30.58
C ALA D 436 30.22 55.56 29.54
N SER D 437 31.25 55.00 28.93
CA SER D 437 31.10 53.98 27.90
C SER D 437 30.13 52.86 28.29
N TYR D 438 30.39 52.18 29.38
CA TYR D 438 29.52 51.09 29.79
C TYR D 438 28.16 51.58 30.25
N ALA D 439 28.08 52.86 30.65
CA ALA D 439 26.80 53.42 31.08
C ALA D 439 25.93 53.53 29.84
N ILE D 440 26.52 54.06 28.78
CA ILE D 440 25.83 54.24 27.51
C ILE D 440 25.40 52.89 26.97
N LEU D 441 26.34 51.96 26.87
CA LEU D 441 26.04 50.63 26.37
C LEU D 441 24.87 50.01 27.08
N THR D 442 24.75 50.28 28.38
CA THR D 442 23.64 49.72 29.12
C THR D 442 22.35 50.38 28.66
N MET D 443 22.40 51.71 28.52
CA MET D 443 21.23 52.47 28.07
C MET D 443 20.74 51.99 26.70
N MET D 444 21.70 51.75 25.81
CA MET D 444 21.38 51.28 24.48
C MET D 444 20.72 49.92 24.60
N LEU D 445 21.41 48.99 25.23
CA LEU D 445 20.86 47.66 25.41
C LEU D 445 19.45 47.74 25.98
N ALA D 446 19.24 48.71 26.86
CA ALA D 446 17.94 48.90 27.49
C ALA D 446 16.84 49.38 26.54
N GLN D 447 17.14 50.41 25.76
CA GLN D 447 16.16 50.93 24.83
C GLN D 447 15.73 49.83 23.87
N VAL D 448 16.72 49.13 23.33
CA VAL D 448 16.53 48.05 22.38
C VAL D 448 15.79 46.83 22.94
N CYS D 449 15.92 46.59 24.25
CA CYS D 449 15.26 45.45 24.88
C CYS D 449 14.00 45.83 25.60
N GLY D 450 13.65 47.11 25.53
CA GLY D 450 12.45 47.60 26.19
C GLY D 450 12.55 47.79 27.69
N TYR D 451 13.70 48.24 28.16
CA TYR D 451 13.89 48.48 29.58
C TYR D 451 14.46 49.86 29.77
N GLU D 452 14.77 50.19 31.01
CA GLU D 452 15.35 51.48 31.32
C GLU D 452 16.58 51.21 32.17
N PRO D 453 17.58 52.11 32.07
CA PRO D 453 18.84 51.99 32.81
C PRO D 453 18.64 51.79 34.31
N GLY D 454 19.44 50.89 34.88
CA GLY D 454 19.34 50.60 36.29
C GLY D 454 20.56 51.11 37.02
N GLU D 455 21.49 50.21 37.31
CA GLU D 455 22.71 50.56 38.02
C GLU D 455 23.93 50.00 37.32
N LEU D 456 25.05 50.70 37.49
CA LEU D 456 26.32 50.30 36.89
C LEU D 456 27.36 50.09 37.97
N ALA D 457 27.86 48.86 38.08
CA ALA D 457 28.88 48.52 39.08
C ALA D 457 30.13 48.05 38.36
N ILE D 458 31.26 48.64 38.70
CA ILE D 458 32.52 48.26 38.09
C ILE D 458 33.50 47.68 39.11
N PHE D 459 34.03 46.50 38.82
CA PHE D 459 34.97 45.85 39.70
C PHE D 459 36.33 45.87 39.05
N ILE D 460 37.26 46.59 39.70
CA ILE D 460 38.59 46.74 39.19
C ILE D 460 39.60 45.74 39.74
N GLY D 461 40.54 45.37 38.89
CA GLY D 461 41.60 44.46 39.27
C GLY D 461 42.74 45.38 39.65
N ASP D 462 43.64 45.65 38.71
CA ASP D 462 44.77 46.52 38.99
C ASP D 462 44.40 47.97 38.79
N ALA D 463 43.92 48.61 39.86
CA ALA D 463 43.54 50.01 39.81
C ALA D 463 44.79 50.81 40.11
N HIS D 464 45.26 51.55 39.11
CA HIS D 464 46.48 52.32 39.24
C HIS D 464 46.41 53.76 38.71
N ILE D 465 47.40 54.56 39.11
CA ILE D 465 47.51 55.94 38.67
C ILE D 465 48.93 56.11 38.10
N TYR D 466 49.03 56.50 36.83
CA TYR D 466 50.34 56.69 36.23
C TYR D 466 50.99 57.89 36.90
N GLU D 467 52.25 57.74 37.32
CA GLU D 467 52.96 58.80 38.02
C GLU D 467 52.96 60.16 37.36
N ASN D 468 52.78 60.19 36.04
CA ASN D 468 52.75 61.46 35.32
C ASN D 468 51.37 62.12 35.36
N HIS D 469 50.44 61.54 36.11
CA HIS D 469 49.09 62.09 36.21
C HIS D 469 48.88 62.64 37.62
N LEU D 470 49.92 62.54 38.45
CA LEU D 470 49.82 62.99 39.83
C LEU D 470 49.40 64.44 40.07
N THR D 471 50.07 65.39 39.43
CA THR D 471 49.67 66.77 39.64
C THR D 471 48.28 67.04 39.07
N GLN D 472 47.96 66.38 37.95
CA GLN D 472 46.66 66.54 37.30
C GLN D 472 45.53 66.04 38.17
N LEU D 473 45.65 64.83 38.67
CA LEU D 473 44.60 64.25 39.51
C LEU D 473 44.51 64.97 40.85
N LYS D 474 45.58 65.65 41.23
CA LYS D 474 45.56 66.40 42.49
C LYS D 474 44.67 67.61 42.24
N GLU D 475 44.90 68.22 41.08
CA GLU D 475 44.14 69.37 40.62
C GLU D 475 42.66 68.98 40.55
N GLN D 476 42.39 67.82 39.97
CA GLN D 476 41.03 67.33 39.84
C GLN D 476 40.41 67.09 41.23
N LEU D 477 41.16 66.48 42.14
CA LEU D 477 40.64 66.21 43.47
C LEU D 477 40.34 67.46 44.28
N SER D 478 40.75 68.63 43.76
CA SER D 478 40.50 69.88 44.44
C SER D 478 39.16 70.49 44.07
N ARG D 479 38.50 69.90 43.08
CA ARG D 479 37.22 70.40 42.61
C ARG D 479 36.04 69.71 43.26
N THR D 480 35.09 70.48 43.78
CA THR D 480 33.90 69.89 44.39
C THR D 480 32.95 69.48 43.26
N PRO D 481 32.44 68.24 43.31
CA PRO D 481 31.53 67.69 42.32
C PRO D 481 30.27 68.52 42.10
N ARG D 482 29.79 68.55 40.86
CA ARG D 482 28.57 69.24 40.49
C ARG D 482 27.62 68.11 40.11
N PRO D 483 26.31 68.37 40.12
CA PRO D 483 25.41 67.28 39.76
C PRO D 483 25.67 66.66 38.39
N PHE D 484 25.50 65.34 38.31
CA PHE D 484 25.69 64.64 37.05
C PHE D 484 24.68 65.16 36.04
N PRO D 485 24.98 65.03 34.75
CA PRO D 485 24.02 65.51 33.76
C PRO D 485 23.02 64.39 33.44
N GLN D 486 22.30 64.57 32.33
CA GLN D 486 21.33 63.59 31.89
C GLN D 486 21.74 63.29 30.47
N LEU D 487 21.55 62.06 30.03
CA LEU D 487 21.89 61.72 28.66
C LEU D 487 20.70 60.96 28.12
N LYS D 488 20.14 61.44 27.01
CA LYS D 488 18.97 60.81 26.40
C LYS D 488 19.13 60.57 24.90
N PHE D 489 18.42 59.55 24.42
CA PHE D 489 18.43 59.22 23.00
C PHE D 489 17.28 60.00 22.39
N LYS D 490 17.50 60.59 21.23
CA LYS D 490 16.48 61.39 20.58
C LYS D 490 15.48 60.58 19.76
N ARG D 491 15.76 59.29 19.56
CA ARG D 491 14.84 58.44 18.80
C ARG D 491 15.00 56.98 19.19
N LYS D 492 13.98 56.18 18.93
CA LYS D 492 14.08 54.77 19.27
C LYS D 492 14.64 54.02 18.06
N VAL D 493 15.89 53.57 18.16
CA VAL D 493 16.50 52.84 17.06
C VAL D 493 15.87 51.47 17.01
N GLU D 494 15.88 50.86 15.83
CA GLU D 494 15.29 49.52 15.71
C GLU D 494 16.35 48.51 16.04
N ASN D 495 17.55 48.73 15.49
CA ASN D 495 18.65 47.84 15.75
C ASN D 495 19.76 48.59 16.51
N ILE D 496 20.27 47.98 17.57
CA ILE D 496 21.30 48.59 18.38
C ILE D 496 22.45 49.27 17.62
N GLU D 497 22.82 48.76 16.44
CA GLU D 497 23.93 49.35 15.70
C GLU D 497 23.60 50.58 14.85
N ASP D 498 22.34 51.00 14.91
CA ASP D 498 21.90 52.17 14.14
C ASP D 498 22.10 53.48 14.91
N PHE D 499 22.54 53.39 16.16
CA PHE D 499 22.75 54.60 16.95
C PHE D 499 23.80 55.50 16.28
N LYS D 500 23.56 56.80 16.34
CA LYS D 500 24.50 57.76 15.76
C LYS D 500 24.68 58.87 16.78
N TRP D 501 25.83 59.54 16.73
CA TRP D 501 26.13 60.63 17.65
C TRP D 501 24.98 61.62 17.79
N GLU D 502 24.33 61.94 16.67
CA GLU D 502 23.22 62.89 16.65
C GLU D 502 22.02 62.44 17.47
N ASP D 503 21.92 61.14 17.72
CA ASP D 503 20.81 60.57 18.48
C ASP D 503 20.95 60.83 19.99
N ILE D 504 22.08 61.39 20.41
CA ILE D 504 22.33 61.64 21.82
C ILE D 504 22.17 63.07 22.28
N GLU D 505 21.62 63.23 23.48
CA GLU D 505 21.40 64.53 24.09
C GLU D 505 22.03 64.58 25.48
N LEU D 506 23.01 65.47 25.66
CA LEU D 506 23.65 65.60 26.96
C LEU D 506 23.08 66.84 27.61
N ILE D 507 22.03 66.64 28.39
CA ILE D 507 21.35 67.75 29.05
C ILE D 507 21.92 68.13 30.42
N GLY D 508 22.29 69.41 30.54
CA GLY D 508 22.79 69.95 31.80
C GLY D 508 24.18 69.55 32.26
N TYR D 509 25.12 69.42 31.33
CA TYR D 509 26.48 69.06 31.70
C TYR D 509 27.30 70.32 31.89
N TYR D 510 27.66 70.61 33.13
CA TYR D 510 28.45 71.80 33.42
C TYR D 510 29.72 71.41 34.19
N PRO D 511 30.66 70.75 33.50
CA PRO D 511 31.91 70.33 34.14
C PRO D 511 32.94 71.44 34.37
N TYR D 512 33.99 71.09 35.09
CA TYR D 512 35.08 72.01 35.34
C TYR D 512 35.92 71.88 34.09
N PRO D 513 36.82 72.85 33.84
CA PRO D 513 37.68 72.80 32.65
C PRO D 513 38.40 71.49 32.50
N THR D 514 38.59 71.07 31.25
CA THR D 514 39.25 69.82 30.98
C THR D 514 40.67 69.81 31.56
N ILE D 515 41.17 68.62 31.89
CA ILE D 515 42.51 68.47 32.45
C ILE D 515 43.37 67.57 31.56
N LYS D 516 44.39 68.14 30.94
CA LYS D 516 45.26 67.39 30.04
C LYS D 516 46.10 66.32 30.75
N MET D 517 46.09 65.11 30.20
CA MET D 517 46.85 63.98 30.73
C MET D 517 47.34 63.12 29.57
N ASP D 518 48.59 62.67 29.63
CA ASP D 518 49.14 61.87 28.54
C ASP D 518 49.10 60.35 28.73
N MET D 519 48.64 59.67 27.68
CA MET D 519 48.53 58.20 27.70
C MET D 519 49.89 57.53 27.61
N ALA D 520 50.01 56.37 28.29
CA ALA D 520 51.23 55.59 28.25
C ALA D 520 50.97 54.47 27.22
N VAL D 521 51.81 54.40 26.18
CA VAL D 521 51.65 53.41 25.11
C VAL D 521 51.97 51.95 25.55
N GLU E 3 -47.95 -67.59 -99.26
CA GLU E 3 -48.04 -68.88 -100.01
C GLU E 3 -49.51 -69.31 -100.20
N LYS E 4 -49.74 -70.63 -100.37
CA LYS E 4 -51.06 -71.23 -100.55
C LYS E 4 -50.81 -72.64 -101.12
N ASN E 5 -51.38 -73.64 -100.45
CA ASN E 5 -51.18 -75.04 -100.83
C ASN E 5 -51.87 -75.59 -102.08
N VAL E 6 -51.21 -76.53 -102.74
CA VAL E 6 -51.73 -77.17 -103.94
C VAL E 6 -51.61 -78.68 -103.85
N SER E 7 -52.72 -79.35 -103.57
CA SER E 7 -52.70 -80.80 -103.44
C SER E 7 -53.44 -81.51 -104.56
N ILE E 8 -52.90 -82.67 -104.94
CA ILE E 8 -53.50 -83.49 -105.96
C ILE E 8 -54.35 -84.51 -105.23
N VAL E 9 -55.51 -84.84 -105.81
CA VAL E 9 -56.37 -85.85 -105.22
C VAL E 9 -56.66 -86.77 -106.38
N VAL E 10 -56.30 -88.03 -106.25
CA VAL E 10 -56.53 -88.96 -107.33
C VAL E 10 -56.67 -90.38 -106.81
N ALA E 11 -57.31 -91.21 -107.63
CA ALA E 11 -57.50 -92.61 -107.30
C ALA E 11 -57.05 -93.40 -108.52
N ALA E 12 -56.00 -94.19 -108.36
CA ALA E 12 -55.49 -94.99 -109.46
C ALA E 12 -55.30 -96.44 -109.06
N SER E 13 -55.32 -97.34 -110.06
CA SER E 13 -55.14 -98.76 -109.78
C SER E 13 -53.76 -98.93 -109.18
N VAL E 14 -53.63 -99.94 -108.31
CA VAL E 14 -52.39 -100.23 -107.61
C VAL E 14 -51.15 -100.48 -108.47
N LEU E 15 -51.29 -101.26 -109.53
CA LEU E 15 -50.17 -101.56 -110.41
C LEU E 15 -49.87 -100.60 -111.54
N SER E 16 -50.86 -100.27 -112.38
CA SER E 16 -50.59 -99.39 -113.50
C SER E 16 -51.07 -97.94 -113.38
N SER E 17 -51.58 -97.55 -112.22
CA SER E 17 -52.06 -96.19 -112.00
C SER E 17 -53.19 -95.80 -112.96
N GLY E 18 -54.06 -96.78 -113.24
CA GLY E 18 -55.19 -96.52 -114.11
C GLY E 18 -56.21 -95.71 -113.37
N ILE E 19 -56.70 -94.63 -114.00
CA ILE E 19 -57.70 -93.77 -113.35
C ILE E 19 -58.97 -93.53 -114.17
N GLY E 20 -58.93 -93.84 -115.46
CA GLY E 20 -60.10 -93.61 -116.28
C GLY E 20 -60.29 -94.56 -117.46
N ILE E 21 -61.55 -94.64 -117.88
CA ILE E 21 -61.94 -95.48 -119.01
C ILE E 21 -63.20 -94.87 -119.62
N ASN E 22 -63.09 -94.47 -120.88
CA ASN E 22 -64.19 -93.86 -121.60
C ASN E 22 -64.87 -92.79 -120.76
N GLY E 23 -64.09 -91.83 -120.26
CA GLY E 23 -64.64 -90.75 -119.46
C GLY E 23 -65.29 -91.15 -118.14
N GLN E 24 -65.02 -92.36 -117.69
CA GLN E 24 -65.60 -92.83 -116.43
C GLN E 24 -64.54 -93.37 -115.48
N LEU E 25 -64.88 -93.40 -114.19
CA LEU E 25 -63.96 -93.96 -113.23
C LEU E 25 -64.10 -95.46 -113.53
N PRO E 26 -62.98 -96.20 -113.52
CA PRO E 26 -63.06 -97.62 -113.80
C PRO E 26 -63.60 -98.49 -112.66
N TRP E 27 -64.27 -97.87 -111.70
CA TRP E 27 -64.81 -98.59 -110.55
C TRP E 27 -65.71 -97.62 -109.78
N SER E 28 -66.51 -98.13 -108.85
CA SER E 28 -67.37 -97.26 -108.06
C SER E 28 -67.29 -97.55 -106.55
N ILE E 29 -66.53 -96.72 -105.85
CA ILE E 29 -66.35 -96.87 -104.41
C ILE E 29 -66.84 -95.58 -103.79
N SER E 30 -68.01 -95.61 -103.20
CA SER E 30 -68.57 -94.40 -102.60
C SER E 30 -67.68 -93.79 -101.50
N GLU E 31 -67.05 -94.64 -100.71
CA GLU E 31 -66.19 -94.16 -99.65
C GLU E 31 -65.09 -93.25 -100.18
N ASP E 32 -64.55 -93.60 -101.35
CA ASP E 32 -63.49 -92.80 -101.94
C ASP E 32 -64.02 -91.48 -102.47
N LEU E 33 -65.27 -91.50 -102.95
CA LEU E 33 -65.86 -90.26 -103.43
C LEU E 33 -66.10 -89.40 -102.19
N LYS E 34 -66.55 -90.06 -101.12
CA LYS E 34 -66.81 -89.38 -99.88
C LYS E 34 -65.50 -88.79 -99.37
N PHE E 35 -64.41 -89.51 -99.62
CA PHE E 35 -63.10 -89.04 -99.18
C PHE E 35 -62.78 -87.79 -99.98
N PHE E 36 -62.81 -87.92 -101.30
CA PHE E 36 -62.51 -86.79 -102.17
C PHE E 36 -63.29 -85.58 -101.69
N SER E 37 -64.57 -85.79 -101.37
CA SER E 37 -65.41 -84.70 -100.92
C SER E 37 -64.95 -84.10 -99.60
N LYS E 38 -64.65 -84.97 -98.64
CA LYS E 38 -64.18 -84.53 -97.32
C LYS E 38 -62.88 -83.73 -97.42
N ILE E 39 -61.91 -84.31 -98.11
CA ILE E 39 -60.61 -83.68 -98.26
C ILE E 39 -60.64 -82.36 -99.02
N THR E 40 -61.39 -82.29 -100.12
CA THR E 40 -61.45 -81.07 -100.91
C THR E 40 -62.33 -79.98 -100.33
N ASN E 41 -63.08 -80.31 -99.28
CA ASN E 41 -63.95 -79.32 -98.64
C ASN E 41 -63.27 -78.81 -97.38
N ASN E 42 -62.47 -79.68 -96.79
CA ASN E 42 -61.72 -79.43 -95.57
C ASN E 42 -60.95 -78.11 -95.64
N LYS E 43 -61.38 -77.12 -94.86
CA LYS E 43 -60.73 -75.81 -94.86
C LYS E 43 -60.81 -75.15 -93.47
N CYS E 44 -59.85 -74.29 -93.15
CA CYS E 44 -59.82 -73.62 -91.86
C CYS E 44 -60.74 -72.38 -91.77
N ASP E 45 -60.69 -71.54 -92.80
CA ASP E 45 -61.50 -70.30 -92.83
C ASP E 45 -62.94 -70.44 -93.35
N SER E 46 -63.91 -70.38 -92.44
CA SER E 46 -65.32 -70.50 -92.83
C SER E 46 -65.69 -69.53 -93.96
N ASN E 47 -65.04 -68.38 -93.97
CA ASN E 47 -65.31 -67.37 -94.98
C ASN E 47 -64.59 -67.54 -96.30
N LYS E 48 -63.86 -68.64 -96.45
CA LYS E 48 -63.16 -68.90 -97.69
C LYS E 48 -63.67 -70.20 -98.31
N LYS E 49 -63.25 -70.48 -99.54
CA LYS E 49 -63.64 -71.70 -100.24
C LYS E 49 -62.39 -72.32 -100.82
N ASN E 50 -62.47 -73.60 -101.17
CA ASN E 50 -61.32 -74.25 -101.79
C ASN E 50 -61.58 -74.27 -103.28
N ALA E 51 -60.53 -74.29 -104.08
CA ALA E 51 -60.68 -74.31 -105.53
C ALA E 51 -60.21 -75.64 -106.11
N LEU E 52 -61.06 -76.26 -106.92
CA LEU E 52 -60.71 -77.54 -107.53
C LEU E 52 -60.47 -77.35 -109.02
N ILE E 53 -59.23 -77.54 -109.43
CA ILE E 53 -58.82 -77.41 -110.83
C ILE E 53 -59.03 -78.74 -111.54
N MET E 54 -59.54 -78.70 -112.77
CA MET E 54 -59.76 -79.93 -113.54
C MET E 54 -59.81 -79.71 -115.05
N GLY E 55 -59.40 -80.74 -115.80
CA GLY E 55 -59.41 -80.65 -117.24
C GLY E 55 -60.86 -80.59 -117.69
N ARG E 56 -61.09 -80.15 -118.92
CA ARG E 56 -62.46 -80.06 -119.43
C ARG E 56 -63.15 -81.42 -119.44
N LYS E 57 -62.44 -82.43 -119.93
CA LYS E 57 -63.01 -83.76 -119.99
C LYS E 57 -63.55 -84.20 -118.61
N THR E 58 -62.80 -83.94 -117.55
CA THR E 58 -63.25 -84.33 -116.21
C THR E 58 -64.51 -83.52 -115.89
N TRP E 59 -64.50 -82.27 -116.32
CA TRP E 59 -65.62 -81.36 -116.11
C TRP E 59 -66.86 -81.99 -116.75
N ASP E 60 -66.68 -82.64 -117.90
CA ASP E 60 -67.81 -83.30 -118.57
C ASP E 60 -68.24 -84.49 -117.71
N SER E 61 -67.27 -85.20 -117.15
CA SER E 61 -67.52 -86.37 -116.31
C SER E 61 -68.35 -86.01 -115.07
N ILE E 62 -68.08 -84.85 -114.49
CA ILE E 62 -68.81 -84.39 -113.33
C ILE E 62 -70.24 -84.03 -113.73
N GLY E 63 -70.46 -83.89 -115.03
CA GLY E 63 -71.79 -83.52 -115.51
C GLY E 63 -71.95 -82.02 -115.55
N ARG E 64 -70.83 -81.32 -115.66
CA ARG E 64 -70.81 -79.87 -115.72
C ARG E 64 -71.74 -79.18 -114.74
N ARG E 65 -71.75 -79.66 -113.51
CA ARG E 65 -72.54 -79.07 -112.45
C ARG E 65 -71.59 -78.89 -111.26
N PRO E 66 -71.59 -77.70 -110.65
CA PRO E 66 -70.74 -77.35 -109.51
C PRO E 66 -70.76 -78.30 -108.31
N LEU E 67 -69.66 -78.30 -107.56
CA LEU E 67 -69.52 -79.12 -106.37
C LEU E 67 -69.78 -78.16 -105.19
N LYS E 68 -70.73 -78.52 -104.35
CA LYS E 68 -71.11 -77.71 -103.21
C LYS E 68 -69.96 -77.13 -102.36
N ASN E 69 -70.14 -75.89 -101.92
CA ASN E 69 -69.18 -75.16 -101.07
C ASN E 69 -67.82 -74.90 -101.69
N ARG E 70 -67.60 -75.43 -102.88
CA ARG E 70 -66.32 -75.25 -103.53
C ARG E 70 -66.42 -74.47 -104.84
N ILE E 71 -65.27 -74.29 -105.48
CA ILE E 71 -65.23 -73.57 -106.74
C ILE E 71 -64.47 -74.40 -107.76
N ILE E 72 -65.15 -74.76 -108.84
CA ILE E 72 -64.50 -75.56 -109.87
C ILE E 72 -63.83 -74.68 -110.90
N VAL E 73 -62.55 -74.96 -111.13
CA VAL E 73 -61.76 -74.23 -112.11
C VAL E 73 -61.51 -75.14 -113.29
N VAL E 74 -62.14 -74.83 -114.42
CA VAL E 74 -61.96 -75.65 -115.61
C VAL E 74 -60.87 -75.11 -116.54
N ILE E 75 -59.96 -75.99 -116.94
CA ILE E 75 -58.91 -75.60 -117.86
C ILE E 75 -59.36 -76.09 -119.22
N SER E 76 -59.56 -75.16 -120.16
CA SER E 76 -59.97 -75.51 -121.51
C SER E 76 -59.68 -74.37 -122.47
N SER E 77 -59.33 -74.74 -123.70
CA SER E 77 -59.01 -73.76 -124.73
C SER E 77 -60.30 -73.18 -125.32
N SER E 78 -61.31 -74.04 -125.46
CA SER E 78 -62.59 -73.66 -126.06
C SER E 78 -63.66 -73.09 -125.11
N LEU E 79 -64.05 -73.87 -124.10
CA LEU E 79 -65.07 -73.46 -123.15
C LEU E 79 -65.10 -71.96 -122.81
N PRO E 80 -66.27 -71.34 -122.98
CA PRO E 80 -66.51 -69.92 -122.72
C PRO E 80 -66.25 -69.49 -121.28
N GLN E 81 -65.73 -68.27 -121.10
CA GLN E 81 -65.48 -67.74 -119.76
C GLN E 81 -66.84 -67.26 -119.19
N ASP E 82 -67.79 -68.20 -119.03
CA ASP E 82 -69.14 -67.92 -118.53
C ASP E 82 -69.18 -67.12 -117.23
N GLU E 83 -69.59 -65.86 -117.33
CA GLU E 83 -69.69 -65.01 -116.15
C GLU E 83 -70.86 -65.47 -115.29
N ALA E 84 -71.65 -66.37 -115.85
CA ALA E 84 -72.84 -66.92 -115.20
C ALA E 84 -72.59 -67.56 -113.84
N ASP E 85 -72.28 -68.86 -113.81
CA ASP E 85 -72.06 -69.53 -112.53
C ASP E 85 -70.81 -68.99 -111.86
N PRO E 86 -70.95 -68.49 -110.63
CA PRO E 86 -69.83 -67.94 -109.85
C PRO E 86 -68.93 -69.03 -109.28
N ASN E 87 -69.50 -70.21 -109.03
CA ASN E 87 -68.77 -71.32 -108.45
C ASN E 87 -67.95 -72.06 -109.49
N VAL E 88 -68.00 -71.58 -110.72
CA VAL E 88 -67.26 -72.23 -111.79
C VAL E 88 -66.64 -71.14 -112.66
N VAL E 89 -65.38 -71.33 -112.99
CA VAL E 89 -64.68 -70.37 -113.82
C VAL E 89 -63.74 -71.11 -114.76
N VAL E 90 -63.53 -70.54 -115.94
CA VAL E 90 -62.67 -71.17 -116.94
C VAL E 90 -61.35 -70.44 -117.16
N PHE E 91 -60.30 -71.21 -117.47
CA PHE E 91 -58.97 -70.68 -117.72
C PHE E 91 -58.37 -71.35 -118.95
N ARG E 92 -57.58 -70.60 -119.70
CA ARG E 92 -56.98 -71.13 -120.92
C ARG E 92 -55.79 -72.06 -120.76
N ASN E 93 -55.05 -71.94 -119.67
CA ASN E 93 -53.91 -72.81 -119.43
C ASN E 93 -53.77 -73.06 -117.94
N LEU E 94 -53.15 -74.18 -117.58
CA LEU E 94 -53.00 -74.52 -116.17
C LEU E 94 -52.30 -73.43 -115.37
N GLU E 95 -51.12 -73.00 -115.83
CA GLU E 95 -50.37 -71.98 -115.11
C GLU E 95 -51.19 -70.75 -114.73
N ASP E 96 -51.86 -70.19 -115.72
CA ASP E 96 -52.67 -69.01 -115.44
C ASP E 96 -53.66 -69.21 -114.30
N SER E 97 -54.40 -70.31 -114.34
CA SER E 97 -55.37 -70.60 -113.29
C SER E 97 -54.65 -70.47 -111.94
N ILE E 98 -53.48 -71.09 -111.83
CA ILE E 98 -52.76 -70.98 -110.58
C ILE E 98 -52.27 -69.54 -110.44
N GLU E 99 -53.01 -68.84 -109.60
CA GLU E 99 -52.81 -67.43 -109.28
C GLU E 99 -53.91 -67.30 -108.23
N ASN E 100 -54.63 -68.42 -108.04
CA ASN E 100 -55.68 -68.53 -107.04
C ASN E 100 -54.91 -68.09 -105.80
N LEU E 101 -53.61 -68.38 -105.84
CA LEU E 101 -52.66 -68.01 -104.78
C LEU E 101 -52.63 -66.49 -104.85
N MET E 102 -52.16 -66.01 -106.00
CA MET E 102 -51.98 -64.58 -106.32
C MET E 102 -53.12 -63.64 -106.01
N ASN E 103 -54.10 -64.12 -105.25
CA ASN E 103 -55.24 -63.28 -104.90
C ASN E 103 -56.34 -64.19 -104.36
N ASP E 104 -57.56 -63.83 -104.75
CA ASP E 104 -58.73 -64.57 -104.35
C ASP E 104 -58.36 -65.15 -103.00
N ASP E 105 -58.03 -64.26 -102.09
CA ASP E 105 -57.65 -64.67 -100.75
C ASP E 105 -58.88 -65.37 -100.17
N SER E 106 -59.95 -65.33 -100.96
CA SER E 106 -61.21 -65.99 -100.62
C SER E 106 -60.96 -67.50 -100.78
N ILE E 107 -60.00 -67.82 -101.65
CA ILE E 107 -59.59 -69.19 -101.95
C ILE E 107 -58.49 -69.61 -100.98
N GLU E 108 -58.84 -70.44 -100.00
CA GLU E 108 -57.88 -70.90 -99.01
C GLU E 108 -56.88 -71.94 -99.49
N ASN E 109 -57.37 -72.97 -100.18
CA ASN E 109 -56.48 -74.04 -100.67
C ASN E 109 -56.79 -74.43 -102.11
N ILE E 110 -55.83 -75.08 -102.75
CA ILE E 110 -56.01 -75.48 -104.14
C ILE E 110 -55.82 -76.99 -104.32
N PHE E 111 -56.71 -77.59 -105.10
CA PHE E 111 -56.68 -79.01 -105.37
C PHE E 111 -56.70 -79.32 -106.86
N VAL E 112 -55.70 -80.06 -107.33
CA VAL E 112 -55.64 -80.44 -108.73
C VAL E 112 -56.48 -81.71 -108.77
N CYS E 113 -57.71 -81.57 -109.22
CA CYS E 113 -58.65 -82.68 -109.24
C CYS E 113 -58.76 -83.59 -110.44
N GLY E 114 -57.76 -83.66 -111.29
CA GLY E 114 -57.94 -84.60 -112.37
C GLY E 114 -57.81 -84.25 -113.82
N GLY E 115 -57.50 -85.32 -114.54
CA GLY E 115 -57.28 -85.27 -115.95
C GLY E 115 -55.85 -85.72 -116.09
N GLU E 116 -55.64 -86.89 -116.70
CA GLU E 116 -54.27 -87.37 -116.87
C GLU E 116 -53.43 -86.19 -117.33
N SER E 117 -53.95 -85.45 -118.30
CA SER E 117 -53.25 -84.29 -118.84
C SER E 117 -53.00 -83.21 -117.80
N ILE E 118 -54.04 -82.86 -117.04
CA ILE E 118 -53.90 -81.85 -116.03
C ILE E 118 -52.96 -82.32 -114.90
N TYR E 119 -53.04 -83.60 -114.56
CA TYR E 119 -52.18 -84.13 -113.51
C TYR E 119 -50.73 -83.99 -113.98
N ARG E 120 -50.46 -84.58 -115.14
CA ARG E 120 -49.14 -84.58 -115.76
C ARG E 120 -48.53 -83.18 -115.82
N ASP E 121 -49.32 -82.20 -116.24
CA ASP E 121 -48.84 -80.83 -116.34
C ASP E 121 -48.58 -80.21 -114.99
N ALA E 122 -49.45 -80.50 -114.02
CA ALA E 122 -49.28 -79.96 -112.69
C ALA E 122 -47.92 -80.40 -112.14
N LEU E 123 -47.62 -81.68 -112.28
CA LEU E 123 -46.35 -82.21 -111.80
C LEU E 123 -45.17 -81.64 -112.59
N LYS E 124 -45.24 -81.74 -113.92
CA LYS E 124 -44.18 -81.25 -114.81
C LYS E 124 -43.73 -79.81 -114.51
N ASP E 125 -44.68 -78.95 -114.19
CA ASP E 125 -44.35 -77.55 -113.90
C ASP E 125 -44.13 -77.33 -112.39
N ASN E 126 -44.03 -78.44 -111.66
CA ASN E 126 -43.80 -78.40 -110.22
C ASN E 126 -44.76 -77.50 -109.46
N PHE E 127 -46.04 -77.53 -109.83
CA PHE E 127 -47.07 -76.71 -109.21
C PHE E 127 -47.64 -77.35 -107.94
N VAL E 128 -47.46 -78.65 -107.78
CA VAL E 128 -48.04 -79.32 -106.63
C VAL E 128 -47.14 -79.62 -105.43
N ASP E 129 -47.74 -79.41 -104.27
CA ASP E 129 -47.11 -79.62 -102.98
C ASP E 129 -47.37 -81.02 -102.43
N ARG E 130 -48.62 -81.46 -102.56
CA ARG E 130 -49.04 -82.75 -102.02
C ARG E 130 -49.82 -83.61 -102.99
N ILE E 131 -49.86 -84.91 -102.70
CA ILE E 131 -50.59 -85.87 -103.50
C ILE E 131 -51.39 -86.81 -102.60
N TYR E 132 -52.72 -86.77 -102.74
CA TYR E 132 -53.60 -87.66 -101.98
C TYR E 132 -53.93 -88.78 -102.96
N LEU E 133 -53.34 -89.94 -102.75
CA LEU E 133 -53.51 -91.04 -103.67
C LEU E 133 -54.32 -92.22 -103.13
N THR E 134 -55.45 -92.50 -103.75
CA THR E 134 -56.23 -93.63 -103.32
C THR E 134 -55.82 -94.76 -104.23
N ARG E 135 -55.25 -95.80 -103.65
CA ARG E 135 -54.80 -96.95 -104.43
C ARG E 135 -55.92 -97.98 -104.51
N VAL E 136 -56.40 -98.25 -105.71
CA VAL E 136 -57.48 -99.21 -105.90
C VAL E 136 -56.90 -100.52 -106.38
N ALA E 137 -57.34 -101.60 -105.74
CA ALA E 137 -56.82 -102.92 -106.06
C ALA E 137 -57.52 -103.76 -107.12
N LEU E 138 -57.61 -103.25 -108.34
CA LEU E 138 -58.19 -104.05 -109.43
C LEU E 138 -57.40 -103.61 -110.65
N GLU E 139 -56.63 -104.57 -111.17
CA GLU E 139 -55.71 -104.31 -112.27
C GLU E 139 -55.94 -105.02 -113.59
N ASP E 140 -56.97 -105.84 -113.72
CA ASP E 140 -57.17 -106.50 -115.01
C ASP E 140 -58.46 -106.08 -115.65
N ILE E 141 -58.54 -104.78 -115.86
CA ILE E 141 -59.69 -104.15 -116.50
C ILE E 141 -59.12 -103.10 -117.46
N GLU E 142 -59.94 -102.67 -118.40
CA GLU E 142 -59.47 -101.69 -119.37
C GLU E 142 -59.27 -100.31 -118.76
N PHE E 143 -58.22 -99.62 -119.20
CA PHE E 143 -57.90 -98.28 -118.75
C PHE E 143 -57.49 -97.50 -119.97
N ASP E 144 -57.81 -96.21 -120.01
CA ASP E 144 -57.38 -95.39 -121.13
C ASP E 144 -56.77 -94.10 -120.62
N THR E 145 -56.88 -93.89 -119.32
CA THR E 145 -56.31 -92.69 -118.68
C THR E 145 -55.46 -93.14 -117.48
N TYR E 146 -54.32 -92.49 -117.29
CA TYR E 146 -53.43 -92.88 -116.21
C TYR E 146 -52.94 -91.72 -115.36
N PHE E 147 -52.44 -92.05 -114.18
CA PHE E 147 -51.87 -91.05 -113.29
C PHE E 147 -50.37 -91.19 -113.54
N PRO E 148 -49.69 -90.07 -113.86
CA PRO E 148 -48.25 -90.16 -114.11
C PRO E 148 -47.47 -90.67 -112.89
N GLU E 149 -46.24 -91.14 -113.12
CA GLU E 149 -45.41 -91.63 -112.02
C GLU E 149 -45.05 -90.46 -111.12
N ILE E 150 -45.14 -90.68 -109.82
CA ILE E 150 -44.83 -89.62 -108.87
C ILE E 150 -43.33 -89.27 -108.90
N PRO E 151 -43.01 -88.01 -109.24
CA PRO E 151 -41.62 -87.57 -109.30
C PRO E 151 -40.89 -87.81 -107.98
N GLU E 152 -39.59 -88.05 -108.08
CA GLU E 152 -38.78 -88.33 -106.89
C GLU E 152 -38.75 -87.25 -105.83
N THR E 153 -39.15 -86.03 -106.16
CA THR E 153 -39.16 -84.96 -105.16
C THR E 153 -40.27 -85.21 -104.13
N PHE E 154 -41.10 -86.20 -104.43
CA PHE E 154 -42.21 -86.57 -103.56
C PHE E 154 -41.92 -87.85 -102.78
N LEU E 155 -42.34 -87.84 -101.52
CA LEU E 155 -42.13 -89.00 -100.68
C LEU E 155 -43.38 -89.26 -99.87
N PRO E 156 -43.71 -90.54 -99.66
CA PRO E 156 -44.88 -90.97 -98.90
C PRO E 156 -44.72 -90.74 -97.41
N VAL E 157 -45.70 -90.09 -96.80
CA VAL E 157 -45.63 -89.82 -95.37
C VAL E 157 -46.74 -90.52 -94.59
N TYR E 158 -47.68 -91.11 -95.32
CA TYR E 158 -48.79 -91.80 -94.70
C TYR E 158 -49.39 -92.86 -95.61
N MET E 159 -49.74 -94.01 -95.05
CA MET E 159 -50.35 -95.10 -95.80
C MET E 159 -51.38 -95.77 -94.90
N SER E 160 -52.66 -95.55 -95.20
CA SER E 160 -53.76 -96.10 -94.40
C SER E 160 -53.84 -97.62 -94.45
N GLN E 161 -54.70 -98.15 -93.59
CA GLN E 161 -54.95 -99.58 -93.54
C GLN E 161 -55.72 -99.85 -94.82
N THR E 162 -55.99 -101.12 -95.11
CA THR E 162 -56.73 -101.45 -96.30
C THR E 162 -58.22 -101.50 -96.00
N PHE E 163 -59.03 -101.00 -96.92
CA PHE E 163 -60.48 -101.01 -96.75
C PHE E 163 -61.11 -101.80 -97.89
N CYS E 164 -62.32 -102.31 -97.68
CA CYS E 164 -63.07 -103.09 -98.69
C CYS E 164 -64.38 -102.41 -99.08
N THR E 165 -64.75 -102.60 -100.33
CA THR E 165 -65.99 -102.07 -100.88
C THR E 165 -66.29 -102.96 -102.08
N LYS E 166 -67.32 -103.79 -101.95
CA LYS E 166 -67.71 -104.70 -103.01
C LYS E 166 -66.55 -105.65 -103.29
N ASN E 167 -65.80 -105.95 -102.24
CA ASN E 167 -64.65 -106.85 -102.32
C ASN E 167 -63.44 -106.25 -103.01
N ILE E 168 -63.49 -104.94 -103.24
CA ILE E 168 -62.37 -104.26 -103.87
C ILE E 168 -61.56 -103.69 -102.73
N SER E 169 -60.25 -103.96 -102.72
CA SER E 169 -59.38 -103.45 -101.69
C SER E 169 -58.78 -102.11 -102.12
N TYR E 170 -58.49 -101.25 -101.16
CA TYR E 170 -57.88 -99.96 -101.48
C TYR E 170 -57.23 -99.26 -100.30
N ASP E 171 -56.27 -98.40 -100.63
CA ASP E 171 -55.51 -97.62 -99.66
C ASP E 171 -55.78 -96.16 -99.83
N PHE E 172 -55.16 -95.41 -98.93
CA PHE E 172 -55.21 -93.96 -98.91
C PHE E 172 -53.81 -93.59 -98.44
N MET E 173 -53.02 -92.96 -99.29
CA MET E 173 -51.71 -92.56 -98.83
C MET E 173 -51.38 -91.18 -99.40
N ILE E 174 -50.71 -90.36 -98.60
CA ILE E 174 -50.37 -89.01 -99.06
C ILE E 174 -48.89 -88.77 -99.20
N PHE E 175 -48.52 -88.24 -100.36
CA PHE E 175 -47.12 -87.95 -100.64
C PHE E 175 -46.88 -86.46 -100.47
N GLU E 176 -45.78 -86.12 -99.80
CA GLU E 176 -45.45 -84.72 -99.64
C GLU E 176 -44.15 -84.46 -100.37
N LYS E 177 -44.05 -83.28 -100.95
CA LYS E 177 -42.87 -82.93 -101.71
C LYS E 177 -41.80 -82.36 -100.79
N GLN E 178 -41.27 -83.21 -99.92
CA GLN E 178 -40.23 -82.77 -99.01
C GLN E 178 -38.90 -82.98 -99.71
N GLU E 179 -37.97 -82.08 -99.43
CA GLU E 179 -36.62 -82.09 -100.03
C GLU E 179 -35.56 -81.61 -99.02
N LYS E 180 -35.90 -80.55 -98.30
CA LYS E 180 -35.01 -79.95 -97.30
C LYS E 180 -34.69 -80.90 -96.12
N LYS E 181 -33.72 -80.49 -95.30
CA LYS E 181 -33.27 -81.24 -94.12
C LYS E 181 -32.45 -82.50 -94.47
N THR E 182 -31.47 -82.79 -93.62
CA THR E 182 -30.55 -83.93 -93.79
C THR E 182 -31.11 -85.34 -93.44
N LEU E 183 -30.40 -86.04 -92.55
CA LEU E 183 -30.72 -87.40 -92.09
C LEU E 183 -32.10 -87.59 -91.43
N GLN E 184 -32.24 -87.06 -90.21
CA GLN E 184 -33.47 -87.19 -89.42
C GLN E 184 -33.55 -88.59 -88.77
N ASN E 185 -34.11 -88.65 -87.56
CA ASN E 185 -34.24 -89.92 -86.84
C ASN E 185 -35.55 -90.59 -87.22
N CYS E 186 -35.49 -91.89 -87.52
CA CYS E 186 -36.69 -92.62 -87.90
C CYS E 186 -37.66 -92.78 -86.72
N ASP E 187 -37.12 -92.90 -85.51
CA ASP E 187 -37.98 -93.05 -84.35
C ASP E 187 -38.93 -91.86 -84.21
N PRO E 188 -40.24 -92.12 -84.18
CA PRO E 188 -41.26 -91.07 -84.07
C PRO E 188 -41.41 -90.53 -82.64
N ALA E 189 -40.68 -91.10 -81.71
CA ALA E 189 -40.77 -90.63 -80.33
C ALA E 189 -39.83 -89.45 -80.11
N ARG E 190 -38.75 -89.40 -80.89
CA ARG E 190 -37.78 -88.33 -80.74
C ARG E 190 -38.22 -87.11 -81.53
N GLY E 191 -37.55 -86.00 -81.27
CA GLY E 191 -37.86 -84.78 -81.96
C GLY E 191 -39.03 -84.04 -81.38
N GLN E 192 -39.63 -84.58 -80.33
CA GLN E 192 -40.79 -83.92 -79.72
C GLN E 192 -40.36 -82.72 -78.88
N LEU E 193 -39.23 -82.86 -78.20
CA LEU E 193 -38.64 -81.78 -77.41
C LEU E 193 -37.24 -82.21 -76.99
N LYS E 194 -36.25 -81.40 -77.37
CA LYS E 194 -34.86 -81.70 -77.09
C LYS E 194 -34.56 -82.12 -75.67
N SER E 195 -35.16 -81.45 -74.69
CA SER E 195 -34.92 -81.81 -73.30
C SER E 195 -35.02 -83.33 -73.10
N ILE E 196 -36.10 -83.93 -73.57
CA ILE E 196 -36.25 -85.37 -73.41
C ILE E 196 -35.19 -86.12 -74.20
N ASP E 197 -35.13 -85.87 -75.50
CA ASP E 197 -34.15 -86.53 -76.35
C ASP E 197 -32.75 -86.48 -75.72
N ASP E 198 -32.29 -85.29 -75.36
CA ASP E 198 -30.96 -85.13 -74.78
C ASP E 198 -30.78 -85.98 -73.54
N THR E 199 -31.71 -85.85 -72.61
CA THR E 199 -31.66 -86.60 -71.37
C THR E 199 -31.55 -88.10 -71.59
N VAL E 200 -32.45 -88.64 -72.41
CA VAL E 200 -32.45 -90.08 -72.69
C VAL E 200 -31.12 -90.51 -73.31
N ASP E 201 -30.57 -89.68 -74.19
CA ASP E 201 -29.31 -89.99 -74.84
C ASP E 201 -28.21 -90.06 -73.79
N LEU E 202 -28.14 -89.01 -72.97
CA LEU E 202 -27.14 -88.93 -71.92
C LEU E 202 -27.29 -90.11 -70.97
N LEU E 203 -28.52 -90.31 -70.52
CA LEU E 203 -28.85 -91.38 -69.59
C LEU E 203 -28.45 -92.70 -70.24
N GLY E 204 -28.49 -92.74 -71.55
CA GLY E 204 -28.14 -93.95 -72.28
C GLY E 204 -26.64 -94.20 -72.35
N GLU E 205 -25.85 -93.16 -72.11
CA GLU E 205 -24.38 -93.28 -72.12
C GLU E 205 -23.94 -93.76 -70.76
N ILE E 206 -24.47 -93.12 -69.73
CA ILE E 206 -24.14 -93.49 -68.36
C ILE E 206 -24.44 -94.97 -68.19
N PHE E 207 -25.71 -95.34 -68.26
CA PHE E 207 -26.09 -96.75 -68.15
C PHE E 207 -25.90 -97.23 -69.57
N GLY E 208 -25.86 -98.52 -69.79
CA GLY E 208 -25.65 -98.93 -71.17
C GLY E 208 -26.76 -99.85 -71.58
N ILE E 209 -26.46 -101.12 -71.50
CA ILE E 209 -27.39 -102.17 -71.82
C ILE E 209 -28.29 -102.22 -70.59
N ARG E 210 -27.91 -101.44 -69.57
CA ARG E 210 -28.68 -101.39 -68.34
C ARG E 210 -30.00 -100.67 -68.54
N LYS E 211 -29.98 -99.67 -69.41
CA LYS E 211 -31.20 -98.94 -69.70
C LYS E 211 -31.92 -99.78 -70.74
N MET E 212 -33.08 -100.35 -70.37
CA MET E 212 -33.82 -101.22 -71.27
C MET E 212 -33.96 -100.65 -72.68
N GLY E 213 -34.19 -99.35 -72.76
CA GLY E 213 -34.32 -98.72 -74.06
C GLY E 213 -33.17 -99.08 -74.98
N ASN E 214 -31.95 -99.10 -74.46
CA ASN E 214 -30.80 -99.44 -75.30
C ASN E 214 -30.84 -100.89 -75.75
N ARG E 215 -31.73 -101.68 -75.15
CA ARG E 215 -31.87 -103.09 -75.52
C ARG E 215 -32.94 -103.22 -76.60
N HIS E 216 -33.67 -102.14 -76.83
CA HIS E 216 -34.73 -102.08 -77.84
C HIS E 216 -34.49 -100.86 -78.73
N LYS E 217 -33.34 -100.81 -79.39
CA LYS E 217 -33.01 -99.69 -80.25
C LYS E 217 -33.93 -99.61 -81.47
N PHE E 218 -34.35 -98.40 -81.79
CA PHE E 218 -35.22 -98.21 -82.93
C PHE E 218 -34.43 -98.50 -84.21
N PRO E 219 -35.06 -99.16 -85.18
CA PRO E 219 -34.41 -99.50 -86.45
C PRO E 219 -33.74 -98.35 -87.18
N LYS E 220 -32.59 -98.66 -87.80
CA LYS E 220 -31.81 -97.70 -88.59
C LYS E 220 -32.49 -97.55 -89.95
N GLU E 221 -32.49 -96.32 -90.45
CA GLU E 221 -33.10 -96.02 -91.73
C GLU E 221 -32.84 -97.07 -92.83
N GLU E 222 -31.58 -97.47 -92.99
CA GLU E 222 -31.23 -98.43 -94.02
C GLU E 222 -31.93 -99.78 -93.91
N ILE E 223 -32.51 -100.09 -92.75
CA ILE E 223 -33.23 -101.36 -92.60
C ILE E 223 -34.70 -101.15 -92.26
N TYR E 224 -35.16 -99.91 -92.43
CA TYR E 224 -36.54 -99.54 -92.14
C TYR E 224 -37.29 -99.42 -93.47
N ASN E 225 -38.39 -100.16 -93.61
CA ASN E 225 -39.17 -100.12 -94.84
C ASN E 225 -39.80 -98.73 -95.06
N THR E 226 -39.86 -98.27 -96.30
CA THR E 226 -40.45 -96.98 -96.64
C THR E 226 -40.27 -95.98 -95.49
N PRO E 227 -39.01 -95.62 -95.19
CA PRO E 227 -38.59 -94.68 -94.14
C PRO E 227 -39.32 -93.35 -94.04
N SER E 228 -39.70 -92.79 -95.18
CA SER E 228 -40.39 -91.51 -95.19
C SER E 228 -41.71 -91.50 -94.42
N ILE E 229 -42.38 -92.64 -94.35
CA ILE E 229 -43.62 -92.69 -93.60
C ILE E 229 -43.17 -92.94 -92.17
N ARG E 230 -43.07 -91.85 -91.44
CA ARG E 230 -42.59 -91.87 -90.08
C ARG E 230 -43.73 -91.89 -89.08
N PHE E 231 -44.75 -91.07 -89.31
CA PHE E 231 -45.86 -91.01 -88.37
C PHE E 231 -47.17 -91.52 -88.98
N GLY E 232 -47.08 -92.19 -90.12
CA GLY E 232 -48.30 -92.67 -90.74
C GLY E 232 -48.24 -94.11 -91.20
N ARG E 233 -47.49 -94.95 -90.47
CA ARG E 233 -47.37 -96.35 -90.85
C ARG E 233 -48.60 -97.12 -90.39
N GLU E 234 -49.74 -96.75 -90.97
CA GLU E 234 -51.03 -97.34 -90.62
C GLU E 234 -51.31 -98.70 -91.23
N HIS E 235 -50.85 -98.91 -92.45
CA HIS E 235 -51.05 -100.19 -93.12
C HIS E 235 -50.55 -101.28 -92.17
N TYR E 236 -51.35 -102.31 -91.92
CA TYR E 236 -50.89 -103.32 -91.01
C TYR E 236 -49.78 -104.25 -91.49
N GLU E 237 -49.29 -104.06 -92.72
CA GLU E 237 -48.21 -104.93 -93.17
C GLU E 237 -46.90 -104.47 -92.50
N PHE E 238 -46.92 -103.25 -91.96
CA PHE E 238 -45.75 -102.70 -91.28
C PHE E 238 -45.57 -103.39 -89.94
N GLN E 239 -46.62 -104.07 -89.48
CA GLN E 239 -46.56 -104.78 -88.22
C GLN E 239 -45.53 -105.86 -88.40
N TYR E 240 -45.50 -106.43 -89.60
CA TYR E 240 -44.54 -107.48 -89.92
C TYR E 240 -43.23 -106.87 -90.39
N LEU E 241 -43.28 -105.98 -91.37
CA LEU E 241 -42.07 -105.37 -91.88
C LEU E 241 -41.22 -104.76 -90.76
N ASP E 242 -41.85 -104.12 -89.79
CA ASP E 242 -41.10 -103.52 -88.71
C ASP E 242 -40.53 -104.55 -87.77
N LEU E 243 -41.29 -105.58 -87.46
CA LEU E 243 -40.79 -106.63 -86.58
C LEU E 243 -39.54 -107.17 -87.24
N LEU E 244 -39.57 -107.15 -88.56
CA LEU E 244 -38.47 -107.63 -89.36
C LEU E 244 -37.25 -106.77 -89.11
N SER E 245 -37.39 -105.48 -89.33
CA SER E 245 -36.26 -104.58 -89.12
C SER E 245 -35.91 -104.39 -87.65
N ARG E 246 -36.85 -104.72 -86.77
CA ARG E 246 -36.60 -104.58 -85.35
C ARG E 246 -35.63 -105.66 -84.85
N VAL E 247 -35.71 -106.87 -85.40
CA VAL E 247 -34.79 -107.91 -84.95
C VAL E 247 -33.49 -107.69 -85.72
N LEU E 248 -33.63 -107.20 -86.94
CA LEU E 248 -32.48 -106.90 -87.79
C LEU E 248 -31.63 -105.86 -87.08
N GLU E 249 -32.26 -105.12 -86.18
CA GLU E 249 -31.54 -104.08 -85.44
C GLU E 249 -31.00 -104.56 -84.10
N ASN E 250 -31.78 -105.35 -83.37
CA ASN E 250 -31.33 -105.81 -82.06
C ASN E 250 -31.08 -107.32 -81.94
N GLY E 251 -31.54 -108.08 -82.93
CA GLY E 251 -31.36 -109.53 -82.89
C GLY E 251 -29.97 -110.01 -82.48
N ALA E 252 -29.92 -110.81 -81.43
CA ALA E 252 -28.65 -111.34 -80.95
C ALA E 252 -28.28 -112.56 -81.77
N TYR E 253 -27.04 -112.60 -82.25
CA TYR E 253 -26.57 -113.72 -83.04
C TYR E 253 -26.48 -114.97 -82.17
N ARG E 254 -27.24 -116.00 -82.51
CA ARG E 254 -27.22 -117.21 -81.71
C ARG E 254 -27.53 -118.50 -82.46
N GLU E 255 -26.84 -119.55 -82.03
CA GLU E 255 -26.96 -120.89 -82.60
C GLU E 255 -28.24 -121.59 -82.13
N ASN E 256 -28.66 -122.63 -82.87
CA ASN E 256 -29.85 -123.41 -82.51
C ASN E 256 -29.72 -124.83 -83.06
N ARG E 257 -30.72 -125.66 -82.80
CA ARG E 257 -30.73 -127.07 -83.24
C ARG E 257 -30.40 -127.33 -84.72
N THR E 258 -30.71 -126.39 -85.62
CA THR E 258 -30.36 -126.60 -87.03
C THR E 258 -28.95 -126.04 -87.14
N GLY E 259 -28.32 -126.19 -88.30
CA GLY E 259 -26.97 -125.68 -88.43
C GLY E 259 -26.90 -124.19 -88.74
N ILE E 260 -28.03 -123.60 -89.10
CA ILE E 260 -28.09 -122.19 -89.46
C ILE E 260 -28.40 -121.32 -88.26
N SER E 261 -27.51 -120.40 -87.94
CA SER E 261 -27.71 -119.51 -86.80
C SER E 261 -28.78 -118.48 -87.14
N THR E 262 -29.25 -117.78 -86.14
CA THR E 262 -30.27 -116.75 -86.34
C THR E 262 -29.95 -115.50 -85.54
N TYR E 263 -30.72 -114.44 -85.75
CA TYR E 263 -30.57 -113.21 -85.00
C TYR E 263 -31.94 -113.11 -84.34
N SER E 264 -31.98 -113.12 -83.01
CA SER E 264 -33.28 -113.06 -82.36
C SER E 264 -33.46 -112.13 -81.19
N ILE E 265 -34.73 -111.81 -80.95
CA ILE E 265 -35.14 -110.96 -79.86
C ILE E 265 -36.30 -111.73 -79.26
N PHE E 266 -36.60 -111.50 -77.99
CA PHE E 266 -37.66 -112.26 -77.31
C PHE E 266 -38.89 -111.44 -76.90
N GLY E 267 -40.08 -111.98 -77.17
CA GLY E 267 -41.31 -111.30 -76.80
C GLY E 267 -41.69 -110.14 -77.69
N GLN E 268 -42.40 -110.44 -78.78
CA GLN E 268 -42.85 -109.42 -79.72
C GLN E 268 -44.33 -109.65 -80.05
N MET E 269 -44.94 -108.70 -80.75
CA MET E 269 -46.36 -108.86 -81.14
C MET E 269 -46.67 -108.13 -82.45
N MET E 270 -47.70 -108.61 -83.14
CA MET E 270 -48.16 -108.01 -84.39
C MET E 270 -49.67 -108.00 -84.37
N ARG E 271 -50.28 -106.98 -84.96
CA ARG E 271 -51.73 -106.87 -85.03
C ARG E 271 -52.19 -106.82 -86.46
N PHE E 272 -53.34 -107.39 -86.72
CA PHE E 272 -53.88 -107.40 -88.08
C PHE E 272 -55.38 -107.29 -88.09
N ASP E 273 -55.89 -106.37 -88.90
CA ASP E 273 -57.32 -106.21 -89.02
C ASP E 273 -57.75 -107.28 -89.99
N MET E 274 -58.99 -107.78 -89.83
CA MET E 274 -59.51 -108.80 -90.72
C MET E 274 -60.90 -108.41 -91.18
N ARG E 275 -61.41 -107.30 -90.66
CA ARG E 275 -62.73 -106.82 -91.04
C ARG E 275 -62.71 -106.26 -92.46
N GLU E 276 -61.74 -105.41 -92.75
CA GLU E 276 -61.67 -104.79 -94.07
C GLU E 276 -60.69 -105.41 -95.06
N SER E 277 -59.94 -106.43 -94.66
CA SER E 277 -59.00 -107.06 -95.59
C SER E 277 -58.37 -108.34 -95.03
N PHE E 278 -57.62 -109.04 -95.86
CA PHE E 278 -56.97 -110.27 -95.45
C PHE E 278 -55.46 -110.04 -95.37
N PRO E 279 -54.87 -110.29 -94.21
CA PRO E 279 -53.43 -110.10 -94.01
C PRO E 279 -52.48 -111.01 -94.80
N LEU E 280 -52.51 -110.93 -96.11
CA LEU E 280 -51.59 -111.74 -96.91
C LEU E 280 -50.52 -110.80 -97.47
N LEU E 281 -49.37 -110.79 -96.81
CA LEU E 281 -48.23 -109.93 -97.18
C LEU E 281 -48.15 -109.62 -98.66
N THR E 282 -47.93 -108.36 -99.00
CA THR E 282 -47.85 -107.97 -100.40
C THR E 282 -46.41 -107.81 -100.87
N THR E 283 -45.51 -107.51 -99.95
CA THR E 283 -44.11 -107.30 -100.30
C THR E 283 -43.36 -108.55 -100.77
N LYS E 284 -44.11 -109.63 -100.97
CA LYS E 284 -43.55 -110.90 -101.41
C LYS E 284 -44.75 -111.80 -101.73
N LYS E 285 -44.74 -112.45 -102.89
CA LYS E 285 -45.85 -113.32 -103.22
C LYS E 285 -45.86 -114.46 -102.19
N VAL E 286 -46.99 -114.70 -101.55
CA VAL E 286 -47.08 -115.76 -100.55
C VAL E 286 -47.87 -116.98 -101.05
N ALA E 287 -47.33 -118.17 -100.81
CA ALA E 287 -47.96 -119.42 -101.25
C ALA E 287 -49.21 -119.75 -100.42
N ILE E 288 -50.28 -119.02 -100.67
CA ILE E 288 -51.54 -119.20 -99.96
C ILE E 288 -52.16 -120.60 -100.06
N ARG E 289 -52.05 -121.25 -101.22
CA ARG E 289 -52.65 -122.58 -101.35
C ARG E 289 -52.06 -123.58 -100.37
N SER E 290 -50.72 -123.65 -100.34
CA SER E 290 -50.02 -124.56 -99.45
C SER E 290 -50.52 -124.31 -98.02
N ILE E 291 -50.58 -123.03 -97.65
CA ILE E 291 -51.06 -122.60 -96.33
C ILE E 291 -52.40 -123.26 -96.05
N PHE E 292 -53.36 -122.99 -96.94
CA PHE E 292 -54.71 -123.52 -96.80
C PHE E 292 -54.71 -125.04 -96.59
N GLU E 293 -54.12 -125.75 -97.54
CA GLU E 293 -54.08 -127.20 -97.47
C GLU E 293 -53.49 -127.73 -96.14
N GLU E 294 -52.60 -126.94 -95.52
CA GLU E 294 -52.01 -127.35 -94.25
C GLU E 294 -53.03 -127.14 -93.13
N LEU E 295 -53.84 -126.09 -93.29
CA LEU E 295 -54.84 -125.76 -92.28
C LEU E 295 -55.96 -126.81 -92.16
N ILE E 296 -56.65 -127.15 -93.25
CA ILE E 296 -57.72 -128.14 -93.15
C ILE E 296 -57.09 -129.44 -92.69
N TRP E 297 -55.85 -129.66 -93.12
CA TRP E 297 -55.12 -130.85 -92.72
C TRP E 297 -55.13 -130.90 -91.18
N PHE E 298 -54.79 -129.77 -90.55
CA PHE E 298 -54.80 -129.68 -89.10
C PHE E 298 -56.23 -129.92 -88.61
N ILE E 299 -57.15 -129.10 -89.13
CA ILE E 299 -58.56 -129.19 -88.77
C ILE E 299 -59.08 -130.61 -88.76
N LYS E 300 -58.73 -131.37 -89.80
CA LYS E 300 -59.15 -132.75 -89.93
C LYS E 300 -58.59 -133.62 -88.78
N GLY E 301 -57.42 -133.24 -88.27
CA GLY E 301 -56.80 -134.00 -87.20
C GLY E 301 -55.76 -134.93 -87.82
N ASP E 302 -55.49 -134.69 -89.09
CA ASP E 302 -54.53 -135.48 -89.87
C ASP E 302 -53.08 -135.23 -89.47
N THR E 303 -52.29 -136.28 -89.51
CA THR E 303 -50.88 -136.18 -89.16
C THR E 303 -50.02 -136.91 -90.18
N ASN E 304 -50.68 -137.46 -91.21
CA ASN E 304 -49.97 -138.18 -92.26
C ASN E 304 -49.44 -137.18 -93.31
N GLY E 305 -48.14 -136.89 -93.20
CA GLY E 305 -47.47 -135.93 -94.08
C GLY E 305 -47.51 -136.21 -95.57
N ASN E 306 -47.98 -137.40 -95.94
CA ASN E 306 -48.07 -137.79 -97.35
C ASN E 306 -49.21 -137.03 -98.03
N HIS E 307 -50.35 -136.96 -97.35
CA HIS E 307 -51.51 -136.27 -97.87
C HIS E 307 -51.15 -134.85 -98.35
N LEU E 308 -50.25 -134.18 -97.63
CA LEU E 308 -49.84 -132.85 -98.04
C LEU E 308 -49.01 -132.99 -99.32
N ILE E 309 -48.03 -133.89 -99.27
CA ILE E 309 -47.16 -134.14 -100.41
C ILE E 309 -48.01 -134.52 -101.63
N GLU E 310 -49.04 -135.32 -101.37
CA GLU E 310 -49.95 -135.74 -102.43
C GLU E 310 -50.62 -134.55 -103.11
N LYS E 311 -50.93 -133.52 -102.33
CA LYS E 311 -51.55 -132.33 -102.87
C LYS E 311 -50.45 -131.32 -103.21
N LYS E 312 -49.24 -131.85 -103.42
CA LYS E 312 -48.08 -131.03 -103.76
C LYS E 312 -47.81 -129.90 -102.77
N VAL E 313 -47.84 -130.23 -101.48
CA VAL E 313 -47.55 -129.30 -100.38
C VAL E 313 -46.42 -129.98 -99.62
N TYR E 314 -45.23 -129.40 -99.72
CA TYR E 314 -44.03 -129.99 -99.12
C TYR E 314 -43.44 -129.34 -97.86
N ILE E 315 -44.14 -128.38 -97.27
CA ILE E 315 -43.60 -127.72 -96.09
C ILE E 315 -43.22 -128.68 -94.97
N TRP E 316 -43.90 -129.83 -94.85
CA TRP E 316 -43.57 -130.79 -93.80
C TRP E 316 -42.70 -131.97 -94.26
N SER E 317 -42.14 -131.87 -95.46
CA SER E 317 -41.27 -132.92 -95.98
C SER E 317 -40.01 -133.00 -95.13
N GLY E 318 -39.29 -131.88 -95.06
CA GLY E 318 -38.06 -131.84 -94.29
C GLY E 318 -38.18 -132.49 -92.91
N ASN E 319 -39.01 -131.90 -92.06
CA ASN E 319 -39.20 -132.42 -90.71
C ASN E 319 -39.97 -133.75 -90.71
N GLY E 320 -40.16 -134.33 -91.90
CA GLY E 320 -40.86 -135.59 -91.99
C GLY E 320 -40.05 -136.75 -92.58
N SER E 321 -38.89 -136.45 -93.19
CA SER E 321 -38.05 -137.48 -93.82
C SER E 321 -37.56 -138.60 -92.88
N LYS E 322 -37.14 -139.70 -93.49
CA LYS E 322 -36.65 -140.87 -92.76
C LYS E 322 -35.40 -140.53 -91.93
N GLU E 323 -34.47 -139.80 -92.54
CA GLU E 323 -33.22 -139.40 -91.90
C GLU E 323 -33.46 -138.44 -90.75
N TYR E 324 -34.46 -137.57 -90.90
CA TYR E 324 -34.75 -136.61 -89.84
C TYR E 324 -35.36 -137.36 -88.64
N LEU E 325 -36.30 -138.26 -88.92
CA LEU E 325 -36.94 -139.04 -87.87
C LEU E 325 -35.89 -139.89 -87.13
N GLU E 326 -35.01 -140.54 -87.90
CA GLU E 326 -33.93 -141.37 -87.36
C GLU E 326 -33.11 -140.49 -86.42
N ARG E 327 -32.67 -139.34 -86.97
CA ARG E 327 -31.89 -138.34 -86.26
C ARG E 327 -32.50 -137.92 -84.91
N ILE E 328 -33.83 -137.82 -84.84
CA ILE E 328 -34.46 -137.41 -83.58
C ILE E 328 -35.07 -138.58 -82.80
N GLY E 329 -34.50 -139.77 -82.96
CA GLY E 329 -34.97 -140.95 -82.23
C GLY E 329 -36.35 -141.44 -82.55
N LEU E 330 -36.80 -141.19 -83.77
CA LEU E 330 -38.11 -141.62 -84.21
C LEU E 330 -37.91 -142.46 -85.48
N GLY E 331 -36.73 -143.08 -85.58
CA GLY E 331 -36.42 -143.90 -86.75
C GLY E 331 -37.34 -145.09 -86.94
N HIS E 332 -38.18 -145.37 -85.93
CA HIS E 332 -39.14 -146.50 -85.98
C HIS E 332 -40.40 -146.06 -86.71
N ARG E 333 -40.55 -144.74 -86.83
CA ARG E 333 -41.71 -144.12 -87.47
C ARG E 333 -41.66 -144.25 -89.02
N GLU E 334 -42.84 -144.41 -89.64
CA GLU E 334 -42.90 -144.52 -91.11
C GLU E 334 -42.50 -143.20 -91.78
N GLU E 335 -42.01 -143.28 -93.02
CA GLU E 335 -41.54 -142.13 -93.79
C GLU E 335 -42.16 -140.75 -93.52
N ASN E 336 -43.48 -140.66 -93.31
CA ASN E 336 -44.04 -139.34 -93.05
C ASN E 336 -45.04 -139.23 -91.90
N ASP E 337 -44.97 -140.17 -90.96
CA ASP E 337 -45.86 -140.15 -89.81
C ASP E 337 -45.28 -139.17 -88.77
N LEU E 338 -45.64 -137.89 -88.94
CA LEU E 338 -45.15 -136.82 -88.08
C LEU E 338 -45.46 -136.94 -86.58
N GLY E 339 -46.39 -137.81 -86.20
CA GLY E 339 -46.72 -137.98 -84.79
C GLY E 339 -47.87 -137.12 -84.30
N PRO E 340 -48.13 -137.09 -82.98
CA PRO E 340 -49.23 -136.31 -82.36
C PRO E 340 -49.02 -134.80 -82.46
N ILE E 341 -48.75 -134.32 -83.67
CA ILE E 341 -48.52 -132.89 -83.86
C ILE E 341 -49.83 -132.10 -83.91
N TYR E 342 -49.76 -130.83 -84.33
CA TYR E 342 -50.95 -130.00 -84.43
C TYR E 342 -52.05 -130.80 -85.11
N GLY E 343 -53.29 -130.54 -84.74
CA GLY E 343 -54.35 -131.29 -85.39
C GLY E 343 -54.66 -132.50 -84.56
N PHE E 344 -53.64 -133.35 -84.35
CA PHE E 344 -53.90 -134.51 -83.52
C PHE E 344 -54.23 -133.97 -82.15
N GLN E 345 -53.48 -132.94 -81.74
CA GLN E 345 -53.73 -132.34 -80.44
C GLN E 345 -55.00 -131.51 -80.50
N TRP E 346 -55.34 -131.02 -81.70
CA TRP E 346 -56.54 -130.23 -81.88
C TRP E 346 -57.83 -131.06 -81.78
N ARG E 347 -57.83 -132.22 -82.42
CA ARG E 347 -59.01 -133.08 -82.42
C ARG E 347 -58.93 -134.24 -81.44
N HIS E 348 -57.72 -134.56 -80.99
CA HIS E 348 -57.53 -135.68 -80.06
C HIS E 348 -56.50 -135.33 -78.98
N TYR E 349 -56.75 -134.25 -78.23
CA TYR E 349 -55.81 -133.87 -77.19
C TYR E 349 -55.63 -135.03 -76.19
N ASN E 350 -54.37 -135.29 -75.83
CA ASN E 350 -54.03 -136.36 -74.88
C ASN E 350 -54.31 -137.77 -75.37
N GLY E 351 -54.65 -137.90 -76.64
CA GLY E 351 -54.93 -139.22 -77.18
C GLY E 351 -53.67 -140.04 -77.24
N GLU E 352 -53.79 -141.36 -77.05
CA GLU E 352 -52.63 -142.23 -77.12
C GLU E 352 -52.33 -142.50 -78.58
N TYR E 353 -51.26 -141.89 -79.08
CA TYR E 353 -50.89 -142.04 -80.47
C TYR E 353 -50.18 -143.34 -80.79
N LYS E 354 -50.51 -143.91 -81.94
CA LYS E 354 -49.88 -145.14 -82.41
C LYS E 354 -49.17 -144.76 -83.70
N THR E 355 -49.91 -144.79 -84.81
CA THR E 355 -49.35 -144.40 -86.11
C THR E 355 -50.36 -143.54 -86.88
N MET E 356 -49.92 -142.92 -87.96
CA MET E 356 -50.80 -142.07 -88.75
C MET E 356 -51.93 -142.84 -89.44
N HIS E 357 -51.91 -144.17 -89.31
CA HIS E 357 -52.92 -144.99 -89.97
C HIS E 357 -54.09 -145.41 -89.07
N ASP E 358 -53.85 -145.49 -87.77
CA ASP E 358 -54.92 -145.89 -86.86
C ASP E 358 -56.09 -144.90 -86.93
N ASP E 359 -57.27 -145.39 -86.56
CA ASP E 359 -58.46 -144.56 -86.57
C ASP E 359 -58.74 -144.04 -85.16
N TYR E 360 -58.30 -142.81 -84.92
CA TYR E 360 -58.44 -142.15 -83.61
C TYR E 360 -59.81 -141.59 -83.29
N THR E 361 -60.78 -141.88 -84.14
CA THR E 361 -62.11 -141.38 -83.90
C THR E 361 -62.57 -141.72 -82.49
N GLY E 362 -63.00 -140.69 -81.75
CA GLY E 362 -63.46 -140.90 -80.39
C GLY E 362 -62.40 -140.73 -79.31
N VAL E 363 -61.12 -140.84 -79.65
CA VAL E 363 -60.08 -140.70 -78.63
C VAL E 363 -59.58 -139.28 -78.42
N GLY E 364 -59.17 -139.00 -77.18
CA GLY E 364 -58.65 -137.69 -76.83
C GLY E 364 -59.74 -136.67 -76.58
N VAL E 365 -59.35 -135.40 -76.52
CA VAL E 365 -60.32 -134.35 -76.31
C VAL E 365 -60.43 -133.54 -77.60
N ASP E 366 -61.63 -133.42 -78.14
CA ASP E 366 -61.80 -132.66 -79.37
C ASP E 366 -61.98 -131.17 -79.02
N GLN E 367 -60.86 -130.46 -78.92
CA GLN E 367 -60.88 -129.05 -78.60
C GLN E 367 -61.60 -128.25 -79.68
N LEU E 368 -61.24 -128.50 -80.93
CA LEU E 368 -61.83 -127.77 -82.04
C LEU E 368 -63.35 -127.84 -81.97
N ALA E 369 -63.86 -129.03 -81.71
CA ALA E 369 -65.30 -129.22 -81.60
C ALA E 369 -65.84 -128.34 -80.46
N LYS E 370 -65.31 -128.53 -79.26
CA LYS E 370 -65.75 -127.76 -78.11
C LYS E 370 -65.62 -126.25 -78.37
N LEU E 371 -64.50 -125.87 -78.98
CA LEU E 371 -64.24 -124.46 -79.28
C LEU E 371 -65.44 -123.90 -80.06
N ILE E 372 -65.76 -124.55 -81.17
CA ILE E 372 -66.87 -124.13 -82.01
C ILE E 372 -68.18 -124.11 -81.24
N GLU E 373 -68.37 -125.10 -80.39
CA GLU E 373 -69.59 -125.17 -79.60
C GLU E 373 -69.67 -124.04 -78.61
N THR E 374 -68.57 -123.83 -77.88
CA THR E 374 -68.51 -122.79 -76.87
C THR E 374 -68.64 -121.43 -77.54
N LEU E 375 -67.94 -121.28 -78.66
CA LEU E 375 -67.98 -120.02 -79.40
C LEU E 375 -69.39 -119.54 -79.71
N LYS E 376 -70.26 -120.46 -80.14
CA LYS E 376 -71.62 -120.05 -80.47
C LYS E 376 -72.64 -120.14 -79.34
N ASN E 377 -72.40 -120.98 -78.34
CA ASN E 377 -73.36 -121.08 -77.26
C ASN E 377 -73.07 -120.16 -76.06
N ASN E 378 -71.83 -119.73 -75.93
CA ASN E 378 -71.44 -118.86 -74.83
C ASN E 378 -70.32 -117.97 -75.34
N PRO E 379 -70.64 -117.09 -76.32
CA PRO E 379 -69.67 -116.17 -76.91
C PRO E 379 -68.85 -115.27 -75.97
N LYS E 380 -69.51 -114.67 -74.98
CA LYS E 380 -68.81 -113.80 -74.05
C LYS E 380 -67.87 -114.60 -73.13
N ASP E 381 -67.92 -115.92 -73.24
CA ASP E 381 -67.09 -116.83 -72.45
C ASP E 381 -65.63 -116.39 -72.57
N ARG E 382 -64.86 -116.52 -71.49
CA ARG E 382 -63.46 -116.11 -71.50
C ARG E 382 -62.49 -117.27 -71.54
N ARG E 383 -62.98 -118.44 -71.99
CA ARG E 383 -62.13 -119.61 -72.06
C ARG E 383 -62.01 -120.24 -73.46
N HIS E 384 -62.40 -119.49 -74.49
CA HIS E 384 -62.30 -120.00 -75.87
C HIS E 384 -60.84 -120.25 -76.22
N ILE E 385 -60.29 -121.34 -75.71
CA ILE E 385 -58.89 -121.66 -75.96
C ILE E 385 -58.62 -122.94 -76.72
N LEU E 386 -57.52 -122.93 -77.48
CA LEU E 386 -57.09 -124.07 -78.27
C LEU E 386 -55.60 -124.23 -78.04
N THR E 387 -55.16 -125.40 -77.61
CA THR E 387 -53.74 -125.60 -77.36
C THR E 387 -53.13 -126.79 -78.08
N ALA E 388 -51.83 -126.70 -78.32
CA ALA E 388 -51.12 -127.79 -78.98
C ALA E 388 -49.92 -128.18 -78.14
N TRP E 389 -49.77 -127.55 -76.97
CA TRP E 389 -48.64 -127.86 -76.12
C TRP E 389 -48.98 -128.91 -75.07
N ASN E 390 -48.61 -130.14 -75.40
CA ASN E 390 -48.86 -131.28 -74.53
C ASN E 390 -47.52 -131.83 -74.03
N PRO E 391 -47.15 -131.50 -72.78
CA PRO E 391 -45.89 -131.98 -72.20
C PRO E 391 -45.72 -133.50 -72.36
N SER E 392 -46.83 -134.23 -72.40
CA SER E 392 -46.75 -135.68 -72.54
C SER E 392 -46.50 -136.21 -73.94
N ALA E 393 -46.91 -135.45 -74.95
CA ALA E 393 -46.72 -135.88 -76.34
C ALA E 393 -45.45 -135.39 -77.03
N LEU E 394 -44.92 -134.27 -76.56
CA LEU E 394 -43.73 -133.67 -77.17
C LEU E 394 -42.75 -134.65 -77.82
N SER E 395 -42.21 -135.57 -77.02
CA SER E 395 -41.22 -136.52 -77.51
C SER E 395 -41.61 -137.35 -78.74
N GLN E 396 -42.92 -137.48 -79.00
CA GLN E 396 -43.38 -138.25 -80.16
C GLN E 396 -43.56 -137.38 -81.41
N MET E 397 -43.50 -136.06 -81.22
CA MET E 397 -43.68 -135.14 -82.34
C MET E 397 -42.39 -134.94 -83.15
N ALA E 398 -42.54 -134.83 -84.46
CA ALA E 398 -41.40 -134.62 -85.33
C ALA E 398 -40.87 -133.23 -85.04
N LEU E 399 -41.79 -132.37 -84.57
CA LEU E 399 -41.44 -131.00 -84.27
C LEU E 399 -42.38 -130.47 -83.19
N PRO E 400 -41.82 -129.83 -82.14
CA PRO E 400 -42.66 -129.30 -81.07
C PRO E 400 -43.52 -128.16 -81.64
N PRO E 401 -44.74 -128.03 -81.14
CA PRO E 401 -45.65 -126.98 -81.63
C PRO E 401 -45.05 -125.58 -81.60
N CYS E 402 -45.01 -124.91 -82.74
CA CYS E 402 -44.50 -123.55 -82.81
C CYS E 402 -45.64 -122.61 -82.45
N HIS E 403 -46.79 -122.76 -83.12
CA HIS E 403 -47.95 -121.95 -82.77
C HIS E 403 -48.62 -122.75 -81.67
N VAL E 404 -48.11 -122.48 -80.47
CA VAL E 404 -48.49 -123.14 -79.24
C VAL E 404 -49.92 -123.07 -78.72
N LEU E 405 -50.43 -121.88 -78.54
CA LEU E 405 -51.78 -121.73 -78.02
C LEU E 405 -52.50 -120.50 -78.56
N SER E 406 -53.78 -120.66 -78.84
CA SER E 406 -54.57 -119.55 -79.36
C SER E 406 -55.88 -119.40 -78.58
N GLN E 407 -56.33 -118.16 -78.43
CA GLN E 407 -57.57 -117.87 -77.73
C GLN E 407 -58.48 -117.08 -78.67
N TYR E 408 -59.78 -117.25 -78.50
CA TYR E 408 -60.75 -116.57 -79.36
C TYR E 408 -61.69 -115.71 -78.57
N TYR E 409 -62.09 -114.60 -79.19
CA TYR E 409 -62.96 -113.64 -78.54
C TYR E 409 -64.08 -113.24 -79.49
N VAL E 410 -65.29 -113.08 -78.95
CA VAL E 410 -66.44 -112.68 -79.77
C VAL E 410 -66.82 -111.26 -79.32
N THR E 411 -66.63 -110.28 -80.19
CA THR E 411 -66.93 -108.90 -79.86
C THR E 411 -68.41 -108.67 -79.64
N ASN E 412 -68.74 -107.57 -78.97
CA ASN E 412 -70.13 -107.25 -78.74
C ASN E 412 -70.90 -107.11 -80.03
N ASP E 413 -70.21 -106.71 -81.09
CA ASP E 413 -70.85 -106.53 -82.38
C ASP E 413 -70.69 -107.77 -83.26
N ASN E 414 -70.61 -108.92 -82.62
CA ASN E 414 -70.49 -110.22 -83.28
C ASN E 414 -69.35 -110.44 -84.26
N CYS E 415 -68.17 -109.94 -83.91
CA CYS E 415 -66.98 -110.15 -84.74
C CYS E 415 -66.15 -111.18 -83.96
N LEU E 416 -65.37 -111.99 -84.67
CA LEU E 416 -64.52 -113.00 -84.02
C LEU E 416 -63.03 -112.65 -84.16
N SER E 417 -62.39 -112.32 -83.04
CA SER E 417 -60.97 -111.98 -83.04
C SER E 417 -60.18 -113.18 -82.58
N CYS E 418 -58.87 -113.13 -82.82
CA CYS E 418 -58.00 -114.23 -82.44
C CYS E 418 -56.66 -113.78 -81.85
N ASN E 419 -56.20 -114.55 -80.86
CA ASN E 419 -54.93 -114.30 -80.20
C ASN E 419 -54.12 -115.59 -80.30
N LEU E 420 -52.90 -115.48 -80.78
CA LEU E 420 -52.01 -116.62 -80.94
C LEU E 420 -50.66 -116.41 -80.28
N TYR E 421 -50.25 -117.32 -79.41
CA TYR E 421 -48.94 -117.18 -78.83
C TYR E 421 -48.05 -118.17 -79.55
N GLN E 422 -47.00 -117.67 -80.16
CA GLN E 422 -46.06 -118.50 -80.88
C GLN E 422 -44.74 -118.50 -80.12
N ARG E 423 -44.25 -119.68 -79.76
CA ARG E 423 -43.01 -119.77 -78.99
C ARG E 423 -41.75 -119.46 -79.81
N SER E 424 -41.74 -119.92 -81.06
CA SER E 424 -40.60 -119.69 -81.95
C SER E 424 -41.16 -119.26 -83.30
N CYS E 425 -40.56 -118.25 -83.92
CA CYS E 425 -41.06 -117.77 -85.21
C CYS E 425 -39.96 -117.38 -86.18
N ASP E 426 -39.94 -118.09 -87.31
CA ASP E 426 -39.00 -117.82 -88.38
C ASP E 426 -39.64 -116.68 -89.19
N LEU E 427 -39.23 -115.44 -88.90
CA LEU E 427 -39.82 -114.29 -89.61
C LEU E 427 -39.72 -114.39 -91.13
N GLY E 428 -38.71 -115.10 -91.61
CA GLY E 428 -38.51 -115.21 -93.05
C GLY E 428 -39.45 -116.17 -93.77
N LEU E 429 -39.61 -117.36 -93.22
CA LEU E 429 -40.48 -118.34 -93.84
C LEU E 429 -41.77 -118.54 -93.07
N GLY E 430 -41.63 -118.86 -91.79
CA GLY E 430 -42.80 -119.10 -90.96
C GLY E 430 -43.86 -118.00 -90.94
N SER E 431 -43.54 -116.92 -90.23
CA SER E 431 -44.48 -115.81 -90.08
C SER E 431 -45.47 -115.56 -91.23
N PRO E 432 -44.98 -115.26 -92.45
CA PRO E 432 -45.94 -115.03 -93.54
C PRO E 432 -47.04 -116.09 -93.57
N PHE E 433 -46.63 -117.35 -93.55
CA PHE E 433 -47.58 -118.47 -93.54
C PHE E 433 -48.44 -118.38 -92.31
N ASN E 434 -47.76 -118.32 -91.17
CA ASN E 434 -48.41 -118.26 -89.87
C ASN E 434 -49.53 -117.22 -89.79
N ILE E 435 -49.25 -116.00 -90.25
CA ILE E 435 -50.25 -114.93 -90.22
C ILE E 435 -51.49 -115.32 -91.04
N ALA E 436 -51.29 -115.63 -92.31
CA ALA E 436 -52.39 -116.03 -93.19
C ALA E 436 -53.16 -117.20 -92.60
N SER E 437 -52.43 -118.25 -92.24
CA SER E 437 -53.03 -119.45 -91.68
C SER E 437 -54.04 -119.16 -90.56
N TYR E 438 -53.59 -118.49 -89.50
CA TYR E 438 -54.50 -118.20 -88.40
C TYR E 438 -55.58 -117.19 -88.76
N ALA E 439 -55.35 -116.41 -89.82
CA ALA E 439 -56.35 -115.44 -90.26
C ALA E 439 -57.49 -116.25 -90.87
N ILE E 440 -57.13 -117.20 -91.72
CA ILE E 440 -58.11 -118.07 -92.36
C ILE E 440 -58.89 -118.86 -91.31
N LEU E 441 -58.15 -119.54 -90.43
CA LEU E 441 -58.79 -120.33 -89.39
C LEU E 441 -59.82 -119.52 -88.62
N THR E 442 -59.53 -118.24 -88.41
CA THR E 442 -60.48 -117.41 -87.69
C THR E 442 -61.72 -117.23 -88.54
N MET E 443 -61.51 -116.92 -89.82
CA MET E 443 -62.62 -116.70 -90.76
C MET E 443 -63.51 -117.93 -90.84
N MET E 444 -62.88 -119.11 -90.89
CA MET E 444 -63.63 -120.35 -90.95
C MET E 444 -64.45 -120.47 -89.69
N LEU E 445 -63.77 -120.41 -88.54
CA LEU E 445 -64.47 -120.51 -87.26
C LEU E 445 -65.63 -119.55 -87.23
N ALA E 446 -65.44 -118.38 -87.83
CA ALA E 446 -66.47 -117.34 -87.85
C ALA E 446 -67.69 -117.70 -88.71
N GLN E 447 -67.45 -118.18 -89.92
CA GLN E 447 -68.55 -118.54 -90.80
C GLN E 447 -69.39 -119.62 -90.12
N VAL E 448 -68.70 -120.64 -89.63
CA VAL E 448 -69.33 -121.78 -88.96
C VAL E 448 -70.07 -121.43 -87.67
N CYS E 449 -69.63 -120.36 -87.00
CA CYS E 449 -70.27 -119.97 -85.74
C CYS E 449 -71.22 -118.81 -85.91
N GLY E 450 -71.34 -118.34 -87.15
CA GLY E 450 -72.25 -117.23 -87.45
C GLY E 450 -71.72 -115.87 -87.10
N TYR E 451 -70.41 -115.67 -87.26
CA TYR E 451 -69.80 -114.37 -86.96
C TYR E 451 -68.97 -113.92 -88.15
N GLU E 452 -68.31 -112.80 -87.99
CA GLU E 452 -67.46 -112.30 -89.04
C GLU E 452 -66.10 -112.00 -88.43
N PRO E 453 -65.04 -112.13 -89.22
CA PRO E 453 -63.67 -111.90 -88.77
C PRO E 453 -63.48 -110.54 -88.07
N GLY E 454 -62.73 -110.57 -86.97
CA GLY E 454 -62.48 -109.36 -86.21
C GLY E 454 -61.04 -108.92 -86.35
N GLU E 455 -60.22 -109.25 -85.36
CA GLU E 455 -58.82 -108.88 -85.36
C GLU E 455 -57.94 -110.08 -85.01
N LEU E 456 -56.72 -110.06 -85.53
CA LEU E 456 -55.74 -111.11 -85.29
C LEU E 456 -54.49 -110.53 -84.65
N ALA E 457 -54.20 -110.98 -83.44
CA ALA E 457 -53.02 -110.51 -82.72
C ALA E 457 -52.10 -111.69 -82.45
N ILE E 458 -50.84 -111.55 -82.83
CA ILE E 458 -49.87 -112.62 -82.61
C ILE E 458 -48.77 -112.18 -81.64
N PHE E 459 -48.53 -113.01 -80.64
CA PHE E 459 -47.51 -112.75 -79.64
C PHE E 459 -46.38 -113.74 -79.81
N ILE E 460 -45.22 -113.22 -80.21
CA ILE E 460 -44.05 -114.03 -80.44
C ILE E 460 -43.12 -114.16 -79.25
N GLY E 461 -42.51 -115.34 -79.15
CA GLY E 461 -41.54 -115.60 -78.11
C GLY E 461 -40.20 -115.33 -78.77
N ASP E 462 -39.56 -116.36 -79.29
CA ASP E 462 -38.27 -116.18 -79.94
C ASP E 462 -38.46 -115.78 -81.38
N ALA E 463 -38.53 -114.48 -81.62
CA ALA E 463 -38.67 -113.96 -82.96
C ALA E 463 -37.27 -113.83 -83.55
N HIS E 464 -36.97 -114.65 -84.56
CA HIS E 464 -35.64 -114.65 -85.16
C HIS E 464 -35.62 -114.64 -86.69
N ILE E 465 -34.44 -114.34 -87.23
CA ILE E 465 -34.22 -114.32 -88.67
C ILE E 465 -33.01 -115.21 -88.95
N TYR E 466 -33.19 -116.26 -89.75
CA TYR E 466 -32.09 -117.15 -90.08
C TYR E 466 -31.09 -116.36 -90.93
N GLU E 467 -29.82 -116.41 -90.56
CA GLU E 467 -28.77 -115.66 -91.25
C GLU E 467 -28.74 -115.81 -92.77
N ASN E 468 -29.26 -116.92 -93.27
CA ASN E 468 -29.26 -117.14 -94.71
C ASN E 468 -30.46 -116.48 -95.40
N HIS E 469 -31.23 -115.70 -94.63
CA HIS E 469 -32.39 -115.01 -95.19
C HIS E 469 -32.12 -113.51 -95.24
N LEU E 470 -30.93 -113.12 -94.77
CA LEU E 470 -30.57 -111.71 -94.71
C LEU E 470 -30.66 -110.90 -96.00
N THR E 471 -30.05 -111.38 -97.08
CA THR E 471 -30.13 -110.62 -98.31
C THR E 471 -31.57 -110.62 -98.85
N GLN E 472 -32.27 -111.73 -98.65
CA GLN E 472 -33.66 -111.85 -99.11
C GLN E 472 -34.58 -110.86 -98.40
N LEU E 473 -34.56 -110.88 -97.07
CA LEU E 473 -35.41 -109.98 -96.31
C LEU E 473 -35.01 -108.52 -96.49
N LYS E 474 -33.77 -108.28 -96.93
CA LYS E 474 -33.32 -106.92 -97.16
C LYS E 474 -34.03 -106.47 -98.44
N GLU E 475 -34.05 -107.38 -99.41
CA GLU E 475 -34.69 -107.18 -100.70
C GLU E 475 -36.19 -106.91 -100.45
N GLN E 476 -36.78 -107.73 -99.59
CA GLN E 476 -38.19 -107.57 -99.25
C GLN E 476 -38.44 -106.22 -98.56
N LEU E 477 -37.57 -105.84 -97.63
CA LEU E 477 -37.74 -104.56 -96.94
C LEU E 477 -37.62 -103.35 -97.85
N SER E 478 -37.18 -103.57 -99.08
CA SER E 478 -37.01 -102.47 -100.03
C SER E 478 -38.28 -102.20 -100.82
N ARG E 479 -39.29 -103.06 -100.65
CA ARG E 479 -40.55 -102.93 -101.37
C ARG E 479 -41.62 -102.21 -100.55
N THR E 480 -42.24 -101.19 -101.14
CA THR E 480 -43.30 -100.47 -100.43
C THR E 480 -44.58 -101.31 -100.53
N PRO E 481 -45.24 -101.52 -99.39
CA PRO E 481 -46.47 -102.30 -99.28
C PRO E 481 -47.59 -101.82 -100.20
N ARG E 482 -48.37 -102.78 -100.70
CA ARG E 482 -49.52 -102.49 -101.54
C ARG E 482 -50.70 -102.90 -100.69
N PRO E 483 -51.89 -102.41 -100.99
CA PRO E 483 -53.04 -102.80 -100.15
C PRO E 483 -53.27 -104.31 -100.06
N PHE E 484 -53.66 -104.75 -98.87
CA PHE E 484 -53.94 -106.16 -98.66
C PHE E 484 -55.08 -106.57 -99.56
N PRO E 485 -55.17 -107.86 -99.89
CA PRO E 485 -56.27 -108.29 -100.75
C PRO E 485 -57.49 -108.63 -99.89
N GLN E 486 -58.45 -109.31 -100.47
CA GLN E 486 -59.66 -109.75 -99.78
C GLN E 486 -59.70 -111.25 -99.99
N LEU E 487 -60.19 -111.97 -99.00
CA LEU E 487 -60.29 -113.42 -99.15
C LEU E 487 -61.69 -113.78 -98.70
N LYS E 488 -62.44 -114.43 -99.60
CA LYS E 488 -63.82 -114.82 -99.30
C LYS E 488 -64.11 -116.28 -99.60
N PHE E 489 -65.09 -116.82 -98.86
CA PHE E 489 -65.52 -118.20 -99.05
C PHE E 489 -66.67 -118.14 -100.06
N LYS E 490 -66.65 -119.05 -101.03
CA LYS E 490 -67.68 -119.07 -102.07
C LYS E 490 -68.98 -119.74 -101.65
N ARG E 491 -69.00 -120.42 -100.51
CA ARG E 491 -70.20 -121.10 -100.05
C ARG E 491 -70.18 -121.25 -98.55
N LYS E 492 -71.35 -121.44 -97.93
CA LYS E 492 -71.38 -121.63 -96.49
C LYS E 492 -71.30 -123.12 -96.19
N VAL E 493 -70.16 -123.55 -95.67
CA VAL E 493 -70.00 -124.96 -95.33
C VAL E 493 -70.83 -125.24 -94.10
N GLU E 494 -71.26 -126.49 -93.95
CA GLU E 494 -72.07 -126.85 -92.80
C GLU E 494 -71.13 -127.21 -91.67
N ASN E 495 -70.11 -128.02 -92.01
CA ASN E 495 -69.12 -128.42 -91.02
C ASN E 495 -67.75 -127.85 -91.39
N ILE E 496 -67.08 -127.27 -90.40
CA ILE E 496 -65.78 -126.66 -90.63
C ILE E 496 -64.79 -127.47 -91.47
N GLU E 497 -64.84 -128.81 -91.38
CA GLU E 497 -63.89 -129.62 -92.13
C GLU E 497 -64.24 -129.87 -93.59
N ASP E 498 -65.35 -129.29 -94.04
CA ASP E 498 -65.79 -129.46 -95.43
C ASP E 498 -65.17 -128.43 -96.36
N PHE E 499 -64.44 -127.47 -95.81
CA PHE E 499 -63.82 -126.45 -96.65
C PHE E 499 -62.86 -127.08 -97.66
N LYS E 500 -62.85 -126.53 -98.87
CA LYS E 500 -61.97 -127.03 -99.92
C LYS E 500 -61.33 -125.82 -100.58
N TRP E 501 -60.15 -126.00 -101.15
CA TRP E 501 -59.42 -124.93 -101.82
C TRP E 501 -60.33 -124.11 -102.77
N GLU E 502 -61.19 -124.81 -103.50
CA GLU E 502 -62.11 -124.19 -104.45
C GLU E 502 -63.10 -123.23 -103.82
N ASP E 503 -63.33 -123.39 -102.52
CA ASP E 503 -64.27 -122.55 -101.78
C ASP E 503 -63.70 -121.17 -101.48
N ILE E 504 -62.41 -120.97 -101.78
CA ILE E 504 -61.74 -119.70 -101.50
C ILE E 504 -61.53 -118.77 -102.68
N GLU E 505 -61.71 -117.47 -102.44
CA GLU E 505 -61.53 -116.45 -103.45
C GLU E 505 -60.54 -115.41 -102.97
N LEU E 506 -59.43 -115.26 -103.66
CA LEU E 506 -58.44 -114.26 -103.30
C LEU E 506 -58.61 -113.09 -104.24
N ILE E 507 -59.43 -112.12 -103.83
CA ILE E 507 -59.70 -110.96 -104.66
C ILE E 507 -58.73 -109.79 -104.52
N GLY E 508 -58.14 -109.38 -105.64
CA GLY E 508 -57.24 -108.24 -105.68
C GLY E 508 -55.85 -108.37 -105.07
N TYR E 509 -55.25 -109.55 -105.19
CA TYR E 509 -53.92 -109.75 -104.62
C TYR E 509 -52.87 -109.42 -105.69
N TYR E 510 -52.16 -108.33 -105.49
CA TYR E 510 -51.14 -107.93 -106.46
C TYR E 510 -49.78 -107.78 -105.76
N PRO E 511 -49.18 -108.90 -105.34
CA PRO E 511 -47.88 -108.87 -104.66
C PRO E 511 -46.67 -108.63 -105.54
N TYR E 512 -45.52 -108.41 -104.89
CA TYR E 512 -44.27 -108.23 -105.59
C TYR E 512 -43.83 -109.66 -105.86
N PRO E 513 -42.90 -109.84 -106.80
CA PRO E 513 -42.41 -111.19 -107.14
C PRO E 513 -41.99 -111.97 -105.93
N THR E 514 -42.23 -113.27 -105.97
CA THR E 514 -41.88 -114.13 -104.85
C THR E 514 -40.39 -114.06 -104.54
N ILE E 515 -40.01 -114.32 -103.29
CA ILE E 515 -38.61 -114.28 -102.87
C ILE E 515 -38.18 -115.63 -102.30
N LYS E 516 -37.28 -116.32 -103.00
CA LYS E 516 -36.81 -117.63 -102.56
C LYS E 516 -36.00 -117.61 -101.27
N MET E 517 -36.37 -118.50 -100.35
CA MET E 517 -35.69 -118.62 -99.04
C MET E 517 -35.70 -120.08 -98.61
N ASP E 518 -34.55 -120.57 -98.13
CA ASP E 518 -34.46 -121.97 -97.72
C ASP E 518 -34.70 -122.26 -96.23
N MET E 519 -35.52 -123.27 -95.98
CA MET E 519 -35.86 -123.69 -94.62
C MET E 519 -34.72 -124.42 -93.94
N ALA E 520 -34.60 -124.22 -92.63
CA ALA E 520 -33.58 -124.89 -91.83
C ALA E 520 -34.30 -126.09 -91.19
N VAL E 521 -33.80 -127.31 -91.45
CA VAL E 521 -34.40 -128.53 -90.91
C VAL E 521 -34.21 -128.71 -89.39
N1 UMP F . -7.23 25.55 -9.84
C2 UMP F . -6.53 24.29 -9.74
N3 UMP F . -5.31 24.23 -9.16
C4 UMP F . -4.59 25.31 -8.80
C5 UMP F . -5.12 26.74 -9.09
C6 UMP F . -6.66 26.79 -9.19
O2 UMP F . -7.08 23.24 -10.09
O4 UMP F . -3.50 25.15 -8.25
C1' UMP F . -8.64 25.60 -10.41
C2' UMP F . -9.58 24.50 -9.89
C3' UMP F . -10.94 25.02 -10.32
C4' UMP F . -10.82 26.56 -10.28
O3' UMP F . -11.23 24.58 -11.66
O4' UMP F . -9.36 26.84 -10.12
C5' UMP F . -11.63 27.14 -9.07
O5' UMP F . -13.03 26.82 -9.19
P UMP F . -14.11 27.32 -8.07
OP1 UMP F . -13.91 28.91 -8.07
OP2 UMP F . -15.48 27.01 -8.55
OP3 UMP F . -13.71 26.82 -6.74
N1 CB3 G . -9.55 28.32 -13.21
C2 CB3 G . -10.05 27.12 -13.63
NA2 CB3 G . -11.34 27.01 -13.94
N3 CB3 G . -9.23 26.03 -13.71
C4 CB3 G . -7.90 26.13 -13.40
O4 CB3 G . -7.09 25.02 -13.51
C4A CB3 G . -7.37 27.36 -12.98
C5 CB3 G . -5.99 27.50 -12.67
C6 CB3 G . -5.49 28.75 -12.28
C7 CB3 G . -6.35 29.87 -12.17
C8 CB3 G . -7.73 29.73 -12.48
C8A CB3 G . -8.24 28.47 -12.89
C9 CB3 G . -3.98 28.95 -12.04
N10 CB3 G . -3.15 27.84 -12.61
C11 CB3 G . -3.10 26.77 -16.72
C12 CB3 G . -2.33 26.06 -15.77
C13 CB3 G . -2.38 26.40 -14.41
C14 CB3 G . -3.20 27.46 -13.95
C15 CB3 G . -4.01 28.16 -14.91
C16 CB3 G . -3.95 27.81 -16.29
C CB3 G . -2.85 26.49 -18.22
O CB3 G . -3.65 26.87 -19.09
N CB3 G . -1.72 25.79 -18.47
CA CB3 G . -1.20 25.36 -19.81
CB CB3 G . -1.25 26.49 -20.87
CG CB3 G . -0.25 27.62 -20.54
CD CB3 G . 1.22 27.15 -20.65
OE1 CB3 G . 2.02 27.58 -19.77
OE2 CB3 G . 1.51 26.40 -21.60
CT CB3 G . -1.91 24.09 -20.31
O1 CB3 G . -2.77 24.21 -21.23
O2 CB3 G . -1.56 22.99 -19.77
CP1 CB3 G . -2.16 27.19 -11.67
CP2 CB3 G . -2.47 25.70 -11.45
CP3 CB3 G . -2.72 24.50 -11.31
N1 FOL H . 18.50 -6.94 -20.92
C2 FOL H . 18.46 -5.94 -19.93
NA2 FOL H . 17.30 -5.51 -19.45
N3 FOL H . 19.67 -5.43 -19.45
C4 FOL H . 20.89 -5.91 -19.94
O4 FOL H . 21.94 -5.35 -19.61
C4A FOL H . 20.92 -6.92 -20.90
N5 FOL H . 22.15 -7.35 -21.43
C6 FOL H . 22.20 -8.25 -22.51
C7 FOL H . 20.98 -8.73 -23.02
N8 FOL H . 19.76 -8.32 -22.47
C8A FOL H . 19.73 -7.41 -21.40
C9 FOL H . 23.36 -8.90 -22.91
N10 FOL H . 24.55 -8.90 -22.35
C11 FOL H . 25.81 -9.00 -18.58
C12 FOL H . 24.45 -8.83 -18.81
C13 FOL H . 24.01 -8.53 -20.09
C14 FOL H . 24.91 -8.42 -21.16
C15 FOL H . 26.26 -8.53 -20.90
C16 FOL H . 26.72 -8.82 -19.62
C FOL H . 26.28 -9.63 -17.27
O FOL H . 27.47 -9.58 -16.93
N FOL H . 25.35 -10.23 -16.52
CA FOL H . 25.67 -10.92 -15.26
CB FOL H . 26.03 -9.96 -14.11
CG FOL H . 24.88 -9.02 -13.73
CD FOL H . 25.26 -8.22 -12.48
OE1 FOL H . 25.72 -7.07 -12.65
OE2 FOL H . 25.07 -8.79 -11.38
CT FOL H . 24.52 -11.85 -14.85
O1 FOL H . 24.58 -12.33 -13.69
O2 FOL H . 23.63 -12.07 -15.69
PA NDP I . 23.61 -10.15 -32.32
O1A NDP I . 22.32 -10.65 -32.82
O2A NDP I . 24.11 -10.38 -30.95
O5B NDP I . 24.54 -11.22 -33.07
C5B NDP I . 24.54 -11.37 -34.49
C4B NDP I . 25.23 -12.68 -34.88
O4B NDP I . 24.48 -13.87 -34.45
C3B NDP I . 25.42 -12.87 -36.38
O3B NDP I . 26.63 -12.23 -36.81
C2B NDP I . 25.61 -14.36 -36.48
O2B NDP I . 26.93 -14.70 -36.07
C1B NDP I . 24.60 -14.92 -35.49
N9A NDP I . 23.29 -15.05 -36.17
C8A NDP I . 22.28 -14.16 -36.16
N7A NDP I . 21.28 -14.62 -36.90
C5A NDP I . 21.64 -15.80 -37.39
C6A NDP I . 21.00 -16.74 -38.21
N6A NDP I . 19.79 -16.48 -38.68
N1A NDP I . 21.65 -17.89 -38.53
C2A NDP I . 22.88 -18.13 -38.06
N3A NDP I . 23.51 -17.24 -37.28
C4A NDP I . 22.90 -16.09 -36.93
O3 NDP I . 24.29 -8.86 -33.08
PN NDP I . 23.56 -7.39 -33.08
O1N NDP I . 22.29 -7.81 -33.72
O2N NDP I . 24.63 -6.63 -33.76
O5D NDP I . 23.52 -7.35 -31.45
C5D NDP I . 24.66 -6.93 -30.66
C4D NDP I . 24.51 -5.45 -30.25
O4D NDP I . 23.27 -5.37 -29.46
C3D NDP I . 25.61 -5.02 -29.28
O3D NDP I . 25.84 -3.62 -29.39
C2D NDP I . 25.06 -5.33 -27.92
O2D NDP I . 25.62 -4.47 -26.94
C1D NDP I . 23.60 -5.01 -28.08
N1N NDP I . 22.72 -5.67 -27.10
C2N NDP I . 21.88 -4.88 -26.29
C3N NDP I . 20.97 -5.51 -25.42
C7N NDP I . 20.01 -4.68 -24.55
O7N NDP I . 19.20 -5.22 -23.82
N7N NDP I . 20.14 -3.36 -24.67
C4N NDP I . 20.93 -6.91 -25.37
C5N NDP I . 21.77 -7.70 -26.16
C6N NDP I . 22.67 -7.09 -27.03
P2B NDP I . 27.91 -15.44 -37.12
O1X NDP I . 29.23 -15.73 -36.24
O2X NDP I . 27.35 -16.49 -37.94
O3X NDP I . 28.34 -14.27 -37.91
N1 UMP J . -6.29 14.14 18.14
C2 UMP J . -6.99 13.29 17.21
N3 UMP J . -8.19 13.65 16.72
C4 UMP J . -8.90 14.71 17.16
C5 UMP J . -8.37 15.58 18.34
C6 UMP J . -6.83 15.51 18.47
O2 UMP J . -6.45 12.27 16.78
O4 UMP J . -9.99 14.98 16.65
C1' UMP J . -4.91 13.75 18.64
C2' UMP J . -3.96 13.27 17.54
C3' UMP J . -2.61 13.33 18.24
C4' UMP J . -2.73 14.50 19.24
O3' UMP J . -2.35 12.10 18.93
O4' UMP J . -4.18 14.84 19.27
C5' UMP J . -1.88 15.71 18.79
O5' UMP J . -0.48 15.36 18.72
P UMP J . 0.64 16.44 18.25
OP1 UMP J . 0.47 17.62 19.32
OP2 UMP J . 1.97 15.85 18.42
OP3 UMP J . 0.26 16.98 16.93
N1 CB3 K . -3.70 13.74 22.57
C2 CB3 K . -3.25 12.59 22.00
NA2 CB3 K . -1.95 12.25 22.13
N3 CB3 K . -4.09 11.77 21.33
C4 CB3 K . -5.40 12.07 21.19
O4 CB3 K . -6.22 11.25 20.48
C4A CB3 K . -5.90 13.25 21.76
C5 CB3 K . -7.27 13.58 21.67
C6 CB3 K . -7.75 14.76 22.28
C7 CB3 K . -6.85 15.61 22.98
C8 CB3 K . -5.48 15.27 23.07
C8A CB3 K . -5.01 14.08 22.46
C9 CB3 K . -9.26 15.10 22.28
N10 CB3 K . -10.11 13.93 21.90
C11 CB3 K . -10.17 10.26 24.04
C12 CB3 K . -10.96 10.44 22.89
C13 CB3 K . -10.90 11.64 22.17
C14 CB3 K . -10.06 12.70 22.58
C15 CB3 K . -9.24 12.50 23.74
C16 CB3 K . -9.30 11.29 24.47
C CB3 K . -10.43 9.00 24.92
O CB3 K . -9.64 8.66 25.80
N CB3 K . -11.59 8.35 24.62
CA CB3 K . -12.13 7.13 25.26
CB CB3 K . -12.05 7.17 26.80
CG CB3 K . -13.03 8.20 27.39
CD CB3 K . -14.50 7.83 27.16
OE1 CB3 K . -15.28 8.75 26.84
OE2 CB3 K . -14.81 6.62 27.32
CT CB3 K . -11.47 5.86 24.70
O1 CB3 K . -10.61 5.28 25.43
O2 CB3 K . -11.83 5.48 23.56
CP1 CB3 K . -11.12 14.16 20.81
CP2 CB3 K . -10.84 13.26 19.60
CP3 CB3 K . -10.62 12.53 18.64
N1 FOL L . -32.61 -16.26 3.77
C2 FOL L . -32.55 -14.86 3.75
NA2 FOL L . -31.38 -14.23 3.65
N3 FOL L . -33.75 -14.13 3.80
C4 FOL L . -34.98 -14.80 3.86
O4 FOL L . -36.01 -14.14 4.05
C4A FOL L . -35.03 -16.18 3.86
N5 FOL L . -36.27 -16.85 3.98
C6 FOL L . -36.32 -18.25 4.14
C7 FOL L . -35.13 -18.96 4.14
N8 FOL L . -33.90 -18.31 3.98
C8A FOL L . -33.85 -16.91 3.84
C9 FOL L . -37.50 -18.97 4.02
N10 FOL L . -38.70 -18.56 3.64
C11 FOL L . -40.01 -16.01 0.88
C12 FOL L . -38.64 -16.08 1.13
C13 FOL L . -38.17 -16.77 2.25
C14 FOL L . -39.06 -17.39 3.13
C15 FOL L . -40.42 -17.26 2.91
C16 FOL L . -40.89 -16.59 1.79
C FOL L . -40.52 -15.55 -0.49
O FOL L . -41.70 -15.27 -0.66
N FOL L . -39.61 -15.47 -1.45
CA FOL L . -39.96 -15.09 -2.83
CB FOL L . -40.31 -13.60 -2.99
CG FOL L . -39.14 -12.68 -2.66
CD FOL L . -39.50 -11.23 -3.00
OE1 FOL L . -39.89 -10.50 -2.07
OE2 FOL L . -39.35 -10.89 -4.19
CT FOL L . -38.86 -15.49 -3.81
O1 FOL L . -38.96 -15.06 -4.98
O2 FOL L . -37.96 -16.24 -3.38
PA NDP M . -38.05 -26.35 9.96
O1A NDP M . -36.79 -27.11 9.94
O2A NDP M . -38.57 -25.56 8.81
O5B NDP M . -39.04 -27.62 9.79
C5B NDP M . -39.02 -28.72 10.70
C4B NDP M . -39.75 -29.92 10.10
O4B NDP M . -39.05 -30.50 8.95
C3B NDP M . -39.96 -31.09 11.05
O3B NDP M . -41.14 -30.87 11.84
C2B NDP M . -40.20 -32.22 10.11
O2B NDP M . -41.53 -32.14 9.60
C1B NDP M . -39.22 -31.97 8.98
N9A NDP M . -37.92 -32.57 9.35
C8A NDP M . -36.88 -31.95 9.93
N7A NDP M . -35.89 -32.83 10.14
C5A NDP M . -36.29 -34.00 9.68
C6A NDP M . -35.71 -35.26 9.61
N6A NDP M . -34.48 -35.44 10.09
N1A NDP M . -36.39 -36.30 9.06
C2A NDP M . -37.63 -36.12 8.58
N3A NDP M . -38.21 -34.92 8.63
C4A NDP M . -37.57 -33.85 9.17
O3 NDP M . -38.68 -25.93 11.40
PN NDP M . -37.90 -24.89 12.40
O1N NDP M . -36.65 -25.68 12.55
O2N NDP M . -38.95 -24.78 13.43
O5D NDP M . -37.84 -23.74 11.25
C5D NDP M . -38.97 -22.87 11.00
C4D NDP M . -38.77 -21.52 11.72
O4D NDP M . -37.52 -20.94 11.18
C3D NDP M . -39.84 -20.50 11.33
O3D NDP M . -40.02 -19.55 12.39
C2D NDP M . -39.29 -19.81 10.12
O2D NDP M . -39.83 -18.49 10.01
C1D NDP M . -37.82 -19.73 10.43
N1N NDP M . -36.97 -19.55 9.24
C2N NDP M . -36.09 -18.45 9.18
C3N NDP M . -35.21 -18.32 8.11
C7N NDP M . -34.23 -17.14 8.04
O7N NDP M . -33.42 -17.05 7.12
N7N NDP M . -34.33 -16.26 9.02
C4N NDP M . -35.21 -19.30 7.10
C5N NDP M . -36.09 -20.40 7.14
C6N NDP M . -36.97 -20.52 8.21
P2B NDP M . -42.54 -33.36 9.86
O1X NDP M . -43.87 -32.95 9.03
O2X NDP M . -42.03 -34.72 9.71
O3X NDP M . -42.95 -33.05 11.25
N1 UMP N . 27.17 27.89 41.77
C2 UMP N . 27.92 28.70 42.71
N3 UMP N . 29.27 28.63 42.75
C4 UMP N . 29.99 27.74 42.06
C5 UMP N . 29.31 26.65 41.19
C6 UMP N . 27.90 27.08 40.72
O2 UMP N . 27.33 29.51 43.42
O4 UMP N . 31.23 27.78 42.14
C1' UMP N . 25.67 28.02 41.70
C2' UMP N . 25.15 29.45 41.67
C3' UMP N . 23.71 29.27 41.23
C4' UMP N . 23.74 28.03 40.30
O3' UMP N . 22.86 29.01 42.37
O4' UMP N . 25.08 27.42 40.49
C5' UMP N . 23.53 28.46 38.83
O5' UMP N . 22.25 29.10 38.65
P UMP N . 21.78 29.65 37.22
OP1 UMP N . 21.82 28.34 36.30
OP2 UMP N . 20.37 30.10 37.31
OP3 UMP N . 22.78 30.61 36.70
N1 CB3 O . 23.16 24.96 41.74
C2 CB3 O . 22.64 25.88 42.59
NA2 CB3 O . 21.38 26.29 42.45
N3 CB3 O . 23.40 26.38 43.61
C4 CB3 O . 24.69 25.97 43.80
O4 CB3 O . 25.43 26.50 44.81
C4A CB3 O . 25.25 25.03 42.94
C5 CB3 O . 26.57 24.57 43.11
C6 CB3 O . 27.09 23.59 42.23
C7 CB3 O . 26.29 23.10 41.18
C8 CB3 O . 24.97 23.56 41.00
C8A CB3 O . 24.45 24.52 41.88
C9 CB3 O . 28.48 23.01 42.45
N10 CB3 O . 29.03 23.30 43.83
C11 CB3 O . 27.12 22.07 47.42
C12 CB3 O . 28.32 22.82 47.45
C13 CB3 O . 28.92 23.24 46.25
C14 CB3 O . 28.35 22.94 44.99
C15 CB3 O . 27.12 22.20 44.97
C16 CB3 O . 26.51 21.77 46.18
C CB3 O . 26.61 21.45 48.74
O CB3 O . 25.46 20.99 48.84
N CB3 O . 27.53 21.45 49.74
CA CB3 O . 27.37 20.92 51.13
CB CB3 O . 26.70 19.54 51.17
CG CB3 O . 27.61 18.44 50.60
CD CB3 O . 28.87 18.21 51.46
OE1 CB3 O . 29.96 18.03 50.85
OE2 CB3 O . 28.73 18.23 52.71
CT CB3 O . 26.64 21.94 52.03
O1 CB3 O . 25.44 21.71 52.31
O2 CB3 O . 27.31 22.94 52.41
CP1 CB3 O . 30.40 23.90 43.90
CP2 CB3 O . 30.36 25.29 44.55
CP3 CB3 O . 30.34 26.39 45.08
N1 FOL P . 45.31 38.95 78.95
C2 FOL P . 45.74 38.64 77.65
NA2 FOL P . 44.99 38.96 76.61
N3 FOL P . 46.98 38.02 77.48
C4 FOL P . 47.79 37.73 78.59
O4 FOL P . 48.81 37.07 78.43
C4A FOL P . 47.37 38.06 79.88
N5 FOL P . 48.15 37.73 81.00
C6 FOL P . 47.67 37.92 82.30
C7 FOL P . 46.41 38.49 82.47
N8 FOL P . 45.64 38.87 81.36
C8A FOL P . 46.13 38.66 80.06
C9 FOL P . 48.48 37.83 83.43
N10 FOL P . 49.79 37.66 83.50
C11 FOL P . 52.87 39.10 81.43
C12 FOL P . 51.58 39.34 80.97
C13 FOL P . 50.50 38.65 81.50
C14 FOL P . 50.69 37.72 82.53
C15 FOL P . 51.99 37.44 82.94
C16 FOL P . 53.07 38.12 82.40
C FOL P . 54.01 40.07 81.08
O FOL P . 55.18 39.76 81.28
N FOL P . 53.64 41.23 80.55
CA FOL P . 54.63 42.28 80.21
CB FOL P . 55.48 41.94 78.98
CG FOL P . 54.65 41.79 77.69
CD FOL P . 55.57 41.62 76.48
OE1 FOL P . 55.80 40.46 76.10
OE2 FOL P . 56.04 42.67 75.98
CT FOL P . 53.94 43.63 80.03
O1 FOL P . 54.63 44.56 79.55
O2 FOL P . 52.74 43.72 80.38
PA NDP Q . 44.33 33.95 90.83
O1A NDP Q . 42.99 34.55 91.02
O2A NDP Q . 45.48 34.65 90.21
O5B NDP Q . 44.82 34.08 92.36
C5B NDP Q . 44.09 33.49 93.44
C4B NDP Q . 44.56 34.07 94.78
O4B NDP Q . 44.23 35.51 94.92
C3B NDP Q . 43.99 33.41 96.02
O3B NDP Q . 44.77 32.25 96.35
C2B NDP Q . 44.21 34.46 97.07
O2B NDP Q . 45.58 34.49 97.46
C1B NDP Q . 43.87 35.77 96.34
N9A NDP Q . 42.40 36.00 96.42
C8A NDP Q . 41.49 35.65 95.49
N7A NDP Q . 40.26 35.98 95.94
C5A NDP Q . 40.40 36.53 97.14
C6A NDP Q . 39.51 37.07 98.07
N6A NDP Q . 38.20 37.06 97.80
N1A NDP Q . 39.98 37.58 99.24
C2A NDP Q . 41.30 37.59 99.52
N3A NDP Q . 42.17 37.08 98.63
C4A NDP Q . 41.75 36.55 97.45
O3 NDP Q . 44.45 32.33 90.83
PN NDP Q . 43.71 31.43 89.67
O1N NDP Q . 44.26 30.11 90.07
O2N NDP Q . 42.31 31.89 89.93
O5D NDP Q . 44.49 32.24 88.47
C5D NDP Q . 45.83 31.90 88.07
C4D NDP Q . 45.80 30.98 86.83
O4D NDP Q . 45.10 31.73 85.76
C3D NDP Q . 47.21 30.74 86.28
O3D NDP Q . 47.27 29.49 85.56
C2D NDP Q . 47.43 31.89 85.31
O2D NDP Q . 48.36 31.51 84.27
C1D NDP Q . 46.06 32.06 84.68
N1N NDP Q . 45.84 33.39 84.09
C2N NDP Q . 45.46 33.48 82.73
C3N NDP Q . 45.15 34.72 82.18
C7N NDP Q . 44.73 34.85 80.71
O7N NDP Q . 44.43 35.95 80.23
N7N NDP Q . 44.69 33.71 80.04
C4N NDP Q . 45.23 35.87 82.99
C5N NDP Q . 45.62 35.80 84.34
C6N NDP Q . 45.92 34.56 84.90
P2B NDP Q . 45.95 34.18 99.00
O1X NDP Q . 45.13 34.80 100.04
O2X NDP Q . 47.56 34.40 99.05
O3X NDP Q . 45.86 32.70 99.00
N1 UMP R . 42.87 50.68 29.48
C2 UMP R . 41.77 51.07 30.34
N3 UMP R . 40.49 51.01 29.89
C4 UMP R . 40.15 50.77 28.60
C5 UMP R . 41.24 50.58 27.52
C6 UMP R . 42.59 50.09 28.11
O2 UMP R . 41.98 51.36 31.52
O4 UMP R . 38.95 50.72 28.30
C1' UMP R . 44.29 50.67 30.01
C2' UMP R . 44.46 50.02 31.38
C3' UMP R . 45.96 49.83 31.48
C4' UMP R . 46.41 49.59 30.02
O3' UMP R . 46.58 51.02 32.01
O4' UMP R . 45.24 49.93 29.17
C5' UMP R . 46.82 48.11 29.82
O5' UMP R . 47.94 47.77 30.68
P UMP R . 48.59 46.28 30.66
OP1 UMP R . 49.03 46.09 29.11
OP2 UMP R . 49.80 46.26 31.50
OP3 UMP R . 47.52 45.28 30.93
N1 CB3 S . 46.88 52.60 27.89
C2 CB3 S . 47.01 53.07 29.16
NA2 CB3 S . 48.18 52.96 29.80
N3 CB3 S . 45.94 53.65 29.79
C4 CB3 S . 44.74 53.78 29.16
O4 CB3 S . 43.68 54.35 29.81
C4A CB3 S . 44.59 53.30 27.85
C5 CB3 S . 43.36 53.44 27.16
C6 CB3 S . 43.25 52.97 25.83
C7 CB3 S . 44.37 52.35 25.19
C8 CB3 S . 45.58 52.21 25.89
C8A CB3 S . 45.70 52.69 27.22
C9 CB3 S . 41.96 53.18 25.02
N10 CB3 S . 41.05 54.21 25.65
C11 CB3 S . 42.19 58.24 26.37
C12 CB3 S . 40.91 57.77 26.75
C13 CB3 S . 40.56 56.42 26.53
C14 CB3 S . 41.47 55.52 25.94
C15 CB3 S . 42.77 56.00 25.59
C16 CB3 S . 43.12 57.35 25.81
C CB3 S . 42.45 59.78 26.45
O CB3 S . 43.60 60.24 26.38
N CB3 S . 41.31 60.52 26.58
CA CB3 S . 41.23 62.01 26.67
CB CB3 S . 42.10 62.72 25.62
CG CB3 S . 41.55 62.53 24.19
CD CB3 S . 40.17 63.20 23.98
OE1 CB3 S . 39.33 62.57 23.28
OE2 CB3 S . 40.00 64.34 24.52
CT CB3 S . 41.54 62.51 28.10
O1 CB3 S . 42.66 63.04 28.29
O2 CB3 S . 40.62 62.35 28.96
CP1 CB3 S . 39.63 53.80 25.86
CP2 CB3 S . 39.27 53.81 27.36
CP3 CB3 S . 38.97 53.83 28.55
N1 FOL T . 14.15 76.75 48.31
C2 FOL T . 14.15 75.59 47.54
NA2 FOL T . 15.12 74.69 47.67
N3 FOL T . 13.10 75.38 46.63
C4 FOL T . 12.07 76.32 46.51
O4 FOL T . 11.24 76.19 45.63
C4A FOL T . 12.06 77.47 47.30
N5 FOL T . 11.06 78.44 47.15
C6 FOL T . 11.12 79.67 47.82
C7 FOL T . 12.20 79.90 48.67
N8 FOL T . 13.18 78.91 48.87
C8A FOL T . 13.11 77.69 48.18
C9 FOL T . 10.05 80.56 47.88
N10 FOL T . 8.80 80.40 47.46
C11 FOL T . 6.25 77.34 47.48
C12 FOL T . 7.57 77.11 47.85
C13 FOL T . 8.54 78.08 47.62
C14 FOL T . 8.20 79.29 47.02
C15 FOL T . 6.89 79.50 46.61
C16 FOL T . 5.93 78.52 46.83
C FOL T . 5.13 76.45 48.03
O FOL T . 4.00 76.50 47.56
N FOL T . 5.47 75.62 49.02
CA FOL T . 4.49 74.74 49.67
CB FOL T . 4.08 73.55 48.80
CG FOL T . 5.24 72.62 48.46
CD FOL T . 4.73 71.36 47.74
OE1 FOL T . 4.78 71.37 46.48
OE2 FOL T . 4.29 70.44 48.46
CT FOL T . 5.00 74.26 51.03
O1 FOL T . 4.35 73.33 51.58
O2 FOL T . 6.01 74.81 51.50
PA NDP U . 13.01 89.55 48.36
O1A NDP U . 14.16 89.69 49.28
O2A NDP U . 11.95 88.52 48.48
O5B NDP U . 12.15 90.79 48.90
C5B NDP U . 12.67 92.13 48.91
C4B NDP U . 11.80 93.02 49.81
O4B NDP U . 11.84 92.62 51.22
C3B NDP U . 12.14 94.49 49.79
O3B NDP U . 11.50 95.14 48.69
C2B NDP U . 11.52 94.97 51.07
O2B NDP U . 10.11 95.10 50.89
C1B NDP U . 11.80 93.85 52.06
N9A NDP U . 13.16 94.07 52.65
C8A NDP U . 14.31 93.52 52.23
N7A NDP U . 15.32 93.98 52.98
C5A NDP U . 14.80 94.82 53.88
C6A NDP U . 15.36 95.57 54.91
N6A NDP U . 16.68 95.54 55.12
N1A NDP U . 14.54 96.35 55.67
C2A NDP U . 13.22 96.39 55.46
N3A NDP U . 12.67 95.67 54.47
C4A NDP U . 13.43 94.87 53.67
O3 NDP U . 13.14 90.19 46.85
PN NDP U . 14.26 89.62 45.80
O1N NDP U . 13.85 90.43 44.63
O2N NDP U . 15.47 89.90 46.64
O5D NDP U . 13.68 88.09 45.91
C5D NDP U . 12.55 87.65 45.14
C4D NDP U . 13.04 86.91 43.87
O4D NDP U . 13.84 85.75 44.32
C3D NDP U . 11.86 86.27 43.11
O3D NDP U . 12.18 86.11 41.72
C2D NDP U . 11.71 84.91 43.74
O2D NDP U . 11.13 83.98 42.81
C1D NDP U . 13.13 84.50 44.00
N1N NDP U . 13.29 83.45 45.03
C2N NDP U . 13.97 82.26 44.71
C3N NDP U . 14.19 81.31 45.72
C7N NDP U . 14.95 80.00 45.40
O7N NDP U . 15.17 79.17 46.28
N7N NDP U . 15.33 79.87 44.14
C4N NDP U . 13.73 81.56 47.01
C5N NDP U . 13.05 82.74 47.35
C6N NDP U . 12.82 83.69 46.36
P2B NDP U . 9.43 96.55 51.08
O1X NDP U . 9.87 97.36 52.20
O2X NDP U . 7.84 96.25 50.91
O3X NDP U . 9.76 97.14 49.76
N1 UMP V . -42.08 -122.83 -87.50
C2 UMP V . -42.78 -121.59 -87.67
N3 UMP V . -44.11 -121.55 -87.86
C4 UMP V . -44.87 -122.66 -88.07
C5 UMP V . -44.21 -124.06 -88.15
C6 UMP V . -42.87 -124.12 -87.39
O2 UMP V . -42.16 -120.51 -87.55
O4 UMP V . -46.10 -122.54 -88.21
C1' UMP V . -40.59 -122.86 -87.23
C2' UMP V . -40.12 -121.85 -86.19
C3' UMP V . -38.70 -122.35 -85.87
C4' UMP V . -38.78 -123.87 -86.07
O3' UMP V . -37.75 -121.76 -86.78
O4' UMP V . -40.08 -124.14 -86.74
C5' UMP V . -38.72 -124.59 -84.69
O5' UMP V . -37.47 -124.29 -84.02
P UMP V . -37.14 -124.92 -82.56
OP1 UMP V . -37.22 -126.52 -82.82
OP2 UMP V . -35.74 -124.57 -82.19
OP3 UMP V . -38.22 -124.57 -81.60
N1 CB3 W . -38.25 -124.71 -89.32
C2 CB3 W . -37.70 -123.47 -89.36
NA2 CB3 W . -36.44 -123.30 -88.97
N3 CB3 W . -38.43 -122.40 -89.79
C4 CB3 W . -39.72 -122.56 -90.22
O4 CB3 W . -40.43 -121.47 -90.64
C4A CB3 W . -40.30 -123.83 -90.19
C5 CB3 W . -41.63 -124.03 -90.64
C6 CB3 W . -42.18 -125.33 -90.63
C7 CB3 W . -41.41 -126.42 -90.16
C8 CB3 W . -40.09 -126.22 -89.71
C8A CB3 W . -39.53 -124.92 -89.73
C9 CB3 W . -43.59 -125.59 -91.18
N10 CB3 W . -44.11 -124.45 -92.01
C11 CB3 W . -42.18 -123.02 -95.52
C12 CB3 W . -43.36 -122.42 -95.04
C13 CB3 W . -43.97 -122.87 -93.85
C14 CB3 W . -43.42 -123.95 -93.11
C15 CB3 W . -42.21 -124.55 -93.59
C16 CB3 W . -41.58 -124.08 -94.80
C CB3 W . -41.65 -122.61 -96.92
O CB3 W . -40.51 -122.89 -97.29
N CB3 W . -42.57 -121.92 -97.65
CA CB3 W . -42.38 -121.40 -99.05
CB CB3 W . -41.72 -122.42 -99.99
CG CB3 W . -42.67 -123.60 -100.30
CD CB3 W . -43.92 -123.15 -101.09
OE1 CB3 W . -45.01 -123.70 -100.78
OE2 CB3 W . -43.76 -122.28 -101.99
CT CB3 W . -41.60 -120.05 -99.04
O1 CB3 W . -40.40 -120.08 -99.41
O2 CB3 W . -42.24 -119.03 -98.68
CP1 CB3 W . -45.47 -123.92 -91.66
CP2 CB3 W . -45.40 -122.45 -91.23
CP3 CB3 W . -45.35 -121.28 -90.87
N1 FOL X . -59.79 -88.81 -106.69
C2 FOL X . -60.26 -89.90 -105.93
NA2 FOL X . -59.49 -90.44 -104.99
N3 FOL X . -61.55 -90.40 -106.18
C4 FOL X . -62.36 -89.81 -107.16
O4 FOL X . -63.42 -90.33 -107.46
C4A FOL X . -61.90 -88.71 -107.89
N5 FOL X . -62.68 -88.16 -108.92
C6 FOL X . -62.18 -87.18 -109.78
C7 FOL X . -60.88 -86.72 -109.55
N8 FOL X . -60.11 -87.23 -108.50
C8A FOL X . -60.62 -88.23 -107.66
C9 FOL X . -62.98 -86.45 -110.66
N10 FOL X . -64.30 -86.46 -110.78
C11 FOL X . -67.29 -86.61 -108.17
C12 FOL X . -66.00 -86.82 -107.71
C13 FOL X . -64.96 -87.03 -108.61
C14 FOL X . -65.20 -87.01 -109.98
C15 FOL X . -66.51 -86.87 -110.44
C16 FOL X . -67.54 -86.67 -109.53
C FOL X . -68.37 -86.06 -107.22
O FOL X . -69.55 -86.07 -107.54
N FOL X . -67.94 -85.60 -106.05
CA FOL X . -68.86 -85.01 -105.06
CB FOL X . -69.75 -86.04 -104.36
CG FOL X . -68.95 -87.06 -103.55
CD FOL X . -69.89 -87.95 -102.74
OE1 FOL X . -70.19 -89.06 -103.22
OE2 FOL X . -70.31 -87.48 -101.65
CT FOL X . -68.09 -84.17 -104.03
O1 FOL X . -68.74 -83.78 -103.03
O2 FOL X . -66.89 -83.92 -104.27
PA NDP Y . -58.82 -84.16 -118.63
O1A NDP Y . -57.47 -83.63 -118.33
O2A NDP Y . -59.98 -84.07 -117.69
O5B NDP Y . -59.29 -82.98 -119.63
C5B NDP Y . -58.55 -82.68 -120.83
C4B NDP Y . -59.02 -81.33 -121.38
O4B NDP Y . -58.67 -80.21 -120.48
C3B NDP Y . -58.43 -80.95 -122.73
O3B NDP Y . -59.21 -81.53 -123.78
C2B NDP Y . -58.61 -79.46 -122.74
O2B NDP Y . -59.98 -79.14 -123.03
C1B NDP Y . -58.30 -79.03 -121.30
N9A NDP Y . -56.82 -78.83 -121.20
C8A NDP Y . -55.93 -79.74 -120.76
N7A NDP Y . -54.70 -79.20 -120.83
C5A NDP Y . -54.82 -77.96 -121.31
C6A NDP Y . -53.91 -76.94 -121.58
N6A NDP Y . -52.60 -77.12 -121.35
N1A NDP Y . -54.36 -75.75 -122.07
C2A NDP Y . -55.67 -75.56 -122.29
N3A NDP Y . -56.57 -76.53 -122.03
C4A NDP Y . -56.16 -77.73 -121.54
O3 NDP Y . -58.97 -85.33 -119.77
PN NDP Y . -58.26 -86.78 -119.56
O1N NDP Y . -56.84 -86.29 -119.40
O2N NDP Y . -58.78 -87.45 -120.78
O5D NDP Y . -59.05 -87.04 -118.15
C5D NDP Y . -60.41 -87.55 -118.12
C4D NDP Y . -60.39 -89.08 -117.86
O4D NDP Y . -59.70 -89.29 -116.57
C3D NDP Y . -61.81 -89.62 -117.64
O3D NDP Y . -61.87 -91.01 -117.99
C2D NDP Y . -62.04 -89.48 -116.16
O2D NDP Y . -62.97 -90.45 -115.70
C1D NDP Y . -60.68 -89.79 -115.59
N1N NDP Y . -60.46 -89.26 -114.23
C2N NDP Y . -60.10 -90.15 -113.19
C3N NDP Y . -59.81 -89.64 -111.92
C7N NDP Y . -59.39 -90.58 -110.78
O7N NDP Y . -59.12 -90.15 -109.66
N7N NDP Y . -59.36 -91.88 -111.09
C4N NDP Y . -59.87 -88.25 -111.69
C5N NDP Y . -60.24 -87.36 -112.71
C6N NDP Y . -60.53 -87.86 -113.99
P2B NDP Y . -60.32 -78.28 -124.34
O1X NDP Y . -60.23 -79.34 -125.37
O2X NDP Y . -61.95 -78.08 -124.26
O3X NDP Y . -59.49 -77.13 -124.64
#